data_7QWT
#
_entry.id   7QWT
#
_cell.length_a   315.580
_cell.length_b   315.580
_cell.length_c   189.962
_cell.angle_alpha   90.000
_cell.angle_beta   90.000
_cell.angle_gamma   120.000
#
_symmetry.space_group_name_H-M   'H 3'
#
loop_
_entity.id
_entity.type
_entity.pdbx_description
1 polymer 'Rieske (2Fe-2S) domain protein'
2 non-polymer 'FE2/S2 (INORGANIC) CLUSTER'
3 non-polymer 'FE (III) ION'
#
_entity_poly.entity_id   1
_entity_poly.type   'polypeptide(L)'
_entity_poly.pdbx_seq_one_letter_code
;MGSSHHHHHHSSGLVPRGSHMGSTFECLKRAWYVAAMSSEVEGEALFHRRILGTSVMIYRLADGTPVAMHDRCPHRFAPL
HLGQREGDEIACRYHALRFDADGRCTHNPHGNGRIPDAARVRRFPLLERYGFLWIWMDDSDPDPALLPDFSPLEEGHPNA
VAQTYMHMDVNYELIIDNVMDLSHIDHVHGEIITTRGQLSPVVPKVRERDTHISARWEWSQTPAMMIFAPFLPRPEDAAR
HYFDISWTAPANIQLSVGAVQDSDDFGDATSQYDLHTCTPEDAFKTHYFFATRRNHIVDDADYNRKKIEAMHAAFETEDG
PIITAVQEEMGEAEFFSLDPVLMSNDVAPVKVRRRLRRMIVEEQAAAAAADAA
;
_entity_poly.pdbx_strand_id   A,B,C,D,E,F,G,H,I
#
# COMPACT_ATOMS: atom_id res chain seq x y z
N GLY A 22 6.91 16.95 11.60
CA GLY A 22 7.02 16.40 10.22
C GLY A 22 6.17 15.15 10.04
N SER A 23 5.95 14.76 8.77
CA SER A 23 5.03 13.68 8.32
C SER A 23 5.53 12.28 8.69
N THR A 24 6.85 12.08 8.89
CA THR A 24 7.45 10.92 9.58
C THR A 24 7.66 11.31 11.06
N PHE A 25 6.61 11.77 11.77
CA PHE A 25 6.59 11.90 13.28
C PHE A 25 6.79 10.51 13.88
N GLU A 26 7.85 10.32 14.68
CA GLU A 26 8.21 9.03 15.33
C GLU A 26 8.42 9.26 16.83
N CYS A 27 7.65 8.57 17.67
CA CYS A 27 7.84 8.49 19.15
C CYS A 27 8.44 7.14 19.52
N LEU A 28 9.03 7.04 20.73
CA LEU A 28 9.42 5.75 21.33
C LEU A 28 8.14 4.92 21.53
N LYS A 29 8.11 3.66 21.11
CA LYS A 29 6.91 2.78 21.22
C LYS A 29 6.97 1.93 22.49
N ARG A 30 8.10 1.22 22.70
CA ARG A 30 8.37 0.28 23.84
C ARG A 30 8.72 1.07 25.10
N ALA A 31 7.76 1.83 25.60
CA ALA A 31 7.89 2.60 26.87
C ALA A 31 6.48 2.90 27.41
N TRP A 32 6.43 3.29 28.68
CA TRP A 32 5.19 3.62 29.42
C TRP A 32 4.95 5.13 29.35
N TYR A 33 3.84 5.54 28.70
CA TYR A 33 3.30 6.92 28.64
C TYR A 33 2.15 7.04 29.64
N VAL A 34 2.01 8.18 30.33
CA VAL A 34 0.81 8.43 31.20
C VAL A 34 -0.40 8.67 30.31
N ALA A 35 -1.40 7.80 30.38
CA ALA A 35 -2.63 7.85 29.57
C ALA A 35 -3.68 8.73 30.25
N ALA A 36 -3.71 8.75 31.59
CA ALA A 36 -4.74 9.45 32.39
C ALA A 36 -4.36 9.46 33.86
N MET A 37 -4.79 10.51 34.57
CA MET A 37 -4.76 10.55 36.05
C MET A 37 -5.71 9.44 36.54
N SER A 38 -5.33 8.72 37.60
CA SER A 38 -6.18 7.70 38.27
C SER A 38 -7.59 8.30 38.46
N SER A 39 -7.67 9.57 38.90
CA SER A 39 -8.94 10.32 39.13
C SER A 39 -9.86 10.36 37.90
N GLU A 40 -9.34 10.26 36.68
CA GLU A 40 -10.12 10.53 35.43
C GLU A 40 -11.03 9.36 35.03
N VAL A 41 -10.98 8.20 35.69
CA VAL A 41 -11.81 7.01 35.34
C VAL A 41 -12.71 6.64 36.55
N GLU A 42 -13.99 7.04 36.48
CA GLU A 42 -14.96 7.01 37.63
C GLU A 42 -15.79 5.72 37.57
N GLY A 43 -15.19 4.59 37.95
CA GLY A 43 -15.81 3.24 37.97
C GLY A 43 -16.63 2.98 36.71
N GLU A 44 -17.91 3.39 36.73
CA GLU A 44 -18.95 3.17 35.69
C GLU A 44 -18.60 3.89 34.38
N ALA A 45 -18.11 5.14 34.47
CA ALA A 45 -17.70 6.03 33.34
C ALA A 45 -16.83 5.27 32.32
N LEU A 46 -17.07 5.57 31.04
CA LEU A 46 -16.26 5.14 29.88
C LEU A 46 -15.38 6.32 29.42
N PHE A 47 -14.20 6.47 30.02
CA PHE A 47 -13.14 7.43 29.62
C PHE A 47 -12.63 7.13 28.20
N HIS A 48 -12.49 8.15 27.34
CA HIS A 48 -11.84 8.10 26.00
C HIS A 48 -10.72 9.15 25.91
N ARG A 49 -9.62 8.83 25.23
CA ARG A 49 -8.53 9.81 24.96
C ARG A 49 -7.65 9.36 23.78
N ARG A 50 -7.22 10.34 22.97
CA ARG A 50 -6.30 10.11 21.81
C ARG A 50 -4.87 10.08 22.36
N ILE A 51 -4.13 9.01 22.08
CA ILE A 51 -2.76 8.72 22.62
C ILE A 51 -1.89 8.18 21.49
N LEU A 52 -0.74 8.82 21.23
CA LEU A 52 0.19 8.50 20.12
C LEU A 52 -0.63 8.27 18.85
N GLY A 53 -1.52 9.21 18.53
CA GLY A 53 -2.40 9.18 17.34
C GLY A 53 -3.37 8.01 17.30
N THR A 54 -3.76 7.45 18.45
CA THR A 54 -4.66 6.27 18.57
C THR A 54 -5.83 6.61 19.47
N SER A 55 -7.06 6.36 19.01
CA SER A 55 -8.28 6.47 19.84
C SER A 55 -8.20 5.37 20.90
N VAL A 56 -8.31 5.70 22.19
CA VAL A 56 -8.17 4.75 23.33
C VAL A 56 -9.33 4.97 24.29
N MET A 57 -10.06 3.90 24.60
CA MET A 57 -11.07 3.84 25.68
C MET A 57 -10.42 3.23 26.93
N ILE A 58 -10.82 3.72 28.10
CA ILE A 58 -10.47 3.15 29.44
C ILE A 58 -11.77 3.06 30.24
N TYR A 59 -11.88 2.06 31.11
CA TYR A 59 -12.93 1.92 32.17
C TYR A 59 -12.38 1.01 33.26
N ARG A 60 -12.91 1.13 34.48
CA ARG A 60 -12.63 0.17 35.58
C ARG A 60 -13.67 -0.94 35.55
N LEU A 61 -13.36 -2.05 36.19
CA LEU A 61 -14.25 -3.24 36.34
C LEU A 61 -14.90 -3.14 37.73
N ALA A 62 -15.66 -4.15 38.13
CA ALA A 62 -16.23 -4.26 39.50
C ALA A 62 -15.10 -4.04 40.51
N ASP A 63 -14.01 -4.80 40.38
CA ASP A 63 -12.90 -4.90 41.38
C ASP A 63 -11.89 -3.75 41.20
N GLY A 64 -12.27 -2.62 40.60
CA GLY A 64 -11.42 -1.43 40.43
C GLY A 64 -10.44 -1.53 39.25
N THR A 65 -10.32 -2.72 38.63
CA THR A 65 -9.20 -3.06 37.71
C THR A 65 -9.34 -2.26 36.42
N PRO A 66 -8.40 -1.33 36.10
CA PRO A 66 -8.54 -0.48 34.92
C PRO A 66 -8.19 -1.24 33.63
N VAL A 67 -8.90 -0.96 32.55
CA VAL A 67 -8.80 -1.68 31.24
C VAL A 67 -8.70 -0.64 30.12
N ALA A 68 -7.83 -0.85 29.13
CA ALA A 68 -7.58 0.03 27.98
C ALA A 68 -7.78 -0.74 26.67
N MET A 69 -8.56 -0.16 25.75
CA MET A 69 -8.97 -0.75 24.43
C MET A 69 -8.89 0.32 23.34
N HIS A 70 -8.69 -0.08 22.09
CA HIS A 70 -8.83 0.78 20.88
C HIS A 70 -10.31 1.27 20.82
N ASP A 71 -10.57 2.54 21.09
CA ASP A 71 -11.95 3.12 21.15
C ASP A 71 -12.56 3.11 19.73
N ARG A 72 -12.93 1.93 19.25
CA ARG A 72 -13.26 1.68 17.82
C ARG A 72 -13.82 0.27 17.62
N CYS A 73 -15.15 0.14 17.54
CA CYS A 73 -15.84 -1.14 17.24
C CYS A 73 -15.41 -1.61 15.85
N PRO A 74 -14.89 -2.86 15.70
CA PRO A 74 -14.37 -3.30 14.41
C PRO A 74 -15.44 -3.62 13.34
N HIS A 75 -16.73 -3.60 13.69
CA HIS A 75 -17.89 -3.71 12.76
C HIS A 75 -17.89 -2.54 11.76
N ARG A 76 -18.35 -1.36 12.16
CA ARG A 76 -18.47 -0.15 11.29
C ARG A 76 -17.64 1.02 11.84
N PHE A 77 -16.69 0.76 12.75
CA PHE A 77 -15.67 1.71 13.27
C PHE A 77 -16.33 2.81 14.11
N ALA A 78 -17.51 2.53 14.71
CA ALA A 78 -18.12 3.40 15.73
C ALA A 78 -17.18 3.43 16.95
N PRO A 79 -16.93 4.60 17.60
CA PRO A 79 -16.26 4.60 18.90
C PRO A 79 -17.09 3.85 19.96
N LEU A 80 -16.38 3.14 20.84
CA LEU A 80 -17.00 2.26 21.86
C LEU A 80 -17.43 3.06 23.09
N HIS A 81 -16.65 4.08 23.48
CA HIS A 81 -16.96 5.01 24.61
C HIS A 81 -18.39 5.54 24.51
N LEU A 82 -18.89 5.76 23.27
CA LEU A 82 -20.26 6.24 22.98
C LEU A 82 -21.29 5.17 23.36
N GLY A 83 -20.91 3.89 23.17
CA GLY A 83 -21.63 2.70 23.66
C GLY A 83 -22.10 2.74 25.11
N GLN A 84 -22.99 1.80 25.42
CA GLN A 84 -23.59 1.58 26.76
C GLN A 84 -22.83 0.42 27.44
N ARG A 85 -22.56 0.54 28.74
CA ARG A 85 -21.82 -0.43 29.57
C ARG A 85 -22.77 -1.54 30.04
N GLU A 86 -22.29 -2.78 30.15
CA GLU A 86 -23.07 -3.99 30.56
C GLU A 86 -22.25 -4.82 31.54
N GLY A 87 -22.16 -4.34 32.78
CA GLY A 87 -21.36 -4.96 33.87
C GLY A 87 -19.89 -4.69 33.68
N ASP A 88 -19.13 -5.71 33.26
CA ASP A 88 -17.68 -5.61 32.92
C ASP A 88 -17.50 -5.81 31.40
N GLU A 89 -18.56 -5.55 30.63
CA GLU A 89 -18.55 -5.57 29.14
C GLU A 89 -19.09 -4.24 28.64
N ILE A 90 -18.75 -3.88 27.40
CA ILE A 90 -19.23 -2.65 26.68
C ILE A 90 -19.95 -3.12 25.43
N ALA A 91 -21.17 -2.64 25.20
CA ALA A 91 -21.92 -2.81 23.94
C ALA A 91 -21.79 -1.50 23.13
N CYS A 92 -21.42 -1.61 21.86
CA CYS A 92 -21.25 -0.45 20.93
C CYS A 92 -22.63 0.13 20.61
N ARG A 93 -22.76 1.46 20.61
CA ARG A 93 -24.11 2.13 20.62
C ARG A 93 -24.80 1.93 19.29
N TYR A 94 -24.05 1.58 18.23
CA TYR A 94 -24.57 1.43 16.85
C TYR A 94 -25.39 0.13 16.78
N HIS A 95 -24.74 -1.03 16.65
CA HIS A 95 -25.45 -2.34 16.46
C HIS A 95 -25.19 -3.34 17.61
N ALA A 96 -24.63 -2.89 18.73
CA ALA A 96 -24.73 -3.54 20.07
C ALA A 96 -23.90 -4.84 20.16
N LEU A 97 -22.83 -4.98 19.37
CA LEU A 97 -21.77 -6.00 19.64
C LEU A 97 -21.15 -5.68 21.00
N ARG A 98 -21.12 -6.66 21.90
CA ARG A 98 -20.51 -6.55 23.24
C ARG A 98 -19.07 -7.03 23.18
N PHE A 99 -18.20 -6.50 24.05
CA PHE A 99 -16.78 -6.90 24.21
C PHE A 99 -16.43 -6.94 25.70
N ASP A 100 -15.62 -7.95 26.09
CA ASP A 100 -15.04 -8.14 27.45
C ASP A 100 -13.83 -7.22 27.61
N ALA A 101 -13.27 -7.17 28.81
CA ALA A 101 -12.02 -6.43 29.13
C ALA A 101 -10.86 -6.83 28.19
N ASP A 102 -10.75 -8.09 27.79
CA ASP A 102 -9.72 -8.59 26.84
C ASP A 102 -10.01 -8.12 25.40
N GLY A 103 -11.23 -7.62 25.12
CA GLY A 103 -11.59 -7.04 23.83
C GLY A 103 -11.93 -8.10 22.78
N ARG A 104 -12.24 -9.34 23.17
CA ARG A 104 -12.96 -10.32 22.29
C ARG A 104 -14.45 -10.04 22.42
N CYS A 105 -15.19 -10.27 21.33
CA CYS A 105 -16.65 -10.06 21.27
C CYS A 105 -17.36 -11.19 22.02
N THR A 106 -18.21 -10.84 22.99
CA THR A 106 -18.93 -11.80 23.88
C THR A 106 -20.34 -12.10 23.35
N HIS A 107 -20.87 -11.33 22.38
CA HIS A 107 -22.30 -11.40 21.96
C HIS A 107 -22.51 -10.59 20.66
N ASN A 108 -23.10 -11.23 19.65
CA ASN A 108 -23.72 -10.60 18.46
C ASN A 108 -25.22 -10.83 18.56
N PRO A 109 -26.08 -9.77 18.62
CA PRO A 109 -27.53 -9.95 18.69
C PRO A 109 -28.22 -9.99 17.31
N HIS A 110 -27.46 -9.95 16.20
CA HIS A 110 -27.96 -10.01 14.79
C HIS A 110 -28.05 -11.45 14.27
N GLY A 111 -28.84 -11.63 13.20
CA GLY A 111 -29.07 -12.86 12.45
C GLY A 111 -29.06 -14.11 13.31
N ASN A 112 -28.33 -15.14 12.85
CA ASN A 112 -28.10 -16.44 13.53
C ASN A 112 -27.53 -16.26 14.94
N GLY A 113 -26.60 -15.33 15.13
CA GLY A 113 -26.00 -14.99 16.44
C GLY A 113 -24.50 -15.22 16.48
N ARG A 114 -24.00 -16.10 15.59
CA ARG A 114 -22.56 -16.49 15.45
C ARG A 114 -21.67 -15.23 15.47
N ILE A 115 -20.59 -15.26 16.24
CA ILE A 115 -19.72 -14.07 16.58
C ILE A 115 -18.39 -14.23 15.84
N PRO A 116 -18.09 -13.49 14.74
CA PRO A 116 -16.91 -13.80 13.92
C PRO A 116 -15.61 -13.69 14.74
N ASP A 117 -14.62 -14.55 14.46
CA ASP A 117 -13.29 -14.55 15.13
C ASP A 117 -12.70 -13.14 15.07
N ALA A 118 -12.85 -12.48 13.91
CA ALA A 118 -12.39 -11.12 13.58
C ALA A 118 -12.92 -10.02 14.54
N ALA A 119 -14.07 -10.19 15.20
CA ALA A 119 -14.68 -9.19 16.12
C ALA A 119 -13.84 -9.04 17.40
N ARG A 120 -12.71 -8.36 17.29
CA ARG A 120 -11.74 -8.12 18.38
C ARG A 120 -11.36 -6.62 18.42
N VAL A 121 -11.35 -6.06 19.62
CA VAL A 121 -10.70 -4.75 19.94
C VAL A 121 -9.30 -5.07 20.48
N ARG A 122 -8.28 -4.34 20.05
CA ARG A 122 -6.90 -4.50 20.58
C ARG A 122 -6.84 -3.90 21.99
N ARG A 123 -6.29 -4.65 22.94
CA ARG A 123 -6.13 -4.25 24.36
C ARG A 123 -4.74 -3.65 24.59
N PHE A 124 -4.65 -2.61 25.43
CA PHE A 124 -3.40 -1.89 25.77
C PHE A 124 -3.02 -2.24 27.20
N PRO A 125 -1.87 -2.91 27.46
CA PRO A 125 -1.39 -3.12 28.82
C PRO A 125 -1.35 -1.81 29.62
N LEU A 126 -2.02 -1.79 30.78
CA LEU A 126 -2.01 -0.67 31.75
C LEU A 126 -1.15 -1.03 32.97
N LEU A 127 -0.69 -0.02 33.69
CA LEU A 127 0.02 -0.11 34.98
C LEU A 127 -0.39 1.10 35.84
N GLU A 128 -1.06 0.86 36.98
CA GLU A 128 -1.64 1.98 37.78
C GLU A 128 -0.70 2.26 38.95
N ARG A 129 0.35 3.05 38.70
CA ARG A 129 1.27 3.55 39.76
C ARG A 129 1.27 5.08 39.77
N TYR A 130 1.64 5.66 40.91
CA TYR A 130 1.98 7.10 41.12
C TYR A 130 0.75 8.01 40.91
N GLY A 131 -0.46 7.43 40.96
CA GLY A 131 -1.73 8.15 40.74
C GLY A 131 -2.02 8.41 39.27
N PHE A 132 -1.42 7.63 38.37
CA PHE A 132 -1.66 7.66 36.91
C PHE A 132 -1.89 6.24 36.40
N LEU A 133 -2.60 6.15 35.28
CA LEU A 133 -2.71 4.93 34.45
C LEU A 133 -1.63 5.04 33.36
N TRP A 134 -0.57 4.25 33.48
CA TRP A 134 0.53 4.16 32.47
C TRP A 134 0.09 3.15 31.40
N ILE A 135 0.35 3.44 30.12
CA ILE A 135 -0.13 2.61 28.97
C ILE A 135 1.05 2.19 28.10
N TRP A 136 1.01 0.95 27.62
CA TRP A 136 2.02 0.34 26.72
C TRP A 136 1.38 0.25 25.33
N MET A 137 1.82 1.10 24.39
CA MET A 137 1.12 1.21 23.09
C MET A 137 1.68 0.18 22.09
N ASP A 138 2.97 -0.16 22.13
CA ASP A 138 3.66 -1.07 21.16
C ASP A 138 2.99 -2.44 21.07
N ASP A 139 3.10 -3.09 19.91
CA ASP A 139 2.56 -4.45 19.60
C ASP A 139 3.19 -5.54 20.47
N SER A 140 4.41 -5.33 20.99
CA SER A 140 5.12 -6.33 21.84
C SER A 140 4.38 -6.54 23.16
N ASP A 141 4.82 -7.55 23.93
CA ASP A 141 4.37 -7.75 25.33
C ASP A 141 4.92 -6.61 26.18
N PRO A 142 4.23 -6.17 27.26
CA PRO A 142 4.76 -5.15 28.16
C PRO A 142 6.04 -5.57 28.88
N ASP A 143 6.83 -4.58 29.33
CA ASP A 143 8.04 -4.78 30.17
C ASP A 143 7.91 -3.88 31.40
N PRO A 144 7.09 -4.25 32.41
CA PRO A 144 6.93 -3.48 33.64
C PRO A 144 8.23 -2.96 34.30
N ALA A 145 9.36 -3.65 34.05
CA ALA A 145 10.75 -3.19 34.29
C ALA A 145 10.90 -1.71 33.90
N LEU A 146 10.50 -1.36 32.68
CA LEU A 146 10.73 -0.03 32.06
C LEU A 146 9.95 1.08 32.77
N LEU A 147 8.83 0.78 33.45
CA LEU A 147 8.12 1.79 34.27
C LEU A 147 9.08 2.33 35.33
N PRO A 148 9.56 3.59 35.25
CA PRO A 148 10.58 4.06 36.17
C PRO A 148 9.98 4.26 37.58
N ASP A 149 10.85 4.30 38.60
CA ASP A 149 10.50 4.24 40.04
C ASP A 149 10.27 5.65 40.60
N PHE A 150 9.04 6.13 40.59
CA PHE A 150 8.60 7.43 41.19
C PHE A 150 7.82 7.14 42.48
N SER A 151 8.25 6.13 43.24
CA SER A 151 7.50 5.56 44.40
C SER A 151 7.27 6.59 45.53
N PRO A 152 8.16 7.55 45.85
CA PRO A 152 7.91 8.48 46.96
C PRO A 152 6.55 9.21 46.91
N LEU A 153 5.96 9.36 45.72
CA LEU A 153 4.57 9.87 45.50
C LEU A 153 3.59 8.96 46.27
N GLU A 154 3.72 7.64 46.08
CA GLU A 154 2.87 6.59 46.72
C GLU A 154 3.12 6.49 48.25
N GLU A 155 4.25 6.99 48.77
CA GLU A 155 4.58 7.05 50.22
C GLU A 155 3.99 8.31 50.85
N GLY A 156 3.49 8.21 52.09
CA GLY A 156 3.07 9.35 52.94
C GLY A 156 1.57 9.63 52.91
N HIS A 157 1.10 10.49 53.83
CA HIS A 157 -0.29 10.97 54.01
C HIS A 157 -0.88 11.37 52.65
N PRO A 158 -2.03 10.82 52.22
CA PRO A 158 -2.50 11.03 50.83
C PRO A 158 -2.91 12.46 50.43
N ASN A 159 -2.91 13.43 51.35
CA ASN A 159 -3.31 14.85 51.09
C ASN A 159 -2.07 15.75 50.95
N ALA A 160 -0.91 15.18 50.66
CA ALA A 160 0.33 15.89 50.26
C ALA A 160 0.52 15.72 48.75
N VAL A 161 0.38 14.47 48.28
CA VAL A 161 0.31 14.07 46.83
C VAL A 161 -1.01 14.58 46.24
N ALA A 162 -0.96 15.10 45.01
CA ALA A 162 -2.10 15.56 44.16
C ALA A 162 -1.66 15.58 42.68
N GLN A 163 -2.58 15.34 41.75
CA GLN A 163 -2.29 15.34 40.29
C GLN A 163 -3.15 16.39 39.59
N THR A 164 -2.58 17.06 38.57
CA THR A 164 -3.31 17.89 37.59
C THR A 164 -2.90 17.48 36.17
N TYR A 165 -3.79 17.74 35.20
CA TYR A 165 -3.59 17.54 33.74
C TYR A 165 -3.74 18.89 33.03
N MET A 166 -2.89 19.14 32.04
CA MET A 166 -3.00 20.26 31.06
C MET A 166 -2.79 19.67 29.66
N HIS A 167 -3.68 20.01 28.73
CA HIS A 167 -3.50 19.79 27.27
C HIS A 167 -2.89 21.05 26.68
N MET A 168 -1.88 20.91 25.81
CA MET A 168 -1.29 22.07 25.07
C MET A 168 -1.09 21.66 23.62
N ASP A 169 -1.29 22.62 22.71
CA ASP A 169 -1.31 22.38 21.25
C ASP A 169 0.12 22.55 20.74
N VAL A 170 1.01 21.65 21.18
CA VAL A 170 2.48 21.67 20.91
C VAL A 170 3.01 20.24 20.85
N ASN A 171 4.17 20.05 20.20
CA ASN A 171 4.98 18.81 20.28
C ASN A 171 5.52 18.67 21.70
N TYR A 172 5.51 17.46 22.23
CA TYR A 172 5.94 17.09 23.61
C TYR A 172 7.35 17.60 23.94
N GLU A 173 8.31 17.46 23.01
CA GLU A 173 9.74 17.80 23.29
C GLU A 173 9.92 19.29 23.61
N LEU A 174 9.00 20.17 23.18
CA LEU A 174 8.99 21.59 23.59
C LEU A 174 8.70 21.74 25.08
N ILE A 175 7.85 20.89 25.67
CA ILE A 175 7.50 20.97 27.12
C ILE A 175 8.70 20.47 27.92
N ILE A 176 9.18 19.24 27.66
CA ILE A 176 10.42 18.68 28.27
C ILE A 176 11.51 19.78 28.28
N ASP A 177 11.88 20.31 27.10
CA ASP A 177 12.91 21.37 26.91
C ASP A 177 12.70 22.54 27.89
N ASN A 178 11.45 22.93 28.17
CA ASN A 178 11.09 24.03 29.09
C ASN A 178 11.50 23.65 30.51
N VAL A 179 11.03 22.47 30.93
CA VAL A 179 11.22 21.88 32.29
C VAL A 179 12.70 21.60 32.55
N MET A 180 13.52 21.33 31.51
CA MET A 180 14.97 21.02 31.65
C MET A 180 15.84 22.29 31.67
N ASP A 181 15.26 23.49 31.51
CA ASP A 181 15.98 24.77 31.31
C ASP A 181 15.33 25.82 32.22
N LEU A 182 15.24 25.52 33.50
CA LEU A 182 14.37 26.18 34.51
C LEU A 182 14.76 27.65 34.78
N SER A 183 15.89 28.12 34.24
CA SER A 183 16.26 29.56 34.11
C SER A 183 15.02 30.41 33.80
N HIS A 184 14.16 29.93 32.89
CA HIS A 184 12.89 30.58 32.45
C HIS A 184 12.07 31.11 33.64
N ILE A 185 12.10 30.45 34.81
CA ILE A 185 11.27 30.79 35.99
C ILE A 185 11.57 32.22 36.47
N ASP A 186 12.82 32.68 36.34
CA ASP A 186 13.24 34.07 36.69
C ASP A 186 12.30 35.10 36.04
N HIS A 187 12.02 34.96 34.75
CA HIS A 187 11.42 36.01 33.87
C HIS A 187 10.00 35.65 33.43
N VAL A 188 9.71 34.36 33.14
CA VAL A 188 8.40 33.84 32.62
C VAL A 188 7.31 33.97 33.72
N HIS A 189 7.58 33.42 34.91
CA HIS A 189 6.57 33.12 35.96
C HIS A 189 6.36 34.31 36.90
N GLY A 190 5.14 34.50 37.38
CA GLY A 190 4.73 35.48 38.40
C GLY A 190 4.90 34.90 39.80
N GLU A 191 4.29 35.55 40.80
CA GLU A 191 4.67 35.48 42.25
C GLU A 191 4.74 34.04 42.77
N ILE A 192 3.78 33.20 42.37
CA ILE A 192 3.48 31.86 42.96
C ILE A 192 4.76 31.02 43.06
N ILE A 193 5.69 31.13 42.10
CA ILE A 193 7.00 30.37 42.12
C ILE A 193 8.20 31.21 41.64
N THR A 194 8.09 32.54 41.47
CA THR A 194 9.18 33.33 40.82
C THR A 194 10.47 33.23 41.65
N THR A 195 11.61 33.12 40.96
CA THR A 195 12.97 32.98 41.57
C THR A 195 13.79 34.29 41.43
N ARG A 196 13.21 35.37 40.88
CA ARG A 196 13.67 36.78 41.02
C ARG A 196 15.08 36.97 40.44
N GLY A 197 15.36 36.42 39.25
CA GLY A 197 16.64 36.63 38.54
C GLY A 197 17.83 35.88 39.13
N GLN A 198 17.63 35.05 40.17
CA GLN A 198 18.74 34.41 40.94
C GLN A 198 19.13 33.05 40.33
N LEU A 199 18.18 32.35 39.71
CA LEU A 199 18.40 30.98 39.18
C LEU A 199 19.25 31.06 37.89
N SER A 200 19.00 32.05 37.03
CA SER A 200 19.60 32.20 35.67
C SER A 200 21.12 32.09 35.73
N PRO A 201 21.84 32.95 36.51
CA PRO A 201 23.32 32.93 36.52
C PRO A 201 23.99 31.62 36.95
N VAL A 202 23.31 30.76 37.71
CA VAL A 202 23.82 29.45 38.21
C VAL A 202 24.09 28.52 37.03
N VAL A 203 25.31 27.98 36.92
CA VAL A 203 25.65 26.86 36.00
C VAL A 203 25.25 25.58 36.74
N PRO A 204 24.27 24.78 36.25
CA PRO A 204 23.87 23.55 36.92
C PRO A 204 24.85 22.39 36.69
N LYS A 205 25.00 21.53 37.71
CA LYS A 205 25.71 20.24 37.60
C LYS A 205 24.77 19.26 36.89
N VAL A 206 25.18 18.77 35.71
CA VAL A 206 24.43 17.86 34.80
C VAL A 206 25.22 16.57 34.69
N ARG A 207 24.54 15.42 34.72
CA ARG A 207 25.16 14.09 34.50
C ARG A 207 24.26 13.27 33.57
N GLU A 208 24.82 12.81 32.45
CA GLU A 208 24.26 11.72 31.61
C GLU A 208 24.54 10.39 32.32
N ARG A 209 23.55 9.49 32.40
CA ARG A 209 23.68 8.12 32.96
C ARG A 209 22.93 7.15 32.03
N ASP A 210 23.17 5.84 32.21
CA ASP A 210 22.52 4.76 31.41
C ASP A 210 21.00 4.74 31.63
N THR A 211 20.51 5.05 32.82
CA THR A 211 19.05 5.12 33.14
C THR A 211 18.53 6.52 32.82
N HIS A 212 19.07 7.55 33.49
CA HIS A 212 18.52 8.93 33.52
C HIS A 212 19.54 9.95 33.01
N ILE A 213 19.10 11.21 32.88
CA ILE A 213 19.94 12.44 32.74
C ILE A 213 19.57 13.41 33.88
N SER A 214 20.43 13.58 34.88
CA SER A 214 20.19 14.48 36.05
C SER A 214 20.66 15.90 35.74
N ALA A 215 20.16 16.89 36.50
CA ALA A 215 20.67 18.30 36.53
C ALA A 215 20.28 18.96 37.86
N ARG A 216 21.25 19.53 38.58
CA ARG A 216 21.04 20.19 39.90
C ARG A 216 21.40 21.68 39.83
N TRP A 217 20.43 22.57 40.10
CA TRP A 217 20.63 24.01 40.41
C TRP A 217 20.54 24.16 41.94
N GLU A 218 21.51 24.82 42.56
CA GLU A 218 21.39 25.38 43.94
C GLU A 218 21.54 26.90 43.85
N TRP A 219 20.86 27.64 44.75
CA TRP A 219 21.01 29.12 44.89
C TRP A 219 20.45 29.58 46.24
N SER A 220 20.28 30.90 46.43
CA SER A 220 19.47 31.54 47.52
C SER A 220 18.79 32.79 46.97
N GLN A 221 17.64 33.15 47.53
CA GLN A 221 16.87 34.40 47.21
C GLN A 221 16.18 34.92 48.46
N THR A 222 15.61 36.12 48.38
CA THR A 222 14.87 36.83 49.47
C THR A 222 13.68 37.59 48.86
N PRO A 223 12.41 37.29 49.22
CA PRO A 223 12.03 36.14 50.04
C PRO A 223 12.27 34.82 49.30
N ALA A 224 12.17 33.72 50.05
CA ALA A 224 12.03 32.34 49.52
C ALA A 224 10.84 32.31 48.54
N MET A 225 10.87 31.35 47.60
CA MET A 225 9.77 31.08 46.62
C MET A 225 8.45 30.98 47.39
N MET A 226 7.41 31.72 46.99
CA MET A 226 6.08 31.85 47.69
C MET A 226 5.52 30.46 48.09
N ILE A 227 5.61 29.48 47.18
CA ILE A 227 5.23 28.05 47.36
C ILE A 227 5.72 27.47 48.71
N PHE A 228 6.90 27.90 49.22
CA PHE A 228 7.52 27.40 50.50
C PHE A 228 7.58 28.45 51.60
N ALA A 229 7.63 29.75 51.27
CA ALA A 229 8.03 30.84 52.20
C ALA A 229 7.23 30.82 53.50
N PRO A 230 5.88 30.76 53.51
CA PRO A 230 5.09 30.79 54.75
C PRO A 230 5.43 29.70 55.77
N PHE A 231 5.80 28.51 55.29
CA PHE A 231 6.14 27.32 56.12
C PHE A 231 7.60 27.39 56.60
N LEU A 232 8.42 28.36 56.15
CA LEU A 232 9.83 28.50 56.60
C LEU A 232 9.88 29.15 57.98
N PRO A 233 11.04 29.06 58.70
CA PRO A 233 11.24 29.76 59.97
C PRO A 233 10.86 31.25 59.92
N ARG A 234 11.45 32.00 58.99
CA ARG A 234 11.13 33.44 58.75
C ARG A 234 10.71 33.60 57.28
N PRO A 235 9.40 33.73 56.96
CA PRO A 235 8.94 33.87 55.56
C PRO A 235 9.65 34.96 54.72
N GLU A 236 9.72 36.18 55.28
CA GLU A 236 10.35 37.40 54.68
C GLU A 236 11.84 37.17 54.40
N ASP A 237 12.54 36.41 55.24
CA ASP A 237 14.03 36.29 55.21
C ASP A 237 14.47 35.35 54.08
N ALA A 238 15.77 35.41 53.76
CA ALA A 238 16.45 34.63 52.68
C ALA A 238 16.40 33.14 53.00
N ALA A 239 16.53 32.29 51.97
CA ALA A 239 16.54 30.81 52.07
C ALA A 239 17.32 30.18 50.91
N ARG A 240 18.22 29.23 51.19
CA ARG A 240 18.87 28.35 50.16
C ARG A 240 17.83 27.43 49.54
N HIS A 241 17.83 27.32 48.21
CA HIS A 241 16.93 26.44 47.42
C HIS A 241 17.74 25.46 46.56
N TYR A 242 17.14 24.32 46.22
CA TYR A 242 17.74 23.24 45.39
C TYR A 242 16.70 22.79 44.36
N PHE A 243 17.10 22.64 43.10
CA PHE A 243 16.32 21.98 42.01
C PHE A 243 17.12 20.76 41.53
N ASP A 244 16.79 19.56 42.00
CA ASP A 244 17.30 18.29 41.40
C ASP A 244 16.19 17.73 40.51
N ILE A 245 16.49 17.56 39.22
CA ILE A 245 15.59 16.98 38.19
C ILE A 245 16.32 15.77 37.58
N SER A 246 15.58 14.82 37.03
CA SER A 246 16.13 13.69 36.22
C SER A 246 15.15 13.28 35.13
N TRP A 247 15.54 13.38 33.86
CA TRP A 247 14.75 12.89 32.70
C TRP A 247 14.90 11.37 32.62
N THR A 248 13.80 10.66 32.44
CA THR A 248 13.75 9.22 32.08
C THR A 248 12.90 9.10 30.82
N ALA A 249 13.20 8.14 29.94
CA ALA A 249 12.43 7.88 28.70
C ALA A 249 10.99 7.47 29.06
N PRO A 250 9.95 7.78 28.25
CA PRO A 250 10.07 8.59 27.04
C PRO A 250 9.99 10.10 27.27
N ALA A 251 9.32 10.58 28.33
CA ALA A 251 9.05 12.02 28.52
C ALA A 251 8.81 12.41 30.01
N ASN A 252 9.47 11.71 30.94
CA ASN A 252 9.22 11.83 32.40
C ASN A 252 10.39 12.62 33.02
N ILE A 253 10.11 13.59 33.91
CA ILE A 253 11.10 14.45 34.63
C ILE A 253 10.68 14.62 36.11
N GLN A 254 11.52 14.25 37.10
CA GLN A 254 11.10 13.99 38.53
C GLN A 254 11.58 15.10 39.49
N LEU A 255 11.45 16.38 39.07
CA LEU A 255 11.78 17.68 39.76
C LEU A 255 11.55 17.61 41.28
N SER A 256 12.62 17.60 42.08
CA SER A 256 12.63 17.73 43.56
C SER A 256 13.10 19.14 43.91
N VAL A 257 12.37 19.82 44.81
CA VAL A 257 12.56 21.27 45.11
C VAL A 257 12.20 21.56 46.57
N GLY A 258 12.78 22.63 47.12
CA GLY A 258 12.57 22.99 48.54
C GLY A 258 13.51 24.07 49.02
N ALA A 259 13.23 24.61 50.20
CA ALA A 259 13.91 25.76 50.83
C ALA A 259 14.30 25.40 52.27
N VAL A 260 15.58 25.52 52.63
CA VAL A 260 16.10 25.45 54.02
C VAL A 260 16.45 26.87 54.47
N GLN A 261 16.27 27.19 55.76
CA GLN A 261 16.81 28.39 56.45
C GLN A 261 17.72 27.92 57.58
N ASP A 262 18.75 28.71 57.91
CA ASP A 262 19.70 28.49 59.05
C ASP A 262 20.59 27.28 58.80
N SER A 263 20.04 26.06 58.75
CA SER A 263 20.76 24.77 58.53
C SER A 263 21.50 24.78 57.18
N ASP A 264 22.65 24.08 57.12
CA ASP A 264 23.46 23.83 55.89
C ASP A 264 22.90 22.60 55.18
N ASP A 265 22.80 21.49 55.94
CA ASP A 265 22.01 20.26 55.65
C ASP A 265 20.65 20.68 55.06
N PHE A 266 20.39 20.37 53.79
CA PHE A 266 19.08 20.59 53.10
C PHE A 266 18.00 19.66 53.69
N GLY A 267 18.37 18.57 54.36
CA GLY A 267 17.50 17.62 55.08
C GLY A 267 16.30 18.23 55.80
N ASP A 268 16.42 19.45 56.35
CA ASP A 268 15.34 20.16 57.10
C ASP A 268 14.36 20.92 56.17
N ALA A 269 14.64 21.03 54.87
CA ALA A 269 13.99 22.00 53.93
C ALA A 269 12.49 21.75 53.81
N THR A 270 11.69 22.83 53.77
CA THR A 270 10.29 22.84 53.29
C THR A 270 10.28 22.43 51.79
N SER A 271 10.26 21.12 51.51
CA SER A 271 10.53 20.53 50.18
C SER A 271 9.28 19.83 49.60
N GLN A 272 9.48 18.94 48.60
CA GLN A 272 8.48 18.59 47.55
C GLN A 272 9.07 17.59 46.55
N TYR A 273 8.30 16.56 46.14
CA TYR A 273 8.65 15.63 45.03
C TYR A 273 7.61 15.75 43.92
N ASP A 274 8.00 16.36 42.80
CA ASP A 274 7.18 16.55 41.59
C ASP A 274 7.54 15.51 40.52
N LEU A 275 6.58 15.25 39.62
CA LEU A 275 6.76 14.52 38.35
C LEU A 275 6.04 15.30 37.24
N HIS A 276 6.82 15.86 36.33
CA HIS A 276 6.39 16.31 34.98
C HIS A 276 6.50 15.08 34.07
N THR A 277 5.40 14.62 33.47
CA THR A 277 5.41 13.62 32.36
C THR A 277 4.53 14.14 31.21
N CYS A 278 4.95 13.86 29.96
CA CYS A 278 4.20 14.13 28.71
C CYS A 278 3.86 12.82 28.00
N THR A 279 2.93 12.91 27.05
CA THR A 279 2.26 11.79 26.33
C THR A 279 1.67 12.38 25.06
N PRO A 280 2.31 12.28 23.87
CA PRO A 280 1.84 13.03 22.69
C PRO A 280 0.48 12.50 22.20
N GLU A 281 -0.43 13.44 21.89
CA GLU A 281 -1.77 13.17 21.30
C GLU A 281 -1.54 12.85 19.81
N ASP A 282 -0.82 13.74 19.13
CA ASP A 282 -0.15 13.51 17.82
C ASP A 282 1.01 14.52 17.73
N ALA A 283 1.69 14.63 16.58
CA ALA A 283 2.88 15.50 16.35
C ALA A 283 2.85 16.73 17.25
N PHE A 284 1.84 17.61 17.05
CA PHE A 284 1.80 18.98 17.61
C PHE A 284 0.60 19.17 18.54
N LYS A 285 0.25 18.12 19.30
CA LYS A 285 -0.57 18.20 20.54
C LYS A 285 0.10 17.30 21.59
N THR A 286 -0.03 17.64 22.87
CA THR A 286 0.66 16.91 23.97
C THR A 286 -0.20 16.94 25.23
N HIS A 287 -0.44 15.75 25.80
CA HIS A 287 -1.03 15.52 27.14
C HIS A 287 0.09 15.69 28.17
N TYR A 288 0.02 16.76 28.97
CA TYR A 288 1.03 17.14 29.99
C TYR A 288 0.42 16.91 31.37
N PHE A 289 0.93 15.92 32.08
CA PHE A 289 0.51 15.55 33.46
C PHE A 289 1.60 15.99 34.44
N PHE A 290 1.15 16.51 35.59
CA PHE A 290 1.98 16.94 36.74
C PHE A 290 1.45 16.27 38.02
N ALA A 291 2.36 15.85 38.89
CA ALA A 291 2.07 15.44 40.29
C ALA A 291 3.09 16.10 41.22
N THR A 292 2.64 16.88 42.22
CA THR A 292 3.41 17.25 43.43
C THR A 292 3.25 16.15 44.49
N ARG A 293 4.19 16.06 45.44
CA ARG A 293 3.94 15.51 46.80
C ARG A 293 4.78 16.28 47.82
N ARG A 294 4.14 17.24 48.51
CA ARG A 294 4.77 18.15 49.49
C ARG A 294 5.11 17.38 50.78
N ASN A 295 6.14 17.84 51.51
CA ASN A 295 6.58 17.24 52.79
C ASN A 295 6.03 18.02 54.00
N HIS A 296 5.31 19.12 53.77
CA HIS A 296 4.85 20.07 54.83
C HIS A 296 3.32 19.99 54.96
N ILE A 297 2.78 20.26 56.17
CA ILE A 297 1.32 20.19 56.57
C ILE A 297 0.61 19.06 55.79
N VAL A 298 1.16 17.83 55.88
CA VAL A 298 0.85 16.69 54.97
C VAL A 298 -0.64 16.32 55.01
N ASP A 299 -1.33 16.53 56.15
CA ASP A 299 -2.75 16.12 56.34
C ASP A 299 -3.74 17.04 55.60
N ASP A 300 -3.46 18.33 55.46
CA ASP A 300 -4.46 19.36 55.08
C ASP A 300 -4.82 19.25 53.58
N ALA A 301 -5.91 18.54 53.26
CA ALA A 301 -6.43 18.39 51.88
C ALA A 301 -7.12 19.69 51.42
N ASP A 302 -7.64 20.48 52.35
CA ASP A 302 -8.24 21.82 52.06
C ASP A 302 -7.18 22.69 51.35
N TYR A 303 -5.95 22.69 51.86
CA TYR A 303 -4.77 23.39 51.28
C TYR A 303 -4.25 22.63 50.04
N ASN A 304 -4.21 21.29 50.07
CA ASN A 304 -3.62 20.47 48.97
C ASN A 304 -4.24 20.85 47.63
N ARG A 305 -5.57 20.96 47.61
CA ARG A 305 -6.38 21.45 46.45
C ARG A 305 -5.90 22.86 46.10
N LYS A 306 -5.83 23.76 47.09
CA LYS A 306 -5.45 25.20 46.90
C LYS A 306 -4.05 25.31 46.29
N LYS A 307 -3.13 24.38 46.63
CA LYS A 307 -1.77 24.32 46.01
C LYS A 307 -1.89 23.85 44.55
N ILE A 308 -2.28 22.57 44.34
CA ILE A 308 -2.29 21.90 43.00
C ILE A 308 -3.11 22.74 41.99
N GLU A 309 -4.15 23.48 42.44
CA GLU A 309 -4.88 24.47 41.60
C GLU A 309 -3.98 25.64 41.23
N ALA A 310 -3.29 26.23 42.20
CA ALA A 310 -2.36 27.38 42.00
C ALA A 310 -1.06 26.94 41.31
N MET A 311 -0.76 25.65 41.28
CA MET A 311 0.34 25.07 40.44
C MET A 311 -0.09 25.00 38.97
N HIS A 312 -1.21 24.32 38.70
CA HIS A 312 -1.82 24.20 37.35
C HIS A 312 -1.89 25.60 36.74
N ALA A 313 -2.52 26.53 37.46
CA ALA A 313 -2.55 27.98 37.16
C ALA A 313 -1.20 28.42 36.54
N ALA A 314 -0.12 28.34 37.33
CA ALA A 314 1.25 28.79 36.94
C ALA A 314 1.67 28.17 35.59
N PHE A 315 1.51 26.87 35.42
CA PHE A 315 1.94 26.16 34.18
C PHE A 315 1.03 26.57 33.01
N GLU A 316 -0.29 26.43 33.17
CA GLU A 316 -1.32 26.65 32.11
C GLU A 316 -1.32 28.13 31.69
N THR A 317 -1.24 29.07 32.62
CA THR A 317 -1.44 30.52 32.36
C THR A 317 -0.13 31.23 32.02
N GLU A 318 1.02 30.81 32.57
CA GLU A 318 2.32 31.53 32.40
C GLU A 318 3.24 30.75 31.46
N ASP A 319 3.42 29.43 31.67
CA ASP A 319 4.27 28.57 30.80
C ASP A 319 3.54 28.25 29.48
N GLY A 320 2.32 27.74 29.60
CA GLY A 320 1.41 27.39 28.48
C GLY A 320 1.56 28.34 27.30
N PRO A 321 1.19 29.64 27.44
CA PRO A 321 1.17 30.58 26.32
C PRO A 321 2.50 30.83 25.61
N ILE A 322 3.65 30.78 26.31
CA ILE A 322 4.99 31.00 25.69
C ILE A 322 5.32 29.79 24.81
N ILE A 323 5.14 28.58 25.35
CA ILE A 323 5.50 27.31 24.66
C ILE A 323 4.64 27.17 23.40
N THR A 324 3.34 27.42 23.51
CA THR A 324 2.38 27.48 22.37
C THR A 324 2.78 28.60 21.38
N ALA A 325 3.09 29.80 21.86
CA ALA A 325 3.58 30.92 20.99
C ALA A 325 4.79 30.46 20.19
N VAL A 326 5.77 29.84 20.89
CA VAL A 326 7.04 29.34 20.29
C VAL A 326 6.65 28.38 19.17
N GLN A 327 5.90 27.34 19.52
CA GLN A 327 5.45 26.29 18.58
C GLN A 327 4.97 26.95 17.28
N GLU A 328 4.08 27.94 17.37
CA GLU A 328 3.53 28.68 16.19
C GLU A 328 4.68 29.31 15.40
N GLU A 329 5.54 30.07 16.06
CA GLU A 329 6.73 30.71 15.40
C GLU A 329 7.64 29.65 14.77
N MET A 330 7.80 28.48 15.40
CA MET A 330 8.66 27.37 14.87
C MET A 330 8.02 26.73 13.64
N GLY A 331 6.69 26.78 13.49
CA GLY A 331 5.94 25.95 12.52
C GLY A 331 6.20 24.46 12.74
N GLU A 332 6.22 23.68 11.67
CA GLU A 332 6.35 22.21 11.74
C GLU A 332 7.82 21.79 11.80
N ALA A 333 8.77 22.72 11.64
CA ALA A 333 10.18 22.40 11.29
C ALA A 333 10.90 21.91 12.54
N GLU A 334 11.74 20.87 12.38
CA GLU A 334 12.46 20.14 13.47
C GLU A 334 13.39 21.12 14.16
N PHE A 335 13.39 21.11 15.50
CA PHE A 335 14.07 22.11 16.39
C PHE A 335 15.49 22.43 15.90
N PHE A 336 16.40 21.44 15.95
CA PHE A 336 17.83 21.56 15.57
C PHE A 336 17.95 22.08 14.13
N SER A 337 17.05 21.66 13.22
CA SER A 337 17.02 22.11 11.79
C SER A 337 17.02 23.64 11.71
N LEU A 338 16.35 24.33 12.65
CA LEU A 338 16.24 25.82 12.65
C LEU A 338 17.50 26.51 13.21
N ASP A 339 18.58 25.78 13.53
CA ASP A 339 19.91 26.32 13.97
C ASP A 339 19.72 27.17 15.23
N PRO A 340 19.15 26.61 16.33
CA PRO A 340 18.93 27.39 17.55
C PRO A 340 20.27 27.79 18.17
N VAL A 341 20.33 28.98 18.77
CA VAL A 341 21.55 29.53 19.43
C VAL A 341 21.57 29.01 20.87
N LEU A 342 22.16 27.83 21.04
CA LEU A 342 22.24 27.06 22.32
C LEU A 342 23.35 27.64 23.19
N MET A 343 23.20 27.56 24.52
CA MET A 343 23.96 28.35 25.52
C MET A 343 24.23 27.52 26.80
N SER A 344 24.77 28.14 27.86
CA SER A 344 25.13 27.49 29.15
C SER A 344 23.96 26.65 29.69
N ASN A 345 22.77 27.22 29.73
CA ASN A 345 21.54 26.63 30.34
C ASN A 345 20.87 25.57 29.43
N ASP A 346 21.30 25.37 28.17
CA ASP A 346 20.66 24.44 27.20
C ASP A 346 21.38 23.08 27.11
N VAL A 347 22.25 22.74 28.06
CA VAL A 347 23.12 21.54 27.95
C VAL A 347 22.27 20.30 28.23
N ALA A 348 21.63 20.27 29.41
CA ALA A 348 20.65 19.25 29.82
C ALA A 348 19.58 19.02 28.74
N PRO A 349 18.77 20.04 28.35
CA PRO A 349 17.67 19.82 27.41
C PRO A 349 18.07 19.32 26.00
N VAL A 350 19.32 19.56 25.58
CA VAL A 350 19.89 18.99 24.32
C VAL A 350 20.20 17.49 24.55
N LYS A 351 21.03 17.18 25.55
CA LYS A 351 21.41 15.78 25.91
C LYS A 351 20.16 14.90 25.86
N VAL A 352 19.05 15.39 26.45
CA VAL A 352 17.72 14.72 26.45
C VAL A 352 17.31 14.44 24.99
N ARG A 353 16.97 15.51 24.24
CA ARG A 353 16.46 15.43 22.85
C ARG A 353 17.29 14.43 22.04
N ARG A 354 18.62 14.48 22.17
CA ARG A 354 19.58 13.61 21.46
C ARG A 354 19.45 12.16 21.93
N ARG A 355 19.38 11.94 23.24
CA ARG A 355 19.26 10.57 23.84
C ARG A 355 17.98 9.92 23.34
N LEU A 356 16.85 10.60 23.53
CA LEU A 356 15.50 10.21 23.04
C LEU A 356 15.58 9.92 21.53
N ARG A 357 16.20 10.81 20.74
CA ARG A 357 16.39 10.63 19.27
C ARG A 357 17.16 9.32 19.03
N ARG A 358 18.31 9.16 19.67
CA ARG A 358 19.19 7.98 19.52
C ARG A 358 18.37 6.72 19.87
N MET A 359 17.67 6.74 21.01
CA MET A 359 16.82 5.60 21.49
C MET A 359 15.78 5.22 20.41
N ILE A 360 15.11 6.21 19.81
CA ILE A 360 14.02 5.98 18.81
C ILE A 360 14.62 5.26 17.60
N VAL A 361 15.77 5.71 17.12
CA VAL A 361 16.45 5.14 15.91
C VAL A 361 16.90 3.72 16.26
N GLU A 362 17.62 3.55 17.38
CA GLU A 362 18.06 2.23 17.92
C GLU A 362 16.88 1.25 18.00
N GLU A 363 15.68 1.75 18.39
CA GLU A 363 14.46 0.92 18.54
C GLU A 363 13.99 0.49 17.14
N GLN A 364 13.83 1.46 16.23
CA GLN A 364 13.45 1.22 14.81
C GLN A 364 14.43 0.26 14.13
N ALA A 365 15.72 0.33 14.49
CA ALA A 365 16.80 -0.54 13.94
C ALA A 365 16.45 -1.98 14.27
N ALA A 366 16.41 -2.34 15.57
CA ALA A 366 16.17 -3.74 16.03
C ALA A 366 14.74 -4.19 15.75
N ALA A 367 13.84 -3.30 15.28
CA ALA A 367 12.52 -3.64 14.70
C ALA A 367 12.72 -4.20 13.28
N ALA A 368 13.45 -3.47 12.44
CA ALA A 368 13.76 -3.85 11.04
C ALA A 368 14.77 -5.01 10.98
N ALA A 369 15.56 -5.24 12.03
CA ALA A 369 16.59 -6.32 12.12
C ALA A 369 15.99 -7.58 12.77
N ALA A 370 14.97 -7.46 13.63
CA ALA A 370 14.12 -8.58 14.11
C ALA A 370 13.03 -8.93 13.07
N ASP A 371 12.76 -8.03 12.11
CA ASP A 371 11.97 -8.30 10.88
C ASP A 371 12.78 -9.23 9.95
N ALA A 372 14.10 -9.07 9.88
CA ALA A 372 15.05 -9.97 9.18
C ALA A 372 15.37 -11.22 10.03
N ALA A 373 15.81 -11.04 11.29
CA ALA A 373 16.49 -12.07 12.14
C ALA A 373 16.68 -11.57 13.58
N SER B 23 3.44 25.14 -6.99
CA SER B 23 2.98 26.58 -6.97
C SER B 23 2.63 27.05 -5.53
N THR B 24 3.68 27.18 -4.72
CA THR B 24 3.73 28.09 -3.53
C THR B 24 3.96 29.52 -4.08
N PHE B 25 3.00 30.41 -3.83
CA PHE B 25 2.94 31.88 -3.95
C PHE B 25 4.25 32.63 -4.16
N GLU B 26 4.34 33.63 -5.04
CA GLU B 26 5.53 34.50 -5.27
C GLU B 26 5.06 35.97 -5.27
N CYS B 27 5.61 36.81 -4.38
CA CYS B 27 5.45 38.30 -4.37
C CYS B 27 6.77 38.92 -4.84
N LEU B 28 6.72 40.19 -5.25
CA LEU B 28 7.95 41.01 -5.44
C LEU B 28 8.63 41.16 -4.08
N LYS B 29 9.94 40.94 -3.97
CA LYS B 29 10.75 41.02 -2.75
C LYS B 29 11.37 42.42 -2.59
N ARG B 30 12.08 42.90 -3.62
CA ARG B 30 12.89 44.16 -3.63
C ARG B 30 12.04 45.29 -3.01
N ALA B 31 10.80 45.50 -3.42
CA ALA B 31 10.11 46.79 -3.30
C ALA B 31 9.71 47.08 -1.83
N TRP B 32 9.18 48.28 -1.63
CA TRP B 32 8.68 48.80 -0.33
C TRP B 32 7.19 48.49 -0.19
N TYR B 33 6.85 47.67 0.82
CA TYR B 33 5.46 47.35 1.26
C TYR B 33 5.14 48.18 2.51
N VAL B 34 3.90 48.66 2.67
CA VAL B 34 3.47 49.34 3.93
C VAL B 34 3.31 48.29 5.03
N ALA B 35 4.13 48.37 6.08
CA ALA B 35 4.14 47.43 7.22
C ALA B 35 3.10 47.84 8.27
N ALA B 36 2.88 49.14 8.46
CA ALA B 36 2.02 49.69 9.52
C ALA B 36 1.79 51.19 9.33
N MET B 37 0.62 51.68 9.75
CA MET B 37 0.35 53.12 9.86
C MET B 37 1.30 53.68 10.93
N SER B 38 1.84 54.87 10.71
CA SER B 38 2.68 55.60 11.69
C SER B 38 1.99 55.53 13.07
N SER B 39 0.67 55.75 13.11
CA SER B 39 -0.17 55.70 14.35
C SER B 39 -0.06 54.36 15.12
N GLU B 40 0.27 53.25 14.48
CA GLU B 40 0.17 51.89 15.09
C GLU B 40 1.36 51.57 16.01
N VAL B 41 2.39 52.42 16.11
CA VAL B 41 3.57 52.16 16.98
C VAL B 41 3.68 53.29 18.03
N GLU B 42 3.21 53.01 19.26
CA GLU B 42 2.97 54.00 20.34
C GLU B 42 4.19 54.03 21.28
N GLY B 43 5.27 54.68 20.84
CA GLY B 43 6.58 54.78 21.53
C GLY B 43 6.97 53.47 22.19
N GLU B 44 6.49 53.26 23.43
CA GLU B 44 6.82 52.12 24.35
C GLU B 44 6.35 50.78 23.79
N ALA B 45 5.14 50.74 23.20
CA ALA B 45 4.47 49.54 22.62
C ALA B 45 5.44 48.70 21.78
N LEU B 46 5.33 47.36 21.90
CA LEU B 46 6.01 46.40 20.99
C LEU B 46 5.01 45.85 19.96
N PHE B 47 4.83 46.58 18.86
CA PHE B 47 3.99 46.20 17.69
C PHE B 47 4.54 44.94 17.03
N HIS B 48 3.67 43.96 16.70
CA HIS B 48 3.99 42.73 15.91
C HIS B 48 3.04 42.65 14.73
N ARG B 49 3.52 42.15 13.58
CA ARG B 49 2.65 41.87 12.41
C ARG B 49 3.32 40.87 11.45
N ARG B 50 2.52 39.99 10.86
CA ARG B 50 2.98 39.03 9.83
C ARG B 50 3.00 39.75 8.47
N ILE B 51 4.13 39.73 7.77
CA ILE B 51 4.36 40.44 6.47
C ILE B 51 5.12 39.51 5.52
N LEU B 52 4.56 39.27 4.32
CA LEU B 52 5.10 38.34 3.28
C LEU B 52 5.49 37.03 3.99
N GLY B 53 4.59 36.49 4.81
CA GLY B 53 4.77 35.24 5.57
C GLY B 53 5.93 35.28 6.55
N THR B 54 6.26 36.44 7.09
CA THR B 54 7.36 36.64 8.07
C THR B 54 6.84 37.36 9.31
N SER B 55 7.10 36.80 10.48
CA SER B 55 6.83 37.45 11.79
C SER B 55 7.76 38.66 11.89
N VAL B 56 7.20 39.85 12.13
CA VAL B 56 7.93 41.15 12.20
C VAL B 56 7.51 41.89 13.47
N MET B 57 8.47 42.25 14.30
CA MET B 57 8.29 43.20 15.44
C MET B 57 8.73 44.61 14.98
N ILE B 58 8.02 45.62 15.45
CA ILE B 58 8.38 47.06 15.31
C ILE B 58 8.25 47.70 16.71
N TYR B 59 9.10 48.71 16.97
CA TYR B 59 9.00 49.65 18.12
C TYR B 59 9.75 50.92 17.75
N ARG B 60 9.41 52.04 18.40
CA ARG B 60 10.17 53.32 18.30
C ARG B 60 11.21 53.34 19.43
N LEU B 61 12.23 54.17 19.26
CA LEU B 61 13.32 54.38 20.26
C LEU B 61 12.96 55.65 21.04
N ALA B 62 13.88 56.13 21.89
CA ALA B 62 13.76 57.43 22.58
C ALA B 62 13.45 58.50 21.53
N ASP B 63 14.28 58.59 20.49
CA ASP B 63 14.30 59.71 19.50
C ASP B 63 13.27 59.50 18.39
N GLY B 64 12.21 58.70 18.62
CA GLY B 64 11.12 58.46 17.68
C GLY B 64 11.46 57.41 16.62
N THR B 65 12.73 56.99 16.50
CA THR B 65 13.27 56.26 15.34
C THR B 65 12.66 54.86 15.30
N PRO B 66 11.86 54.51 14.25
CA PRO B 66 11.18 53.22 14.22
C PRO B 66 12.16 52.11 13.78
N VAL B 67 12.01 50.92 14.38
CA VAL B 67 12.94 49.77 14.20
C VAL B 67 12.10 48.52 13.91
N ALA B 68 12.54 47.71 12.94
CA ALA B 68 11.86 46.48 12.48
C ALA B 68 12.82 45.29 12.59
N MET B 69 12.36 44.21 13.23
CA MET B 69 13.14 42.96 13.51
C MET B 69 12.27 41.74 13.24
N HIS B 70 12.91 40.61 12.93
CA HIS B 70 12.25 39.27 12.85
C HIS B 70 11.70 38.96 14.25
N ASP B 71 10.38 38.97 14.46
CA ASP B 71 9.74 38.76 15.80
C ASP B 71 9.97 37.29 16.22
N ARG B 72 11.20 36.97 16.61
CA ARG B 72 11.70 35.56 16.79
C ARG B 72 13.09 35.57 17.42
N CYS B 73 13.17 35.34 18.73
CA CYS B 73 14.46 35.21 19.46
C CYS B 73 15.21 34.01 18.91
N PRO B 74 16.48 34.14 18.48
CA PRO B 74 17.19 33.04 17.83
C PRO B 74 17.64 31.90 18.78
N HIS B 75 17.47 32.05 20.09
CA HIS B 75 17.73 31.02 21.13
C HIS B 75 16.80 29.83 20.92
N ARG B 76 15.53 29.93 21.35
CA ARG B 76 14.51 28.83 21.24
C ARG B 76 13.30 29.30 20.42
N PHE B 77 13.43 30.37 19.62
CA PHE B 77 12.44 30.86 18.62
C PHE B 77 11.15 31.38 19.28
N ALA B 78 11.22 31.83 20.53
CA ALA B 78 10.14 32.60 21.18
C ALA B 78 9.93 33.92 20.43
N PRO B 79 8.68 34.37 20.17
CA PRO B 79 8.48 35.73 19.66
C PRO B 79 8.96 36.80 20.66
N LEU B 80 9.53 37.88 20.12
CA LEU B 80 10.19 38.96 20.91
C LEU B 80 9.14 39.96 21.42
N HIS B 81 8.11 40.26 20.63
CA HIS B 81 6.98 41.15 21.01
C HIS B 81 6.40 40.75 22.36
N LEU B 82 6.39 39.43 22.68
CA LEU B 82 5.89 38.88 23.96
C LEU B 82 6.83 39.29 25.11
N GLY B 83 8.14 39.39 24.81
CA GLY B 83 9.18 39.96 25.71
C GLY B 83 8.84 41.31 26.33
N GLN B 84 9.65 41.70 27.31
CA GLN B 84 9.59 43.01 28.01
C GLN B 84 10.64 43.95 27.38
N ARG B 85 10.26 45.22 27.17
CA ARG B 85 11.13 46.30 26.62
C ARG B 85 12.01 46.86 27.74
N GLU B 86 13.27 47.22 27.44
CA GLU B 86 14.30 47.71 28.41
C GLU B 86 15.04 48.90 27.79
N GLY B 87 14.38 50.05 27.78
CA GLY B 87 14.86 51.31 27.18
C GLY B 87 14.76 51.27 25.67
N ASP B 88 15.88 51.11 24.97
CA ASP B 88 15.95 50.95 23.50
C ASP B 88 16.43 49.51 23.17
N GLU B 89 16.24 48.60 24.13
CA GLU B 89 16.54 47.15 23.97
C GLU B 89 15.28 46.35 24.31
N ILE B 90 15.18 45.14 23.77
CA ILE B 90 14.07 44.16 24.03
C ILE B 90 14.69 42.91 24.65
N ALA B 91 14.16 42.45 25.79
CA ALA B 91 14.53 41.19 26.45
C ALA B 91 13.44 40.18 26.16
N CYS B 92 13.80 38.99 25.67
CA CYS B 92 12.84 37.93 25.27
C CYS B 92 12.22 37.31 26.51
N ARG B 93 10.90 37.07 26.54
CA ARG B 93 10.15 36.71 27.78
C ARG B 93 10.57 35.33 28.27
N TYR B 94 11.18 34.49 27.41
CA TYR B 94 11.56 33.10 27.74
C TYR B 94 12.78 33.13 28.67
N HIS B 95 14.00 33.33 28.14
CA HIS B 95 15.24 33.29 28.94
C HIS B 95 16.02 34.63 28.94
N ALA B 96 15.41 35.72 28.47
CA ALA B 96 15.77 37.13 28.80
C ALA B 96 17.08 37.58 28.14
N LEU B 97 17.48 36.97 27.01
CA LEU B 97 18.51 37.59 26.11
C LEU B 97 17.97 38.95 25.64
N ARG B 98 18.75 40.02 25.83
CA ARG B 98 18.44 41.36 25.30
C ARG B 98 19.03 41.53 23.91
N PHE B 99 18.40 42.38 23.09
CA PHE B 99 18.88 42.80 21.75
C PHE B 99 18.66 44.30 21.58
N ASP B 100 19.63 44.97 20.91
CA ASP B 100 19.60 46.41 20.51
C ASP B 100 18.73 46.55 19.25
N ALA B 101 18.50 47.78 18.82
CA ALA B 101 17.81 48.14 17.56
C ALA B 101 18.45 47.45 16.34
N ASP B 102 19.78 47.29 16.31
CA ASP B 102 20.50 46.59 15.21
C ASP B 102 20.31 45.06 15.30
N GLY B 103 19.79 44.55 16.43
CA GLY B 103 19.42 43.14 16.58
C GLY B 103 20.63 42.26 16.88
N ARG B 104 21.76 42.82 17.34
CA ARG B 104 22.83 42.06 18.02
C ARG B 104 22.46 41.94 19.50
N CYS B 105 22.86 40.83 20.13
CA CYS B 105 22.56 40.53 21.56
C CYS B 105 23.46 41.38 22.45
N THR B 106 22.88 42.15 23.38
CA THR B 106 23.59 43.08 24.28
C THR B 106 23.88 42.45 25.65
N HIS B 107 23.27 41.30 25.99
CA HIS B 107 23.31 40.71 27.36
C HIS B 107 22.78 39.26 27.35
N ASN B 108 23.56 38.33 27.90
CA ASN B 108 23.12 36.95 28.28
C ASN B 108 23.19 36.88 29.80
N PRO B 109 22.07 36.64 30.53
CA PRO B 109 22.07 36.55 31.99
C PRO B 109 22.35 35.15 32.55
N HIS B 110 22.57 34.15 31.67
CA HIS B 110 22.86 32.73 32.03
C HIS B 110 24.36 32.48 32.22
N GLY B 111 24.65 31.39 32.94
CA GLY B 111 25.97 30.79 33.19
C GLY B 111 27.07 31.81 33.34
N ASN B 112 28.19 31.57 32.62
CA ASN B 112 29.39 32.45 32.53
C ASN B 112 29.04 33.89 32.13
N GLY B 113 28.12 34.09 31.19
CA GLY B 113 27.62 35.41 30.74
C GLY B 113 27.93 35.68 29.29
N ARG B 114 28.97 35.00 28.75
CA ARG B 114 29.49 35.14 27.35
C ARG B 114 28.30 35.08 26.36
N ILE B 115 28.26 35.98 25.38
CA ILE B 115 27.11 36.29 24.48
C ILE B 115 27.41 35.73 23.09
N PRO B 116 26.83 34.60 22.62
CA PRO B 116 27.34 33.95 21.40
C PRO B 116 27.23 34.89 20.18
N ASP B 117 28.20 34.82 19.26
CA ASP B 117 28.22 35.59 18.00
C ASP B 117 26.89 35.38 17.28
N ALA B 118 26.39 34.14 17.28
CA ALA B 118 25.15 33.68 16.61
C ALA B 118 23.88 34.40 17.11
N ALA B 119 23.85 34.95 18.33
CA ALA B 119 22.65 35.62 18.92
C ALA B 119 22.36 36.95 18.20
N ARG B 120 21.77 36.85 17.01
CA ARG B 120 21.40 38.01 16.15
C ARG B 120 19.96 37.85 15.68
N VAL B 121 19.17 38.92 15.78
CA VAL B 121 17.86 39.08 15.09
C VAL B 121 18.12 39.84 13.79
N ARG B 122 17.55 39.37 12.68
CA ARG B 122 17.67 40.07 11.36
C ARG B 122 16.81 41.33 11.40
N ARG B 123 17.38 42.46 10.99
CA ARG B 123 16.73 43.80 10.96
C ARG B 123 16.16 44.08 9.56
N PHE B 124 15.00 44.73 9.49
CA PHE B 124 14.30 45.09 8.23
C PHE B 124 14.43 46.59 8.02
N PRO B 125 15.10 47.06 6.94
CA PRO B 125 15.12 48.49 6.61
C PRO B 125 13.71 49.09 6.57
N LEU B 126 13.47 50.15 7.35
CA LEU B 126 12.19 50.91 7.36
C LEU B 126 12.41 52.26 6.68
N LEU B 127 11.31 52.88 6.22
CA LEU B 127 11.25 54.24 5.65
C LEU B 127 9.91 54.86 6.05
N GLU B 128 9.92 55.94 6.85
CA GLU B 128 8.65 56.47 7.45
C GLU B 128 8.22 57.69 6.64
N ARG B 129 7.54 57.45 5.51
CA ARG B 129 6.89 58.52 4.70
C ARG B 129 5.38 58.29 4.59
N TYR B 130 4.64 59.38 4.32
CA TYR B 130 3.20 59.39 3.92
C TYR B 130 2.29 58.90 5.05
N GLY B 131 2.80 58.89 6.29
CA GLY B 131 2.10 58.43 7.50
C GLY B 131 2.06 56.91 7.61
N PHE B 132 3.00 56.22 6.97
CA PHE B 132 3.19 54.75 7.06
C PHE B 132 4.66 54.44 7.31
N LEU B 133 4.89 53.28 7.90
CA LEU B 133 6.23 52.64 7.98
C LEU B 133 6.36 51.67 6.80
N TRP B 134 7.15 52.04 5.80
CA TRP B 134 7.46 51.18 4.62
C TRP B 134 8.60 50.23 4.99
N ILE B 135 8.52 48.96 4.59
CA ILE B 135 9.50 47.90 4.99
C ILE B 135 10.10 47.23 3.76
N TRP B 136 11.40 46.95 3.83
CA TRP B 136 12.19 46.26 2.78
C TRP B 136 12.46 44.84 3.28
N MET B 137 11.79 43.85 2.69
CA MET B 137 11.85 42.48 3.25
C MET B 137 13.03 41.69 2.67
N ASP B 138 13.42 41.93 1.41
CA ASP B 138 14.48 41.18 0.67
C ASP B 138 15.81 41.21 1.42
N ASP B 139 16.63 40.17 1.22
CA ASP B 139 17.99 40.01 1.81
C ASP B 139 18.98 41.09 1.33
N SER B 140 18.75 41.71 0.17
CA SER B 140 19.64 42.78 -0.39
C SER B 140 19.62 44.01 0.51
N ASP B 141 20.53 44.96 0.21
CA ASP B 141 20.52 46.31 0.84
C ASP B 141 19.30 47.06 0.30
N PRO B 142 18.68 47.98 1.07
CA PRO B 142 17.56 48.77 0.58
C PRO B 142 17.92 49.70 -0.59
N ASP B 143 16.92 50.11 -1.38
CA ASP B 143 17.02 51.11 -2.47
C ASP B 143 15.93 52.15 -2.26
N PRO B 144 16.11 53.09 -1.30
CA PRO B 144 15.13 54.15 -1.04
C PRO B 144 14.55 54.87 -2.26
N ALA B 145 15.32 54.89 -3.37
CA ALA B 145 14.88 55.24 -4.75
C ALA B 145 13.50 54.66 -5.03
N LEU B 146 13.33 53.36 -4.79
CA LEU B 146 12.14 52.58 -5.22
C LEU B 146 10.88 53.00 -4.43
N LEU B 147 11.01 53.57 -3.22
CA LEU B 147 9.83 54.11 -2.48
C LEU B 147 9.17 55.18 -3.37
N PRO B 148 7.96 54.95 -3.92
CA PRO B 148 7.37 55.90 -4.86
C PRO B 148 6.94 57.19 -4.15
N ASP B 149 6.79 58.27 -4.92
CA ASP B 149 6.63 59.66 -4.42
C ASP B 149 5.14 60.00 -4.26
N PHE B 150 4.59 59.77 -3.08
CA PHE B 150 3.19 60.14 -2.69
C PHE B 150 3.23 61.37 -1.75
N SER B 151 4.13 62.32 -2.03
CA SER B 151 4.47 63.47 -1.15
C SER B 151 3.27 64.40 -0.87
N PRO B 152 2.31 64.66 -1.81
CA PRO B 152 1.21 65.58 -1.50
C PRO B 152 0.44 65.30 -0.21
N LEU B 153 0.45 64.04 0.27
CA LEU B 153 -0.09 63.62 1.60
C LEU B 153 0.64 64.40 2.69
N GLU B 154 1.98 64.42 2.63
CA GLU B 154 2.88 65.13 3.59
C GLU B 154 2.76 66.66 3.50
N GLU B 155 2.24 67.22 2.40
CA GLU B 155 1.98 68.69 2.21
C GLU B 155 0.60 69.05 2.78
N GLY B 156 0.47 70.22 3.42
CA GLY B 156 -0.81 70.82 3.87
C GLY B 156 -1.12 70.58 5.34
N HIS B 157 -2.12 71.32 5.87
CA HIS B 157 -2.66 71.25 7.26
C HIS B 157 -2.87 69.80 7.68
N PRO B 158 -2.29 69.31 8.79
CA PRO B 158 -2.30 67.87 9.09
C PRO B 158 -3.64 67.20 9.40
N ASN B 159 -4.75 67.96 9.47
CA ASN B 159 -6.13 67.45 9.76
C ASN B 159 -6.96 67.30 8.47
N ALA B 160 -6.30 67.23 7.31
CA ALA B 160 -6.91 66.87 6.00
C ALA B 160 -6.49 65.44 5.65
N VAL B 161 -5.19 65.15 5.80
CA VAL B 161 -4.58 63.78 5.75
C VAL B 161 -5.04 62.98 6.96
N ALA B 162 -5.36 61.69 6.75
CA ALA B 162 -5.75 60.67 7.77
C ALA B 162 -5.52 59.26 7.18
N GLN B 163 -5.18 58.27 8.02
CA GLN B 163 -4.92 56.87 7.57
C GLN B 163 -5.88 55.92 8.29
N THR B 164 -6.35 54.88 7.58
CA THR B 164 -7.04 53.70 8.16
C THR B 164 -6.38 52.43 7.63
N TYR B 165 -6.54 51.33 8.38
CA TYR B 165 -6.09 49.95 8.06
C TYR B 165 -7.31 49.03 8.05
N MET B 166 -7.37 48.11 7.09
CA MET B 166 -8.31 46.96 7.04
C MET B 166 -7.51 45.69 6.72
N HIS B 167 -7.74 44.62 7.48
CA HIS B 167 -7.27 43.25 7.15
C HIS B 167 -8.39 42.53 6.41
N MET B 168 -8.07 41.83 5.33
CA MET B 168 -9.05 40.99 4.59
C MET B 168 -8.41 39.67 4.25
N ASP B 169 -9.22 38.60 4.29
CA ASP B 169 -8.75 37.19 4.19
C ASP B 169 -8.80 36.83 2.71
N VAL B 170 -7.97 37.49 1.90
CA VAL B 170 -7.90 37.39 0.41
C VAL B 170 -6.46 37.63 -0.05
N ASN B 171 -6.13 37.14 -1.27
CA ASN B 171 -4.89 37.51 -2.02
C ASN B 171 -4.97 39.01 -2.36
N TYR B 172 -3.84 39.71 -2.24
CA TYR B 172 -3.71 41.17 -2.49
C TYR B 172 -4.23 41.57 -3.89
N GLU B 173 -3.91 40.80 -4.94
CA GLU B 173 -4.24 41.18 -6.34
C GLU B 173 -5.76 41.28 -6.55
N LEU B 174 -6.59 40.61 -5.72
CA LEU B 174 -8.06 40.80 -5.76
C LEU B 174 -8.44 42.21 -5.32
N ILE B 175 -7.71 42.82 -4.36
CA ILE B 175 -8.04 44.18 -3.84
C ILE B 175 -7.63 45.20 -4.93
N ILE B 176 -6.36 45.17 -5.37
CA ILE B 176 -5.84 45.98 -6.52
C ILE B 176 -6.90 45.96 -7.64
N ASP B 177 -7.23 44.78 -8.16
CA ASP B 177 -8.23 44.55 -9.25
C ASP B 177 -9.54 45.32 -8.99
N ASN B 178 -10.01 45.39 -7.74
CA ASN B 178 -11.25 46.09 -7.32
C ASN B 178 -11.07 47.59 -7.55
N VAL B 179 -9.98 48.12 -6.98
CA VAL B 179 -9.61 49.58 -7.00
C VAL B 179 -9.32 50.03 -8.44
N MET B 180 -8.88 49.15 -9.33
CA MET B 180 -8.56 49.49 -10.75
C MET B 180 -9.79 49.42 -11.68
N ASP B 181 -10.96 49.03 -11.18
CA ASP B 181 -12.20 48.68 -11.97
C ASP B 181 -13.38 49.37 -11.29
N LEU B 182 -13.29 50.67 -11.07
CA LEU B 182 -14.12 51.49 -10.13
C LEU B 182 -15.60 51.57 -10.56
N SER B 183 -15.94 51.08 -11.77
CA SER B 183 -17.32 50.73 -12.21
C SER B 183 -18.15 50.17 -11.05
N HIS B 184 -17.56 49.27 -10.25
CA HIS B 184 -18.15 48.60 -9.06
C HIS B 184 -18.89 49.59 -8.15
N ILE B 185 -18.43 50.85 -8.05
CA ILE B 185 -19.00 51.87 -7.12
C ILE B 185 -20.47 52.13 -7.43
N ASP B 186 -20.86 52.06 -8.72
CA ASP B 186 -22.27 52.22 -9.18
C ASP B 186 -23.21 51.31 -8.39
N HIS B 187 -22.87 50.03 -8.25
CA HIS B 187 -23.77 48.93 -7.81
C HIS B 187 -23.40 48.40 -6.40
N VAL B 188 -22.11 48.30 -6.05
CA VAL B 188 -21.58 47.73 -4.77
C VAL B 188 -21.92 48.65 -3.59
N HIS B 189 -21.59 49.94 -3.70
CA HIS B 189 -21.49 50.89 -2.55
C HIS B 189 -22.83 51.62 -2.32
N GLY B 190 -23.13 51.93 -1.07
CA GLY B 190 -24.27 52.76 -0.63
C GLY B 190 -23.94 54.24 -0.65
N GLU B 191 -24.80 55.05 -0.02
CA GLU B 191 -24.91 56.54 -0.20
C GLU B 191 -23.55 57.25 -0.14
N ILE B 192 -22.72 56.86 0.84
CA ILE B 192 -21.48 57.55 1.31
C ILE B 192 -20.61 57.95 0.11
N ILE B 193 -20.52 57.12 -0.95
CA ILE B 193 -19.72 57.41 -2.18
C ILE B 193 -20.42 56.93 -3.47
N THR B 194 -21.69 56.54 -3.47
CA THR B 194 -22.32 55.91 -4.67
C THR B 194 -22.31 56.90 -5.85
N THR B 195 -22.05 56.38 -7.06
CA THR B 195 -21.97 57.14 -8.34
C THR B 195 -23.22 56.90 -9.22
N ARG B 196 -24.20 56.12 -8.77
CA ARG B 196 -25.61 56.08 -9.28
C ARG B 196 -25.65 55.64 -10.74
N GLY B 197 -24.92 54.61 -11.12
CA GLY B 197 -24.98 54.02 -12.48
C GLY B 197 -24.28 54.85 -13.55
N GLN B 198 -23.64 55.98 -13.21
CA GLN B 198 -23.13 56.98 -14.19
C GLN B 198 -21.68 56.66 -14.58
N LEU B 199 -20.90 56.05 -13.68
CA LEU B 199 -19.45 55.77 -13.90
C LEU B 199 -19.31 54.61 -14.89
N SER B 200 -20.16 53.57 -14.78
CA SER B 200 -20.07 52.28 -15.53
C SER B 200 -19.91 52.53 -17.04
N PRO B 201 -20.85 53.24 -17.71
CA PRO B 201 -20.80 53.43 -19.16
C PRO B 201 -19.55 54.12 -19.74
N VAL B 202 -18.83 54.92 -18.92
CA VAL B 202 -17.62 55.70 -19.32
C VAL B 202 -16.49 54.72 -19.67
N VAL B 203 -15.91 54.86 -20.87
CA VAL B 203 -14.62 54.20 -21.25
C VAL B 203 -13.51 55.08 -20.68
N PRO B 204 -12.66 54.56 -19.76
CA PRO B 204 -11.57 55.35 -19.21
C PRO B 204 -10.36 55.42 -20.15
N LYS B 205 -9.66 56.57 -20.10
CA LYS B 205 -8.33 56.80 -20.73
C LYS B 205 -7.31 56.09 -19.84
N VAL B 206 -6.61 55.09 -20.38
CA VAL B 206 -5.64 54.19 -19.69
C VAL B 206 -4.29 54.34 -20.40
N ARG B 207 -3.20 54.41 -19.66
CA ARG B 207 -1.83 54.53 -20.24
C ARG B 207 -0.91 53.62 -19.43
N GLU B 208 -0.22 52.70 -20.11
CA GLU B 208 1.01 52.03 -19.61
C GLU B 208 2.17 53.04 -19.72
N ARG B 209 2.99 53.15 -18.67
CA ARG B 209 4.25 53.93 -18.66
C ARG B 209 5.35 53.06 -18.01
N ASP B 210 6.60 53.48 -18.17
CA ASP B 210 7.81 52.83 -17.61
C ASP B 210 7.74 52.81 -16.07
N THR B 211 7.20 53.85 -15.42
CA THR B 211 7.05 53.94 -13.95
C THR B 211 5.73 53.29 -13.54
N HIS B 212 4.60 53.84 -14.00
CA HIS B 212 3.23 53.54 -13.50
C HIS B 212 2.32 53.02 -14.63
N ILE B 213 1.09 52.63 -14.26
CA ILE B 213 -0.09 52.42 -15.16
C ILE B 213 -1.23 53.34 -14.71
N SER B 214 -1.55 54.38 -15.48
CA SER B 214 -2.62 55.37 -15.17
C SER B 214 -3.97 54.89 -15.73
N ALA B 215 -5.08 55.41 -15.17
CA ALA B 215 -6.44 55.30 -15.74
C ALA B 215 -7.33 56.47 -15.25
N ARG B 216 -7.96 57.21 -16.16
CA ARG B 216 -8.82 58.39 -15.85
C ARG B 216 -10.26 58.15 -16.30
N TRP B 217 -11.21 58.17 -15.37
CA TRP B 217 -12.68 58.27 -15.60
C TRP B 217 -13.07 59.73 -15.36
N GLU B 218 -13.80 60.33 -16.31
CA GLU B 218 -14.57 61.58 -16.06
C GLU B 218 -16.07 61.29 -16.27
N TRP B 219 -16.96 61.96 -15.54
CA TRP B 219 -18.44 61.91 -15.75
C TRP B 219 -19.13 63.10 -15.08
N SER B 220 -20.48 63.06 -14.97
CA SER B 220 -21.30 63.93 -14.09
C SER B 220 -22.48 63.12 -13.52
N GLN B 221 -22.96 63.48 -12.34
CA GLN B 221 -24.15 62.87 -11.67
C GLN B 221 -24.90 63.95 -10.87
N THR B 222 -26.09 63.61 -10.36
CA THR B 222 -26.96 64.50 -9.54
C THR B 222 -27.64 63.65 -8.45
N PRO B 223 -27.45 63.90 -7.14
CA PRO B 223 -26.45 64.85 -6.62
C PRO B 223 -25.03 64.36 -6.88
N ALA B 224 -24.06 65.25 -6.65
CA ALA B 224 -22.62 64.92 -6.50
C ALA B 224 -22.47 63.83 -5.42
N MET B 225 -21.38 63.05 -5.50
CA MET B 225 -21.00 62.01 -4.51
C MET B 225 -21.06 62.63 -3.11
N MET B 226 -21.76 62.01 -2.15
CA MET B 226 -22.04 62.54 -0.78
C MET B 226 -20.76 63.06 -0.10
N ILE B 227 -19.65 62.33 -0.24
CA ILE B 227 -18.27 62.69 0.23
C ILE B 227 -17.89 64.16 -0.09
N PHE B 228 -18.36 64.74 -1.22
CA PHE B 228 -18.05 66.13 -1.66
C PHE B 228 -19.27 67.07 -1.65
N ALA B 229 -20.49 66.55 -1.80
CA ALA B 229 -21.71 67.33 -2.19
C ALA B 229 -21.93 68.53 -1.26
N PRO B 230 -21.91 68.38 0.10
CA PRO B 230 -22.20 69.50 1.01
C PRO B 230 -21.26 70.71 0.85
N PHE B 231 -20.00 70.46 0.50
CA PHE B 231 -18.95 71.51 0.30
C PHE B 231 -19.04 72.15 -1.10
N LEU B 232 -19.91 71.66 -2.00
CA LEU B 232 -20.09 72.25 -3.35
C LEU B 232 -20.93 73.52 -3.28
N PRO B 233 -20.91 74.38 -4.35
CA PRO B 233 -21.80 75.54 -4.45
C PRO B 233 -23.26 75.21 -4.17
N ARG B 234 -23.85 74.24 -4.89
CA ARG B 234 -25.24 73.74 -4.69
C ARG B 234 -25.17 72.24 -4.44
N PRO B 235 -25.29 71.75 -3.17
CA PRO B 235 -25.21 70.32 -2.87
C PRO B 235 -26.13 69.40 -3.69
N GLU B 236 -27.42 69.75 -3.77
CA GLU B 236 -28.51 69.04 -4.51
C GLU B 236 -28.20 68.95 -6.01
N ASP B 237 -27.57 69.99 -6.58
CA ASP B 237 -27.40 70.13 -8.06
C ASP B 237 -26.27 69.22 -8.57
N ALA B 238 -26.23 69.03 -9.90
CA ALA B 238 -25.27 68.17 -10.64
C ALA B 238 -23.85 68.71 -10.48
N ALA B 239 -22.84 67.83 -10.66
CA ALA B 239 -21.41 68.18 -10.61
C ALA B 239 -20.57 67.22 -11.48
N ARG B 240 -19.64 67.75 -12.29
CA ARG B 240 -18.60 66.96 -13.02
C ARG B 240 -17.61 66.36 -12.01
N HIS B 241 -17.29 65.07 -12.15
CA HIS B 241 -16.33 64.32 -11.31
C HIS B 241 -15.19 63.74 -12.17
N TYR B 242 -14.03 63.53 -11.55
CA TYR B 242 -12.80 62.95 -12.18
C TYR B 242 -12.22 61.90 -11.24
N PHE B 243 -11.85 60.73 -11.76
CA PHE B 243 -11.06 59.68 -11.06
C PHE B 243 -9.76 59.48 -11.84
N ASP B 244 -8.65 60.09 -11.41
CA ASP B 244 -7.30 59.74 -11.91
C ASP B 244 -6.63 58.82 -10.88
N ILE B 245 -6.25 57.62 -11.31
CA ILE B 245 -5.54 56.58 -10.49
C ILE B 245 -4.23 56.27 -11.21
N SER B 246 -3.23 55.77 -10.48
CA SER B 246 -1.98 55.20 -11.07
C SER B 246 -1.45 54.06 -10.18
N TRP B 247 -1.33 52.85 -10.71
CA TRP B 247 -0.68 51.70 -10.03
C TRP B 247 0.84 51.87 -10.11
N THR B 248 1.53 51.67 -9.00
CA THR B 248 3.01 51.51 -8.93
C THR B 248 3.28 50.20 -8.21
N ALA B 249 4.37 49.51 -8.56
CA ALA B 249 4.79 48.24 -7.91
C ALA B 249 5.10 48.48 -6.43
N PRO B 250 4.89 47.53 -5.50
CA PRO B 250 4.27 46.22 -5.79
C PRO B 250 2.73 46.22 -5.77
N ALA B 251 2.07 47.12 -5.02
CA ALA B 251 0.62 47.08 -4.80
C ALA B 251 0.01 48.45 -4.42
N ASN B 252 0.58 49.55 -4.93
CA ASN B 252 0.22 50.93 -4.54
C ASN B 252 -0.61 51.56 -5.66
N ILE B 253 -1.72 52.26 -5.33
CA ILE B 253 -2.65 52.94 -6.28
C ILE B 253 -3.10 54.31 -5.71
N GLN B 254 -2.85 55.44 -6.42
CA GLN B 254 -2.88 56.83 -5.82
C GLN B 254 -4.10 57.64 -6.27
N LEU B 255 -5.29 57.03 -6.21
CA LEU B 255 -6.65 57.59 -6.62
C LEU B 255 -6.85 59.06 -6.19
N SER B 256 -6.88 59.98 -7.16
CA SER B 256 -7.20 61.43 -7.01
C SER B 256 -8.62 61.65 -7.54
N VAL B 257 -9.47 62.36 -6.76
CA VAL B 257 -10.94 62.44 -6.98
C VAL B 257 -11.49 63.77 -6.48
N GLY B 258 -12.61 64.22 -7.04
CA GLY B 258 -13.22 65.51 -6.69
C GLY B 258 -14.34 65.91 -7.62
N ALA B 259 -15.09 66.95 -7.22
CA ALA B 259 -16.30 67.45 -7.89
C ALA B 259 -16.16 68.96 -8.10
N VAL B 260 -16.30 69.44 -9.35
CA VAL B 260 -16.43 70.89 -9.70
C VAL B 260 -17.90 71.14 -10.05
N GLN B 261 -18.41 72.35 -9.75
CA GLN B 261 -19.68 72.90 -10.29
C GLN B 261 -19.35 74.17 -11.10
N ASP B 262 -20.15 74.45 -12.14
CA ASP B 262 -20.08 75.70 -12.96
C ASP B 262 -18.80 75.72 -13.82
N SER B 263 -17.61 75.81 -13.20
CA SER B 263 -16.30 75.89 -13.88
C SER B 263 -16.03 74.65 -14.78
N ASP B 264 -15.29 74.87 -15.88
CA ASP B 264 -14.79 73.80 -16.80
C ASP B 264 -13.49 73.23 -16.25
N ASP B 265 -12.52 74.12 -16.00
CA ASP B 265 -11.30 73.93 -15.16
C ASP B 265 -11.69 73.13 -13.90
N PHE B 266 -11.19 71.89 -13.76
CA PHE B 266 -11.37 71.04 -12.54
C PHE B 266 -10.60 71.63 -11.34
N GLY B 267 -9.62 72.51 -11.57
CA GLY B 267 -8.82 73.26 -10.56
C GLY B 267 -9.60 73.74 -9.35
N ASP B 268 -10.88 74.11 -9.48
CA ASP B 268 -11.75 74.62 -8.37
C ASP B 268 -12.39 73.48 -7.54
N ALA B 269 -12.28 72.21 -7.96
CA ALA B 269 -13.07 71.08 -7.46
C ALA B 269 -12.87 70.85 -5.97
N THR B 270 -13.94 70.53 -5.23
CA THR B 270 -13.91 69.90 -3.88
C THR B 270 -13.26 68.51 -4.02
N SER B 271 -11.93 68.45 -3.98
CA SER B 271 -11.10 67.27 -4.37
C SER B 271 -10.35 66.66 -3.17
N GLN B 272 -9.30 65.85 -3.42
CA GLN B 272 -8.85 64.74 -2.52
C GLN B 272 -7.69 63.97 -3.16
N TYR B 273 -6.65 63.61 -2.38
CA TYR B 273 -5.55 62.68 -2.80
C TYR B 273 -5.56 61.46 -1.88
N ASP B 274 -5.98 60.31 -2.43
CA ASP B 274 -5.99 58.99 -1.74
C ASP B 274 -4.79 58.14 -2.18
N LEU B 275 -4.41 57.21 -1.30
CA LEU B 275 -3.46 56.09 -1.56
C LEU B 275 -4.07 54.80 -1.01
N HIS B 276 -4.46 53.90 -1.90
CA HIS B 276 -4.73 52.47 -1.63
C HIS B 276 -3.36 51.77 -1.79
N THR B 277 -2.84 51.12 -0.74
CA THR B 277 -1.67 50.20 -0.83
C THR B 277 -2.03 48.89 -0.10
N CYS B 278 -1.54 47.76 -0.64
CA CYS B 278 -1.61 46.41 -0.04
C CYS B 278 -0.20 45.89 0.30
N THR B 279 -0.19 44.83 1.12
CA THR B 279 1.00 44.21 1.75
C THR B 279 0.59 42.81 2.18
N PRO B 280 0.88 41.73 1.41
CA PRO B 280 0.32 40.42 1.70
C PRO B 280 0.85 39.84 3.02
N GLU B 281 -0.06 39.29 3.84
CA GLU B 281 0.25 38.58 5.10
C GLU B 281 0.80 37.20 4.74
N ASP B 282 0.06 36.48 3.89
CA ASP B 282 0.53 35.31 3.09
C ASP B 282 -0.39 35.23 1.86
N ALA B 283 -0.27 34.18 1.04
CA ALA B 283 -1.04 33.96 -0.21
C ALA B 283 -2.41 34.63 -0.12
N PHE B 284 -3.28 34.17 0.80
CA PHE B 284 -4.72 34.50 0.84
C PHE B 284 -5.10 35.25 2.13
N LYS B 285 -4.21 36.10 2.60
CA LYS B 285 -4.52 37.22 3.55
C LYS B 285 -3.77 38.47 3.05
N THR B 286 -4.31 39.66 3.31
CA THR B 286 -3.75 40.93 2.79
C THR B 286 -4.01 42.07 3.78
N HIS B 287 -2.93 42.78 4.14
CA HIS B 287 -2.94 44.07 4.90
C HIS B 287 -3.23 45.18 3.91
N TYR B 288 -4.40 45.80 4.01
CA TYR B 288 -4.92 46.85 3.09
C TYR B 288 -4.92 48.17 3.86
N PHE B 289 -4.05 49.08 3.47
CA PHE B 289 -3.91 50.44 4.05
C PHE B 289 -4.48 51.46 3.06
N PHE B 290 -5.19 52.45 3.60
CA PHE B 290 -5.76 53.61 2.87
C PHE B 290 -5.35 54.90 3.57
N ALA B 291 -5.03 55.93 2.78
CA ALA B 291 -4.86 57.34 3.24
C ALA B 291 -5.61 58.26 2.28
N THR B 292 -6.56 59.07 2.79
CA THR B 292 -7.08 60.30 2.15
C THR B 292 -6.17 61.48 2.48
N ARG B 293 -6.19 62.54 1.65
CA ARG B 293 -5.85 63.93 2.06
C ARG B 293 -6.75 64.91 1.29
N ARG B 294 -7.82 65.37 1.94
CA ARG B 294 -8.82 66.30 1.37
C ARG B 294 -8.25 67.72 1.21
N ASN B 295 -8.77 68.49 0.26
CA ASN B 295 -8.37 69.89 -0.02
C ASN B 295 -9.37 70.88 0.62
N HIS B 296 -10.44 70.40 1.27
CA HIS B 296 -11.56 71.24 1.78
C HIS B 296 -11.57 71.20 3.31
N ILE B 297 -12.05 72.28 3.98
CA ILE B 297 -12.10 72.49 5.46
C ILE B 297 -10.87 71.83 6.13
N VAL B 298 -9.66 72.19 5.66
CA VAL B 298 -8.39 71.43 5.92
C VAL B 298 -8.09 71.37 7.43
N ASP B 299 -8.51 72.37 8.22
CA ASP B 299 -8.17 72.46 9.68
C ASP B 299 -9.01 71.48 10.53
N ASP B 300 -10.25 71.18 10.17
CA ASP B 300 -11.25 70.53 11.07
C ASP B 300 -10.92 69.05 11.27
N ALA B 301 -10.19 68.71 12.35
CA ALA B 301 -9.85 67.32 12.74
C ALA B 301 -11.09 66.61 13.31
N ASP B 302 -12.04 67.34 13.88
CA ASP B 302 -13.33 66.78 14.37
C ASP B 302 -14.04 66.07 13.22
N TYR B 303 -14.07 66.70 12.04
CA TYR B 303 -14.64 66.15 10.77
C TYR B 303 -13.68 65.10 10.18
N ASN B 304 -12.36 65.35 10.20
CA ASN B 304 -11.36 64.46 9.55
C ASN B 304 -11.52 63.01 10.01
N ARG B 305 -11.67 62.84 11.33
CA ARG B 305 -11.97 61.53 11.98
C ARG B 305 -13.31 61.01 11.43
N LYS B 306 -14.35 61.85 11.41
CA LYS B 306 -15.72 61.48 10.95
C LYS B 306 -15.69 61.01 9.49
N LYS B 307 -14.82 61.59 8.65
CA LYS B 307 -14.61 61.13 7.25
C LYS B 307 -13.92 59.76 7.24
N ILE B 308 -12.65 59.70 7.66
CA ILE B 308 -11.78 58.49 7.58
C ILE B 308 -12.47 57.28 8.24
N GLU B 309 -13.29 57.49 9.29
CA GLU B 309 -14.15 56.42 9.89
C GLU B 309 -15.23 55.98 8.89
N ALA B 310 -15.95 56.93 8.30
CA ALA B 310 -17.02 56.68 7.30
C ALA B 310 -16.46 56.22 5.95
N MET B 311 -15.15 56.41 5.70
CA MET B 311 -14.42 55.81 4.55
C MET B 311 -14.16 54.33 4.81
N HIS B 312 -13.48 54.03 5.92
CA HIS B 312 -13.17 52.65 6.38
C HIS B 312 -14.46 51.84 6.33
N ALA B 313 -15.51 52.33 6.98
CA ALA B 313 -16.91 51.81 6.91
C ALA B 313 -17.20 51.30 5.49
N ALA B 314 -17.21 52.21 4.51
CA ALA B 314 -17.56 51.93 3.09
C ALA B 314 -16.73 50.74 2.56
N PHE B 315 -15.41 50.75 2.75
CA PHE B 315 -14.51 49.68 2.24
C PHE B 315 -14.78 48.37 2.98
N GLU B 316 -14.71 48.39 4.31
CA GLU B 316 -14.79 47.20 5.20
C GLU B 316 -16.19 46.56 5.09
N THR B 317 -17.26 47.36 5.06
CA THR B 317 -18.65 46.85 5.15
C THR B 317 -19.26 46.56 3.76
N GLU B 318 -18.88 47.31 2.71
CA GLU B 318 -19.51 47.18 1.36
C GLU B 318 -18.56 46.49 0.38
N ASP B 319 -17.29 46.92 0.29
CA ASP B 319 -16.26 46.29 -0.61
C ASP B 319 -15.75 44.97 -0.02
N GLY B 320 -15.31 45.02 1.24
CA GLY B 320 -14.83 43.87 2.04
C GLY B 320 -15.57 42.59 1.70
N PRO B 321 -16.89 42.49 2.02
CA PRO B 321 -17.65 41.25 1.85
C PRO B 321 -17.73 40.65 0.44
N ILE B 322 -17.75 41.49 -0.62
CA ILE B 322 -17.80 41.00 -2.03
C ILE B 322 -16.45 40.36 -2.39
N ILE B 323 -15.35 41.06 -2.09
CA ILE B 323 -13.97 40.62 -2.47
C ILE B 323 -13.65 39.30 -1.74
N THR B 324 -13.98 39.23 -0.44
CA THR B 324 -13.88 38.00 0.39
C THR B 324 -14.81 36.92 -0.18
N ALA B 325 -16.06 37.23 -0.50
CA ALA B 325 -17.03 36.26 -1.11
C ALA B 325 -16.40 35.67 -2.38
N VAL B 326 -15.87 36.54 -3.25
CA VAL B 326 -15.24 36.14 -4.53
C VAL B 326 -14.13 35.14 -4.20
N GLN B 327 -13.16 35.58 -3.39
CA GLN B 327 -12.00 34.75 -2.96
C GLN B 327 -12.49 33.33 -2.62
N GLU B 328 -13.53 33.20 -1.77
CA GLU B 328 -14.11 31.88 -1.36
C GLU B 328 -14.56 31.11 -2.61
N GLU B 329 -15.38 31.74 -3.46
CA GLU B 329 -15.89 31.12 -4.72
C GLU B 329 -14.71 30.73 -5.62
N MET B 330 -13.63 31.53 -5.68
CA MET B 330 -12.44 31.25 -6.50
C MET B 330 -11.64 30.07 -5.96
N GLY B 331 -11.70 29.79 -4.65
CA GLY B 331 -10.77 28.89 -3.96
C GLY B 331 -9.32 29.34 -4.13
N GLU B 332 -8.38 28.40 -4.23
CA GLU B 332 -6.94 28.69 -4.29
C GLU B 332 -6.49 28.95 -5.73
N ALA B 333 -7.37 28.79 -6.73
CA ALA B 333 -7.00 28.74 -8.16
C ALA B 333 -6.68 30.13 -8.68
N GLU B 334 -5.61 30.25 -9.48
CA GLU B 334 -5.06 31.51 -10.03
C GLU B 334 -6.13 32.15 -10.93
N PHE B 335 -6.33 33.47 -10.77
CA PHE B 335 -7.42 34.26 -11.41
C PHE B 335 -7.64 33.89 -12.87
N PHE B 336 -6.65 34.19 -13.71
CA PHE B 336 -6.67 33.95 -15.18
C PHE B 336 -6.92 32.47 -15.49
N SER B 337 -6.40 31.55 -14.68
CA SER B 337 -6.60 30.07 -14.81
C SER B 337 -8.09 29.74 -14.91
N LEU B 338 -8.95 30.48 -14.19
CA LEU B 338 -10.42 30.22 -14.18
C LEU B 338 -11.14 30.78 -15.44
N ASP B 339 -10.41 31.36 -16.41
CA ASP B 339 -10.94 31.87 -17.72
C ASP B 339 -12.01 32.91 -17.44
N PRO B 340 -11.70 34.01 -16.72
CA PRO B 340 -12.67 35.08 -16.47
C PRO B 340 -13.07 35.75 -17.80
N VAL B 341 -14.34 36.15 -17.88
CA VAL B 341 -14.91 36.83 -19.09
C VAL B 341 -14.63 38.33 -18.93
N LEU B 342 -13.44 38.76 -19.40
CA LEU B 342 -12.90 40.13 -19.25
C LEU B 342 -13.52 41.04 -20.30
N MET B 343 -13.68 42.34 -19.99
CA MET B 343 -14.60 43.28 -20.66
C MET B 343 -13.99 44.70 -20.72
N SER B 344 -14.78 45.70 -21.15
CA SER B 344 -14.39 47.13 -21.32
C SER B 344 -13.67 47.64 -20.07
N ASN B 345 -14.25 47.41 -18.89
CA ASN B 345 -13.77 47.96 -17.59
C ASN B 345 -12.59 47.17 -16.99
N ASP B 346 -12.18 46.02 -17.56
CA ASP B 346 -11.10 45.13 -17.01
C ASP B 346 -9.73 45.38 -17.68
N VAL B 347 -9.54 46.46 -18.45
CA VAL B 347 -8.32 46.65 -19.28
C VAL B 347 -7.16 47.05 -18.37
N ALA B 348 -7.34 48.13 -17.61
CA ALA B 348 -6.40 48.60 -16.55
C ALA B 348 -6.02 47.47 -15.60
N PRO B 349 -6.98 46.84 -14.86
CA PRO B 349 -6.63 45.82 -13.87
C PRO B 349 -5.90 44.57 -14.39
N VAL B 350 -6.04 44.25 -15.68
CA VAL B 350 -5.29 43.16 -16.36
C VAL B 350 -3.86 43.64 -16.60
N LYS B 351 -3.68 44.77 -17.31
CA LYS B 351 -2.36 45.38 -17.61
C LYS B 351 -1.49 45.35 -16.35
N VAL B 352 -2.07 45.72 -15.19
CA VAL B 352 -1.43 45.66 -13.85
C VAL B 352 -0.96 44.22 -13.60
N ARG B 353 -1.89 43.29 -13.38
CA ARG B 353 -1.61 41.85 -13.03
C ARG B 353 -0.48 41.32 -13.92
N ARG B 354 -0.52 41.61 -15.22
CA ARG B 354 0.49 41.16 -16.22
C ARG B 354 1.85 41.85 -15.96
N ARG B 355 1.85 43.16 -15.73
CA ARG B 355 3.10 43.96 -15.48
C ARG B 355 3.78 43.41 -14.21
N LEU B 356 3.02 43.34 -13.11
CA LEU B 356 3.42 42.73 -11.81
C LEU B 356 3.96 41.31 -12.04
N ARG B 357 3.25 40.48 -12.82
CA ARG B 357 3.69 39.11 -13.19
C ARG B 357 5.06 39.18 -13.87
N ARG B 358 5.17 40.00 -14.92
CA ARG B 358 6.41 40.17 -15.71
C ARG B 358 7.54 40.60 -14.76
N MET B 359 7.29 41.62 -13.93
CA MET B 359 8.25 42.17 -12.93
C MET B 359 8.73 41.05 -11.99
N ILE B 360 7.84 40.20 -11.48
CA ILE B 360 8.17 39.12 -10.51
C ILE B 360 9.15 38.15 -11.16
N VAL B 361 8.89 37.75 -12.41
CA VAL B 361 9.73 36.76 -13.15
C VAL B 361 11.10 37.42 -13.41
N GLU B 362 11.08 38.63 -13.99
CA GLU B 362 12.27 39.51 -14.22
C GLU B 362 13.11 39.64 -12.95
N GLU B 363 12.47 39.76 -11.79
CA GLU B 363 13.13 39.90 -10.46
C GLU B 363 13.79 38.58 -10.08
N GLN B 364 13.06 37.47 -10.15
CA GLN B 364 13.58 36.08 -9.93
C GLN B 364 14.78 35.78 -10.86
N ALA B 365 14.75 36.29 -12.09
CA ALA B 365 15.87 36.17 -13.04
C ALA B 365 17.13 36.83 -12.44
N ALA B 366 17.10 38.14 -12.26
CA ALA B 366 18.19 38.99 -11.70
C ALA B 366 18.30 38.77 -10.18
N ALA B 367 17.62 37.84 -9.54
CA ALA B 367 18.01 37.16 -8.26
C ALA B 367 19.15 36.19 -8.51
N ALA B 368 18.97 35.27 -9.47
CA ALA B 368 19.99 34.28 -9.89
C ALA B 368 21.13 34.94 -10.70
N ALA B 369 20.92 36.12 -11.29
CA ALA B 369 21.88 36.93 -12.06
C ALA B 369 22.66 37.92 -11.16
N ALA B 370 22.08 38.38 -10.05
CA ALA B 370 22.75 39.12 -8.95
C ALA B 370 23.44 38.13 -7.99
N ASP B 371 23.07 36.84 -8.04
CA ASP B 371 23.81 35.71 -7.41
C ASP B 371 25.14 35.49 -8.17
N ALA B 372 25.16 35.67 -9.49
CA ALA B 372 26.36 35.71 -10.37
C ALA B 372 27.07 37.07 -10.26
N ALA B 373 26.29 38.17 -10.36
CA ALA B 373 26.76 39.58 -10.42
C ALA B 373 26.11 40.41 -9.30
N SER C 23 -6.15 12.10 -4.90
CA SER C 23 -7.56 11.71 -5.21
C SER C 23 -8.53 12.86 -4.88
N THR C 24 -9.33 13.34 -5.83
CA THR C 24 -10.72 13.84 -5.58
C THR C 24 -11.59 12.57 -5.60
N PHE C 25 -12.50 12.42 -4.63
CA PHE C 25 -13.64 11.46 -4.61
C PHE C 25 -14.46 11.50 -5.92
N GLU C 26 -15.23 10.44 -6.15
CA GLU C 26 -16.02 10.21 -7.41
C GLU C 26 -17.48 9.86 -7.02
N CYS C 27 -18.43 10.70 -7.41
CA CYS C 27 -19.90 10.44 -7.34
C CYS C 27 -20.42 10.09 -8.73
N LEU C 28 -21.59 9.43 -8.77
CA LEU C 28 -22.35 9.22 -10.02
C LEU C 28 -22.76 10.59 -10.54
N LYS C 29 -22.52 10.85 -11.86
CA LYS C 29 -23.04 12.06 -12.56
C LYS C 29 -24.17 11.35 -13.26
N ARG C 30 -24.94 11.96 -14.18
CA ARG C 30 -26.00 11.25 -14.97
C ARG C 30 -26.93 10.49 -14.01
N ALA C 31 -27.35 11.15 -12.95
CA ALA C 31 -28.46 10.75 -12.07
C ALA C 31 -28.97 12.00 -11.35
N TRP C 32 -30.19 11.86 -10.80
CA TRP C 32 -30.94 12.97 -10.14
C TRP C 32 -30.67 12.93 -8.64
N TYR C 33 -30.05 14.00 -8.11
CA TYR C 33 -29.81 14.26 -6.67
C TYR C 33 -30.84 15.28 -6.18
N VAL C 34 -31.34 15.15 -4.95
CA VAL C 34 -32.23 16.22 -4.37
C VAL C 34 -31.39 17.44 -4.01
N ALA C 35 -31.65 18.57 -4.66
CA ALA C 35 -30.91 19.84 -4.47
C ALA C 35 -31.50 20.64 -3.32
N ALA C 36 -32.82 20.57 -3.11
CA ALA C 36 -33.57 21.37 -2.13
C ALA C 36 -35.01 20.89 -2.02
N MET C 37 -35.59 21.04 -0.83
CA MET C 37 -37.04 20.88 -0.61
C MET C 37 -37.74 21.96 -1.42
N SER C 38 -38.88 21.63 -2.05
CA SER C 38 -39.73 22.60 -2.79
C SER C 38 -39.91 23.86 -1.90
N SER C 39 -40.17 23.66 -0.60
CA SER C 39 -40.36 24.73 0.42
C SER C 39 -39.19 25.72 0.50
N GLU C 40 -37.96 25.34 0.13
CA GLU C 40 -36.73 26.15 0.37
C GLU C 40 -36.56 27.31 -0.62
N VAL C 41 -37.40 27.42 -1.67
CA VAL C 41 -37.28 28.48 -2.71
C VAL C 41 -38.58 29.33 -2.71
N GLU C 42 -38.52 30.51 -2.07
CA GLU C 42 -39.68 31.39 -1.74
C GLU C 42 -39.83 32.46 -2.82
N GLY C 43 -40.35 32.08 -4.00
CA GLY C 43 -40.57 32.98 -5.16
C GLY C 43 -39.41 33.90 -5.42
N GLU C 44 -39.42 35.07 -4.74
CA GLU C 44 -38.47 36.22 -4.86
C GLU C 44 -37.04 35.80 -4.41
N ALA C 45 -36.92 35.04 -3.32
CA ALA C 45 -35.66 34.54 -2.72
C ALA C 45 -34.67 34.01 -3.78
N LEU C 46 -33.39 34.31 -3.60
CA LEU C 46 -32.24 33.71 -4.32
C LEU C 46 -31.58 32.68 -3.41
N PHE C 47 -32.09 31.45 -3.40
CA PHE C 47 -31.52 30.26 -2.70
C PHE C 47 -30.16 29.92 -3.30
N HIS C 48 -29.15 29.65 -2.45
CA HIS C 48 -27.81 29.13 -2.84
C HIS C 48 -27.51 27.84 -2.07
N ARG C 49 -26.82 26.87 -2.68
CA ARG C 49 -26.36 25.65 -1.98
C ARG C 49 -25.21 24.97 -2.75
N ARG C 50 -24.25 24.42 -2.01
CA ARG C 50 -23.12 23.64 -2.59
C ARG C 50 -23.60 22.21 -2.84
N ILE C 51 -23.42 21.70 -4.06
CA ILE C 51 -23.91 20.38 -4.54
C ILE C 51 -22.82 19.72 -5.39
N LEU C 52 -22.38 18.50 -5.03
CA LEU C 52 -21.27 17.74 -5.66
C LEU C 52 -20.10 18.71 -5.88
N GLY C 53 -19.72 19.45 -4.83
CA GLY C 53 -18.62 20.44 -4.84
C GLY C 53 -18.79 21.56 -5.85
N THR C 54 -20.03 21.95 -6.14
CA THR C 54 -20.39 23.04 -7.10
C THR C 54 -21.30 24.03 -6.41
N SER C 55 -20.96 25.32 -6.47
CA SER C 55 -21.86 26.41 -6.00
C SER C 55 -23.05 26.44 -6.96
N VAL C 56 -24.27 26.39 -6.43
CA VAL C 56 -25.55 26.33 -7.19
C VAL C 56 -26.51 27.36 -6.63
N MET C 57 -27.01 28.25 -7.48
CA MET C 57 -28.14 29.17 -7.19
C MET C 57 -29.44 28.55 -7.74
N ILE C 58 -30.52 28.74 -6.99
CA ILE C 58 -31.91 28.41 -7.43
C ILE C 58 -32.80 29.62 -7.14
N TYR C 59 -33.79 29.86 -7.99
CA TYR C 59 -34.90 30.83 -7.78
C TYR C 59 -36.08 30.39 -8.64
N ARG C 60 -37.29 30.81 -8.28
CA ARG C 60 -38.52 30.63 -9.11
C ARG C 60 -38.68 31.87 -9.97
N LEU C 61 -39.46 31.73 -11.04
CA LEU C 61 -39.79 32.83 -11.99
C LEU C 61 -41.16 33.35 -11.60
N ALA C 62 -41.74 34.25 -12.41
CA ALA C 62 -43.13 34.74 -12.24
C ALA C 62 -44.06 33.52 -12.11
N ASP C 63 -43.99 32.60 -13.07
CA ASP C 63 -44.93 31.47 -13.24
C ASP C 63 -44.55 30.27 -12.36
N GLY C 64 -43.81 30.47 -11.26
CA GLY C 64 -43.43 29.42 -10.30
C GLY C 64 -42.25 28.57 -10.76
N THR C 65 -41.80 28.71 -12.02
CA THR C 65 -40.90 27.74 -12.69
C THR C 65 -39.52 27.82 -12.03
N PRO C 66 -39.02 26.75 -11.38
CA PRO C 66 -37.75 26.80 -10.66
C PRO C 66 -36.57 26.69 -11.64
N VAL C 67 -35.49 27.41 -11.35
CA VAL C 67 -34.30 27.55 -12.25
C VAL C 67 -33.05 27.32 -11.40
N ALA C 68 -32.07 26.57 -11.93
CA ALA C 68 -30.79 26.25 -11.27
C ALA C 68 -29.63 26.70 -12.17
N MET C 69 -28.67 27.44 -11.57
CA MET C 69 -27.49 28.04 -12.25
C MET C 69 -26.25 27.85 -11.38
N HIS C 70 -25.06 27.83 -11.99
CA HIS C 70 -23.76 27.89 -11.28
C HIS C 70 -23.71 29.25 -10.55
N ASP C 71 -23.79 29.27 -9.22
CA ASP C 71 -23.82 30.51 -8.38
C ASP C 71 -22.43 31.17 -8.48
N ARG C 72 -22.14 31.79 -9.62
CA ARG C 72 -20.78 32.26 -10.00
C ARG C 72 -20.82 33.06 -11.30
N CYS C 73 -20.80 34.38 -11.19
CA CYS C 73 -20.73 35.31 -12.35
C CYS C 73 -19.43 35.05 -13.09
N PRO C 74 -19.45 34.78 -14.42
CA PRO C 74 -18.22 34.41 -15.14
C PRO C 74 -17.24 35.56 -15.41
N HIS C 75 -17.61 36.81 -15.09
CA HIS C 75 -16.74 38.01 -15.15
C HIS C 75 -15.57 37.86 -14.17
N ARG C 76 -15.78 38.08 -12.87
CA ARG C 76 -14.75 37.99 -11.81
C ARG C 76 -15.07 36.92 -10.75
N PHE C 77 -16.00 36.01 -11.05
CA PHE C 77 -16.36 34.82 -10.23
C PHE C 77 -17.00 35.22 -8.89
N ALA C 78 -17.64 36.38 -8.82
CA ALA C 78 -18.55 36.75 -7.71
C ALA C 78 -19.72 35.77 -7.69
N PRO C 79 -20.18 35.25 -6.52
CA PRO C 79 -21.45 34.53 -6.47
C PRO C 79 -22.65 35.43 -6.86
N LEU C 80 -23.61 34.83 -7.54
CA LEU C 80 -24.77 35.54 -8.13
C LEU C 80 -25.87 35.72 -7.08
N HIS C 81 -26.07 34.77 -6.18
CA HIS C 81 -27.06 34.84 -5.05
C HIS C 81 -26.88 36.14 -4.27
N LEU C 82 -25.63 36.65 -4.17
CA LEU C 82 -25.29 37.93 -3.50
C LEU C 82 -25.85 39.12 -4.29
N GLY C 83 -25.87 38.99 -5.63
CA GLY C 83 -26.58 39.87 -6.57
C GLY C 83 -28.00 40.25 -6.22
N GLN C 84 -28.52 41.28 -6.89
CA GLN C 84 -29.92 41.76 -6.79
C GLN C 84 -30.73 41.19 -7.96
N ARG C 85 -31.95 40.70 -7.68
CA ARG C 85 -32.89 40.06 -8.67
C ARG C 85 -33.63 41.17 -9.44
N GLU C 86 -33.89 40.95 -10.73
CA GLU C 86 -34.47 41.97 -11.69
C GLU C 86 -35.53 41.28 -12.55
N GLY C 87 -36.69 41.01 -11.96
CA GLY C 87 -37.82 40.27 -12.56
C GLY C 87 -37.52 38.79 -12.59
N ASP C 88 -37.24 38.28 -13.80
CA ASP C 88 -36.84 36.87 -14.05
C ASP C 88 -35.37 36.83 -14.49
N GLU C 89 -34.60 37.86 -14.11
CA GLU C 89 -33.14 37.97 -14.35
C GLU C 89 -32.47 38.27 -13.01
N ILE C 90 -31.18 37.93 -12.90
CA ILE C 90 -30.31 38.24 -11.71
C ILE C 90 -29.16 39.11 -12.19
N ALA C 91 -28.91 40.26 -11.54
CA ALA C 91 -27.73 41.13 -11.75
C ALA C 91 -26.73 40.87 -10.65
N CYS C 92 -25.47 40.58 -10.99
CA CYS C 92 -24.37 40.26 -10.06
C CYS C 92 -23.98 41.52 -9.30
N ARG C 93 -23.79 41.42 -7.97
CA ARG C 93 -23.78 42.66 -7.11
C ARG C 93 -22.49 43.43 -7.33
N TYR C 94 -21.47 42.79 -7.93
CA TYR C 94 -20.13 43.40 -8.17
C TYR C 94 -20.25 44.44 -9.30
N HIS C 95 -20.30 44.04 -10.58
CA HIS C 95 -20.32 44.99 -11.74
C HIS C 95 -21.61 44.86 -12.59
N ALA C 96 -22.64 44.16 -12.10
CA ALA C 96 -24.06 44.30 -12.51
C ALA C 96 -24.36 43.74 -13.91
N LEU C 97 -23.56 42.76 -14.38
CA LEU C 97 -23.98 41.89 -15.51
C LEU C 97 -25.25 41.15 -15.11
N ARG C 98 -26.32 41.25 -15.90
CA ARG C 98 -27.58 40.49 -15.73
C ARG C 98 -27.53 39.18 -16.49
N PHE C 99 -28.26 38.17 -16.02
CA PHE C 99 -28.44 36.85 -16.68
C PHE C 99 -29.89 36.40 -16.58
N ASP C 100 -30.42 35.79 -17.65
CA ASP C 100 -31.77 35.17 -17.76
C ASP C 100 -31.74 33.80 -17.09
N ALA C 101 -32.91 33.15 -16.98
CA ALA C 101 -33.05 31.76 -16.48
C ALA C 101 -32.16 30.78 -17.25
N ASP C 102 -31.96 30.95 -18.56
CA ASP C 102 -31.06 30.10 -19.39
C ASP C 102 -29.57 30.40 -19.08
N GLY C 103 -29.28 31.50 -18.39
CA GLY C 103 -27.93 31.83 -17.92
C GLY C 103 -27.05 32.44 -19.01
N ARG C 104 -27.65 32.95 -20.11
CA ARG C 104 -26.99 33.87 -21.04
C ARG C 104 -27.12 35.29 -20.46
N CYS C 105 -26.12 36.13 -20.70
CA CYS C 105 -26.07 37.53 -20.21
C CYS C 105 -27.03 38.38 -21.03
N THR C 106 -27.95 39.10 -20.38
CA THR C 106 -29.00 39.94 -21.02
C THR C 106 -28.58 41.40 -21.10
N HIS C 107 -27.51 41.83 -20.41
CA HIS C 107 -27.13 43.26 -20.23
C HIS C 107 -25.72 43.39 -19.62
N ASN C 108 -24.85 44.16 -20.27
CA ASN C 108 -23.57 44.71 -19.73
C ASN C 108 -23.76 46.22 -19.67
N PRO C 109 -23.67 46.87 -18.49
CA PRO C 109 -23.84 48.33 -18.37
C PRO C 109 -22.53 49.12 -18.53
N HIS C 110 -21.40 48.46 -18.80
CA HIS C 110 -20.05 49.08 -18.97
C HIS C 110 -19.77 49.43 -20.44
N GLY C 111 -18.81 50.35 -20.62
CA GLY C 111 -18.22 50.77 -21.90
C GLY C 111 -19.24 50.90 -23.01
N ASN C 112 -18.90 50.36 -24.19
CA ASN C 112 -19.75 50.31 -25.42
C ASN C 112 -21.09 49.61 -25.15
N GLY C 113 -21.11 48.54 -24.36
CA GLY C 113 -22.32 47.83 -23.92
C GLY C 113 -22.33 46.39 -24.38
N ARG C 114 -21.54 46.08 -25.43
CA ARG C 114 -21.48 44.77 -26.14
C ARG C 114 -21.34 43.63 -25.11
N ILE C 115 -22.15 42.57 -25.28
CA ILE C 115 -22.34 41.48 -24.26
C ILE C 115 -21.69 40.21 -24.82
N PRO C 116 -20.50 39.74 -24.35
CA PRO C 116 -19.84 38.60 -25.02
C PRO C 116 -20.71 37.35 -25.01
N ASP C 117 -20.69 36.52 -26.06
CA ASP C 117 -21.34 35.16 -26.09
C ASP C 117 -20.85 34.39 -24.87
N ALA C 118 -19.55 34.50 -24.57
CA ALA C 118 -18.82 33.87 -23.45
C ALA C 118 -19.39 34.20 -22.05
N ALA C 119 -20.08 35.33 -21.84
CA ALA C 119 -20.77 35.68 -20.57
C ALA C 119 -21.99 34.76 -20.37
N ARG C 120 -21.72 33.52 -19.97
CA ARG C 120 -22.72 32.47 -19.73
C ARG C 120 -22.48 31.82 -18.37
N VAL C 121 -23.55 31.67 -17.59
CA VAL C 121 -23.59 30.76 -16.41
C VAL C 121 -24.19 29.44 -16.88
N ARG C 122 -23.61 28.33 -16.47
CA ARG C 122 -24.12 26.96 -16.81
C ARG C 122 -25.44 26.73 -16.06
N ARG C 123 -26.47 26.28 -16.79
CA ARG C 123 -27.80 25.94 -16.23
C ARG C 123 -27.86 24.45 -15.89
N PHE C 124 -28.50 24.11 -14.77
CA PHE C 124 -28.65 22.72 -14.27
C PHE C 124 -30.10 22.30 -14.46
N PRO C 125 -30.38 21.26 -15.30
CA PRO C 125 -31.73 20.73 -15.44
C PRO C 125 -32.33 20.38 -14.06
N LEU C 126 -33.51 20.93 -13.76
CA LEU C 126 -34.29 20.63 -12.54
C LEU C 126 -35.49 19.75 -12.91
N LEU C 127 -36.02 19.04 -11.92
CA LEU C 127 -37.27 18.24 -11.97
C LEU C 127 -37.96 18.37 -10.61
N GLU C 128 -39.12 19.00 -10.54
CA GLU C 128 -39.81 19.30 -9.27
C GLU C 128 -40.88 18.24 -9.02
N ARG C 129 -40.48 17.07 -8.51
CA ARG C 129 -41.38 15.97 -8.09
C ARG C 129 -41.16 15.66 -6.60
N TYR C 130 -42.19 15.09 -5.97
CA TYR C 130 -42.16 14.45 -4.62
C TYR C 130 -41.88 15.49 -3.52
N GLY C 131 -42.08 16.78 -3.82
CA GLY C 131 -41.85 17.93 -2.91
C GLY C 131 -40.38 18.30 -2.78
N PHE C 132 -39.58 17.95 -3.79
CA PHE C 132 -38.14 18.31 -3.89
C PHE C 132 -37.84 18.85 -5.29
N LEU C 133 -36.79 19.65 -5.39
CA LEU C 133 -36.15 20.05 -6.66
C LEU C 133 -35.00 19.08 -6.90
N TRP C 134 -35.16 18.16 -7.84
CA TRP C 134 -34.12 17.20 -8.29
C TRP C 134 -33.24 17.89 -9.32
N ILE C 135 -31.91 17.70 -9.25
CA ILE C 135 -30.93 18.42 -10.11
C ILE C 135 -30.06 17.41 -10.87
N TRP C 136 -29.78 17.72 -12.14
CA TRP C 136 -28.92 16.94 -13.06
C TRP C 136 -27.60 17.69 -13.20
N MET C 137 -26.52 17.17 -12.61
CA MET C 137 -25.27 17.97 -12.53
C MET C 137 -24.40 17.77 -13.77
N ASP C 138 -24.40 16.57 -14.39
CA ASP C 138 -23.55 16.20 -15.55
C ASP C 138 -23.74 17.15 -16.74
N ASP C 139 -22.69 17.29 -17.57
CA ASP C 139 -22.65 18.13 -18.79
C ASP C 139 -23.64 17.66 -19.86
N SER C 140 -24.04 16.38 -19.86
CA SER C 140 -24.99 15.81 -20.85
C SER C 140 -26.37 16.44 -20.70
N ASP C 141 -27.24 16.13 -21.66
CA ASP C 141 -28.69 16.46 -21.60
C ASP C 141 -29.30 15.60 -20.48
N PRO C 142 -30.35 16.08 -19.76
CA PRO C 142 -31.04 15.27 -18.75
C PRO C 142 -31.73 14.03 -19.34
N ASP C 143 -31.98 13.03 -18.49
CA ASP C 143 -32.76 11.80 -18.82
C ASP C 143 -33.84 11.63 -17.76
N PRO C 144 -34.94 12.41 -17.81
CA PRO C 144 -36.04 12.30 -16.85
C PRO C 144 -36.54 10.89 -16.55
N ALA C 145 -36.33 9.95 -17.47
CA ALA C 145 -36.42 8.47 -17.27
C ALA C 145 -35.80 8.08 -15.92
N LEU C 146 -34.57 8.52 -15.68
CA LEU C 146 -33.73 8.09 -14.52
C LEU C 146 -34.31 8.59 -13.19
N LEU C 147 -35.09 9.68 -13.16
CA LEU C 147 -35.76 10.14 -11.92
C LEU C 147 -36.67 8.99 -11.46
N PRO C 148 -36.37 8.30 -10.33
CA PRO C 148 -37.14 7.11 -9.96
C PRO C 148 -38.55 7.51 -9.49
N ASP C 149 -39.48 6.55 -9.52
CA ASP C 149 -40.94 6.76 -9.32
C ASP C 149 -41.30 6.64 -7.84
N PHE C 150 -41.30 7.78 -7.11
CA PHE C 150 -41.74 7.89 -5.71
C PHE C 150 -43.12 8.59 -5.66
N SER C 151 -43.97 8.30 -6.64
CA SER C 151 -45.25 9.02 -6.90
C SER C 151 -46.24 8.94 -5.71
N PRO C 152 -46.35 7.85 -4.91
CA PRO C 152 -47.32 7.82 -3.82
C PRO C 152 -47.26 9.01 -2.86
N LEU C 153 -46.10 9.68 -2.75
CA LEU C 153 -45.90 10.96 -2.00
C LEU C 153 -46.85 12.01 -2.57
N GLU C 154 -46.86 12.16 -3.91
CA GLU C 154 -47.71 13.12 -4.66
C GLU C 154 -49.20 12.76 -4.62
N GLU C 155 -49.56 11.51 -4.30
CA GLU C 155 -50.97 11.05 -4.14
C GLU C 155 -51.45 11.32 -2.70
N GLY C 156 -52.73 11.72 -2.57
CA GLY C 156 -53.46 11.82 -1.30
C GLY C 156 -53.48 13.22 -0.68
N HIS C 157 -54.29 13.40 0.38
CA HIS C 157 -54.49 14.65 1.16
C HIS C 157 -53.14 15.26 1.51
N PRO C 158 -52.85 16.55 1.16
CA PRO C 158 -51.49 17.08 1.28
C PRO C 158 -50.90 17.24 2.70
N ASN C 159 -51.67 16.97 3.76
CA ASN C 159 -51.24 17.09 5.18
C ASN C 159 -50.89 15.71 5.77
N ALA C 160 -50.60 14.72 4.93
CA ALA C 160 -50.01 13.41 5.31
C ALA C 160 -48.52 13.40 4.93
N VAL C 161 -48.24 13.83 3.69
CA VAL C 161 -46.87 14.12 3.14
C VAL C 161 -46.32 15.36 3.84
N ALA C 162 -45.01 15.33 4.17
CA ALA C 162 -44.20 16.43 4.76
C ALA C 162 -42.70 16.17 4.51
N GLN C 163 -41.88 17.21 4.34
CA GLN C 163 -40.42 17.07 4.07
C GLN C 163 -39.62 17.79 5.17
N THR C 164 -38.48 17.21 5.57
CA THR C 164 -37.45 17.87 6.39
C THR C 164 -36.07 17.69 5.72
N TYR C 165 -35.14 18.58 6.04
CA TYR C 165 -33.71 18.57 5.64
C TYR C 165 -32.82 18.51 6.89
N MET C 166 -31.74 17.73 6.83
CA MET C 166 -30.62 17.72 7.82
C MET C 166 -29.30 17.76 7.04
N HIS C 167 -28.38 18.65 7.42
CA HIS C 167 -26.95 18.66 6.98
C HIS C 167 -26.14 17.88 7.99
N MET C 168 -25.23 17.02 7.54
CA MET C 168 -24.26 16.29 8.42
C MET C 168 -22.89 16.32 7.77
N ASP C 169 -21.86 16.42 8.61
CA ASP C 169 -20.45 16.61 8.18
C ASP C 169 -19.85 15.20 8.01
N VAL C 170 -20.36 14.45 7.03
CA VAL C 170 -20.00 13.03 6.72
C VAL C 170 -20.14 12.78 5.20
N ASN C 171 -19.45 11.76 4.70
CA ASN C 171 -19.65 11.18 3.34
C ASN C 171 -21.05 10.56 3.31
N TYR C 172 -21.76 10.75 2.20
CA TYR C 172 -23.16 10.26 1.97
C TYR C 172 -23.32 8.76 2.23
N GLU C 173 -22.37 7.93 1.77
CA GLU C 173 -22.49 6.45 1.85
C GLU C 173 -22.55 5.98 3.32
N LEU C 174 -22.07 6.75 4.28
CA LEU C 174 -22.25 6.45 5.73
C LEU C 174 -23.72 6.56 6.13
N ILE C 175 -24.48 7.50 5.55
CA ILE C 175 -25.92 7.69 5.91
C ILE C 175 -26.71 6.55 5.27
N ILE C 176 -26.60 6.35 3.95
CA ILE C 176 -27.19 5.19 3.22
C ILE C 176 -26.97 3.91 4.06
N ASP C 177 -25.72 3.56 4.36
CA ASP C 177 -25.31 2.36 5.15
C ASP C 177 -26.14 2.25 6.45
N ASN C 178 -26.43 3.37 7.11
CA ASN C 178 -27.22 3.42 8.38
C ASN C 178 -28.65 2.98 8.08
N VAL C 179 -29.26 3.62 7.08
CA VAL C 179 -30.67 3.42 6.63
C VAL C 179 -30.86 2.00 6.08
N MET C 180 -29.82 1.36 5.54
CA MET C 180 -29.90 -0.01 4.97
C MET C 180 -29.69 -1.11 6.02
N ASP C 181 -29.39 -0.77 7.28
CA ASP C 181 -28.97 -1.71 8.35
C ASP C 181 -29.78 -1.36 9.62
N LEU C 182 -31.10 -1.33 9.49
CA LEU C 182 -32.07 -0.70 10.43
C LEU C 182 -32.11 -1.41 11.80
N SER C 183 -31.42 -2.55 11.97
CA SER C 183 -31.04 -3.17 13.27
C SER C 183 -30.70 -2.09 14.31
N HIS C 184 -29.95 -1.07 13.90
CA HIS C 184 -29.50 0.09 14.71
C HIS C 184 -30.65 0.67 15.55
N ILE C 185 -31.89 0.65 15.06
CA ILE C 185 -33.07 1.27 15.72
C ILE C 185 -33.30 0.65 17.11
N ASP C 186 -33.00 -0.65 17.29
CA ASP C 186 -33.10 -1.37 18.60
C ASP C 186 -32.33 -0.59 19.69
N HIS C 187 -31.10 -0.16 19.42
CA HIS C 187 -30.11 0.31 20.43
C HIS C 187 -29.83 1.83 20.32
N VAL C 188 -29.83 2.40 19.10
CA VAL C 188 -29.51 3.84 18.82
C VAL C 188 -30.64 4.74 19.34
N HIS C 189 -31.89 4.46 18.94
CA HIS C 189 -33.03 5.41 18.98
C HIS C 189 -33.80 5.29 20.29
N GLY C 190 -34.36 6.42 20.76
CA GLY C 190 -35.28 6.49 21.92
C GLY C 190 -36.72 6.23 21.52
N GLU C 191 -37.65 6.55 22.43
CA GLU C 191 -39.06 6.04 22.46
C GLU C 191 -39.79 6.22 21.12
N ILE C 192 -39.59 7.37 20.49
CA ILE C 192 -40.32 7.92 19.30
C ILE C 192 -40.50 6.81 18.24
N ILE C 193 -39.47 5.97 18.02
CA ILE C 193 -39.48 4.87 17.00
C ILE C 193 -38.77 3.59 17.49
N THR C 194 -38.44 3.43 18.78
CA THR C 194 -37.60 2.28 19.23
C THR C 194 -38.34 0.96 18.96
N THR C 195 -37.59 -0.06 18.51
CA THR C 195 -38.10 -1.41 18.18
C THR C 195 -37.73 -2.45 19.25
N ARG C 196 -37.07 -2.04 20.35
CA ARG C 196 -36.99 -2.78 21.64
C ARG C 196 -36.26 -4.13 21.47
N GLY C 197 -35.15 -4.17 20.75
CA GLY C 197 -34.32 -5.38 20.61
C GLY C 197 -34.91 -6.45 19.70
N GLN C 198 -36.06 -6.22 19.07
CA GLN C 198 -36.85 -7.26 18.33
C GLN C 198 -36.41 -7.32 16.85
N LEU C 199 -35.96 -6.19 16.28
CA LEU C 199 -35.60 -6.09 14.84
C LEU C 199 -34.27 -6.82 14.61
N SER C 200 -33.30 -6.68 15.52
CA SER C 200 -31.89 -7.16 15.40
C SER C 200 -31.85 -8.64 14.98
N PRO C 201 -32.45 -9.58 15.75
CA PRO C 201 -32.38 -11.02 15.42
C PRO C 201 -32.93 -11.46 14.06
N VAL C 202 -33.84 -10.69 13.44
CA VAL C 202 -34.48 -10.98 12.12
C VAL C 202 -33.40 -10.94 11.01
N VAL C 203 -33.27 -12.01 10.24
CA VAL C 203 -32.48 -12.00 8.96
C VAL C 203 -33.44 -11.48 7.89
N PRO C 204 -33.18 -10.31 7.25
CA PRO C 204 -34.06 -9.77 6.22
C PRO C 204 -33.93 -10.48 4.87
N LYS C 205 -35.05 -10.57 4.14
CA LYS C 205 -35.13 -11.01 2.72
C LYS C 205 -34.61 -9.83 1.89
N VAL C 206 -33.52 -10.07 1.14
CA VAL C 206 -32.80 -9.06 0.30
C VAL C 206 -32.85 -9.55 -1.15
N ARG C 207 -33.09 -8.66 -2.11
CA ARG C 207 -33.01 -8.98 -3.55
C ARG C 207 -32.26 -7.83 -4.25
N GLU C 208 -31.16 -8.17 -4.94
CA GLU C 208 -30.53 -7.31 -5.98
C GLU C 208 -31.38 -7.41 -7.24
N ARG C 209 -31.68 -6.28 -7.89
CA ARG C 209 -32.46 -6.22 -9.17
C ARG C 209 -31.76 -5.21 -10.10
N ASP C 210 -32.10 -5.25 -11.38
CA ASP C 210 -31.59 -4.35 -12.45
C ASP C 210 -31.94 -2.89 -12.14
N THR C 211 -33.11 -2.60 -11.57
CA THR C 211 -33.54 -1.22 -11.18
C THR C 211 -33.02 -0.90 -9.77
N HIS C 212 -33.47 -1.67 -8.77
CA HIS C 212 -33.31 -1.38 -7.32
C HIS C 212 -32.57 -2.52 -6.59
N ILE C 213 -32.29 -2.32 -5.29
CA ILE C 213 -31.92 -3.37 -4.28
C ILE C 213 -32.93 -3.31 -3.13
N SER C 214 -33.82 -4.30 -3.00
CA SER C 214 -34.86 -4.37 -1.95
C SER C 214 -34.31 -5.07 -0.70
N ALA C 215 -34.91 -4.83 0.46
CA ALA C 215 -34.68 -5.57 1.73
C ALA C 215 -35.90 -5.45 2.63
N ARG C 216 -36.46 -6.59 3.08
CA ARG C 216 -37.69 -6.64 3.91
C ARG C 216 -37.38 -7.28 5.27
N TRP C 217 -37.58 -6.53 6.37
CA TRP C 217 -37.66 -7.04 7.76
C TRP C 217 -39.16 -7.13 8.11
N GLU C 218 -39.59 -8.29 8.63
CA GLU C 218 -40.87 -8.42 9.36
C GLU C 218 -40.57 -8.84 10.81
N TRP C 219 -41.39 -8.40 11.77
CA TRP C 219 -41.32 -8.85 13.19
C TRP C 219 -42.63 -8.52 13.92
N SER C 220 -42.65 -8.65 15.24
CA SER C 220 -43.68 -8.12 16.17
C SER C 220 -43.01 -7.64 17.47
N GLN C 221 -43.60 -6.64 18.12
CA GLN C 221 -43.15 -6.09 19.43
C GLN C 221 -44.37 -5.66 20.24
N THR C 222 -44.16 -5.32 21.52
CA THR C 222 -45.21 -4.85 22.46
C THR C 222 -44.61 -3.77 23.37
N PRO C 223 -45.11 -2.51 23.37
CA PRO C 223 -46.11 -2.01 22.44
C PRO C 223 -45.54 -1.91 21.01
N ALA C 224 -46.44 -1.68 20.05
CA ALA C 224 -46.12 -1.20 18.69
C ALA C 224 -45.25 0.06 18.80
N MET C 225 -44.44 0.32 17.75
CA MET C 225 -43.61 1.54 17.60
C MET C 225 -44.49 2.76 17.87
N MET C 226 -44.07 3.67 18.75
CA MET C 226 -44.87 4.84 19.26
C MET C 226 -45.48 5.64 18.11
N ILE C 227 -44.71 5.85 17.02
CA ILE C 227 -45.11 6.50 15.74
C ILE C 227 -46.50 6.00 15.23
N PHE C 228 -46.86 4.72 15.45
CA PHE C 228 -48.13 4.10 14.98
C PHE C 228 -49.08 3.71 16.13
N ALA C 229 -48.58 3.42 17.33
CA ALA C 229 -49.30 2.70 18.41
C ALA C 229 -50.65 3.34 18.72
N PRO C 230 -50.77 4.69 18.93
CA PRO C 230 -52.05 5.31 19.30
C PRO C 230 -53.19 5.08 18.31
N PHE C 231 -52.86 5.02 17.01
CA PHE C 231 -53.81 4.83 15.88
C PHE C 231 -54.17 3.35 15.71
N LEU C 232 -53.54 2.41 16.43
CA LEU C 232 -53.86 0.94 16.33
C LEU C 232 -55.14 0.62 17.11
N PRO C 233 -55.77 -0.57 16.85
CA PRO C 233 -56.91 -1.05 17.62
C PRO C 233 -56.68 -0.99 19.14
N ARG C 234 -55.61 -1.60 19.64
CA ARG C 234 -55.19 -1.58 21.06
C ARG C 234 -53.76 -1.02 21.11
N PRO C 235 -53.54 0.26 21.49
CA PRO C 235 -52.18 0.84 21.54
C PRO C 235 -51.14 0.05 22.35
N GLU C 236 -51.50 -0.34 23.58
CA GLU C 236 -50.69 -1.11 24.56
C GLU C 236 -50.29 -2.48 23.97
N ASP C 237 -51.16 -3.11 23.18
CA ASP C 237 -51.03 -4.53 22.76
C ASP C 237 -50.01 -4.64 21.62
N ALA C 238 -49.55 -5.88 21.39
CA ALA C 238 -48.56 -6.28 20.37
C ALA C 238 -49.10 -5.98 18.97
N ALA C 239 -48.18 -5.81 18.01
CA ALA C 239 -48.51 -5.54 16.58
C ALA C 239 -47.38 -6.06 15.69
N ARG C 240 -47.72 -6.78 14.61
CA ARG C 240 -46.78 -7.15 13.52
C ARG C 240 -46.37 -5.89 12.76
N HIS C 241 -45.07 -5.74 12.49
CA HIS C 241 -44.48 -4.61 11.73
C HIS C 241 -43.72 -5.13 10.50
N TYR C 242 -43.60 -4.28 9.48
CA TYR C 242 -42.91 -4.56 8.21
C TYR C 242 -42.03 -3.35 7.88
N PHE C 243 -40.77 -3.59 7.50
CA PHE C 243 -39.86 -2.59 6.90
C PHE C 243 -39.51 -3.08 5.49
N ASP C 244 -40.16 -2.56 4.46
CA ASP C 244 -39.73 -2.75 3.05
C ASP C 244 -39.01 -1.48 2.62
N ILE C 245 -37.75 -1.62 2.22
CA ILE C 245 -36.87 -0.53 1.70
C ILE C 245 -36.43 -0.95 0.30
N SER C 246 -36.13 0.00 -0.57
CA SER C 246 -35.43 -0.23 -1.86
C SER C 246 -34.47 0.92 -2.17
N TRP C 247 -33.17 0.64 -2.31
CA TRP C 247 -32.15 1.61 -2.77
C TRP C 247 -32.28 1.77 -4.29
N THR C 248 -32.28 3.01 -4.76
CA THR C 248 -32.12 3.37 -6.20
C THR C 248 -30.96 4.34 -6.28
N ALA C 249 -30.21 4.31 -7.39
CA ALA C 249 -29.08 5.23 -7.65
C ALA C 249 -29.59 6.67 -7.70
N PRO C 250 -28.82 7.70 -7.29
CA PRO C 250 -27.50 7.54 -6.70
C PRO C 250 -27.50 7.31 -5.18
N ALA C 251 -28.53 7.78 -4.44
CA ALA C 251 -28.54 7.74 -2.96
C ALA C 251 -29.94 7.75 -2.35
N ASN C 252 -30.93 7.16 -3.03
CA ASN C 252 -32.37 7.23 -2.68
C ASN C 252 -32.78 5.88 -2.07
N ILE C 253 -33.53 5.88 -0.96
CA ILE C 253 -34.04 4.68 -0.23
C ILE C 253 -35.51 4.93 0.22
N GLN C 254 -36.47 4.08 -0.20
CA GLN C 254 -37.95 4.40 -0.18
C GLN C 254 -38.69 3.62 0.91
N LEU C 255 -38.11 3.55 2.13
CA LEU C 255 -38.58 2.91 3.41
C LEU C 255 -40.11 3.00 3.58
N SER C 256 -40.81 1.88 3.43
CA SER C 256 -42.27 1.72 3.71
C SER C 256 -42.38 0.94 5.02
N VAL C 257 -43.22 1.41 5.95
CA VAL C 257 -43.31 0.91 7.36
C VAL C 257 -44.73 1.06 7.88
N GLY C 258 -45.08 0.23 8.85
CA GLY C 258 -46.45 0.21 9.43
C GLY C 258 -46.70 -0.96 10.33
N ALA C 259 -47.80 -0.90 11.07
CA ALA C 259 -48.20 -1.87 12.11
C ALA C 259 -49.65 -2.32 11.85
N VAL C 260 -49.86 -3.63 11.73
CA VAL C 260 -51.22 -4.27 11.70
C VAL C 260 -51.45 -4.93 13.07
N GLN C 261 -52.69 -4.96 13.55
CA GLN C 261 -53.16 -5.82 14.67
C GLN C 261 -54.27 -6.75 14.16
N ASP C 262 -54.39 -7.95 14.74
CA ASP C 262 -55.45 -8.97 14.45
C ASP C 262 -55.24 -9.58 13.06
N SER C 263 -55.39 -8.80 12.00
CA SER C 263 -55.28 -9.23 10.58
C SER C 263 -53.88 -9.81 10.25
N ASP C 264 -53.83 -10.79 9.33
CA ASP C 264 -52.59 -11.37 8.75
C ASP C 264 -52.12 -10.49 7.59
N ASP C 265 -53.03 -10.25 6.63
CA ASP C 265 -53.00 -9.20 5.58
C ASP C 265 -52.49 -7.89 6.21
N PHE C 266 -51.29 -7.43 5.80
CA PHE C 266 -50.68 -6.14 6.24
C PHE C 266 -51.48 -4.95 5.68
N GLY C 267 -52.28 -5.15 4.61
CA GLY C 267 -53.20 -4.18 3.98
C GLY C 267 -53.91 -3.22 4.92
N ASP C 268 -54.26 -3.66 6.14
CA ASP C 268 -55.00 -2.83 7.15
C ASP C 268 -54.06 -1.93 7.99
N ALA C 269 -52.73 -2.07 7.87
CA ALA C 269 -51.73 -1.51 8.81
C ALA C 269 -51.81 0.02 8.87
N THR C 270 -51.66 0.59 10.08
CA THR C 270 -51.31 2.01 10.33
C THR C 270 -49.89 2.24 9.75
N SER C 271 -49.80 2.55 8.45
CA SER C 271 -48.54 2.54 7.65
C SER C 271 -48.16 3.95 7.17
N GLN C 272 -47.29 4.04 6.15
CA GLN C 272 -46.36 5.20 5.93
C GLN C 272 -45.46 4.92 4.71
N TYR C 273 -45.25 5.92 3.83
CA TYR C 273 -44.26 5.87 2.71
C TYR C 273 -43.22 6.97 2.94
N ASP C 274 -42.00 6.57 3.30
CA ASP C 274 -40.84 7.46 3.50
C ASP C 274 -39.89 7.40 2.29
N LEU C 275 -39.14 8.49 2.11
CA LEU C 275 -37.98 8.59 1.19
C LEU C 275 -36.83 9.26 1.94
N HIS C 276 -35.79 8.47 2.22
CA HIS C 276 -34.42 8.94 2.57
C HIS C 276 -33.70 9.14 1.23
N THR C 277 -33.25 10.36 0.94
CA THR C 277 -32.29 10.65 -0.17
C THR C 277 -31.15 11.52 0.35
N CYS C 278 -29.94 11.26 -0.15
CA CYS C 278 -28.71 12.05 0.10
C CYS C 278 -28.21 12.69 -1.20
N THR C 279 -27.33 13.67 -1.03
CA THR C 279 -26.82 14.59 -2.07
C THR C 279 -25.52 15.19 -1.54
N PRO C 280 -24.34 14.68 -1.92
CA PRO C 280 -23.09 15.11 -1.28
C PRO C 280 -22.76 16.58 -1.56
N GLU C 281 -22.38 17.32 -0.52
CA GLU C 281 -21.90 18.73 -0.59
C GLU C 281 -20.48 18.70 -1.14
N ASP C 282 -19.62 17.87 -0.54
CA ASP C 282 -18.33 17.36 -1.09
C ASP C 282 -18.04 16.04 -0.38
N ALA C 283 -16.85 15.44 -0.57
CA ALA C 283 -16.37 14.18 0.05
C ALA C 283 -17.11 13.90 1.36
N PHE C 284 -16.84 14.71 2.38
CA PHE C 284 -17.18 14.47 3.80
C PHE C 284 -18.15 15.54 4.34
N LYS C 285 -19.08 16.00 3.50
CA LYS C 285 -20.34 16.67 3.91
C LYS C 285 -21.47 16.09 3.04
N THR C 286 -22.70 16.05 3.57
CA THR C 286 -23.86 15.42 2.89
C THR C 286 -25.16 16.13 3.28
N HIS C 287 -25.91 16.55 2.25
CA HIS C 287 -27.31 17.05 2.31
C HIS C 287 -28.23 15.83 2.39
N TYR C 288 -28.86 15.62 3.54
CA TYR C 288 -29.75 14.47 3.85
C TYR C 288 -31.19 14.98 3.92
N PHE C 289 -32.00 14.60 2.94
CA PHE C 289 -33.43 14.95 2.85
C PHE C 289 -34.27 13.71 3.19
N PHE C 290 -35.37 13.95 3.91
CA PHE C 290 -36.38 12.94 4.29
C PHE C 290 -37.78 13.47 3.93
N ALA C 291 -38.64 12.57 3.45
CA ALA C 291 -40.10 12.80 3.29
C ALA C 291 -40.85 11.58 3.83
N THR C 292 -41.75 11.76 4.81
CA THR C 292 -42.84 10.82 5.16
C THR C 292 -44.05 11.09 4.27
N ARG C 293 -44.94 10.10 4.09
CA ARG C 293 -46.38 10.30 3.77
C ARG C 293 -47.21 9.23 4.48
N ARG C 294 -47.80 9.58 5.61
CA ARG C 294 -48.62 8.67 6.47
C ARG C 294 -49.97 8.38 5.80
N ASN C 295 -50.56 7.22 6.12
CA ASN C 295 -51.87 6.77 5.59
C ASN C 295 -53.00 7.03 6.61
N HIS C 296 -52.68 7.54 7.79
CA HIS C 296 -53.63 7.69 8.94
C HIS C 296 -53.87 9.18 9.20
N ILE C 297 -55.06 9.54 9.74
CA ILE C 297 -55.53 10.93 10.05
C ILE C 297 -54.97 11.93 9.00
N VAL C 298 -55.20 11.64 7.71
CA VAL C 298 -54.49 12.26 6.54
C VAL C 298 -54.66 13.78 6.52
N ASP C 299 -55.80 14.29 7.00
CA ASP C 299 -56.26 15.71 7.00
C ASP C 299 -55.40 16.58 7.96
N ASP C 300 -55.05 16.06 9.14
CA ASP C 300 -54.60 16.86 10.32
C ASP C 300 -53.18 17.41 10.08
N ALA C 301 -53.04 18.63 9.57
CA ALA C 301 -51.74 19.33 9.37
C ALA C 301 -51.15 19.79 10.71
N ASP C 302 -52.00 20.05 11.71
CA ASP C 302 -51.55 20.39 13.09
C ASP C 302 -50.65 19.28 13.63
N TYR C 303 -51.05 18.02 13.43
CA TYR C 303 -50.28 16.80 13.78
C TYR C 303 -49.13 16.58 12.78
N ASN C 304 -49.35 16.80 11.48
CA ASN C 304 -48.35 16.49 10.42
C ASN C 304 -47.02 17.19 10.74
N ARG C 305 -47.10 18.46 11.12
CA ARG C 305 -45.94 19.27 11.59
C ARG C 305 -45.35 18.59 12.84
N LYS C 306 -46.18 18.23 13.81
CA LYS C 306 -45.74 17.60 15.10
C LYS C 306 -45.02 16.27 14.84
N LYS C 307 -45.42 15.52 13.80
CA LYS C 307 -44.73 14.28 13.35
C LYS C 307 -43.36 14.65 12.75
N ILE C 308 -43.36 15.30 11.59
CA ILE C 308 -42.14 15.60 10.78
C ILE C 308 -41.10 16.33 11.64
N GLU C 309 -41.50 17.13 12.63
CA GLU C 309 -40.59 17.75 13.64
C GLU C 309 -39.99 16.66 14.55
N ALA C 310 -40.82 15.76 15.09
CA ALA C 310 -40.41 14.65 15.97
C ALA C 310 -39.67 13.54 15.19
N MET C 311 -39.80 13.51 13.85
CA MET C 311 -38.98 12.65 12.96
C MET C 311 -37.58 13.23 12.83
N HIS C 312 -37.48 14.48 12.37
CA HIS C 312 -36.21 15.24 12.20
C HIS C 312 -35.41 15.11 13.50
N ALA C 313 -36.04 15.45 14.64
CA ALA C 313 -35.54 15.21 16.02
C ALA C 313 -34.77 13.89 16.07
N ALA C 314 -35.46 12.76 15.87
CA ALA C 314 -34.92 11.38 15.96
C ALA C 314 -33.65 11.24 15.13
N PHE C 315 -33.67 11.67 13.87
CA PHE C 315 -32.51 11.54 12.94
C PHE C 315 -31.37 12.44 13.40
N GLU C 316 -31.64 13.73 13.56
CA GLU C 316 -30.64 14.79 13.86
C GLU C 316 -30.01 14.54 15.23
N THR C 317 -30.80 14.18 16.24
CA THR C 317 -30.35 14.12 17.66
C THR C 317 -29.81 12.74 18.03
N GLU C 318 -30.34 11.64 17.46
CA GLU C 318 -30.00 10.24 17.86
C GLU C 318 -29.11 9.58 16.81
N ASP C 319 -29.48 9.65 15.51
CA ASP C 319 -28.68 9.06 14.39
C ASP C 319 -27.47 9.95 14.07
N GLY C 320 -27.74 11.24 13.83
CA GLY C 320 -26.75 12.30 13.54
C GLY C 320 -25.43 12.09 14.28
N PRO C 321 -25.41 12.19 15.63
CA PRO C 321 -24.16 12.16 16.38
C PRO C 321 -23.31 10.89 16.26
N ILE C 322 -23.93 9.70 16.09
CA ILE C 322 -23.19 8.40 15.95
C ILE C 322 -22.46 8.42 14.59
N ILE C 323 -23.20 8.76 13.52
CA ILE C 323 -22.69 8.70 12.12
C ILE C 323 -21.53 9.69 11.97
N THR C 324 -21.70 10.90 12.50
CA THR C 324 -20.64 11.96 12.58
C THR C 324 -19.46 11.45 13.43
N ALA C 325 -19.72 10.89 14.62
CA ALA C 325 -18.66 10.31 15.48
C ALA C 325 -17.84 9.27 14.69
N VAL C 326 -18.54 8.36 14.01
CA VAL C 326 -17.94 7.27 13.20
C VAL C 326 -17.01 7.93 12.17
N GLN C 327 -17.58 8.81 11.35
CA GLN C 327 -16.83 9.53 10.29
C GLN C 327 -15.49 10.00 10.85
N GLU C 328 -15.49 10.70 12.00
CA GLU C 328 -14.25 11.22 12.66
C GLU C 328 -13.30 10.05 12.92
N GLU C 329 -13.77 9.00 13.59
CA GLU C 329 -12.94 7.81 13.90
C GLU C 329 -12.41 7.16 12.60
N MET C 330 -13.21 7.13 11.53
CA MET C 330 -12.81 6.55 10.21
C MET C 330 -11.72 7.40 9.53
N GLY C 331 -11.66 8.71 9.82
CA GLY C 331 -10.86 9.66 9.04
C GLY C 331 -11.28 9.68 7.57
N GLU C 332 -10.32 9.90 6.68
CA GLU C 332 -10.58 10.04 5.22
C GLU C 332 -10.64 8.67 4.53
N ALA C 333 -10.30 7.59 5.23
CA ALA C 333 -9.93 6.29 4.60
C ALA C 333 -11.20 5.57 4.15
N GLU C 334 -11.13 4.96 2.95
CA GLU C 334 -12.27 4.30 2.28
C GLU C 334 -12.76 3.12 3.15
N PHE C 335 -14.08 3.01 3.33
CA PHE C 335 -14.76 2.07 4.27
C PHE C 335 -14.13 0.67 4.24
N PHE C 336 -14.27 -0.03 3.11
CA PHE C 336 -13.78 -1.43 2.88
C PHE C 336 -12.26 -1.51 3.16
N SER C 337 -11.49 -0.46 2.82
CA SER C 337 -10.02 -0.36 3.07
C SER C 337 -9.72 -0.64 4.54
N LEU C 338 -10.58 -0.23 5.47
CA LEU C 338 -10.39 -0.40 6.94
C LEU C 338 -10.72 -1.83 7.41
N ASP C 339 -11.06 -2.78 6.51
CA ASP C 339 -11.31 -4.22 6.82
C ASP C 339 -12.42 -4.34 7.86
N PRO C 340 -13.63 -3.80 7.59
CA PRO C 340 -14.72 -3.85 8.56
C PRO C 340 -15.15 -5.30 8.79
N VAL C 341 -15.55 -5.62 10.02
CA VAL C 341 -16.08 -6.96 10.40
C VAL C 341 -17.58 -6.97 10.08
N LEU C 342 -17.90 -7.32 8.83
CA LEU C 342 -19.27 -7.33 8.24
C LEU C 342 -19.96 -8.63 8.67
N MET C 343 -21.30 -8.58 8.81
CA MET C 343 -22.11 -9.56 9.58
C MET C 343 -23.47 -9.80 8.90
N SER C 344 -24.38 -10.53 9.57
CA SER C 344 -25.74 -10.90 9.09
C SER C 344 -26.47 -9.66 8.52
N ASN C 345 -26.50 -8.58 9.29
CA ASN C 345 -27.28 -7.34 9.01
C ASN C 345 -26.60 -6.41 7.99
N ASP C 346 -25.35 -6.67 7.55
CA ASP C 346 -24.57 -5.79 6.63
C ASP C 346 -24.64 -6.24 5.16
N VAL C 347 -25.56 -7.14 4.80
CA VAL C 347 -25.57 -7.77 3.44
C VAL C 347 -26.11 -6.75 2.44
N ALA C 348 -27.32 -6.22 2.71
CA ALA C 348 -27.96 -5.12 1.95
C ALA C 348 -27.02 -3.93 1.80
N PRO C 349 -26.53 -3.28 2.88
CA PRO C 349 -25.70 -2.07 2.76
C PRO C 349 -24.38 -2.22 2.00
N VAL C 350 -23.84 -3.44 1.93
CA VAL C 350 -22.64 -3.78 1.10
C VAL C 350 -23.07 -3.82 -0.37
N LYS C 351 -24.05 -4.67 -0.71
CA LYS C 351 -24.60 -4.82 -2.09
C LYS C 351 -24.77 -3.44 -2.72
N VAL C 352 -25.34 -2.51 -1.96
CA VAL C 352 -25.55 -1.08 -2.35
C VAL C 352 -24.17 -0.49 -2.71
N ARG C 353 -23.30 -0.28 -1.71
CA ARG C 353 -21.95 0.35 -1.87
C ARG C 353 -21.26 -0.19 -3.12
N ARG C 354 -21.30 -1.51 -3.31
CA ARG C 354 -20.67 -2.23 -4.47
C ARG C 354 -21.38 -1.86 -5.77
N ARG C 355 -22.70 -1.87 -5.80
CA ARG C 355 -23.51 -1.55 -7.01
C ARG C 355 -23.21 -0.10 -7.44
N LEU C 356 -23.35 0.84 -6.52
CA LEU C 356 -23.01 2.28 -6.70
C LEU C 356 -21.57 2.40 -7.22
N ARG C 357 -20.61 1.68 -6.59
CA ARG C 357 -19.18 1.65 -7.03
C ARG C 357 -19.12 1.18 -8.48
N ARG C 358 -19.71 0.02 -8.77
CA ARG C 358 -19.74 -0.61 -10.12
C ARG C 358 -20.32 0.39 -11.11
N MET C 359 -21.47 0.99 -10.79
CA MET C 359 -22.17 2.01 -11.64
C MET C 359 -21.22 3.18 -11.97
N ILE C 360 -20.50 3.70 -10.97
CA ILE C 360 -19.60 4.87 -11.13
C ILE C 360 -18.49 4.51 -12.13
N VAL C 361 -17.89 3.32 -11.98
CA VAL C 361 -16.76 2.84 -12.84
C VAL C 361 -17.30 2.63 -14.26
N GLU C 362 -18.42 1.89 -14.40
CA GLU C 362 -19.16 1.66 -15.67
C GLU C 362 -19.42 2.99 -16.38
N GLU C 363 -19.76 4.05 -15.63
CA GLU C 363 -20.06 5.40 -16.19
C GLU C 363 -18.77 6.03 -16.71
N GLN C 364 -17.73 6.06 -15.86
CA GLN C 364 -16.36 6.54 -16.22
C GLN C 364 -15.79 5.79 -17.43
N ALA C 365 -16.10 4.50 -17.55
CA ALA C 365 -15.68 3.63 -18.69
C ALA C 365 -16.23 4.24 -19.98
N ALA C 366 -17.55 4.28 -20.15
CA ALA C 366 -18.22 4.75 -21.39
C ALA C 366 -18.04 6.27 -21.59
N ALA C 367 -17.48 6.99 -20.60
CA ALA C 367 -16.96 8.37 -20.76
C ALA C 367 -15.63 8.36 -21.52
N ALA C 368 -14.68 7.53 -21.07
CA ALA C 368 -13.34 7.37 -21.68
C ALA C 368 -13.41 6.60 -23.01
N ALA C 369 -14.48 5.82 -23.25
CA ALA C 369 -14.69 5.02 -24.50
C ALA C 369 -15.53 5.82 -25.51
N ALA C 370 -16.37 6.77 -25.08
CA ALA C 370 -17.01 7.80 -25.95
C ALA C 370 -16.03 8.97 -26.21
N ASP C 371 -14.98 9.09 -25.40
CA ASP C 371 -13.80 9.97 -25.66
C ASP C 371 -12.99 9.40 -26.85
N ALA C 372 -12.88 8.07 -26.95
CA ALA C 372 -12.29 7.34 -28.11
C ALA C 372 -13.31 7.25 -29.26
N ALA C 373 -14.57 6.91 -28.95
CA ALA C 373 -15.68 6.67 -29.93
C ALA C 373 -16.88 7.58 -29.58
N SER D 23 38.17 23.72 -61.87
CA SER D 23 37.25 24.43 -62.83
C SER D 23 35.89 24.82 -62.20
N THR D 24 35.53 24.30 -61.02
CA THR D 24 34.18 23.90 -60.53
C THR D 24 33.37 23.07 -61.54
N PHE D 25 34.03 22.17 -62.26
CA PHE D 25 33.48 21.12 -63.16
C PHE D 25 32.75 21.76 -64.33
N GLU D 26 33.11 21.41 -65.57
CA GLU D 26 32.44 21.78 -66.83
C GLU D 26 32.16 20.49 -67.63
N CYS D 27 30.91 20.29 -68.04
CA CYS D 27 30.47 19.31 -69.07
C CYS D 27 30.18 20.04 -70.37
N LEU D 28 30.15 19.30 -71.48
CA LEU D 28 29.61 19.81 -72.77
C LEU D 28 28.12 20.09 -72.57
N LYS D 29 27.61 21.24 -73.00
CA LYS D 29 26.20 21.68 -72.79
C LYS D 29 25.35 21.33 -74.03
N ARG D 30 25.80 21.74 -75.23
CA ARG D 30 25.00 21.69 -76.49
C ARG D 30 24.45 20.27 -76.69
N ALA D 31 25.20 19.18 -76.48
CA ALA D 31 24.88 17.86 -77.05
C ALA D 31 23.70 17.20 -76.33
N TRP D 32 23.28 16.04 -76.82
CA TRP D 32 22.16 15.20 -76.29
C TRP D 32 22.73 14.19 -75.27
N TYR D 33 22.31 14.29 -74.01
CA TYR D 33 22.56 13.34 -72.89
C TYR D 33 21.32 12.47 -72.68
N VAL D 34 21.48 11.18 -72.35
CA VAL D 34 20.32 10.32 -71.97
C VAL D 34 19.85 10.72 -70.57
N ALA D 35 18.61 11.23 -70.48
CA ALA D 35 18.00 11.71 -69.21
C ALA D 35 17.33 10.54 -68.47
N ALA D 36 16.78 9.57 -69.20
CA ALA D 36 15.99 8.45 -68.64
C ALA D 36 15.67 7.40 -69.72
N MET D 37 15.56 6.14 -69.31
CA MET D 37 15.00 5.05 -70.16
C MET D 37 13.54 5.41 -70.43
N SER D 38 13.07 5.17 -71.66
CA SER D 38 11.65 5.36 -72.07
C SER D 38 10.74 4.76 -70.98
N SER D 39 11.09 3.56 -70.47
CA SER D 39 10.34 2.83 -69.40
C SER D 39 10.14 3.66 -68.12
N GLU D 40 11.01 4.64 -67.81
CA GLU D 40 11.05 5.32 -66.48
C GLU D 40 9.95 6.38 -66.32
N VAL D 41 9.15 6.71 -67.35
CA VAL D 41 8.09 7.76 -67.24
C VAL D 41 6.72 7.12 -67.52
N GLU D 42 5.94 6.87 -66.45
CA GLU D 42 4.68 6.06 -66.49
C GLU D 42 3.47 6.99 -66.64
N GLY D 43 3.26 7.55 -67.83
CA GLY D 43 2.12 8.42 -68.17
C GLY D 43 1.87 9.49 -67.11
N GLU D 44 1.07 9.13 -66.10
CA GLU D 44 0.57 9.97 -64.98
C GLU D 44 1.72 10.43 -64.07
N ALA D 45 2.66 9.51 -63.75
CA ALA D 45 3.88 9.73 -62.91
C ALA D 45 4.57 11.05 -63.25
N LEU D 46 5.04 11.75 -62.22
CA LEU D 46 5.97 12.92 -62.30
C LEU D 46 7.38 12.43 -61.95
N PHE D 47 8.12 11.91 -62.94
CA PHE D 47 9.55 11.52 -62.84
C PHE D 47 10.40 12.77 -62.56
N HIS D 48 11.34 12.68 -61.61
CA HIS D 48 12.36 13.72 -61.29
C HIS D 48 13.75 13.09 -61.36
N ARG D 49 14.76 13.84 -61.82
CA ARG D 49 16.17 13.38 -61.81
C ARG D 49 17.13 14.56 -61.92
N ARG D 50 18.26 14.48 -61.20
CA ARG D 50 19.34 15.49 -61.25
C ARG D 50 20.23 15.19 -62.48
N ILE D 51 20.43 16.20 -63.34
CA ILE D 51 21.16 16.08 -64.65
C ILE D 51 22.05 17.32 -64.81
N LEU D 52 23.36 17.11 -65.02
CA LEU D 52 24.39 18.18 -65.12
C LEU D 52 24.16 19.21 -64.01
N GLY D 53 24.00 18.74 -62.76
CA GLY D 53 23.75 19.55 -61.55
C GLY D 53 22.49 20.40 -61.62
N THR D 54 21.47 19.91 -62.33
CA THR D 54 20.16 20.62 -62.51
C THR D 54 19.05 19.66 -62.10
N SER D 55 18.15 20.13 -61.24
CA SER D 55 16.90 19.41 -60.90
C SER D 55 16.03 19.42 -62.16
N VAL D 56 15.58 18.26 -62.62
CA VAL D 56 14.78 18.10 -63.88
C VAL D 56 13.57 17.22 -63.58
N MET D 57 12.37 17.73 -63.89
CA MET D 57 11.11 16.94 -63.92
C MET D 57 10.83 16.49 -65.36
N ILE D 58 10.28 15.29 -65.51
CA ILE D 58 9.72 14.74 -66.78
C ILE D 58 8.34 14.17 -66.48
N TYR D 59 7.42 14.28 -67.44
CA TYR D 59 6.10 13.59 -67.46
C TYR D 59 5.66 13.46 -68.91
N ARG D 60 4.79 12.49 -69.20
CA ARG D 60 4.11 12.35 -70.52
C ARG D 60 2.79 13.12 -70.45
N LEU D 61 2.26 13.45 -71.62
CA LEU D 61 0.95 14.13 -71.79
C LEU D 61 -0.09 13.07 -72.11
N ALA D 62 -1.32 13.48 -72.45
CA ALA D 62 -2.39 12.57 -72.94
C ALA D 62 -1.81 11.69 -74.06
N ASP D 63 -1.24 12.32 -75.08
CA ASP D 63 -0.81 11.69 -76.37
C ASP D 63 0.58 11.05 -76.25
N GLY D 64 1.04 10.69 -75.05
CA GLY D 64 2.34 10.03 -74.83
C GLY D 64 3.55 10.97 -74.86
N THR D 65 3.36 12.24 -75.25
CA THR D 65 4.44 13.18 -75.62
C THR D 65 5.23 13.55 -74.37
N PRO D 66 6.53 13.18 -74.25
CA PRO D 66 7.30 13.44 -73.03
C PRO D 66 7.74 14.91 -72.96
N VAL D 67 7.74 15.48 -71.76
CA VAL D 67 8.01 16.93 -71.48
C VAL D 67 9.03 17.02 -70.34
N ALA D 68 10.02 17.92 -70.47
CA ALA D 68 11.10 18.12 -69.47
C ALA D 68 11.12 19.59 -69.02
N MET D 69 11.16 19.79 -67.70
CA MET D 69 11.12 21.12 -67.03
C MET D 69 12.15 21.16 -65.90
N HIS D 70 12.62 22.36 -65.55
CA HIS D 70 13.43 22.63 -64.33
C HIS D 70 12.54 22.30 -63.13
N ASP D 71 12.80 21.21 -62.40
CA ASP D 71 11.95 20.74 -61.26
C ASP D 71 12.08 21.75 -60.12
N ARG D 72 11.45 22.93 -60.27
CA ARG D 72 11.68 24.13 -59.41
C ARG D 72 10.69 25.24 -59.76
N CYS D 73 9.62 25.39 -58.98
CA CYS D 73 8.63 26.49 -59.13
C CYS D 73 9.34 27.82 -58.92
N PRO D 74 9.26 28.79 -59.84
CA PRO D 74 10.03 30.02 -59.74
C PRO D 74 9.55 31.03 -58.68
N HIS D 75 8.39 30.78 -58.05
CA HIS D 75 7.84 31.57 -56.91
C HIS D 75 8.79 31.45 -55.69
N ARG D 76 8.75 30.34 -54.96
CA ARG D 76 9.58 30.11 -53.74
C ARG D 76 10.49 28.88 -53.89
N PHE D 77 10.73 28.40 -55.11
CA PHE D 77 11.73 27.35 -55.49
C PHE D 77 11.37 25.98 -54.92
N ALA D 78 10.08 25.72 -54.66
CA ALA D 78 9.58 24.36 -54.35
C ALA D 78 9.80 23.47 -55.57
N PRO D 79 10.28 22.21 -55.43
CA PRO D 79 10.23 21.26 -56.55
C PRO D 79 8.79 20.98 -57.03
N LEU D 80 8.66 20.84 -58.35
CA LEU D 80 7.34 20.72 -59.03
C LEU D 80 6.87 19.27 -59.00
N HIS D 81 7.78 18.29 -59.11
CA HIS D 81 7.48 16.83 -59.02
C HIS D 81 6.66 16.53 -57.76
N LEU D 82 6.90 17.26 -56.67
CA LEU D 82 6.15 17.15 -55.38
C LEU D 82 4.70 17.63 -55.56
N GLY D 83 4.49 18.65 -56.40
CA GLY D 83 3.19 19.16 -56.87
C GLY D 83 2.23 18.08 -57.37
N GLN D 84 0.96 18.46 -57.50
CA GLN D 84 -0.14 17.58 -58.00
C GLN D 84 -0.40 17.91 -59.48
N ARG D 85 -0.59 16.88 -60.31
CA ARG D 85 -0.81 16.95 -61.78
C ARG D 85 -2.28 17.32 -62.06
N GLU D 86 -2.53 18.11 -63.10
CA GLU D 86 -3.87 18.64 -63.50
C GLU D 86 -4.04 18.51 -65.02
N GLY D 87 -4.27 17.27 -65.50
CA GLY D 87 -4.37 16.93 -66.92
C GLY D 87 -3.00 16.92 -67.59
N ASP D 88 -2.71 17.95 -68.39
CA ASP D 88 -1.39 18.17 -69.05
C ASP D 88 -0.74 19.42 -68.44
N GLU D 89 -1.11 19.77 -67.21
CA GLU D 89 -0.51 20.87 -66.40
C GLU D 89 -0.10 20.30 -65.04
N ILE D 90 0.85 20.97 -64.37
CA ILE D 90 1.31 20.65 -63.00
C ILE D 90 1.05 21.89 -62.13
N ALA D 91 0.40 21.71 -60.97
CA ALA D 91 0.23 22.74 -59.91
C ALA D 91 1.24 22.44 -58.80
N CYS D 92 2.03 23.44 -58.40
CA CYS D 92 3.12 23.31 -57.39
C CYS D 92 2.48 23.13 -56.01
N ARG D 93 2.98 22.19 -55.20
CA ARG D 93 2.27 21.74 -53.97
C ARG D 93 2.24 22.87 -52.93
N TYR D 94 3.13 23.86 -53.03
CA TYR D 94 3.28 24.96 -52.04
C TYR D 94 2.10 25.93 -52.20
N HIS D 95 2.08 26.82 -53.19
CA HIS D 95 1.03 27.86 -53.35
C HIS D 95 0.27 27.74 -54.69
N ALA D 96 0.41 26.60 -55.41
CA ALA D 96 -0.56 26.09 -56.40
C ALA D 96 -0.59 26.92 -57.69
N LEU D 97 0.51 27.59 -58.04
CA LEU D 97 0.73 28.12 -59.41
C LEU D 97 0.75 26.91 -60.36
N ARG D 98 -0.08 26.93 -61.40
CA ARG D 98 -0.07 25.87 -62.46
C ARG D 98 0.87 26.30 -63.59
N PHE D 99 1.44 25.31 -64.28
CA PHE D 99 2.27 25.50 -65.49
C PHE D 99 1.90 24.44 -66.53
N ASP D 100 1.89 24.86 -67.81
CA ASP D 100 1.69 24.01 -69.01
C ASP D 100 2.99 23.26 -69.33
N ALA D 101 2.95 22.36 -70.30
CA ALA D 101 4.13 21.65 -70.86
C ALA D 101 5.22 22.63 -71.32
N ASP D 102 4.86 23.79 -71.88
CA ASP D 102 5.83 24.84 -72.30
C ASP D 102 6.41 25.58 -71.09
N GLY D 103 5.84 25.42 -69.90
CA GLY D 103 6.38 25.94 -68.64
C GLY D 103 6.08 27.41 -68.43
N ARG D 104 5.09 27.97 -69.13
CA ARG D 104 4.46 29.29 -68.78
C ARG D 104 3.37 29.01 -67.75
N CYS D 105 3.16 29.97 -66.83
CA CYS D 105 2.17 29.86 -65.74
C CYS D 105 0.77 30.09 -66.32
N THR D 106 -0.14 29.14 -66.10
CA THR D 106 -1.53 29.13 -66.67
C THR D 106 -2.54 29.71 -65.68
N HIS D 107 -2.18 29.86 -64.39
CA HIS D 107 -3.13 30.24 -63.31
C HIS D 107 -2.38 30.64 -62.03
N ASN D 108 -2.70 31.81 -61.47
CA ASN D 108 -2.34 32.23 -60.08
C ASN D 108 -3.65 32.31 -59.30
N PRO D 109 -3.84 31.51 -58.21
CA PRO D 109 -5.07 31.56 -57.41
C PRO D 109 -5.04 32.57 -56.26
N HIS D 110 -3.96 33.34 -56.11
CA HIS D 110 -3.77 34.38 -55.05
C HIS D 110 -4.27 35.75 -55.50
N GLY D 111 -4.47 36.64 -54.51
CA GLY D 111 -4.75 38.08 -54.64
C GLY D 111 -5.66 38.41 -55.80
N ASN D 112 -5.31 39.44 -56.58
CA ASN D 112 -6.04 39.93 -57.79
C ASN D 112 -6.19 38.81 -58.83
N GLY D 113 -5.17 37.96 -59.02
CA GLY D 113 -5.21 36.78 -59.92
C GLY D 113 -4.17 36.91 -61.03
N ARG D 114 -3.77 38.15 -61.36
CA ARG D 114 -2.78 38.51 -62.41
C ARG D 114 -1.53 37.63 -62.26
N ILE D 115 -1.02 37.08 -63.38
CA ILE D 115 0.04 36.03 -63.47
C ILE D 115 1.33 36.71 -63.95
N PRO D 116 2.37 36.95 -63.10
CA PRO D 116 3.49 37.81 -63.49
C PRO D 116 4.22 37.26 -64.71
N ASP D 117 4.71 38.17 -65.58
CA ASP D 117 5.50 37.85 -66.80
C ASP D 117 6.59 36.82 -66.46
N ALA D 118 7.28 37.04 -65.33
CA ALA D 118 8.41 36.23 -64.81
C ALA D 118 8.04 34.74 -64.55
N ALA D 119 6.77 34.39 -64.31
CA ALA D 119 6.34 33.06 -63.80
C ALA D 119 6.50 31.97 -64.89
N ARG D 120 7.75 31.58 -65.16
CA ARG D 120 8.11 30.60 -66.21
C ARG D 120 9.06 29.56 -65.62
N VAL D 121 8.81 28.29 -65.91
CA VAL D 121 9.76 27.16 -65.73
C VAL D 121 10.50 26.99 -67.06
N ARG D 122 11.82 26.83 -67.01
CA ARG D 122 12.65 26.59 -68.22
C ARG D 122 12.36 25.16 -68.72
N ARG D 123 12.08 25.05 -70.02
CA ARG D 123 11.74 23.76 -70.69
C ARG D 123 13.01 23.22 -71.34
N PHE D 124 13.21 21.90 -71.28
CA PHE D 124 14.37 21.20 -71.86
C PHE D 124 13.89 20.42 -73.07
N PRO D 125 14.36 20.75 -74.31
CA PRO D 125 14.05 19.95 -75.49
C PRO D 125 14.38 18.46 -75.26
N LEU D 126 13.39 17.59 -75.47
CA LEU D 126 13.55 16.11 -75.41
C LEU D 126 13.52 15.54 -76.83
N LEU D 127 14.09 14.35 -76.98
CA LEU D 127 14.07 13.53 -78.23
C LEU D 127 14.01 12.05 -77.82
N GLU D 128 12.91 11.36 -78.13
CA GLU D 128 12.68 9.97 -77.64
C GLU D 128 13.05 8.98 -78.73
N ARG D 129 14.35 8.66 -78.84
CA ARG D 129 14.89 7.63 -79.76
C ARG D 129 15.63 6.54 -78.96
N TYR D 130 15.74 5.35 -79.54
CA TYR D 130 16.62 4.22 -79.11
C TYR D 130 16.19 3.67 -77.74
N GLY D 131 14.94 3.96 -77.32
CA GLY D 131 14.38 3.53 -76.02
C GLY D 131 14.84 4.39 -74.86
N PHE D 132 15.30 5.61 -75.13
CA PHE D 132 15.71 6.63 -74.11
C PHE D 132 15.07 7.97 -74.43
N LEU D 133 14.93 8.80 -73.40
CA LEU D 133 14.60 10.24 -73.52
C LEU D 133 15.92 11.01 -73.51
N TRP D 134 16.33 11.53 -74.66
CA TRP D 134 17.54 12.38 -74.83
C TRP D 134 17.15 13.83 -74.48
N ILE D 135 18.02 14.56 -73.75
CA ILE D 135 17.72 15.92 -73.25
C ILE D 135 18.80 16.90 -73.73
N TRP D 136 18.37 18.11 -74.11
CA TRP D 136 19.22 19.25 -74.54
C TRP D 136 19.24 20.26 -73.41
N MET D 137 20.35 20.38 -72.68
CA MET D 137 20.37 21.18 -71.43
C MET D 137 20.67 22.67 -71.73
N ASP D 138 21.51 22.96 -72.73
CA ASP D 138 22.04 24.31 -73.09
C ASP D 138 20.89 25.29 -73.37
N ASP D 139 21.17 26.58 -73.14
CA ASP D 139 20.25 27.73 -73.36
C ASP D 139 19.87 27.91 -74.84
N SER D 140 20.70 27.44 -75.77
CA SER D 140 20.44 27.57 -77.24
C SER D 140 19.22 26.74 -77.64
N ASP D 141 18.78 26.93 -78.88
CA ASP D 141 17.73 26.08 -79.52
C ASP D 141 18.34 24.71 -79.75
N PRO D 142 17.56 23.60 -79.71
CA PRO D 142 18.09 22.27 -80.00
C PRO D 142 18.60 22.13 -81.45
N ASP D 143 19.48 21.15 -81.67
CA ASP D 143 19.99 20.77 -83.01
C ASP D 143 19.83 19.24 -83.14
N PRO D 144 18.60 18.75 -83.41
CA PRO D 144 18.34 17.31 -83.57
C PRO D 144 19.34 16.53 -84.45
N ALA D 145 19.99 17.24 -85.41
CA ALA D 145 21.18 16.82 -86.17
C ALA D 145 22.17 16.09 -85.25
N LEU D 146 22.51 16.71 -84.11
CA LEU D 146 23.60 16.26 -83.21
C LEU D 146 23.23 14.94 -82.51
N LEU D 147 21.95 14.59 -82.36
CA LEU D 147 21.54 13.26 -81.81
C LEU D 147 22.14 12.20 -82.72
N PRO D 148 23.16 11.42 -82.27
CA PRO D 148 23.83 10.49 -83.17
C PRO D 148 22.90 9.31 -83.52
N ASP D 149 23.20 8.64 -84.63
CA ASP D 149 22.29 7.65 -85.28
C ASP D 149 22.59 6.25 -84.76
N PHE D 150 21.89 5.82 -83.71
CA PHE D 150 21.96 4.46 -83.12
C PHE D 150 20.70 3.67 -83.52
N SER D 151 20.23 3.86 -84.76
CA SER D 151 18.93 3.36 -85.26
C SER D 151 18.81 1.83 -85.24
N PRO D 152 19.87 1.00 -85.46
CA PRO D 152 19.71 -0.45 -85.44
C PRO D 152 19.01 -1.03 -84.19
N LEU D 153 19.09 -0.31 -83.04
CA LEU D 153 18.32 -0.61 -81.79
C LEU D 153 16.82 -0.61 -82.12
N GLU D 154 16.35 0.45 -82.78
CA GLU D 154 14.93 0.66 -83.20
C GLU D 154 14.48 -0.36 -84.28
N GLU D 155 15.40 -0.99 -85.01
CA GLU D 155 15.12 -2.04 -86.04
C GLU D 155 15.05 -3.42 -85.37
N GLY D 156 14.12 -4.26 -85.86
CA GLY D 156 13.99 -5.69 -85.53
C GLY D 156 12.99 -6.00 -84.42
N HIS D 157 12.71 -7.29 -84.20
CA HIS D 157 11.77 -7.85 -83.19
C HIS D 157 12.04 -7.22 -81.84
N PRO D 158 11.04 -6.60 -81.15
CA PRO D 158 11.33 -5.79 -79.95
C PRO D 158 11.85 -6.51 -78.70
N ASN D 159 11.97 -7.86 -78.71
CA ASN D 159 12.47 -8.69 -77.58
C ASN D 159 13.94 -9.10 -77.78
N ALA D 160 14.67 -8.39 -78.63
CA ALA D 160 16.15 -8.50 -78.79
C ALA D 160 16.81 -7.29 -78.10
N VAL D 161 16.27 -6.09 -78.41
CA VAL D 161 16.58 -4.79 -77.74
C VAL D 161 16.03 -4.84 -76.30
N ALA D 162 16.79 -4.31 -75.34
CA ALA D 162 16.45 -4.11 -73.90
C ALA D 162 17.37 -3.02 -73.30
N GLN D 163 16.89 -2.26 -72.31
CA GLN D 163 17.66 -1.18 -71.64
C GLN D 163 17.77 -1.46 -70.15
N THR D 164 18.92 -1.15 -69.55
CA THR D 164 19.13 -1.07 -68.08
C THR D 164 19.79 0.26 -67.74
N TYR D 165 19.59 0.71 -66.49
CA TYR D 165 20.23 1.90 -65.87
C TYR D 165 21.04 1.45 -64.64
N MET D 166 22.21 2.04 -64.45
CA MET D 166 23.04 1.96 -63.21
C MET D 166 23.47 3.39 -62.83
N HIS D 167 23.29 3.76 -61.56
CA HIS D 167 23.90 4.96 -60.94
C HIS D 167 25.22 4.54 -60.29
N MET D 168 26.29 5.31 -60.47
CA MET D 168 27.60 5.06 -59.82
C MET D 168 28.15 6.40 -59.31
N ASP D 169 28.83 6.36 -58.16
CA ASP D 169 29.25 7.58 -57.43
C ASP D 169 30.67 7.93 -57.92
N VAL D 170 30.77 8.29 -59.20
CA VAL D 170 32.06 8.59 -59.92
C VAL D 170 31.81 9.66 -60.99
N ASN D 171 32.89 10.34 -61.41
CA ASN D 171 32.91 11.21 -62.62
C ASN D 171 32.68 10.32 -63.84
N TYR D 172 31.87 10.81 -64.79
CA TYR D 172 31.50 10.10 -66.05
C TYR D 172 32.72 9.60 -66.84
N GLU D 173 33.77 10.43 -66.97
CA GLU D 173 34.95 10.12 -67.82
C GLU D 173 35.67 8.85 -67.33
N LEU D 174 35.55 8.48 -66.05
CA LEU D 174 36.08 7.19 -65.54
C LEU D 174 35.34 6.00 -66.16
N ILE D 175 34.03 6.13 -66.43
CA ILE D 175 33.22 5.01 -67.01
C ILE D 175 33.60 4.88 -68.48
N ILE D 176 33.48 5.97 -69.27
CA ILE D 176 33.94 6.01 -70.70
C ILE D 176 35.31 5.31 -70.81
N ASP D 177 36.31 5.81 -70.06
CA ASP D 177 37.71 5.27 -70.03
C ASP D 177 37.72 3.75 -69.85
N ASN D 178 36.83 3.18 -69.03
CA ASN D 178 36.72 1.72 -68.76
C ASN D 178 36.29 1.01 -70.04
N VAL D 179 35.19 1.49 -70.63
CA VAL D 179 34.52 0.95 -71.85
C VAL D 179 35.45 1.08 -73.07
N MET D 180 36.36 2.07 -73.10
CA MET D 180 37.29 2.29 -74.24
C MET D 180 38.58 1.46 -74.11
N ASP D 181 38.78 0.70 -73.02
CA ASP D 181 40.07 0.02 -72.66
C ASP D 181 39.72 -1.41 -72.23
N LEU D 182 39.03 -2.14 -73.09
CA LEU D 182 38.28 -3.40 -72.80
C LEU D 182 39.20 -4.57 -72.42
N SER D 183 40.53 -4.41 -72.52
CA SER D 183 41.57 -5.26 -71.87
C SER D 183 41.12 -5.75 -70.50
N HIS D 184 40.53 -4.84 -69.71
CA HIS D 184 40.00 -5.08 -68.33
C HIS D 184 39.16 -6.37 -68.26
N ILE D 185 38.44 -6.75 -69.32
CA ILE D 185 37.49 -7.91 -69.34
C ILE D 185 38.26 -9.21 -69.04
N ASP D 186 39.52 -9.33 -69.47
CA ASP D 186 40.39 -10.51 -69.20
C ASP D 186 40.42 -10.82 -67.70
N HIS D 187 40.64 -9.81 -66.85
CA HIS D 187 40.99 -9.96 -65.42
C HIS D 187 39.87 -9.51 -64.46
N VAL D 188 39.08 -8.47 -64.81
CA VAL D 188 37.98 -7.87 -63.97
C VAL D 188 36.80 -8.84 -63.87
N HIS D 189 36.30 -9.33 -65.03
CA HIS D 189 34.94 -9.92 -65.18
C HIS D 189 34.98 -11.44 -64.99
N GLY D 190 33.89 -12.00 -64.43
CA GLY D 190 33.66 -13.46 -64.29
C GLY D 190 33.05 -14.07 -65.54
N GLU D 191 32.54 -15.29 -65.43
CA GLU D 191 32.20 -16.25 -66.54
C GLU D 191 31.36 -15.56 -67.63
N ILE D 192 30.35 -14.75 -67.24
CA ILE D 192 29.23 -14.26 -68.10
C ILE D 192 29.79 -13.63 -69.39
N ILE D 193 30.95 -12.95 -69.35
CA ILE D 193 31.61 -12.32 -70.55
C ILE D 193 33.14 -12.47 -70.55
N THR D 194 33.77 -13.28 -69.69
CA THR D 194 35.26 -13.29 -69.56
C THR D 194 35.90 -13.69 -70.90
N THR D 195 37.02 -13.03 -71.25
CA THR D 195 37.79 -13.25 -72.50
C THR D 195 39.12 -14.00 -72.24
N ARG D 196 39.40 -14.40 -70.98
CA ARG D 196 40.40 -15.44 -70.61
C ARG D 196 41.83 -15.04 -71.03
N GLY D 197 42.24 -13.80 -70.78
CA GLY D 197 43.61 -13.33 -71.03
C GLY D 197 43.95 -13.10 -72.51
N GLN D 198 43.00 -13.29 -73.45
CA GLN D 198 43.25 -13.30 -74.92
C GLN D 198 43.13 -11.89 -75.51
N LEU D 199 42.28 -11.03 -74.93
CA LEU D 199 42.00 -9.67 -75.45
C LEU D 199 43.20 -8.75 -75.18
N SER D 200 43.82 -8.85 -74.00
CA SER D 200 44.90 -7.96 -73.49
C SER D 200 46.01 -7.79 -74.53
N PRO D 201 46.68 -8.87 -75.00
CA PRO D 201 47.81 -8.75 -75.94
C PRO D 201 47.53 -8.08 -77.29
N VAL D 202 46.28 -8.04 -77.74
CA VAL D 202 45.83 -7.42 -79.04
C VAL D 202 46.06 -5.91 -78.99
N VAL D 203 46.81 -5.36 -79.96
CA VAL D 203 46.86 -3.90 -80.23
C VAL D 203 45.65 -3.58 -81.12
N PRO D 204 44.68 -2.75 -80.66
CA PRO D 204 43.51 -2.42 -81.48
C PRO D 204 43.80 -1.37 -82.56
N LYS D 205 43.12 -1.50 -83.71
CA LYS D 205 43.07 -0.47 -84.78
C LYS D 205 42.13 0.64 -84.31
N VAL D 206 42.67 1.87 -84.16
CA VAL D 206 41.96 3.08 -83.65
C VAL D 206 41.96 4.14 -84.76
N ARG D 207 40.87 4.85 -84.98
CA ARG D 207 40.77 5.99 -85.93
C ARG D 207 40.00 7.14 -85.27
N GLU D 208 40.61 8.32 -85.20
CA GLU D 208 39.94 9.62 -84.92
C GLU D 208 39.24 10.07 -86.21
N ARG D 209 38.01 10.55 -86.12
CA ARG D 209 37.23 11.17 -87.24
C ARG D 209 36.54 12.43 -86.73
N ASP D 210 36.06 13.29 -87.64
CA ASP D 210 35.24 14.50 -87.31
C ASP D 210 33.96 14.17 -86.57
N THR D 211 33.31 13.05 -86.84
CA THR D 211 32.06 12.60 -86.15
C THR D 211 32.43 11.81 -84.88
N HIS D 212 33.14 10.69 -85.05
CA HIS D 212 33.38 9.67 -83.99
C HIS D 212 34.88 9.44 -83.78
N ILE D 213 35.23 8.61 -82.78
CA ILE D 213 36.55 7.93 -82.57
C ILE D 213 36.28 6.41 -82.50
N SER D 214 36.67 5.65 -83.53
CA SER D 214 36.48 4.16 -83.60
C SER D 214 37.68 3.45 -82.95
N ALA D 215 37.49 2.19 -82.54
CA ALA D 215 38.57 1.26 -82.09
C ALA D 215 38.10 -0.20 -82.25
N ARG D 216 38.87 -1.04 -82.97
CA ARG D 216 38.51 -2.46 -83.26
C ARG D 216 39.56 -3.40 -82.65
N TRP D 217 39.13 -4.30 -81.74
CA TRP D 217 39.86 -5.50 -81.28
C TRP D 217 39.28 -6.69 -82.04
N GLU D 218 40.14 -7.52 -82.65
CA GLU D 218 39.80 -8.90 -83.09
C GLU D 218 40.68 -9.89 -82.32
N TRP D 219 40.17 -11.09 -82.04
CA TRP D 219 40.95 -12.21 -81.44
C TRP D 219 40.21 -13.55 -81.64
N SER D 220 40.67 -14.62 -80.97
CA SER D 220 39.94 -15.90 -80.78
C SER D 220 40.22 -16.46 -79.37
N GLN D 221 39.26 -17.20 -78.81
CA GLN D 221 39.39 -17.90 -77.50
C GLN D 221 38.61 -19.22 -77.55
N THR D 222 38.78 -20.04 -76.51
CA THR D 222 38.10 -21.36 -76.36
C THR D 222 37.76 -21.56 -74.87
N PRO D 223 36.48 -21.72 -74.46
CA PRO D 223 35.31 -21.52 -75.33
C PRO D 223 35.15 -20.06 -75.73
N ALA D 224 34.24 -19.82 -76.68
CA ALA D 224 33.66 -18.49 -76.97
C ALA D 224 33.10 -17.87 -75.68
N MET D 225 33.03 -16.54 -75.63
CA MET D 225 32.40 -15.75 -74.51
C MET D 225 31.02 -16.33 -74.23
N MET D 226 30.71 -16.67 -72.96
CA MET D 226 29.46 -17.37 -72.52
C MET D 226 28.20 -16.72 -73.13
N ILE D 227 28.14 -15.38 -73.17
CA ILE D 227 27.08 -14.55 -73.78
C ILE D 227 26.67 -15.06 -75.19
N PHE D 228 27.59 -15.61 -76.00
CA PHE D 228 27.34 -16.11 -77.38
C PHE D 228 27.47 -17.63 -77.52
N ALA D 229 28.27 -18.30 -76.69
CA ALA D 229 28.78 -19.69 -76.92
C ALA D 229 27.65 -20.67 -77.22
N PRO D 230 26.55 -20.75 -76.41
CA PRO D 230 25.47 -21.74 -76.64
C PRO D 230 24.82 -21.66 -78.03
N PHE D 231 24.69 -20.45 -78.59
CA PHE D 231 24.07 -20.18 -79.90
C PHE D 231 25.05 -20.43 -81.06
N LEU D 232 26.34 -20.73 -80.79
CA LEU D 232 27.35 -21.02 -81.85
C LEU D 232 27.16 -22.45 -82.39
N PRO D 233 27.74 -22.78 -83.58
CA PRO D 233 27.74 -24.15 -84.10
C PRO D 233 28.21 -25.20 -83.06
N ARG D 234 29.39 -25.01 -82.47
CA ARG D 234 29.95 -25.88 -81.39
C ARG D 234 30.25 -24.99 -80.18
N PRO D 235 29.41 -24.98 -79.11
CA PRO D 235 29.64 -24.14 -77.93
C PRO D 235 31.04 -24.24 -77.29
N GLU D 236 31.49 -25.48 -77.04
CA GLU D 236 32.80 -25.86 -76.42
C GLU D 236 33.97 -25.35 -77.26
N ASP D 237 33.83 -25.34 -78.60
CA ASP D 237 34.95 -25.12 -79.56
C ASP D 237 35.28 -23.62 -79.64
N ALA D 238 36.46 -23.32 -80.20
CA ALA D 238 37.03 -21.96 -80.38
C ALA D 238 36.15 -21.15 -81.33
N ALA D 239 36.23 -19.82 -81.23
CA ALA D 239 35.47 -18.85 -82.06
C ALA D 239 36.24 -17.52 -82.17
N ARG D 240 36.38 -16.97 -83.39
CA ARG D 240 36.87 -15.59 -83.64
C ARG D 240 35.84 -14.58 -83.11
N HIS D 241 36.30 -13.56 -82.38
CA HIS D 241 35.48 -12.46 -81.82
C HIS D 241 35.96 -11.11 -82.35
N TYR D 242 35.07 -10.13 -82.38
CA TYR D 242 35.31 -8.73 -82.85
C TYR D 242 34.67 -7.78 -81.83
N PHE D 243 35.40 -6.74 -81.42
CA PHE D 243 34.89 -5.59 -80.64
C PHE D 243 35.10 -4.34 -81.50
N ASP D 244 34.07 -3.86 -82.22
CA ASP D 244 34.08 -2.52 -82.85
C ASP D 244 33.27 -1.58 -81.95
N ILE D 245 33.92 -0.52 -81.47
CA ILE D 245 33.33 0.54 -80.61
C ILE D 245 33.53 1.87 -81.34
N SER D 246 32.66 2.84 -81.10
CA SER D 246 32.86 4.26 -81.56
C SER D 246 32.31 5.23 -80.52
N TRP D 247 33.17 6.10 -79.96
CA TRP D 247 32.77 7.21 -79.07
C TRP D 247 32.17 8.33 -79.92
N THR D 248 31.03 8.88 -79.50
CA THR D 248 30.45 10.14 -80.02
C THR D 248 30.22 11.05 -78.81
N ALA D 249 30.35 12.37 -79.00
CA ALA D 249 30.10 13.37 -77.95
C ALA D 249 28.63 13.30 -77.50
N PRO D 250 28.29 13.58 -76.21
CA PRO D 250 29.26 13.88 -75.15
C PRO D 250 29.85 12.66 -74.43
N ALA D 251 29.15 11.51 -74.38
CA ALA D 251 29.56 10.34 -73.56
C ALA D 251 28.97 9.01 -74.08
N ASN D 252 28.77 8.88 -75.40
CA ASN D 252 28.06 7.73 -76.04
C ASN D 252 29.12 6.84 -76.70
N ILE D 253 29.01 5.51 -76.53
CA ILE D 253 29.93 4.47 -77.10
C ILE D 253 29.11 3.27 -77.59
N GLN D 254 29.19 2.91 -78.89
CA GLN D 254 28.21 2.02 -79.61
C GLN D 254 28.77 0.62 -79.88
N LEU D 255 29.45 0.02 -78.88
CA LEU D 255 30.08 -1.35 -78.80
C LEU D 255 29.28 -2.40 -79.58
N SER D 256 29.81 -2.87 -80.72
CA SER D 256 29.30 -4.01 -81.53
C SER D 256 30.22 -5.20 -81.29
N VAL D 257 29.65 -6.38 -81.03
CA VAL D 257 30.39 -7.59 -80.55
C VAL D 257 29.68 -8.85 -81.03
N GLY D 258 30.43 -9.94 -81.15
CA GLY D 258 29.90 -11.21 -81.66
C GLY D 258 30.99 -12.23 -81.94
N ALA D 259 30.57 -13.48 -82.15
CA ALA D 259 31.44 -14.66 -82.35
C ALA D 259 31.01 -15.39 -83.63
N VAL D 260 31.94 -15.59 -84.56
CA VAL D 260 31.78 -16.47 -85.77
C VAL D 260 32.57 -17.76 -85.50
N GLN D 261 32.08 -18.90 -86.02
CA GLN D 261 32.83 -20.19 -86.13
C GLN D 261 32.91 -20.56 -87.62
N ASP D 262 33.97 -21.25 -88.02
CA ASP D 262 34.21 -21.79 -89.40
C ASP D 262 34.47 -20.63 -90.38
N SER D 263 33.46 -19.79 -90.65
CA SER D 263 33.51 -18.68 -91.64
C SER D 263 34.62 -17.65 -91.31
N ASP D 264 35.19 -17.02 -92.35
CA ASP D 264 36.17 -15.90 -92.24
C ASP D 264 35.40 -14.58 -92.13
N ASP D 265 34.49 -14.35 -93.08
CA ASP D 265 33.38 -13.35 -93.04
C ASP D 265 32.74 -13.37 -91.65
N PHE D 266 32.87 -12.28 -90.88
CA PHE D 266 32.22 -12.09 -89.55
C PHE D 266 30.70 -11.98 -89.68
N GLY D 267 30.19 -11.62 -90.88
CA GLY D 267 28.76 -11.52 -91.25
C GLY D 267 27.84 -12.57 -90.66
N ASP D 268 28.31 -13.81 -90.43
CA ASP D 268 27.51 -14.95 -89.86
C ASP D 268 27.45 -14.93 -88.32
N ALA D 269 28.22 -14.06 -87.64
CA ALA D 269 28.50 -14.15 -86.18
C ALA D 269 27.22 -14.06 -85.34
N THR D 270 27.14 -14.85 -84.26
CA THR D 270 26.21 -14.65 -83.11
C THR D 270 26.57 -13.32 -82.44
N SER D 271 26.02 -12.20 -82.95
CA SER D 271 26.45 -10.81 -82.65
C SER D 271 25.36 -10.02 -81.90
N GLN D 272 25.47 -8.68 -81.88
CA GLN D 272 24.93 -7.78 -80.82
C GLN D 272 25.29 -6.32 -81.11
N TYR D 273 24.35 -5.38 -80.93
CA TYR D 273 24.59 -3.91 -80.98
C TYR D 273 24.26 -3.30 -79.62
N ASP D 274 25.30 -2.89 -78.90
CA ASP D 274 25.21 -2.22 -77.58
C ASP D 274 25.42 -0.70 -77.73
N LEU D 275 24.85 0.03 -76.77
CA LEU D 275 25.12 1.47 -76.51
C LEU D 275 25.36 1.66 -75.02
N HIS D 276 26.60 1.98 -74.67
CA HIS D 276 27.00 2.59 -73.38
C HIS D 276 26.86 4.10 -73.57
N THR D 277 26.01 4.77 -72.78
CA THR D 277 25.97 6.26 -72.67
C THR D 277 25.99 6.65 -71.20
N CYS D 278 26.68 7.76 -70.89
CA CYS D 278 26.70 8.43 -69.56
C CYS D 278 26.07 9.81 -69.65
N THR D 279 25.75 10.35 -68.47
CA THR D 279 25.00 11.61 -68.23
C THR D 279 25.32 12.05 -66.81
N PRO D 280 26.26 13.00 -66.57
CA PRO D 280 26.72 13.28 -65.21
C PRO D 280 25.61 13.91 -64.35
N GLU D 281 25.46 13.42 -63.11
CA GLU D 281 24.52 13.97 -62.09
C GLU D 281 25.13 15.26 -61.55
N ASP D 282 26.39 15.19 -61.12
CA ASP D 282 27.32 16.33 -60.91
C ASP D 282 28.75 15.74 -61.01
N ALA D 283 29.79 16.53 -60.71
CA ALA D 283 31.23 16.17 -60.82
C ALA D 283 31.43 14.66 -60.66
N PHE D 284 31.15 14.13 -59.47
CA PHE D 284 31.54 12.77 -59.02
C PHE D 284 30.30 11.89 -58.73
N LYS D 285 29.24 12.06 -59.53
CA LYS D 285 28.15 11.06 -59.70
C LYS D 285 27.82 11.00 -61.20
N THR D 286 27.38 9.82 -61.68
CA THR D 286 27.13 9.59 -63.13
C THR D 286 25.96 8.63 -63.32
N HIS D 287 24.98 9.04 -64.13
CA HIS D 287 23.87 8.21 -64.67
C HIS D 287 24.42 7.42 -65.86
N TYR D 288 24.56 6.10 -65.72
CA TYR D 288 25.14 5.18 -66.72
C TYR D 288 24.02 4.32 -67.28
N PHE D 289 23.67 4.54 -68.54
CA PHE D 289 22.63 3.79 -69.27
C PHE D 289 23.32 2.84 -70.27
N PHE D 290 22.75 1.64 -70.40
CA PHE D 290 23.17 0.58 -71.35
C PHE D 290 21.94 0.09 -72.11
N ALA D 291 22.11 -0.19 -73.41
CA ALA D 291 21.15 -0.92 -74.26
C ALA D 291 21.91 -1.96 -75.09
N THR D 292 21.56 -3.25 -74.98
CA THR D 292 21.89 -4.32 -75.97
C THR D 292 20.81 -4.32 -77.07
N ARG D 293 21.13 -4.85 -78.26
CA ARG D 293 20.14 -5.46 -79.19
C ARG D 293 20.81 -6.67 -79.89
N ARG D 294 20.50 -7.86 -79.41
CA ARG D 294 21.07 -9.14 -79.92
C ARG D 294 20.43 -9.49 -81.29
N ASN D 295 21.18 -10.24 -82.12
CA ASN D 295 20.73 -10.69 -83.47
C ASN D 295 20.22 -12.14 -83.43
N HIS D 296 20.27 -12.81 -82.28
CA HIS D 296 19.98 -14.26 -82.12
C HIS D 296 18.70 -14.41 -81.27
N ILE D 297 17.95 -15.52 -81.47
CA ILE D 297 16.64 -15.86 -80.82
C ILE D 297 15.83 -14.57 -80.52
N VAL D 298 15.61 -13.75 -81.56
CA VAL D 298 15.15 -12.33 -81.45
C VAL D 298 13.79 -12.25 -80.74
N ASP D 299 12.93 -13.27 -80.86
CA ASP D 299 11.54 -13.26 -80.32
C ASP D 299 11.50 -13.46 -78.80
N ASP D 300 12.43 -14.23 -78.20
CA ASP D 300 12.29 -14.77 -76.81
C ASP D 300 12.51 -13.65 -75.78
N ALA D 301 11.43 -13.01 -75.31
CA ALA D 301 11.47 -11.96 -74.24
C ALA D 301 11.75 -12.59 -72.88
N ASP D 302 11.36 -13.86 -72.67
CA ASP D 302 11.66 -14.62 -71.42
C ASP D 302 13.19 -14.60 -71.18
N TYR D 303 13.97 -14.87 -72.24
CA TYR D 303 15.46 -14.84 -72.24
C TYR D 303 15.96 -13.38 -72.24
N ASN D 304 15.33 -12.47 -73.01
CA ASN D 304 15.81 -11.07 -73.17
C ASN D 304 16.01 -10.41 -71.80
N ARG D 305 15.02 -10.58 -70.93
CA ARG D 305 15.05 -10.11 -69.52
C ARG D 305 16.23 -10.81 -68.81
N LYS D 306 16.35 -12.14 -68.94
CA LYS D 306 17.42 -12.94 -68.29
C LYS D 306 18.82 -12.48 -68.73
N LYS D 307 18.97 -12.03 -69.98
CA LYS D 307 20.24 -11.43 -70.49
C LYS D 307 20.48 -10.07 -69.83
N ILE D 308 19.64 -9.08 -70.15
CA ILE D 308 19.81 -7.64 -69.72
C ILE D 308 19.97 -7.57 -68.19
N GLU D 309 19.34 -8.47 -67.42
CA GLU D 309 19.55 -8.60 -65.94
C GLU D 309 20.98 -9.09 -65.66
N ALA D 310 21.43 -10.15 -66.33
CA ALA D 310 22.78 -10.76 -66.18
C ALA D 310 23.87 -9.86 -66.81
N MET D 311 23.49 -8.91 -67.67
CA MET D 311 24.39 -7.83 -68.17
C MET D 311 24.60 -6.78 -67.08
N HIS D 312 23.50 -6.19 -66.59
CA HIS D 312 23.49 -5.18 -65.49
C HIS D 312 24.35 -5.72 -64.34
N ALA D 313 24.03 -6.94 -63.88
CA ALA D 313 24.83 -7.74 -62.92
C ALA D 313 26.32 -7.53 -63.17
N ALA D 314 26.83 -7.94 -64.33
CA ALA D 314 28.27 -7.89 -64.71
C ALA D 314 28.83 -6.49 -64.52
N PHE D 315 28.15 -5.45 -65.01
CA PHE D 315 28.62 -4.04 -64.91
C PHE D 315 28.60 -3.58 -63.45
N GLU D 316 27.44 -3.69 -62.80
CA GLU D 316 27.16 -3.17 -61.44
C GLU D 316 28.02 -3.90 -60.40
N THR D 317 28.16 -5.22 -60.51
CA THR D 317 28.79 -6.08 -59.47
C THR D 317 30.31 -6.24 -59.71
N GLU D 318 30.79 -6.26 -60.96
CA GLU D 318 32.22 -6.55 -61.29
C GLU D 318 32.94 -5.27 -61.72
N ASP D 319 32.38 -4.47 -62.64
CA ASP D 319 32.96 -3.19 -63.12
C ASP D 319 32.77 -2.08 -62.08
N GLY D 320 31.51 -1.88 -61.66
CA GLY D 320 31.08 -0.91 -60.63
C GLY D 320 32.11 -0.74 -59.53
N PRO D 321 32.39 -1.78 -58.70
CA PRO D 321 33.28 -1.64 -57.54
C PRO D 321 34.72 -1.19 -57.82
N ILE D 322 35.32 -1.57 -58.97
CA ILE D 322 36.72 -1.16 -59.32
C ILE D 322 36.72 0.33 -59.65
N ILE D 323 35.77 0.77 -60.49
CA ILE D 323 35.71 2.18 -61.00
C ILE D 323 35.46 3.11 -59.80
N THR D 324 34.52 2.74 -58.92
CA THR D 324 34.23 3.46 -57.64
C THR D 324 35.48 3.40 -56.74
N ALA D 325 36.12 2.25 -56.56
CA ALA D 325 37.37 2.13 -55.76
C ALA D 325 38.43 3.10 -56.28
N VAL D 326 38.63 3.11 -57.60
CA VAL D 326 39.62 4.00 -58.29
C VAL D 326 39.27 5.43 -57.91
N GLN D 327 38.05 5.86 -58.23
CA GLN D 327 37.54 7.23 -57.94
C GLN D 327 37.99 7.65 -56.53
N GLU D 328 37.73 6.81 -55.51
CA GLU D 328 38.10 7.09 -54.09
C GLU D 328 39.61 7.32 -54.00
N GLU D 329 40.41 6.37 -54.52
CA GLU D 329 41.89 6.48 -54.50
C GLU D 329 42.35 7.74 -55.25
N MET D 330 41.69 8.12 -56.34
CA MET D 330 42.03 9.31 -57.15
C MET D 330 41.70 10.61 -56.39
N GLY D 331 40.73 10.58 -55.48
CA GLY D 331 40.14 11.79 -54.88
C GLY D 331 39.55 12.69 -55.96
N GLU D 332 39.59 14.00 -55.74
CA GLU D 332 38.95 15.01 -56.62
C GLU D 332 39.87 15.39 -57.77
N ALA D 333 41.13 14.91 -57.79
CA ALA D 333 42.20 15.44 -58.66
C ALA D 333 42.00 14.93 -60.09
N GLU D 334 42.21 15.82 -61.07
CA GLU D 334 42.00 15.58 -62.53
C GLU D 334 42.94 14.47 -62.99
N PHE D 335 42.42 13.51 -63.76
CA PHE D 335 43.08 12.25 -64.17
C PHE D 335 44.55 12.48 -64.59
N PHE D 336 44.75 13.20 -65.70
CA PHE D 336 46.08 13.50 -66.29
C PHE D 336 46.99 14.19 -65.27
N SER D 337 46.44 15.06 -64.40
CA SER D 337 47.18 15.77 -63.33
C SER D 337 47.97 14.77 -62.46
N LEU D 338 47.43 13.56 -62.24
CA LEU D 338 48.07 12.52 -61.39
C LEU D 338 49.18 11.74 -62.13
N ASP D 339 49.54 12.13 -63.37
CA ASP D 339 50.68 11.56 -64.16
C ASP D 339 50.49 10.05 -64.34
N PRO D 340 49.35 9.59 -64.93
CA PRO D 340 49.12 8.17 -65.12
C PRO D 340 50.14 7.58 -66.09
N VAL D 341 50.54 6.33 -65.86
CA VAL D 341 51.51 5.59 -66.72
C VAL D 341 50.73 4.93 -67.86
N LEU D 342 50.52 5.68 -68.95
CA LEU D 342 49.67 5.31 -70.11
C LEU D 342 50.48 4.38 -71.04
N MET D 343 49.79 3.48 -71.75
CA MET D 343 50.36 2.27 -72.38
C MET D 343 49.65 1.94 -73.70
N SER D 344 49.94 0.77 -74.31
CA SER D 344 49.38 0.31 -75.62
C SER D 344 47.86 0.44 -75.64
N ASN D 345 47.18 -0.06 -74.60
CA ASN D 345 45.70 -0.16 -74.51
C ASN D 345 45.02 1.18 -74.13
N ASP D 346 45.76 2.25 -73.78
CA ASP D 346 45.20 3.55 -73.32
C ASP D 346 45.11 4.60 -74.44
N VAL D 347 45.28 4.22 -75.72
CA VAL D 347 45.42 5.21 -76.83
C VAL D 347 44.04 5.80 -77.13
N ALA D 348 43.07 4.92 -77.44
CA ALA D 348 41.64 5.25 -77.63
C ALA D 348 41.09 6.10 -76.47
N PRO D 349 41.10 5.61 -75.20
CA PRO D 349 40.50 6.36 -74.08
C PRO D 349 41.10 7.74 -73.79
N VAL D 350 42.36 7.97 -74.17
CA VAL D 350 43.03 9.30 -74.10
C VAL D 350 42.46 10.20 -75.21
N LYS D 351 42.56 9.77 -76.47
CA LYS D 351 42.05 10.51 -77.66
C LYS D 351 40.65 11.07 -77.34
N VAL D 352 39.80 10.23 -76.74
CA VAL D 352 38.43 10.60 -76.28
C VAL D 352 38.56 11.79 -75.30
N ARG D 353 39.09 11.57 -74.10
CA ARG D 353 39.24 12.57 -73.01
C ARG D 353 39.71 13.91 -73.59
N ARG D 354 40.72 13.88 -74.47
CA ARG D 354 41.32 15.06 -75.12
C ARG D 354 40.31 15.73 -76.07
N ARG D 355 39.62 14.94 -76.90
CA ARG D 355 38.63 15.45 -77.89
C ARG D 355 37.50 16.16 -77.12
N LEU D 356 36.90 15.46 -76.16
CA LEU D 356 35.85 15.99 -75.24
C LEU D 356 36.36 17.26 -74.56
N ARG D 357 37.60 17.26 -74.04
CA ARG D 357 38.26 18.45 -73.41
C ARG D 357 38.28 19.60 -74.43
N ARG D 358 38.84 19.33 -75.60
CA ARG D 358 38.98 20.33 -76.70
C ARG D 358 37.59 20.88 -77.02
N MET D 359 36.60 20.00 -77.24
CA MET D 359 35.20 20.35 -77.56
C MET D 359 34.61 21.29 -76.49
N ILE D 360 34.82 20.99 -75.20
CA ILE D 360 34.26 21.78 -74.06
C ILE D 360 34.82 23.21 -74.15
N VAL D 361 36.12 23.35 -74.35
CA VAL D 361 36.81 24.68 -74.39
C VAL D 361 36.31 25.44 -75.63
N GLU D 362 36.35 24.78 -76.82
CA GLU D 362 35.82 25.29 -78.11
C GLU D 362 34.38 25.80 -77.94
N GLU D 363 33.57 25.09 -77.14
CA GLU D 363 32.14 25.42 -76.89
C GLU D 363 32.07 26.66 -76.01
N GLN D 364 32.79 26.69 -74.89
CA GLN D 364 32.94 27.87 -73.97
C GLN D 364 33.39 29.12 -74.75
N ALA D 365 34.27 28.94 -75.75
CA ALA D 365 34.72 30.05 -76.63
C ALA D 365 33.51 30.68 -77.35
N ALA D 366 32.87 29.90 -78.21
CA ALA D 366 31.70 30.32 -79.04
C ALA D 366 30.44 30.51 -78.17
N ALA D 367 30.47 30.21 -76.86
CA ALA D 367 29.48 30.66 -75.85
C ALA D 367 29.71 32.13 -75.51
N ALA D 368 30.95 32.51 -75.19
CA ALA D 368 31.36 33.90 -74.86
C ALA D 368 31.36 34.79 -76.11
N ALA D 369 31.47 34.21 -77.32
CA ALA D 369 31.49 34.94 -78.62
C ALA D 369 30.06 35.04 -79.22
N ALA D 370 29.16 34.10 -78.91
CA ALA D 370 27.69 34.18 -79.16
C ALA D 370 27.00 35.02 -78.08
N ASP D 371 27.67 35.22 -76.92
CA ASP D 371 27.28 36.22 -75.88
C ASP D 371 27.50 37.64 -76.41
N ALA D 372 28.57 37.86 -77.20
CA ALA D 372 28.84 39.10 -77.96
C ALA D 372 28.00 39.15 -79.25
N ALA D 373 27.98 38.04 -80.01
CA ALA D 373 27.34 37.89 -81.35
C ALA D 373 26.32 36.74 -81.33
N GLY E 22 42.38 26.09 -44.55
CA GLY E 22 42.99 25.10 -45.50
C GLY E 22 43.94 24.14 -44.78
N SER E 23 44.12 22.92 -45.32
CA SER E 23 44.88 21.81 -44.67
C SER E 23 46.38 22.16 -44.61
N THR E 24 46.75 22.87 -43.54
CA THR E 24 48.13 22.92 -42.99
C THR E 24 48.29 21.78 -41.97
N PHE E 25 47.66 20.58 -42.12
CA PHE E 25 47.94 19.44 -41.20
C PHE E 25 49.38 18.96 -41.42
N GLU E 26 50.24 18.99 -40.40
CA GLU E 26 51.69 18.66 -40.49
C GLU E 26 52.04 17.64 -39.41
N CYS E 27 52.49 16.44 -39.80
CA CYS E 27 53.07 15.40 -38.92
C CYS E 27 54.58 15.34 -39.14
N LEU E 28 55.31 14.79 -38.17
CA LEU E 28 56.75 14.43 -38.32
C LEU E 28 56.83 13.36 -39.41
N LYS E 29 57.74 13.51 -40.40
CA LYS E 29 57.88 12.57 -41.54
C LYS E 29 58.97 11.54 -41.25
N ARG E 30 60.17 12.00 -40.89
CA ARG E 30 61.41 11.20 -40.63
C ARG E 30 61.34 10.55 -39.24
N ALA E 31 60.38 9.68 -39.04
CA ALA E 31 60.23 8.85 -37.82
C ALA E 31 59.34 7.64 -38.12
N TRP E 32 59.37 6.67 -37.21
CA TRP E 32 58.70 5.36 -37.33
C TRP E 32 57.32 5.43 -36.64
N TYR E 33 56.26 5.26 -37.42
CA TYR E 33 54.83 5.14 -36.98
C TYR E 33 54.44 3.67 -37.02
N VAL E 34 53.63 3.18 -36.06
CA VAL E 34 53.07 1.80 -36.13
C VAL E 34 52.00 1.74 -37.21
N ALA E 35 52.24 0.95 -38.26
CA ALA E 35 51.33 0.80 -39.42
C ALA E 35 50.28 -0.28 -39.14
N ALA E 36 50.64 -1.33 -38.39
CA ALA E 36 49.78 -2.51 -38.14
C ALA E 36 50.41 -3.41 -37.07
N MET E 37 49.56 -4.10 -36.30
CA MET E 37 49.98 -5.21 -35.41
C MET E 37 50.53 -6.31 -36.30
N SER E 38 51.61 -6.97 -35.88
CA SER E 38 52.20 -8.16 -36.56
C SER E 38 51.06 -9.11 -36.95
N SER E 39 50.11 -9.36 -36.04
CA SER E 39 48.93 -10.24 -36.23
C SER E 39 48.08 -9.87 -37.47
N GLU E 40 48.08 -8.61 -37.93
CA GLU E 40 47.10 -8.11 -38.94
C GLU E 40 47.47 -8.52 -40.37
N VAL E 41 48.61 -9.16 -40.62
CA VAL E 41 49.06 -9.54 -42.00
C VAL E 41 49.21 -11.07 -42.08
N GLU E 42 48.22 -11.75 -42.67
CA GLU E 42 48.05 -13.23 -42.61
C GLU E 42 48.64 -13.86 -43.88
N GLY E 43 49.98 -13.92 -43.98
CA GLY E 43 50.72 -14.52 -45.10
C GLY E 43 50.17 -14.09 -46.45
N GLU E 44 49.18 -14.84 -46.94
CA GLU E 44 48.51 -14.72 -48.28
C GLU E 44 47.74 -13.40 -48.41
N ALA E 45 47.02 -13.00 -47.35
CA ALA E 45 46.21 -11.75 -47.25
C ALA E 45 46.97 -10.54 -47.82
N LEU E 46 46.24 -9.67 -48.54
CA LEU E 46 46.67 -8.32 -48.97
C LEU E 46 46.02 -7.29 -48.03
N PHE E 47 46.66 -7.01 -46.89
CA PHE E 47 46.28 -5.95 -45.90
C PHE E 47 46.41 -4.57 -46.58
N HIS E 48 45.40 -3.70 -46.40
CA HIS E 48 45.39 -2.28 -46.85
C HIS E 48 45.07 -1.39 -45.64
N ARG E 49 45.65 -0.18 -45.58
CA ARG E 49 45.33 0.81 -44.51
C ARG E 49 45.82 2.21 -44.91
N ARG E 50 45.02 3.22 -44.55
CA ARG E 50 45.36 4.65 -44.78
C ARG E 50 46.29 5.12 -43.64
N ILE E 51 47.45 5.68 -43.98
CA ILE E 51 48.52 6.10 -43.02
C ILE E 51 49.07 7.47 -43.48
N LEU E 52 49.03 8.48 -42.58
CA LEU E 52 49.41 9.88 -42.88
C LEU E 52 48.81 10.31 -44.22
N GLY E 53 47.51 10.06 -44.41
CA GLY E 53 46.73 10.38 -45.63
C GLY E 53 47.25 9.70 -46.89
N THR E 54 47.85 8.51 -46.75
CA THR E 54 48.41 7.72 -47.88
C THR E 54 47.80 6.32 -47.85
N SER E 55 47.26 5.88 -48.99
CA SER E 55 46.79 4.48 -49.16
C SER E 55 48.04 3.59 -49.14
N VAL E 56 48.07 2.58 -48.27
CA VAL E 56 49.25 1.68 -48.06
C VAL E 56 48.75 0.23 -48.08
N MET E 57 49.36 -0.59 -48.94
CA MET E 57 49.22 -2.06 -48.95
C MET E 57 50.38 -2.68 -48.17
N ILE E 58 50.10 -3.76 -47.44
CA ILE E 58 51.13 -4.64 -46.81
C ILE E 58 50.76 -6.09 -47.16
N TYR E 59 51.78 -6.95 -47.32
CA TYR E 59 51.65 -8.43 -47.41
C TYR E 59 52.99 -9.03 -46.99
N ARG E 60 52.95 -10.29 -46.54
CA ARG E 60 54.17 -11.10 -46.27
C ARG E 60 54.53 -11.86 -47.55
N LEU E 61 55.77 -12.32 -47.63
CA LEU E 61 56.31 -13.12 -48.75
C LEU E 61 56.26 -14.59 -48.30
N ALA E 62 56.84 -15.50 -49.08
CA ALA E 62 57.02 -16.93 -48.71
C ALA E 62 57.69 -16.99 -47.34
N ASP E 63 58.83 -16.31 -47.18
CA ASP E 63 59.73 -16.40 -46.00
C ASP E 63 59.26 -15.48 -44.85
N GLY E 64 57.99 -15.11 -44.79
CA GLY E 64 57.41 -14.27 -43.71
C GLY E 64 57.69 -12.78 -43.86
N THR E 65 58.55 -12.37 -44.81
CA THR E 65 59.16 -11.02 -44.87
C THR E 65 58.07 -10.00 -45.22
N PRO E 66 57.72 -9.05 -44.34
CA PRO E 66 56.63 -8.11 -44.61
C PRO E 66 57.07 -7.00 -45.57
N VAL E 67 56.18 -6.58 -46.46
CA VAL E 67 56.45 -5.59 -47.56
C VAL E 67 55.34 -4.53 -47.54
N ALA E 68 55.70 -3.26 -47.71
CA ALA E 68 54.77 -2.10 -47.70
C ALA E 68 54.91 -1.30 -49.00
N MET E 69 53.78 -1.02 -49.66
CA MET E 69 53.69 -0.34 -50.99
C MET E 69 52.55 0.69 -50.98
N HIS E 70 52.65 1.72 -51.82
CA HIS E 70 51.52 2.67 -52.11
C HIS E 70 50.38 1.84 -52.74
N ASP E 71 49.27 1.62 -52.02
CA ASP E 71 48.13 0.78 -52.50
C ASP E 71 47.45 1.50 -53.68
N ARG E 72 48.10 1.51 -54.84
CA ARG E 72 47.75 2.37 -55.99
C ARG E 72 48.60 2.02 -57.22
N CYS E 73 48.04 1.25 -58.15
CA CYS E 73 48.68 0.91 -59.45
C CYS E 73 48.91 2.20 -60.22
N PRO E 74 50.16 2.50 -60.67
CA PRO E 74 50.44 3.78 -61.33
C PRO E 74 49.88 3.94 -62.76
N HIS E 75 49.32 2.87 -63.35
CA HIS E 75 48.61 2.89 -64.66
C HIS E 75 47.37 3.79 -64.60
N ARG E 76 46.26 3.31 -64.00
CA ARG E 76 44.99 4.08 -63.89
C ARG E 76 44.58 4.28 -62.41
N PHE E 77 45.51 4.11 -61.47
CA PHE E 77 45.36 4.44 -60.02
C PHE E 77 44.33 3.53 -59.33
N ALA E 78 44.11 2.32 -59.84
CA ALA E 78 43.37 1.26 -59.14
C ALA E 78 44.14 0.89 -57.87
N PRO E 79 43.48 0.70 -56.69
CA PRO E 79 44.16 0.08 -55.55
C PRO E 79 44.63 -1.36 -55.86
N LEU E 80 45.80 -1.70 -55.33
CA LEU E 80 46.50 -2.98 -55.64
C LEU E 80 45.96 -4.11 -54.75
N HIS E 81 45.60 -3.81 -53.48
CA HIS E 81 44.97 -4.76 -52.54
C HIS E 81 43.77 -5.49 -53.19
N LEU E 82 43.04 -4.79 -54.06
CA LEU E 82 41.88 -5.35 -54.83
C LEU E 82 42.35 -6.38 -55.86
N GLY E 83 43.54 -6.16 -56.43
CA GLY E 83 44.29 -7.10 -57.29
C GLY E 83 44.41 -8.53 -56.74
N GLN E 84 44.80 -9.45 -57.62
CA GLN E 84 45.04 -10.89 -57.32
C GLN E 84 46.56 -11.09 -57.08
N ARG E 85 46.90 -11.89 -56.07
CA ARG E 85 48.30 -12.18 -55.63
C ARG E 85 48.86 -13.31 -56.51
N GLU E 86 50.15 -13.27 -56.85
CA GLU E 86 50.83 -14.24 -57.78
C GLU E 86 52.20 -14.60 -57.19
N GLY E 87 52.19 -15.43 -56.15
CA GLY E 87 53.38 -15.85 -55.38
C GLY E 87 53.85 -14.73 -54.46
N ASP E 88 54.95 -14.07 -54.81
CA ASP E 88 55.51 -12.89 -54.09
C ASP E 88 55.36 -11.63 -54.98
N GLU E 89 54.41 -11.68 -55.92
CA GLU E 89 54.04 -10.55 -56.81
C GLU E 89 52.54 -10.32 -56.70
N ILE E 90 52.10 -9.09 -57.02
CA ILE E 90 50.67 -8.65 -57.00
C ILE E 90 50.37 -8.16 -58.41
N ALA E 91 49.30 -8.68 -59.04
CA ALA E 91 48.74 -8.22 -60.33
C ALA E 91 47.51 -7.37 -60.04
N CYS E 92 47.45 -6.16 -60.59
CA CYS E 92 46.35 -5.18 -60.37
C CYS E 92 45.09 -5.67 -61.08
N ARG E 93 43.93 -5.60 -60.42
CA ARG E 93 42.73 -6.33 -60.88
C ARG E 93 42.19 -5.70 -62.17
N TYR E 94 42.57 -4.46 -62.50
CA TYR E 94 42.07 -3.71 -63.68
C TYR E 94 42.72 -4.31 -64.96
N HIS E 95 43.97 -3.97 -65.28
CA HIS E 95 44.64 -4.41 -66.54
C HIS E 95 45.90 -5.27 -66.28
N ALA E 96 46.10 -5.76 -65.04
CA ALA E 96 46.92 -6.96 -64.72
C ALA E 96 48.42 -6.73 -64.87
N LEU E 97 48.90 -5.49 -64.75
CA LEU E 97 50.34 -5.20 -64.49
C LEU E 97 50.72 -5.86 -63.16
N ARG E 98 51.76 -6.70 -63.18
CA ARG E 98 52.33 -7.32 -61.94
C ARG E 98 53.44 -6.45 -61.39
N PHE E 99 53.65 -6.49 -60.07
CA PHE E 99 54.77 -5.81 -59.36
C PHE E 99 55.36 -6.76 -58.31
N ASP E 100 56.68 -6.72 -58.16
CA ASP E 100 57.49 -7.44 -57.12
C ASP E 100 57.40 -6.70 -55.79
N ALA E 101 57.97 -7.27 -54.73
CA ALA E 101 58.09 -6.65 -53.39
C ALA E 101 58.78 -5.27 -53.46
N ASP E 102 59.77 -5.09 -54.34
CA ASP E 102 60.46 -3.79 -54.56
C ASP E 102 59.56 -2.80 -55.31
N GLY E 103 58.47 -3.25 -55.91
CA GLY E 103 57.45 -2.39 -56.54
C GLY E 103 57.85 -1.94 -57.92
N ARG E 104 58.81 -2.60 -58.58
CA ARG E 104 59.05 -2.49 -60.05
C ARG E 104 58.09 -3.47 -60.75
N CYS E 105 57.62 -3.11 -61.94
CA CYS E 105 56.67 -3.92 -62.74
C CYS E 105 57.43 -5.10 -63.37
N THR E 106 56.95 -6.33 -63.13
CA THR E 106 57.58 -7.60 -63.58
C THR E 106 56.97 -8.11 -64.90
N HIS E 107 55.83 -7.57 -65.34
CA HIS E 107 55.04 -8.12 -66.49
C HIS E 107 53.96 -7.13 -66.94
N ASN E 108 53.93 -6.81 -68.24
CA ASN E 108 52.81 -6.15 -68.95
C ASN E 108 52.24 -7.17 -69.93
N PRO E 109 50.95 -7.57 -69.82
CA PRO E 109 50.34 -8.53 -70.74
C PRO E 109 49.69 -7.90 -71.98
N HIS E 110 49.77 -6.57 -72.14
CA HIS E 110 49.20 -5.80 -73.29
C HIS E 110 50.21 -5.66 -74.43
N GLY E 111 49.67 -5.32 -75.62
CA GLY E 111 50.39 -4.95 -76.85
C GLY E 111 51.65 -5.76 -77.08
N ASN E 112 52.74 -5.08 -77.44
CA ASN E 112 54.10 -5.65 -77.67
C ASN E 112 54.61 -6.43 -76.43
N GLY E 113 54.36 -5.92 -75.22
CA GLY E 113 54.72 -6.58 -73.94
C GLY E 113 55.71 -5.75 -73.13
N ARG E 114 56.47 -4.88 -73.80
CA ARG E 114 57.52 -3.98 -73.21
C ARG E 114 56.93 -3.26 -71.98
N ILE E 115 57.70 -3.21 -70.89
CA ILE E 115 57.27 -2.77 -69.52
C ILE E 115 57.91 -1.43 -69.22
N PRO E 116 57.23 -0.26 -69.27
CA PRO E 116 57.91 1.03 -69.17
C PRO E 116 58.68 1.18 -67.85
N ASP E 117 59.86 1.82 -67.88
CA ASP E 117 60.73 2.03 -66.68
C ASP E 117 59.89 2.68 -65.57
N ALA E 118 59.04 3.63 -65.96
CA ALA E 118 58.10 4.42 -65.13
C ALA E 118 57.12 3.57 -64.30
N ALA E 119 56.77 2.33 -64.71
CA ALA E 119 55.77 1.47 -64.03
C ALA E 119 56.29 0.99 -62.66
N ARG E 120 56.25 1.88 -61.67
CA ARG E 120 56.81 1.60 -60.31
C ARG E 120 55.77 1.98 -59.24
N VAL E 121 55.59 1.11 -58.24
CA VAL E 121 54.92 1.44 -56.96
C VAL E 121 56.02 1.84 -55.96
N ARG E 122 55.81 2.94 -55.23
CA ARG E 122 56.77 3.40 -54.19
C ARG E 122 56.67 2.45 -52.99
N ARG E 123 57.83 1.97 -52.52
CA ARG E 123 57.96 1.04 -51.36
C ARG E 123 58.23 1.85 -50.08
N PHE E 124 57.66 1.40 -48.96
CA PHE E 124 57.80 2.03 -47.62
C PHE E 124 58.68 1.13 -46.76
N PRO E 125 59.88 1.58 -46.32
CA PRO E 125 60.70 0.83 -45.37
C PRO E 125 59.88 0.41 -44.13
N LEU E 126 59.86 -0.90 -43.84
CA LEU E 126 59.23 -1.50 -42.63
C LEU E 126 60.31 -1.93 -41.64
N LEU E 127 59.91 -2.06 -40.37
CA LEU E 127 60.73 -2.62 -39.25
C LEU E 127 59.78 -3.38 -38.32
N GLU E 128 59.92 -4.71 -38.20
CA GLU E 128 58.97 -5.56 -37.44
C GLU E 128 59.56 -5.83 -36.05
N ARG E 129 59.39 -4.88 -35.13
CA ARG E 129 59.77 -5.03 -33.70
C ARG E 129 58.53 -4.84 -32.80
N TYR E 130 58.59 -5.42 -31.59
CA TYR E 130 57.66 -5.20 -30.45
C TYR E 130 56.24 -5.71 -30.79
N GLY E 131 56.11 -6.58 -31.79
CA GLY E 131 54.82 -7.14 -32.27
C GLY E 131 54.03 -6.18 -33.13
N PHE E 132 54.71 -5.21 -33.76
CA PHE E 132 54.12 -4.24 -34.73
C PHE E 132 55.01 -4.15 -35.97
N LEU E 133 54.40 -3.75 -37.08
CA LEU E 133 55.10 -3.32 -38.31
C LEU E 133 55.23 -1.79 -38.25
N TRP E 134 56.45 -1.30 -37.99
CA TRP E 134 56.78 0.14 -37.99
C TRP E 134 57.07 0.56 -39.44
N ILE E 135 56.59 1.74 -39.87
CA ILE E 135 56.69 2.21 -41.29
C ILE E 135 57.38 3.58 -41.33
N TRP E 136 58.24 3.78 -42.32
CA TRP E 136 58.98 5.03 -42.61
C TRP E 136 58.33 5.67 -43.84
N MET E 137 57.59 6.75 -43.65
CA MET E 137 56.76 7.30 -44.75
C MET E 137 57.57 8.30 -45.59
N ASP E 138 58.52 9.05 -45.01
CA ASP E 138 59.32 10.11 -45.68
C ASP E 138 60.07 9.58 -46.92
N ASP E 139 60.31 10.45 -47.91
CA ASP E 139 61.05 10.16 -49.17
C ASP E 139 62.50 9.77 -48.93
N SER E 140 63.11 10.17 -47.80
CA SER E 140 64.53 9.86 -47.47
C SER E 140 64.70 8.36 -47.24
N ASP E 141 65.97 7.94 -47.14
CA ASP E 141 66.32 6.56 -46.71
C ASP E 141 65.95 6.40 -45.24
N PRO E 142 65.56 5.19 -44.77
CA PRO E 142 65.26 4.98 -43.35
C PRO E 142 66.46 5.20 -42.43
N ASP E 143 66.20 5.46 -41.15
CA ASP E 143 67.21 5.57 -40.06
C ASP E 143 66.76 4.67 -38.91
N PRO E 144 66.94 3.33 -39.02
CA PRO E 144 66.58 2.39 -37.95
C PRO E 144 67.01 2.77 -36.53
N ALA E 145 68.06 3.58 -36.40
CA ALA E 145 68.47 4.34 -35.18
C ALA E 145 67.23 4.91 -34.48
N LEU E 146 66.39 5.63 -35.22
CA LEU E 146 65.25 6.42 -34.68
C LEU E 146 64.15 5.52 -34.12
N LEU E 147 64.02 4.26 -34.55
CA LEU E 147 63.06 3.31 -33.93
C LEU E 147 63.41 3.19 -32.45
N PRO E 148 62.59 3.71 -31.51
CA PRO E 148 62.97 3.73 -30.10
C PRO E 148 62.94 2.29 -29.53
N ASP E 149 63.66 2.10 -28.41
CA ASP E 149 63.97 0.77 -27.83
C ASP E 149 62.90 0.39 -26.80
N PHE E 150 61.87 -0.33 -27.24
CA PHE E 150 60.79 -0.91 -26.40
C PHE E 150 61.01 -2.43 -26.26
N SER E 151 62.28 -2.85 -26.15
CA SER E 151 62.71 -4.28 -26.22
C SER E 151 62.11 -5.15 -25.12
N PRO E 152 61.87 -4.68 -23.86
CA PRO E 152 61.32 -5.56 -22.82
C PRO E 152 60.03 -6.32 -23.22
N LEU E 153 59.26 -5.79 -24.18
CA LEU E 153 58.09 -6.47 -24.82
C LEU E 153 58.56 -7.78 -25.44
N GLU E 154 59.65 -7.72 -26.23
CA GLU E 154 60.27 -8.88 -26.94
C GLU E 154 60.93 -9.87 -25.97
N GLU E 155 61.25 -9.48 -24.73
CA GLU E 155 61.81 -10.36 -23.66
C GLU E 155 60.69 -11.06 -22.90
N GLY E 156 60.89 -12.34 -22.54
CA GLY E 156 60.05 -13.13 -21.64
C GLY E 156 59.01 -14.00 -22.34
N HIS E 157 58.33 -14.88 -21.58
CA HIS E 157 57.32 -15.87 -22.02
C HIS E 157 56.29 -15.18 -22.92
N PRO E 158 56.03 -15.65 -24.16
CA PRO E 158 55.22 -14.87 -25.11
C PRO E 158 53.73 -14.66 -24.79
N ASN E 159 53.20 -15.25 -23.71
CA ASN E 159 51.78 -15.14 -23.25
C ASN E 159 51.63 -14.11 -22.11
N ALA E 160 52.59 -13.21 -21.94
CA ALA E 160 52.51 -12.02 -21.05
C ALA E 160 52.28 -10.77 -21.92
N VAL E 161 53.08 -10.64 -22.99
CA VAL E 161 52.94 -9.66 -24.10
C VAL E 161 51.68 -10.00 -24.91
N ALA E 162 50.92 -8.97 -25.31
CA ALA E 162 49.70 -9.02 -26.18
C ALA E 162 49.47 -7.62 -26.79
N GLN E 163 48.92 -7.55 -28.02
CA GLN E 163 48.64 -6.26 -28.71
C GLN E 163 47.15 -6.15 -29.03
N THR E 164 46.58 -4.94 -28.91
CA THR E 164 45.24 -4.57 -29.44
C THR E 164 45.37 -3.28 -30.27
N TYR E 165 44.42 -3.08 -31.20
CA TYR E 165 44.23 -1.89 -32.05
C TYR E 165 42.85 -1.30 -31.78
N MET E 166 42.77 0.04 -31.72
CA MET E 166 41.52 0.84 -31.72
C MET E 166 41.67 1.97 -32.75
N HIS E 167 40.67 2.14 -33.62
CA HIS E 167 40.50 3.34 -34.49
C HIS E 167 39.60 4.33 -33.76
N MET E 168 39.96 5.62 -33.75
CA MET E 168 39.11 6.70 -33.18
C MET E 168 39.12 7.88 -34.15
N ASP E 169 37.97 8.56 -34.24
CA ASP E 169 37.72 9.62 -35.26
C ASP E 169 38.14 10.95 -34.60
N VAL E 170 39.44 11.09 -34.32
CA VAL E 170 40.06 12.24 -33.62
C VAL E 170 41.49 12.47 -34.14
N ASN E 171 42.01 13.67 -33.94
CA ASN E 171 43.46 14.00 -34.12
C ASN E 171 44.25 13.22 -33.06
N TYR E 172 45.40 12.68 -33.46
CA TYR E 172 46.32 11.85 -32.61
C TYR E 172 46.70 12.57 -31.31
N GLU E 173 47.02 13.87 -31.36
CA GLU E 173 47.55 14.62 -30.20
C GLU E 173 46.53 14.66 -29.05
N LEU E 174 45.22 14.50 -29.33
CA LEU E 174 44.20 14.37 -28.27
C LEU E 174 44.38 13.06 -27.48
N ILE E 175 44.81 11.97 -28.13
CA ILE E 175 44.98 10.66 -27.45
C ILE E 175 46.25 10.74 -26.59
N ILE E 176 47.40 11.11 -27.18
CA ILE E 176 48.67 11.35 -26.42
C ILE E 176 48.35 12.17 -25.16
N ASP E 177 47.76 13.35 -25.31
CA ASP E 177 47.38 14.28 -24.21
C ASP E 177 46.61 13.54 -23.09
N ASN E 178 45.75 12.59 -23.44
CA ASN E 178 44.94 11.77 -22.47
C ASN E 178 45.88 10.90 -21.64
N VAL E 179 46.74 10.15 -22.35
CA VAL E 179 47.71 9.17 -21.80
C VAL E 179 48.77 9.89 -20.95
N MET E 180 49.09 11.16 -21.24
CA MET E 180 50.13 11.95 -20.51
C MET E 180 49.55 12.64 -19.27
N ASP E 181 48.24 12.54 -18.98
CA ASP E 181 47.56 13.35 -17.93
C ASP E 181 47.09 12.45 -16.77
N LEU E 182 46.60 11.26 -17.06
CA LEU E 182 46.38 10.06 -16.20
C LEU E 182 45.49 10.32 -14.97
N SER E 183 45.48 11.50 -14.36
CA SER E 183 44.44 12.01 -13.42
C SER E 183 43.05 11.53 -13.84
N HIS E 184 42.75 11.59 -15.14
CA HIS E 184 41.49 11.13 -15.77
C HIS E 184 41.01 9.77 -15.25
N ILE E 185 41.93 8.85 -14.90
CA ILE E 185 41.61 7.45 -14.47
C ILE E 185 40.72 7.47 -13.20
N ASP E 186 40.92 8.44 -12.30
CA ASP E 186 40.11 8.62 -11.06
C ASP E 186 38.61 8.65 -11.41
N HIS E 187 38.22 9.43 -12.41
CA HIS E 187 36.80 9.84 -12.70
C HIS E 187 36.25 9.16 -13.98
N VAL E 188 37.06 8.99 -15.03
CA VAL E 188 36.66 8.44 -16.37
C VAL E 188 36.35 6.94 -16.25
N HIS E 189 37.26 6.16 -15.68
CA HIS E 189 37.35 4.68 -15.84
C HIS E 189 36.57 3.96 -14.74
N GLY E 190 35.98 2.80 -15.07
CA GLY E 190 35.30 1.88 -14.14
C GLY E 190 36.28 0.93 -13.45
N GLU E 191 35.76 -0.10 -12.77
CA GLU E 191 36.45 -0.96 -11.77
C GLU E 191 37.82 -1.46 -12.28
N ILE E 192 37.86 -1.91 -13.54
CA ILE E 192 38.98 -2.73 -14.13
C ILE E 192 40.34 -2.04 -13.89
N ILE E 193 40.42 -0.70 -13.85
CA ILE E 193 41.70 0.05 -13.56
C ILE E 193 41.48 1.29 -12.67
N THR E 194 40.31 1.51 -12.06
CA THR E 194 40.02 2.80 -11.37
C THR E 194 41.00 3.01 -10.20
N THR E 195 41.45 4.26 -10.01
CA THR E 195 42.41 4.69 -8.96
C THR E 195 41.72 5.47 -7.82
N ARG E 196 40.39 5.63 -7.87
CA ARG E 196 39.51 5.98 -6.71
C ARG E 196 39.87 7.36 -6.13
N GLY E 197 40.07 8.37 -6.98
CA GLY E 197 40.32 9.76 -6.55
C GLY E 197 41.71 10.01 -5.96
N GLN E 198 42.62 9.02 -5.94
CA GLN E 198 43.93 9.08 -5.23
C GLN E 198 45.03 9.63 -6.15
N LEU E 199 44.93 9.40 -7.46
CA LEU E 199 45.96 9.80 -8.44
C LEU E 199 45.93 11.32 -8.64
N SER E 200 44.72 11.91 -8.72
CA SER E 200 44.46 13.35 -9.06
C SER E 200 45.33 14.29 -8.22
N PRO E 201 45.26 14.26 -6.86
CA PRO E 201 46.03 15.19 -6.02
C PRO E 201 47.56 15.16 -6.15
N VAL E 202 48.15 14.06 -6.64
CA VAL E 202 49.63 13.88 -6.83
C VAL E 202 50.13 14.85 -7.91
N VAL E 203 51.11 15.70 -7.58
CA VAL E 203 51.90 16.48 -8.59
C VAL E 203 53.00 15.54 -9.07
N PRO E 204 53.02 15.16 -10.38
CA PRO E 204 54.04 14.25 -10.88
C PRO E 204 55.40 14.92 -11.13
N LYS E 205 56.47 14.16 -10.89
CA LYS E 205 57.87 14.51 -11.25
C LYS E 205 58.00 14.31 -12.77
N VAL E 206 58.31 15.38 -13.49
CA VAL E 206 58.44 15.44 -14.98
C VAL E 206 59.90 15.82 -15.33
N ARG E 207 60.50 15.16 -16.32
CA ARG E 207 61.85 15.52 -16.84
C ARG E 207 61.81 15.54 -18.37
N GLU E 208 62.15 16.69 -18.96
CA GLU E 208 62.48 16.83 -20.40
C GLU E 208 63.92 16.30 -20.59
N ARG E 209 64.15 15.49 -21.63
CA ARG E 209 65.50 15.00 -22.03
C ARG E 209 65.61 15.11 -23.56
N ASP E 210 66.83 15.00 -24.09
CA ASP E 210 67.14 15.00 -25.55
C ASP E 210 66.43 13.86 -26.29
N THR E 211 66.29 12.69 -25.68
CA THR E 211 65.59 11.51 -26.28
C THR E 211 64.09 11.60 -25.98
N HIS E 212 63.73 11.58 -24.70
CA HIS E 212 62.34 11.38 -24.20
C HIS E 212 61.89 12.56 -23.33
N ILE E 213 60.60 12.54 -22.94
CA ILE E 213 60.00 13.35 -21.83
C ILE E 213 59.35 12.37 -20.85
N SER E 214 59.94 12.18 -19.66
CA SER E 214 59.42 11.27 -18.59
C SER E 214 58.42 12.01 -17.71
N ALA E 215 57.56 11.27 -17.00
CA ALA E 215 56.67 11.77 -15.92
C ALA E 215 56.30 10.62 -14.97
N ARG E 216 56.53 10.80 -13.66
CA ARG E 216 56.31 9.74 -12.63
C ARG E 216 55.25 10.22 -11.62
N TRP E 217 54.15 9.47 -11.51
CA TRP E 217 53.16 9.53 -10.39
C TRP E 217 53.48 8.36 -9.47
N GLU E 218 53.63 8.62 -8.16
CA GLU E 218 53.55 7.57 -7.10
C GLU E 218 52.36 7.91 -6.19
N TRP E 219 51.69 6.88 -5.64
CA TRP E 219 50.62 7.03 -4.62
C TRP E 219 50.38 5.70 -3.88
N SER E 220 49.29 5.61 -3.10
CA SER E 220 48.71 4.35 -2.56
C SER E 220 47.18 4.45 -2.55
N GLN E 221 46.50 3.31 -2.69
CA GLN E 221 45.02 3.20 -2.60
C GLN E 221 44.65 1.87 -1.95
N THR E 222 43.36 1.70 -1.64
CA THR E 222 42.77 0.49 -1.02
C THR E 222 41.38 0.25 -1.63
N PRO E 223 41.09 -0.89 -2.31
CA PRO E 223 42.09 -1.89 -2.70
C PRO E 223 43.05 -1.33 -3.76
N ALA E 224 44.12 -2.07 -4.02
CA ALA E 224 44.98 -1.93 -5.24
C ALA E 224 44.10 -1.97 -6.50
N MET E 225 44.57 -1.36 -7.59
CA MET E 225 43.92 -1.38 -8.93
C MET E 225 43.59 -2.83 -9.30
N MET E 226 42.33 -3.13 -9.69
CA MET E 226 41.81 -4.50 -9.97
C MET E 226 42.76 -5.32 -10.86
N ILE E 227 43.31 -4.70 -11.90
CA ILE E 227 44.33 -5.24 -12.84
C ILE E 227 45.46 -6.00 -12.10
N PHE E 228 45.87 -5.57 -10.90
CA PHE E 228 46.98 -6.18 -10.10
C PHE E 228 46.50 -6.87 -8.80
N ALA E 229 45.38 -6.43 -8.20
CA ALA E 229 45.00 -6.72 -6.79
C ALA E 229 45.02 -8.22 -6.49
N PRO E 230 44.39 -9.11 -7.29
CA PRO E 230 44.33 -10.56 -7.00
C PRO E 230 45.70 -11.23 -6.83
N PHE E 231 46.70 -10.77 -7.61
CA PHE E 231 48.08 -11.31 -7.62
C PHE E 231 48.92 -10.72 -6.48
N LEU E 232 48.42 -9.74 -5.70
CA LEU E 232 49.16 -9.14 -4.55
C LEU E 232 49.11 -10.09 -3.35
N PRO E 233 50.00 -9.89 -2.33
CA PRO E 233 49.94 -10.62 -1.07
C PRO E 233 48.55 -10.65 -0.44
N ARG E 234 47.94 -9.48 -0.21
CA ARG E 234 46.55 -9.32 0.30
C ARG E 234 45.77 -8.48 -0.70
N PRO E 235 44.88 -9.09 -1.53
CA PRO E 235 44.09 -8.32 -2.51
C PRO E 235 43.30 -7.12 -1.95
N GLU E 236 42.56 -7.36 -0.86
CA GLU E 236 41.71 -6.35 -0.13
C GLU E 236 42.56 -5.18 0.37
N ASP E 237 43.81 -5.44 0.81
CA ASP E 237 44.64 -4.47 1.57
C ASP E 237 45.24 -3.44 0.60
N ALA E 238 45.72 -2.32 1.18
CA ALA E 238 46.35 -1.17 0.49
C ALA E 238 47.64 -1.62 -0.21
N ALA E 239 48.04 -0.86 -1.24
CA ALA E 239 49.26 -1.10 -2.03
C ALA E 239 49.78 0.22 -2.64
N ARG E 240 51.08 0.47 -2.52
CA ARG E 240 51.79 1.58 -3.23
C ARG E 240 51.83 1.28 -4.73
N HIS E 241 51.51 2.27 -5.56
CA HIS E 241 51.52 2.18 -7.05
C HIS E 241 52.46 3.24 -7.63
N TYR E 242 52.97 2.96 -8.83
CA TYR E 242 53.89 3.84 -9.60
C TYR E 242 53.41 3.87 -11.04
N PHE E 243 53.33 5.08 -11.64
CA PHE E 243 53.14 5.30 -13.10
C PHE E 243 54.39 6.03 -13.61
N ASP E 244 55.33 5.31 -14.23
CA ASP E 244 56.42 5.93 -15.03
C ASP E 244 56.04 5.83 -16.49
N ILE E 245 55.94 6.97 -17.17
CA ILE E 245 55.63 7.11 -18.61
C ILE E 245 56.79 7.87 -19.25
N SER E 246 57.05 7.64 -20.54
CA SER E 246 58.03 8.46 -21.31
C SER E 246 57.56 8.59 -22.77
N TRP E 247 57.32 9.83 -23.23
CA TRP E 247 56.97 10.13 -24.63
C TRP E 247 58.25 10.10 -25.47
N THR E 248 58.21 9.44 -26.62
CA THR E 248 59.25 9.51 -27.69
C THR E 248 58.53 9.92 -28.98
N ALA E 249 59.20 10.67 -29.84
CA ALA E 249 58.66 11.07 -31.17
C ALA E 249 58.45 9.82 -32.03
N PRO E 250 57.43 9.78 -32.93
CA PRO E 250 56.25 10.64 -32.84
C PRO E 250 55.37 9.77 -31.91
N ALA E 251 54.47 10.35 -31.13
CA ALA E 251 53.24 9.68 -30.62
C ALA E 251 53.49 8.34 -29.89
N ASN E 252 54.69 7.98 -29.42
CA ASN E 252 54.91 6.72 -28.65
C ASN E 252 55.07 7.08 -27.15
N ILE E 253 54.40 6.33 -26.25
CA ILE E 253 54.43 6.53 -24.76
C ILE E 253 54.49 5.16 -24.05
N GLN E 254 55.52 4.91 -23.21
CA GLN E 254 55.93 3.54 -22.75
C GLN E 254 55.56 3.29 -21.27
N LEU E 255 54.33 3.66 -20.87
CA LEU E 255 53.66 3.53 -19.52
C LEU E 255 54.05 2.22 -18.80
N SER E 256 54.85 2.32 -17.73
CA SER E 256 55.20 1.23 -16.79
C SER E 256 54.40 1.44 -15.51
N VAL E 257 53.77 0.37 -14.99
CA VAL E 257 52.79 0.44 -13.87
C VAL E 257 52.83 -0.86 -13.07
N GLY E 258 52.44 -0.79 -11.80
CA GLY E 258 52.47 -1.94 -10.89
C GLY E 258 52.21 -1.56 -9.45
N ALA E 259 51.97 -2.58 -8.62
CA ALA E 259 51.60 -2.46 -7.19
C ALA E 259 52.54 -3.33 -6.35
N VAL E 260 53.21 -2.73 -5.36
CA VAL E 260 53.99 -3.45 -4.30
C VAL E 260 53.16 -3.41 -3.01
N GLN E 261 53.24 -4.45 -2.18
CA GLN E 261 52.78 -4.49 -0.77
C GLN E 261 54.00 -4.76 0.12
N ASP E 262 54.00 -4.24 1.34
CA ASP E 262 55.01 -4.51 2.41
C ASP E 262 56.36 -3.87 2.05
N SER E 263 57.03 -4.33 0.98
CA SER E 263 58.35 -3.83 0.51
C SER E 263 58.30 -2.33 0.16
N ASP E 264 59.43 -1.62 0.37
CA ASP E 264 59.63 -0.20 -0.02
C ASP E 264 60.12 -0.16 -1.47
N ASP E 265 61.19 -0.91 -1.76
CA ASP E 265 61.67 -1.33 -3.11
C ASP E 265 60.45 -1.73 -3.95
N PHE E 266 60.15 -0.98 -5.02
CA PHE E 266 59.09 -1.27 -6.02
C PHE E 266 59.44 -2.51 -6.85
N GLY E 267 60.73 -2.90 -6.91
CA GLY E 267 61.27 -4.10 -7.58
C GLY E 267 60.42 -5.36 -7.47
N ASP E 268 59.70 -5.57 -6.36
CA ASP E 268 58.84 -6.77 -6.11
C ASP E 268 57.43 -6.64 -6.70
N ALA E 269 57.05 -5.47 -7.24
CA ALA E 269 55.64 -5.11 -7.58
C ALA E 269 55.05 -6.07 -8.62
N THR E 270 53.77 -6.43 -8.47
CA THR E 270 52.91 -7.01 -9.55
C THR E 270 52.77 -5.94 -10.66
N SER E 271 53.72 -5.90 -11.59
CA SER E 271 53.92 -4.79 -12.56
C SER E 271 53.68 -5.24 -14.01
N GLN E 272 54.17 -4.46 -15.00
CA GLN E 272 53.59 -4.36 -16.38
C GLN E 272 54.40 -3.35 -17.21
N TYR E 273 54.70 -3.66 -18.47
CA TYR E 273 55.30 -2.72 -19.45
C TYR E 273 54.34 -2.54 -20.63
N ASP E 274 53.71 -1.36 -20.70
CA ASP E 274 52.78 -0.96 -21.78
C ASP E 274 53.48 -0.04 -22.78
N LEU E 275 52.96 -0.04 -24.02
CA LEU E 275 53.26 0.93 -25.09
C LEU E 275 51.95 1.41 -25.70
N HIS E 276 51.60 2.67 -25.46
CA HIS E 276 50.61 3.46 -26.24
C HIS E 276 51.38 4.09 -27.39
N THR E 277 51.02 3.78 -28.64
CA THR E 277 51.51 4.49 -29.85
C THR E 277 50.32 4.86 -30.73
N CYS E 278 50.37 6.04 -31.36
CA CYS E 278 49.40 6.55 -32.36
C CYS E 278 50.10 6.73 -33.71
N THR E 279 49.28 6.87 -34.75
CA THR E 279 49.65 6.87 -36.20
C THR E 279 48.48 7.50 -36.94
N PRO E 280 48.53 8.81 -37.30
CA PRO E 280 47.34 9.49 -37.84
C PRO E 280 46.93 8.93 -39.21
N GLU E 281 45.63 8.68 -39.39
CA GLU E 281 45.01 8.25 -40.68
C GLU E 281 44.94 9.49 -41.59
N ASP E 282 44.38 10.58 -41.06
CA ASP E 282 44.54 11.98 -41.54
C ASP E 282 44.27 12.90 -40.34
N ALA E 283 44.21 14.22 -40.54
CA ALA E 283 44.00 15.25 -39.50
C ALA E 283 43.23 14.69 -38.30
N PHE E 284 41.97 14.31 -38.51
CA PHE E 284 40.96 14.02 -37.44
C PHE E 284 40.49 12.56 -37.50
N LYS E 285 41.39 11.64 -37.86
CA LYS E 285 41.29 10.18 -37.57
C LYS E 285 42.66 9.71 -37.08
N THR E 286 42.69 8.69 -36.23
CA THR E 286 43.95 8.19 -35.59
C THR E 286 43.88 6.69 -35.36
N HIS E 287 44.89 5.97 -35.84
CA HIS E 287 45.20 4.54 -35.54
C HIS E 287 45.91 4.50 -34.19
N TYR E 288 45.25 3.97 -33.16
CA TYR E 288 45.73 3.89 -31.76
C TYR E 288 46.04 2.43 -31.45
N PHE E 289 47.33 2.10 -31.31
CA PHE E 289 47.83 0.75 -30.96
C PHE E 289 48.29 0.76 -29.50
N PHE E 290 48.01 -0.35 -28.80
CA PHE E 290 48.42 -0.62 -27.40
C PHE E 290 49.07 -2.01 -27.34
N ALA E 291 50.13 -2.13 -26.54
CA ALA E 291 50.73 -3.42 -26.12
C ALA E 291 50.99 -3.38 -24.61
N THR E 292 50.43 -4.33 -23.85
CA THR E 292 50.89 -4.71 -22.48
C THR E 292 52.01 -5.74 -22.58
N ARG E 293 52.84 -5.86 -21.54
CA ARG E 293 53.58 -7.11 -21.20
C ARG E 293 53.67 -7.23 -19.68
N ARG E 294 52.80 -8.05 -19.09
CA ARG E 294 52.71 -8.29 -17.62
C ARG E 294 53.90 -9.14 -17.14
N ASN E 295 54.28 -8.97 -15.86
CA ASN E 295 55.40 -9.71 -15.22
C ASN E 295 54.87 -10.89 -14.37
N HIS E 296 53.55 -11.06 -14.28
CA HIS E 296 52.88 -12.04 -13.38
C HIS E 296 52.20 -13.12 -14.24
N ILE E 297 52.03 -14.33 -13.70
CA ILE E 297 51.46 -15.56 -14.35
C ILE E 297 51.78 -15.57 -15.86
N VAL E 298 53.07 -15.45 -16.20
CA VAL E 298 53.58 -15.10 -17.57
C VAL E 298 53.13 -16.14 -18.61
N ASP E 299 52.95 -17.41 -18.21
CA ASP E 299 52.64 -18.54 -19.13
C ASP E 299 51.16 -18.52 -19.59
N ASP E 300 50.21 -18.07 -18.76
CA ASP E 300 48.75 -18.30 -18.96
C ASP E 300 48.22 -17.43 -20.11
N ALA E 301 48.15 -17.97 -21.33
CA ALA E 301 47.58 -17.30 -22.54
C ALA E 301 46.05 -17.25 -22.44
N ASP E 302 45.42 -18.19 -21.73
CA ASP E 302 43.96 -18.20 -21.46
C ASP E 302 43.56 -16.86 -20.80
N TYR E 303 44.34 -16.43 -19.80
CA TYR E 303 44.18 -15.15 -19.07
C TYR E 303 44.68 -13.98 -19.94
N ASN E 304 45.79 -14.14 -20.67
CA ASN E 304 46.42 -13.04 -21.45
C ASN E 304 45.41 -12.40 -22.40
N ARG E 305 44.64 -13.24 -23.10
CA ARG E 305 43.51 -12.83 -23.97
C ARG E 305 42.47 -12.08 -23.11
N LYS E 306 42.09 -12.66 -21.97
CA LYS E 306 41.06 -12.09 -21.05
C LYS E 306 41.48 -10.71 -20.53
N LYS E 307 42.79 -10.48 -20.33
CA LYS E 307 43.34 -9.14 -19.97
C LYS E 307 43.21 -8.18 -21.17
N ILE E 308 43.98 -8.43 -22.24
CA ILE E 308 44.10 -7.53 -23.42
C ILE E 308 42.71 -7.21 -24.00
N GLU E 309 41.73 -8.12 -23.91
CA GLU E 309 40.30 -7.85 -24.26
C GLU E 309 39.69 -6.83 -23.28
N ALA E 310 39.86 -7.05 -21.96
CA ALA E 310 39.34 -6.17 -20.89
C ALA E 310 40.12 -4.85 -20.80
N MET E 311 41.33 -4.79 -21.39
CA MET E 311 42.09 -3.53 -21.58
C MET E 311 41.48 -2.70 -22.72
N HIS E 312 41.38 -3.30 -23.91
CA HIS E 312 40.77 -2.70 -25.12
C HIS E 312 39.41 -2.10 -24.73
N ALA E 313 38.55 -2.94 -24.12
CA ALA E 313 37.27 -2.56 -23.49
C ALA E 313 37.40 -1.19 -22.82
N ALA E 314 38.25 -1.09 -21.79
CA ALA E 314 38.44 0.12 -20.95
C ALA E 314 38.74 1.35 -21.84
N PHE E 315 39.68 1.23 -22.78
CA PHE E 315 40.09 2.36 -23.66
C PHE E 315 38.95 2.72 -24.61
N GLU E 316 38.45 1.73 -25.36
CA GLU E 316 37.44 1.90 -26.45
C GLU E 316 36.11 2.39 -25.85
N THR E 317 35.68 1.84 -24.72
CA THR E 317 34.31 2.07 -24.17
C THR E 317 34.29 3.25 -23.19
N GLU E 318 35.37 3.51 -22.44
CA GLU E 318 35.39 4.55 -21.35
C GLU E 318 36.19 5.78 -21.82
N ASP E 319 37.41 5.60 -22.34
CA ASP E 319 38.28 6.71 -22.84
C ASP E 319 37.78 7.21 -24.21
N GLY E 320 37.62 6.27 -25.16
CA GLY E 320 37.12 6.50 -26.53
C GLY E 320 36.05 7.60 -26.59
N PRO E 321 34.86 7.39 -25.97
CA PRO E 321 33.74 8.32 -26.11
C PRO E 321 33.98 9.76 -25.61
N ILE E 322 34.80 9.97 -24.57
CA ILE E 322 35.11 11.33 -24.02
C ILE E 322 36.00 12.06 -25.04
N ILE E 323 37.06 11.40 -25.51
CA ILE E 323 38.09 11.99 -26.42
C ILE E 323 37.40 12.37 -27.74
N THR E 324 36.56 11.49 -28.29
CA THR E 324 35.71 11.75 -29.49
C THR E 324 34.72 12.88 -29.18
N ALA E 325 34.02 12.87 -28.04
CA ALA E 325 33.10 13.96 -27.63
C ALA E 325 33.85 15.30 -27.65
N VAL E 326 35.03 15.33 -27.03
CA VAL E 326 35.90 16.53 -26.93
C VAL E 326 36.18 17.01 -28.34
N GLN E 327 36.76 16.15 -29.17
CA GLN E 327 37.10 16.44 -30.60
C GLN E 327 35.93 17.20 -31.23
N GLU E 328 34.70 16.68 -31.14
CA GLU E 328 33.47 17.32 -31.70
C GLU E 328 33.32 18.74 -31.13
N GLU E 329 33.34 18.88 -29.80
CA GLU E 329 33.23 20.20 -29.12
C GLU E 329 34.36 21.13 -29.57
N MET E 330 35.57 20.62 -29.78
CA MET E 330 36.75 21.42 -30.22
C MET E 330 36.59 21.88 -31.67
N GLY E 331 35.84 21.15 -32.51
CA GLY E 331 35.86 21.31 -33.97
C GLY E 331 37.24 21.12 -34.55
N GLU E 332 37.57 21.85 -35.61
CA GLU E 332 38.86 21.71 -36.34
C GLU E 332 39.95 22.58 -35.69
N ALA E 333 39.63 23.41 -34.69
CA ALA E 333 40.49 24.52 -34.22
C ALA E 333 41.62 23.95 -33.36
N GLU E 334 42.84 24.48 -33.55
CA GLU E 334 44.10 24.00 -32.89
C GLU E 334 43.97 24.19 -31.37
N PHE E 335 44.36 23.17 -30.61
CA PHE E 335 44.17 23.04 -29.13
C PHE E 335 44.47 24.35 -28.40
N PHE E 336 45.73 24.78 -28.40
CA PHE E 336 46.23 26.00 -27.71
C PHE E 336 45.46 27.24 -28.17
N SER E 337 45.07 27.31 -29.47
CA SER E 337 44.28 28.43 -30.06
C SER E 337 43.02 28.67 -29.24
N LEU E 338 42.39 27.62 -28.70
CA LEU E 338 41.13 27.72 -27.91
C LEU E 338 41.37 28.19 -26.46
N ASP E 339 42.60 28.53 -26.05
CA ASP E 339 42.95 29.09 -24.71
C ASP E 339 42.50 28.12 -23.62
N PRO E 340 42.97 26.86 -23.62
CA PRO E 340 42.63 25.91 -22.55
C PRO E 340 43.17 26.39 -21.21
N VAL E 341 42.44 26.15 -20.13
CA VAL E 341 42.83 26.52 -18.73
C VAL E 341 43.71 25.38 -18.17
N LEU E 342 45.01 25.46 -18.44
CA LEU E 342 46.04 24.44 -18.12
C LEU E 342 46.43 24.55 -16.65
N MET E 343 46.82 23.43 -16.02
CA MET E 343 46.88 23.23 -14.55
C MET E 343 48.07 22.33 -14.14
N SER E 344 48.15 21.93 -12.86
CA SER E 344 49.24 21.08 -12.28
C SER E 344 49.49 19.85 -13.14
N ASN E 345 48.45 19.13 -13.51
CA ASN E 345 48.49 17.81 -14.22
C ASN E 345 48.73 17.96 -15.74
N ASP E 346 48.73 19.17 -16.32
CA ASP E 346 48.85 19.41 -17.79
C ASP E 346 50.30 19.78 -18.20
N VAL E 347 51.30 19.60 -17.34
CA VAL E 347 52.68 20.12 -17.59
C VAL E 347 53.35 19.22 -18.62
N ALA E 348 53.41 17.91 -18.33
CA ALA E 348 53.90 16.84 -19.24
C ALA E 348 53.21 16.94 -20.61
N PRO E 349 51.87 16.81 -20.73
CA PRO E 349 51.21 16.79 -22.04
C PRO E 349 51.40 18.05 -22.92
N VAL E 350 51.69 19.21 -22.31
CA VAL E 350 52.05 20.47 -23.02
C VAL E 350 53.48 20.33 -23.56
N LYS E 351 54.46 20.08 -22.67
CA LYS E 351 55.90 19.89 -23.03
C LYS E 351 56.00 19.02 -24.28
N VAL E 352 55.22 17.91 -24.32
CA VAL E 352 55.11 16.99 -25.47
C VAL E 352 54.68 17.80 -26.71
N ARG E 353 53.43 18.26 -26.74
CA ARG E 353 52.82 19.00 -27.89
C ARG E 353 53.83 20.03 -28.45
N ARG E 354 54.48 20.79 -27.55
CA ARG E 354 55.48 21.83 -27.89
C ARG E 354 56.73 21.21 -28.52
N ARG E 355 57.26 20.14 -27.93
CA ARG E 355 58.49 19.45 -28.42
C ARG E 355 58.23 18.93 -29.83
N LEU E 356 57.16 18.14 -29.98
CA LEU E 356 56.66 17.61 -31.28
C LEU E 356 56.52 18.77 -32.28
N ARG E 357 55.87 19.88 -31.87
CA ARG E 357 55.70 21.10 -32.71
C ARG E 357 57.07 21.60 -33.15
N ARG E 358 57.96 21.83 -32.19
CA ARG E 358 59.34 22.35 -32.43
C ARG E 358 60.04 21.40 -33.41
N MET E 359 60.01 20.09 -33.14
CA MET E 359 60.64 19.04 -34.01
C MET E 359 60.12 19.13 -35.46
N ILE E 360 58.80 19.30 -35.63
CA ILE E 360 58.16 19.34 -36.99
C ILE E 360 58.72 20.56 -37.75
N VAL E 361 58.78 21.72 -37.10
CA VAL E 361 59.26 23.00 -37.72
C VAL E 361 60.75 22.83 -38.06
N GLU E 362 61.56 22.39 -37.09
CA GLU E 362 63.02 22.06 -37.24
C GLU E 362 63.23 21.12 -38.44
N GLU E 363 62.33 20.15 -38.64
CA GLU E 363 62.40 19.17 -39.77
C GLU E 363 62.11 19.91 -41.09
N GLN E 364 61.01 20.65 -41.16
CA GLN E 364 60.63 21.52 -42.31
C GLN E 364 61.74 22.52 -42.66
N ALA E 365 62.46 23.03 -41.65
CA ALA E 365 63.60 23.96 -41.82
C ALA E 365 64.68 23.26 -42.67
N ALA E 366 65.27 22.17 -42.18
CA ALA E 366 66.36 21.43 -42.85
C ALA E 366 65.86 20.71 -44.13
N ALA E 367 64.54 20.69 -44.40
CA ALA E 367 63.94 20.33 -45.71
C ALA E 367 64.13 21.47 -46.70
N ALA E 368 63.76 22.70 -46.31
CA ALA E 368 63.90 23.94 -47.12
C ALA E 368 65.37 24.38 -47.25
N ALA E 369 66.26 23.95 -46.34
CA ALA E 369 67.71 24.27 -46.33
C ALA E 369 68.52 23.20 -47.08
N ALA E 370 68.04 21.94 -47.13
CA ALA E 370 68.55 20.87 -48.04
C ALA E 370 67.94 21.03 -49.45
N ASP E 371 66.85 21.79 -49.59
CA ASP E 371 66.29 22.28 -50.89
C ASP E 371 67.25 23.32 -51.49
N ALA E 372 67.90 24.15 -50.67
CA ALA E 372 68.76 25.27 -51.11
C ALA E 372 70.00 24.81 -51.90
N ALA E 373 70.31 23.50 -51.95
CA ALA E 373 71.11 22.77 -52.97
C ALA E 373 71.22 23.51 -54.33
N SER F 23 29.43 33.65 -47.17
CA SER F 23 29.02 34.29 -45.86
C SER F 23 29.34 33.33 -44.71
N THR F 24 30.04 33.79 -43.66
CA THR F 24 29.85 33.27 -42.27
C THR F 24 28.54 33.89 -41.74
N PHE F 25 27.56 33.04 -41.42
CA PHE F 25 26.13 33.30 -41.09
C PHE F 25 25.97 34.37 -40.00
N GLU F 26 24.95 35.26 -40.07
CA GLU F 26 24.70 36.34 -39.08
C GLU F 26 23.24 36.30 -38.62
N CYS F 27 23.01 36.06 -37.33
CA CYS F 27 21.71 36.15 -36.62
C CYS F 27 21.72 37.40 -35.75
N LEU F 28 20.54 37.88 -35.36
CA LEU F 28 20.39 38.93 -34.31
C LEU F 28 20.92 38.36 -32.99
N LYS F 29 21.77 39.09 -32.27
CA LYS F 29 22.41 38.58 -31.02
C LYS F 29 21.63 39.04 -29.80
N ARG F 30 21.36 40.36 -29.70
CA ARG F 30 20.73 41.06 -28.55
C ARG F 30 19.21 40.89 -28.63
N ALA F 31 18.74 39.66 -28.49
CA ALA F 31 17.31 39.32 -28.41
C ALA F 31 17.17 37.93 -27.75
N TRP F 32 15.92 37.62 -27.37
CA TRP F 32 15.53 36.37 -26.66
C TRP F 32 15.07 35.33 -27.69
N TYR F 33 15.81 34.22 -27.78
CA TYR F 33 15.48 33.00 -28.59
C TYR F 33 14.93 31.93 -27.63
N VAL F 34 13.93 31.15 -28.05
CA VAL F 34 13.45 29.97 -27.25
C VAL F 34 14.50 28.87 -27.31
N ALA F 35 15.09 28.53 -26.16
CA ALA F 35 16.16 27.51 -26.04
C ALA F 35 15.55 26.12 -25.87
N ALA F 36 14.40 26.01 -25.19
CA ALA F 36 13.75 24.74 -24.84
C ALA F 36 12.35 24.98 -24.28
N MET F 37 11.45 24.01 -24.50
CA MET F 37 10.14 23.95 -23.81
C MET F 37 10.44 23.75 -22.32
N SER F 38 9.68 24.41 -21.44
CA SER F 38 9.76 24.23 -19.96
C SER F 38 9.81 22.73 -19.65
N SER F 39 8.98 21.92 -20.32
CA SER F 39 8.90 20.43 -20.17
C SER F 39 10.25 19.73 -20.38
N GLU F 40 11.19 20.29 -21.16
CA GLU F 40 12.41 19.57 -21.63
C GLU F 40 13.50 19.48 -20.55
N VAL F 41 13.37 20.13 -19.39
CA VAL F 41 14.40 20.09 -18.31
C VAL F 41 13.78 19.47 -17.03
N GLU F 42 14.07 18.18 -16.79
CA GLU F 42 13.43 17.33 -15.73
C GLU F 42 14.28 17.35 -14.45
N GLY F 43 14.24 18.45 -13.69
CA GLY F 43 14.95 18.62 -12.41
C GLY F 43 16.39 18.15 -12.48
N GLU F 44 16.60 16.85 -12.22
CA GLU F 44 17.92 16.15 -12.12
C GLU F 44 18.66 16.14 -13.48
N ALA F 45 17.93 15.89 -14.57
CA ALA F 45 18.42 15.85 -15.98
C ALA F 45 19.38 16.99 -16.29
N LEU F 46 20.46 16.67 -17.02
CA LEU F 46 21.40 17.64 -17.64
C LEU F 46 21.06 17.75 -19.14
N PHE F 47 20.09 18.61 -19.48
CA PHE F 47 19.69 18.96 -20.87
C PHE F 47 20.85 19.66 -21.58
N HIS F 48 21.14 19.26 -22.82
CA HIS F 48 22.15 19.89 -23.73
C HIS F 48 21.46 20.23 -25.05
N ARG F 49 21.84 21.35 -25.69
CA ARG F 49 21.31 21.73 -27.03
C ARG F 49 22.21 22.77 -27.69
N ARG F 50 22.40 22.64 -29.01
CA ARG F 50 23.18 23.57 -29.84
C ARG F 50 22.27 24.75 -30.19
N ILE F 51 22.71 25.99 -29.91
CA ILE F 51 21.92 27.25 -30.11
C ILE F 51 22.85 28.32 -30.71
N LEU F 52 22.48 28.89 -31.86
CA LEU F 52 23.30 29.86 -32.63
C LEU F 52 24.75 29.36 -32.71
N GLY F 53 24.93 28.08 -33.08
CA GLY F 53 26.22 27.40 -33.21
C GLY F 53 27.03 27.35 -31.93
N THR F 54 26.36 27.31 -30.77
CA THR F 54 26.98 27.26 -29.43
C THR F 54 26.44 26.06 -28.66
N SER F 55 27.33 25.23 -28.13
CA SER F 55 26.95 24.13 -27.21
C SER F 55 26.42 24.76 -25.93
N VAL F 56 25.21 24.39 -25.49
CA VAL F 56 24.53 24.97 -24.29
C VAL F 56 24.01 23.83 -23.43
N MET F 57 24.39 23.82 -22.15
CA MET F 57 23.80 22.95 -21.09
C MET F 57 22.74 23.76 -20.33
N ILE F 58 21.66 23.08 -19.96
CA ILE F 58 20.61 23.60 -19.02
C ILE F 58 20.37 22.52 -17.97
N TYR F 59 20.06 22.94 -16.74
CA TYR F 59 19.53 22.07 -15.64
C TYR F 59 18.78 22.98 -14.67
N ARG F 60 17.85 22.39 -13.91
CA ARG F 60 17.16 23.08 -12.79
C ARG F 60 17.95 22.82 -11.52
N LEU F 61 17.71 23.66 -10.52
CA LEU F 61 18.34 23.57 -9.18
C LEU F 61 17.33 22.88 -8.26
N ALA F 62 17.63 22.82 -6.96
CA ALA F 62 16.68 22.32 -5.92
C ALA F 62 15.34 23.05 -6.09
N ASP F 63 15.37 24.38 -6.11
CA ASP F 63 14.18 25.27 -6.04
C ASP F 63 13.55 25.48 -7.44
N GLY F 64 13.78 24.59 -8.40
CA GLY F 64 13.19 24.65 -9.76
C GLY F 64 13.94 25.60 -10.70
N THR F 65 14.88 26.40 -10.19
CA THR F 65 15.44 27.59 -10.90
C THR F 65 16.29 27.11 -12.07
N PRO F 66 15.92 27.41 -13.34
CA PRO F 66 16.66 26.90 -14.49
C PRO F 66 17.96 27.70 -14.73
N VAL F 67 19.02 27.02 -15.15
CA VAL F 67 20.39 27.59 -15.31
C VAL F 67 20.93 27.17 -16.68
N ALA F 68 21.58 28.09 -17.41
CA ALA F 68 22.14 27.87 -18.76
C ALA F 68 23.63 28.21 -18.79
N MET F 69 24.46 27.30 -19.30
CA MET F 69 25.94 27.37 -19.34
C MET F 69 26.45 26.90 -20.70
N HIS F 70 27.63 27.37 -21.10
CA HIS F 70 28.40 26.85 -22.27
C HIS F 70 28.74 25.38 -21.97
N ASP F 71 28.11 24.42 -22.65
CA ASP F 71 28.29 22.95 -22.40
C ASP F 71 29.71 22.56 -22.83
N ARG F 72 30.72 22.97 -22.05
CA ARG F 72 32.16 22.95 -22.43
C ARG F 72 33.03 23.35 -21.24
N CYS F 73 33.62 22.36 -20.57
CA CYS F 73 34.57 22.59 -19.46
C CYS F 73 35.81 23.31 -20.00
N PRO F 74 36.22 24.46 -19.43
CA PRO F 74 37.31 25.25 -20.01
C PRO F 74 38.73 24.67 -19.86
N HIS F 75 38.89 23.58 -19.09
CA HIS F 75 40.18 22.82 -18.94
C HIS F 75 40.57 22.20 -20.29
N ARG F 76 39.93 21.10 -20.71
CA ARG F 76 40.24 20.38 -21.98
C ARG F 76 39.03 20.34 -22.94
N PHE F 77 38.01 21.19 -22.71
CA PHE F 77 36.84 21.40 -23.60
C PHE F 77 35.94 20.17 -23.70
N ALA F 78 35.93 19.30 -22.68
CA ALA F 78 34.94 18.21 -22.52
C ALA F 78 33.56 18.85 -22.35
N PRO F 79 32.48 18.35 -23.02
CA PRO F 79 31.13 18.76 -22.66
C PRO F 79 30.76 18.42 -21.21
N LEU F 80 30.03 19.33 -20.56
CA LEU F 80 29.70 19.26 -19.11
C LEU F 80 28.47 18.36 -18.89
N HIS F 81 27.49 18.38 -19.80
CA HIS F 81 26.28 17.50 -19.77
C HIS F 81 26.68 16.04 -19.58
N LEU F 82 27.83 15.62 -20.13
CA LEU F 82 28.39 14.24 -20.00
C LEU F 82 28.84 13.98 -18.56
N GLY F 83 29.34 15.03 -17.88
CA GLY F 83 29.68 15.07 -16.44
C GLY F 83 28.58 14.55 -15.51
N GLN F 84 28.96 14.31 -14.25
CA GLN F 84 28.05 13.85 -13.16
C GLN F 84 27.65 15.06 -12.31
N ARG F 85 26.36 15.13 -11.94
CA ARG F 85 25.72 16.24 -11.18
C ARG F 85 26.00 16.03 -9.68
N GLU F 86 26.21 17.10 -8.92
CA GLU F 86 26.57 17.08 -7.47
C GLU F 86 25.78 18.17 -6.73
N GLY F 87 24.48 17.90 -6.53
CA GLY F 87 23.50 18.83 -5.92
C GLY F 87 23.09 19.90 -6.92
N ASP F 88 23.58 21.12 -6.73
CA ASP F 88 23.38 22.29 -7.64
C ASP F 88 24.73 22.65 -8.27
N GLU F 89 25.65 21.68 -8.35
CA GLU F 89 26.96 21.80 -9.05
C GLU F 89 27.08 20.63 -10.05
N ILE F 90 27.90 20.82 -11.08
CA ILE F 90 28.21 19.79 -12.12
C ILE F 90 29.72 19.57 -12.09
N ALA F 91 30.18 18.32 -11.99
CA ALA F 91 31.59 17.90 -12.11
C ALA F 91 31.78 17.30 -13.50
N CYS F 92 32.78 17.79 -14.24
CA CYS F 92 33.03 17.38 -15.66
C CYS F 92 33.62 15.97 -15.67
N ARG F 93 33.16 15.11 -16.59
CA ARG F 93 33.39 13.64 -16.49
C ARG F 93 34.86 13.31 -16.73
N TYR F 94 35.64 14.22 -17.35
CA TYR F 94 37.07 13.99 -17.70
C TYR F 94 37.91 14.07 -16.41
N HIS F 95 38.22 15.25 -15.90
CA HIS F 95 39.12 15.44 -14.71
C HIS F 95 38.43 16.12 -13.52
N ALA F 96 37.09 16.23 -13.52
CA ALA F 96 36.22 16.37 -12.32
C ALA F 96 36.35 17.75 -11.64
N LEU F 97 36.72 18.80 -12.38
CA LEU F 97 36.47 20.21 -11.96
C LEU F 97 34.97 20.38 -11.79
N ARG F 98 34.53 20.85 -10.62
CA ARG F 98 33.11 21.21 -10.36
C ARG F 98 32.87 22.68 -10.70
N PHE F 99 31.63 23.01 -11.09
CA PHE F 99 31.17 24.40 -11.32
C PHE F 99 29.78 24.57 -10.70
N ASP F 100 29.54 25.76 -10.13
CA ASP F 100 28.23 26.22 -9.58
C ASP F 100 27.34 26.69 -10.74
N ALA F 101 26.09 27.04 -10.43
CA ALA F 101 25.11 27.63 -11.37
C ALA F 101 25.68 28.88 -12.06
N ASP F 102 26.46 29.71 -11.34
CA ASP F 102 27.11 30.93 -11.90
C ASP F 102 28.29 30.55 -12.82
N GLY F 103 28.75 29.30 -12.79
CA GLY F 103 29.78 28.79 -13.72
C GLY F 103 31.18 29.19 -13.31
N ARG F 104 31.41 29.60 -12.05
CA ARG F 104 32.77 29.65 -11.44
C ARG F 104 33.09 28.25 -10.90
N CYS F 105 34.38 27.88 -10.95
CA CYS F 105 34.86 26.55 -10.49
C CYS F 105 34.88 26.53 -8.96
N THR F 106 34.21 25.54 -8.35
CA THR F 106 34.04 25.41 -6.87
C THR F 106 35.09 24.47 -6.26
N HIS F 107 35.81 23.69 -7.07
CA HIS F 107 36.72 22.60 -6.59
C HIS F 107 37.61 22.11 -7.75
N ASN F 108 38.93 22.09 -7.53
CA ASN F 108 39.93 21.36 -8.36
C ASN F 108 40.49 20.24 -7.49
N PRO F 109 40.35 18.95 -7.89
CA PRO F 109 40.88 17.83 -7.11
C PRO F 109 42.34 17.44 -7.46
N HIS F 110 42.98 18.17 -8.39
CA HIS F 110 44.39 17.94 -8.84
C HIS F 110 45.39 18.74 -8.02
N GLY F 111 46.68 18.37 -8.13
CA GLY F 111 47.86 19.04 -7.56
C GLY F 111 47.62 19.55 -6.14
N ASN F 112 48.08 20.76 -5.87
CA ASN F 112 47.90 21.51 -4.58
C ASN F 112 46.40 21.70 -4.26
N GLY F 113 45.57 21.96 -5.27
CA GLY F 113 44.10 22.12 -5.13
C GLY F 113 43.62 23.48 -5.55
N ARG F 114 44.49 24.50 -5.48
CA ARG F 114 44.24 25.92 -5.91
C ARG F 114 43.50 25.93 -7.27
N ILE F 115 42.45 26.75 -7.37
CA ILE F 115 41.44 26.74 -8.46
C ILE F 115 41.68 27.97 -9.34
N PRO F 116 42.24 27.88 -10.58
CA PRO F 116 42.67 29.06 -11.32
C PRO F 116 41.50 30.03 -11.56
N ASP F 117 41.76 31.34 -11.51
CA ASP F 117 40.76 32.41 -11.73
C ASP F 117 40.03 32.16 -13.05
N ALA F 118 40.79 31.76 -14.08
CA ALA F 118 40.37 31.43 -15.46
C ALA F 118 39.30 30.32 -15.54
N ALA F 119 39.20 29.40 -14.58
CA ALA F 119 38.29 28.21 -14.63
C ALA F 119 36.82 28.66 -14.47
N ARG F 120 36.26 29.24 -15.54
CA ARG F 120 34.88 29.78 -15.60
C ARG F 120 34.17 29.23 -16.84
N VAL F 121 32.94 28.77 -16.67
CA VAL F 121 31.97 28.52 -17.77
C VAL F 121 31.13 29.79 -17.92
N ARG F 122 30.92 30.23 -19.17
CA ARG F 122 30.08 31.42 -19.46
C ARG F 122 28.62 31.04 -19.21
N ARG F 123 27.90 31.87 -18.47
CA ARG F 123 26.46 31.68 -18.12
C ARG F 123 25.60 32.47 -19.10
N PHE F 124 24.46 31.91 -19.51
CA PHE F 124 23.50 32.52 -20.46
C PHE F 124 22.27 32.96 -19.67
N PRO F 125 21.95 34.28 -19.61
CA PRO F 125 20.71 34.74 -18.99
C PRO F 125 19.49 34.00 -19.56
N LEU F 126 18.69 33.39 -18.69
CA LEU F 126 17.42 32.71 -19.02
C LEU F 126 16.24 33.55 -18.53
N LEU F 127 15.08 33.34 -19.13
CA LEU F 127 13.77 33.94 -18.73
C LEU F 127 12.67 32.91 -19.01
N GLU F 128 12.00 32.39 -17.97
CA GLU F 128 11.07 31.23 -18.13
C GLU F 128 9.63 31.77 -18.19
N ARG F 129 9.20 32.23 -19.37
CA ARG F 129 7.79 32.65 -19.62
C ARG F 129 7.18 31.81 -20.75
N TYR F 130 5.85 31.74 -20.78
CA TYR F 130 5.01 31.23 -21.90
C TYR F 130 5.22 29.71 -22.10
N GLY F 131 5.79 29.02 -21.11
CA GLY F 131 6.08 27.58 -21.16
C GLY F 131 7.34 27.25 -21.93
N PHE F 132 8.24 28.24 -22.07
CA PHE F 132 9.57 28.07 -22.71
C PHE F 132 10.65 28.70 -21.83
N LEU F 133 11.88 28.22 -21.98
CA LEU F 133 13.10 28.87 -21.45
C LEU F 133 13.67 29.74 -22.55
N TRP F 134 13.54 31.07 -22.40
CA TRP F 134 14.12 32.07 -23.34
C TRP F 134 15.57 32.33 -22.95
N ILE F 135 16.49 32.41 -23.92
CA ILE F 135 17.95 32.53 -23.67
C ILE F 135 18.51 33.79 -24.37
N TRP F 136 19.42 34.48 -23.68
CA TRP F 136 20.14 35.69 -24.17
C TRP F 136 21.56 35.26 -24.49
N MET F 137 21.91 35.18 -25.77
CA MET F 137 23.20 34.59 -26.18
C MET F 137 24.32 35.64 -26.20
N ASP F 138 24.02 36.91 -26.55
CA ASP F 138 25.01 38.01 -26.73
C ASP F 138 25.85 38.23 -25.45
N ASP F 139 27.08 38.73 -25.63
CA ASP F 139 28.04 39.08 -24.55
C ASP F 139 27.54 40.17 -23.62
N SER F 140 26.63 41.04 -24.07
CA SER F 140 26.07 42.15 -23.26
C SER F 140 25.25 41.61 -22.09
N ASP F 141 24.86 42.52 -21.20
CA ASP F 141 23.89 42.24 -20.10
C ASP F 141 22.53 42.01 -20.76
N PRO F 142 21.63 41.15 -20.19
CA PRO F 142 20.28 40.99 -20.74
C PRO F 142 19.44 42.26 -20.68
N ASP F 143 18.40 42.33 -21.51
CA ASP F 143 17.38 43.41 -21.51
C ASP F 143 16.00 42.74 -21.47
N PRO F 144 15.56 42.23 -20.30
CA PRO F 144 14.24 41.61 -20.13
C PRO F 144 13.05 42.35 -20.77
N ALA F 145 13.18 43.68 -20.93
CA ALA F 145 12.33 44.56 -21.78
C ALA F 145 12.02 43.86 -23.11
N LEU F 146 13.06 43.37 -23.80
CA LEU F 146 12.97 42.85 -25.19
C LEU F 146 12.18 41.54 -25.25
N LEU F 147 12.07 40.77 -24.16
CA LEU F 147 11.21 39.55 -24.14
C LEU F 147 9.79 40.00 -24.46
N PRO F 148 9.22 39.67 -25.65
CA PRO F 148 7.93 40.22 -26.03
C PRO F 148 6.82 39.60 -25.17
N ASP F 149 5.67 40.29 -25.10
CA ASP F 149 4.55 39.95 -24.18
C ASP F 149 3.56 39.01 -24.87
N PHE F 150 3.75 37.70 -24.70
CA PHE F 150 2.84 36.63 -25.17
C PHE F 150 2.05 36.05 -23.98
N SER F 151 1.65 36.93 -23.05
CA SER F 151 1.06 36.56 -21.74
C SER F 151 -0.24 35.77 -21.85
N PRO F 152 -1.14 35.97 -22.85
CA PRO F 152 -2.39 35.20 -22.89
C PRO F 152 -2.23 33.66 -22.81
N LEU F 153 -1.06 33.14 -23.21
CA LEU F 153 -0.65 31.71 -23.04
C LEU F 153 -0.69 31.37 -21.54
N GLU F 154 -0.07 32.21 -20.72
CA GLU F 154 0.02 32.06 -19.24
C GLU F 154 -1.34 32.26 -18.55
N GLU F 155 -2.32 32.90 -19.20
CA GLU F 155 -3.71 33.08 -18.68
C GLU F 155 -4.57 31.87 -19.03
N GLY F 156 -5.44 31.46 -18.10
CA GLY F 156 -6.52 30.48 -18.31
C GLY F 156 -6.18 29.06 -17.87
N HIS F 157 -7.19 28.18 -17.84
CA HIS F 157 -7.15 26.75 -17.46
C HIS F 157 -5.98 26.06 -18.16
N PRO F 158 -5.05 25.39 -17.44
CA PRO F 158 -3.79 24.93 -18.06
C PRO F 158 -3.89 23.81 -19.13
N ASN F 159 -5.09 23.26 -19.39
CA ASN F 159 -5.34 22.19 -20.39
C ASN F 159 -5.90 22.77 -21.70
N ALA F 160 -5.72 24.06 -21.95
CA ALA F 160 -6.01 24.73 -23.25
C ALA F 160 -4.66 25.03 -23.95
N VAL F 161 -3.71 25.59 -23.18
CA VAL F 161 -2.28 25.79 -23.56
C VAL F 161 -1.61 24.42 -23.63
N ALA F 162 -0.73 24.23 -24.64
CA ALA F 162 0.18 23.08 -24.84
C ALA F 162 1.36 23.51 -25.75
N GLN F 163 2.53 22.90 -25.59
CA GLN F 163 3.73 23.20 -26.43
C GLN F 163 4.20 21.92 -27.14
N THR F 164 4.66 22.05 -28.39
CA THR F 164 5.44 21.02 -29.12
C THR F 164 6.72 21.64 -29.69
N TYR F 165 7.72 20.79 -29.94
CA TYR F 165 9.02 21.11 -30.59
C TYR F 165 9.16 20.26 -31.85
N MET F 166 9.68 20.86 -32.93
CA MET F 166 10.13 20.19 -34.17
C MET F 166 11.52 20.73 -34.52
N HIS F 167 12.47 19.83 -34.80
CA HIS F 167 13.77 20.16 -35.45
C HIS F 167 13.60 19.97 -36.96
N MET F 168 14.10 20.91 -37.77
CA MET F 168 14.11 20.80 -39.25
C MET F 168 15.46 21.25 -39.76
N ASP F 169 15.94 20.59 -40.82
CA ASP F 169 17.35 20.76 -41.32
C ASP F 169 17.29 21.85 -42.40
N VAL F 170 16.96 23.08 -41.98
CA VAL F 170 16.72 24.28 -42.84
C VAL F 170 17.15 25.54 -42.08
N ASN F 171 17.44 26.62 -42.82
CA ASN F 171 17.59 28.00 -42.27
C ASN F 171 16.23 28.43 -41.71
N TYR F 172 16.23 29.09 -40.55
CA TYR F 172 15.04 29.59 -39.81
C TYR F 172 14.13 30.45 -40.69
N GLU F 173 14.69 31.36 -41.50
CA GLU F 173 13.87 32.33 -42.31
C GLU F 173 12.98 31.61 -43.32
N LEU F 174 13.30 30.38 -43.73
CA LEU F 174 12.38 29.55 -44.56
C LEU F 174 11.12 29.18 -43.78
N ILE F 175 11.20 28.94 -42.47
CA ILE F 175 10.03 28.55 -41.63
C ILE F 175 9.15 29.80 -41.44
N ILE F 176 9.73 30.89 -40.91
CA ILE F 176 9.07 32.23 -40.80
C ILE F 176 8.27 32.51 -42.09
N ASP F 177 8.96 32.53 -43.24
CA ASP F 177 8.39 32.79 -44.59
C ASP F 177 7.14 31.92 -44.83
N ASN F 178 7.13 30.66 -44.38
CA ASN F 178 5.99 29.72 -44.55
C ASN F 178 4.79 30.22 -43.75
N VAL F 179 5.05 30.49 -42.46
CA VAL F 179 4.04 30.95 -41.45
C VAL F 179 3.48 32.33 -41.83
N MET F 180 4.25 33.17 -42.55
CA MET F 180 3.81 34.54 -42.94
C MET F 180 3.04 34.55 -44.27
N ASP F 181 2.88 33.41 -44.96
CA ASP F 181 2.33 33.31 -46.34
C ASP F 181 1.32 32.16 -46.35
N LEU F 182 0.32 32.24 -45.47
CA LEU F 182 -0.57 31.13 -45.01
C LEU F 182 -1.49 30.63 -46.13
N SER F 183 -1.54 31.30 -47.30
CA SER F 183 -2.08 30.79 -48.58
C SER F 183 -1.82 29.30 -48.74
N HIS F 184 -0.60 28.86 -48.40
CA HIS F 184 -0.12 27.45 -48.46
C HIS F 184 -1.13 26.47 -47.86
N ILE F 185 -1.89 26.86 -46.84
CA ILE F 185 -2.84 25.97 -46.10
C ILE F 185 -3.92 25.42 -47.06
N ASP F 186 -4.34 26.20 -48.07
CA ASP F 186 -5.33 25.76 -49.10
C ASP F 186 -4.90 24.42 -49.73
N HIS F 187 -3.62 24.29 -50.12
CA HIS F 187 -3.11 23.23 -51.04
C HIS F 187 -2.16 22.25 -50.33
N VAL F 188 -1.33 22.72 -49.38
CA VAL F 188 -0.29 21.91 -48.64
C VAL F 188 -0.99 20.94 -47.68
N HIS F 189 -1.91 21.45 -46.84
CA HIS F 189 -2.39 20.76 -45.61
C HIS F 189 -3.63 19.90 -45.89
N GLY F 190 -3.76 18.78 -45.16
CA GLY F 190 -4.94 17.90 -45.19
C GLY F 190 -6.07 18.38 -44.30
N GLU F 191 -7.06 17.50 -44.07
CA GLU F 191 -8.38 17.74 -43.40
C GLU F 191 -8.24 18.62 -42.14
N ILE F 192 -7.25 18.30 -41.29
CA ILE F 192 -7.09 18.75 -39.87
C ILE F 192 -7.26 20.28 -39.79
N ILE F 193 -6.78 21.05 -40.78
CA ILE F 193 -6.85 22.55 -40.84
C ILE F 193 -7.13 23.09 -42.24
N THR F 194 -7.51 22.29 -43.24
CA THR F 194 -7.55 22.77 -44.66
C THR F 194 -8.56 23.92 -44.79
N THR F 195 -8.22 24.94 -45.58
CA THR F 195 -9.08 26.14 -45.84
C THR F 195 -9.71 26.11 -47.24
N ARG F 196 -9.51 25.03 -48.02
CA ARG F 196 -10.34 24.63 -49.20
C ARG F 196 -10.28 25.70 -50.30
N GLY F 197 -9.10 26.22 -50.62
CA GLY F 197 -8.92 27.18 -51.73
C GLY F 197 -9.45 28.59 -51.46
N GLN F 198 -9.96 28.89 -50.26
CA GLN F 198 -10.70 30.15 -49.95
C GLN F 198 -9.73 31.23 -49.45
N LEU F 199 -8.63 30.84 -48.78
CA LEU F 199 -7.66 31.78 -48.16
C LEU F 199 -6.83 32.46 -49.26
N SER F 200 -6.40 31.69 -50.29
CA SER F 200 -5.47 32.11 -51.37
C SER F 200 -5.89 33.45 -51.98
N PRO F 201 -7.12 33.56 -52.57
CA PRO F 201 -7.54 34.79 -53.25
C PRO F 201 -7.57 36.08 -52.41
N VAL F 202 -7.67 35.99 -51.08
CA VAL F 202 -7.72 37.16 -50.14
C VAL F 202 -6.38 37.91 -50.17
N VAL F 203 -6.40 39.20 -50.46
CA VAL F 203 -5.24 40.13 -50.24
C VAL F 203 -5.30 40.52 -48.75
N PRO F 204 -4.27 40.18 -47.94
CA PRO F 204 -4.29 40.51 -46.51
C PRO F 204 -3.91 41.98 -46.24
N LYS F 205 -4.52 42.55 -45.20
CA LYS F 205 -4.15 43.87 -44.60
C LYS F 205 -2.86 43.63 -43.81
N VAL F 206 -1.78 44.32 -44.20
CA VAL F 206 -0.41 44.22 -43.61
C VAL F 206 -0.06 45.61 -43.05
N ARG F 207 0.55 45.67 -41.87
CA ARG F 207 1.06 46.94 -41.28
C ARG F 207 2.46 46.66 -40.72
N GLU F 208 3.46 47.40 -41.21
CA GLU F 208 4.79 47.54 -40.58
C GLU F 208 4.63 48.51 -39.39
N ARG F 209 5.20 48.18 -38.23
CA ARG F 209 5.21 49.05 -37.03
C ARG F 209 6.63 49.01 -36.44
N ASP F 210 6.91 49.97 -35.59
CA ASP F 210 8.15 50.10 -34.76
C ASP F 210 8.37 48.86 -33.88
N THR F 211 7.30 48.27 -33.32
CA THR F 211 7.38 47.05 -32.49
C THR F 211 7.34 45.80 -33.37
N HIS F 212 6.23 45.61 -34.10
CA HIS F 212 5.89 44.35 -34.83
C HIS F 212 5.66 44.61 -36.33
N ILE F 213 5.42 43.54 -37.10
CA ILE F 213 4.79 43.56 -38.47
C ILE F 213 3.54 42.67 -38.44
N SER F 214 2.34 43.27 -38.51
CA SER F 214 1.05 42.54 -38.48
C SER F 214 0.65 42.15 -39.91
N ALA F 215 -0.21 41.14 -40.04
CA ALA F 215 -0.92 40.77 -41.30
C ALA F 215 -2.22 40.05 -40.98
N ARG F 216 -3.36 40.54 -41.49
CA ARG F 216 -4.72 39.97 -41.21
C ARG F 216 -5.35 39.45 -42.51
N TRP F 217 -5.65 38.15 -42.57
CA TRP F 217 -6.57 37.51 -43.55
C TRP F 217 -7.92 37.35 -42.87
N GLU F 218 -9.00 37.82 -43.51
CA GLU F 218 -10.39 37.42 -43.17
C GLU F 218 -10.98 36.71 -44.40
N TRP F 219 -11.86 35.73 -44.18
CA TRP F 219 -12.64 35.04 -45.24
C TRP F 219 -13.84 34.30 -44.64
N SER F 220 -14.51 33.45 -45.44
CA SER F 220 -15.48 32.42 -44.97
C SER F 220 -15.33 31.15 -45.82
N GLN F 221 -15.64 29.99 -45.23
CA GLN F 221 -15.65 28.68 -45.92
C GLN F 221 -16.78 27.81 -45.35
N THR F 222 -17.04 26.67 -46.01
CA THR F 222 -18.06 25.67 -45.61
C THR F 222 -17.51 24.27 -45.90
N PRO F 223 -17.35 23.35 -44.91
CA PRO F 223 -17.47 23.67 -43.48
C PRO F 223 -16.36 24.59 -43.00
N ALA F 224 -16.51 25.11 -41.78
CA ALA F 224 -15.43 25.73 -40.99
C ALA F 224 -14.23 24.77 -40.90
N MET F 225 -13.03 25.32 -40.70
CA MET F 225 -11.75 24.55 -40.51
C MET F 225 -11.99 23.49 -39.42
N MET F 226 -11.66 22.21 -39.67
CA MET F 226 -11.97 21.05 -38.77
C MET F 226 -11.57 21.33 -37.31
N ILE F 227 -10.40 21.95 -37.11
CA ILE F 227 -9.84 22.43 -35.80
C ILE F 227 -10.91 23.15 -34.93
N PHE F 228 -11.86 23.89 -35.53
CA PHE F 228 -12.93 24.66 -34.82
C PHE F 228 -14.35 24.13 -35.06
N ALA F 229 -14.62 23.46 -36.19
CA ALA F 229 -15.99 23.21 -36.71
C ALA F 229 -16.88 22.54 -35.67
N PRO F 230 -16.47 21.44 -34.98
CA PRO F 230 -17.35 20.73 -34.03
C PRO F 230 -17.89 21.62 -32.89
N PHE F 231 -17.09 22.57 -32.43
CA PHE F 231 -17.39 23.49 -31.31
C PHE F 231 -18.23 24.68 -31.79
N LEU F 232 -18.50 24.84 -33.10
CA LEU F 232 -19.36 25.94 -33.63
C LEU F 232 -20.83 25.60 -33.41
N PRO F 233 -21.74 26.62 -33.48
CA PRO F 233 -23.18 26.41 -33.43
C PRO F 233 -23.68 25.30 -34.37
N ARG F 234 -23.35 25.39 -35.68
CA ARG F 234 -23.66 24.36 -36.70
C ARG F 234 -22.35 23.94 -37.36
N PRO F 235 -21.75 22.76 -36.99
CA PRO F 235 -20.47 22.32 -37.58
C PRO F 235 -20.39 22.32 -39.12
N GLU F 236 -21.40 21.71 -39.77
CA GLU F 236 -21.57 21.56 -41.24
C GLU F 236 -21.61 22.94 -41.92
N ASP F 237 -22.23 23.93 -41.28
CA ASP F 237 -22.58 25.24 -41.91
C ASP F 237 -21.34 26.13 -42.00
N ALA F 238 -21.46 27.18 -42.84
CA ALA F 238 -20.40 28.18 -43.14
C ALA F 238 -20.06 28.97 -41.87
N ALA F 239 -18.84 29.54 -41.84
CA ALA F 239 -18.31 30.34 -40.73
C ALA F 239 -17.25 31.33 -41.22
N ARG F 240 -17.34 32.59 -40.82
CA ARG F 240 -16.27 33.64 -41.03
C ARG F 240 -15.05 33.28 -40.20
N HIS F 241 -13.86 33.36 -40.78
CA HIS F 241 -12.56 33.09 -40.12
C HIS F 241 -11.64 34.31 -40.22
N TYR F 242 -10.72 34.43 -39.27
CA TYR F 242 -9.74 35.53 -39.15
C TYR F 242 -8.37 34.90 -38.84
N PHE F 243 -7.32 35.33 -39.56
CA PHE F 243 -5.89 35.06 -39.23
C PHE F 243 -5.21 36.40 -38.96
N ASP F 244 -5.03 36.77 -37.70
CA ASP F 244 -4.14 37.89 -37.29
C ASP F 244 -2.83 37.29 -36.80
N ILE F 245 -1.73 37.66 -37.47
CA ILE F 245 -0.33 37.22 -37.24
C ILE F 245 0.46 38.50 -36.91
N SER F 246 1.48 38.45 -36.05
CA SER F 246 2.45 39.58 -35.86
C SER F 246 3.85 39.03 -35.62
N TRP F 247 4.80 39.37 -36.48
CA TRP F 247 6.24 39.03 -36.31
C TRP F 247 6.85 40.00 -35.31
N THR F 248 7.61 39.48 -34.35
CA THR F 248 8.51 40.26 -33.46
C THR F 248 9.90 39.65 -33.60
N ALA F 249 10.95 40.47 -33.48
CA ALA F 249 12.37 40.03 -33.53
C ALA F 249 12.64 39.06 -32.38
N PRO F 250 13.54 38.06 -32.52
CA PRO F 250 14.23 37.76 -33.77
C PRO F 250 13.47 36.82 -34.73
N ALA F 251 12.57 35.96 -34.23
CA ALA F 251 11.90 34.92 -35.07
C ALA F 251 10.54 34.46 -34.50
N ASN F 252 9.81 35.35 -33.83
CA ASN F 252 8.57 35.03 -33.07
C ASN F 252 7.37 35.54 -33.90
N ILE F 253 6.32 34.73 -34.04
CA ILE F 253 5.08 35.04 -34.83
C ILE F 253 3.86 34.53 -34.04
N GLN F 254 2.89 35.40 -33.68
CA GLN F 254 1.87 35.13 -32.60
C GLN F 254 0.46 34.93 -33.17
N LEU F 255 0.35 34.12 -34.24
CA LEU F 255 -0.85 33.66 -35.03
C LEU F 255 -2.09 33.47 -34.13
N SER F 256 -3.08 34.37 -34.25
CA SER F 256 -4.41 34.29 -33.59
C SER F 256 -5.43 33.92 -34.67
N VAL F 257 -6.31 32.96 -34.39
CA VAL F 257 -7.21 32.31 -35.39
C VAL F 257 -8.48 31.83 -34.72
N GLY F 258 -9.56 31.72 -35.48
CA GLY F 258 -10.87 31.32 -34.95
C GLY F 258 -11.99 31.50 -35.96
N ALA F 259 -13.16 30.93 -35.64
CA ALA F 259 -14.37 30.90 -36.47
C ALA F 259 -15.57 31.42 -35.67
N VAL F 260 -16.25 32.45 -36.18
CA VAL F 260 -17.56 32.94 -35.65
C VAL F 260 -18.66 32.44 -36.59
N GLN F 261 -19.83 32.11 -36.03
CA GLN F 261 -21.11 31.91 -36.78
C GLN F 261 -22.13 32.93 -36.26
N ASP F 262 -23.04 33.39 -37.11
CA ASP F 262 -24.18 34.30 -36.78
C ASP F 262 -23.67 35.71 -36.43
N SER F 263 -22.91 35.88 -35.33
CA SER F 263 -22.38 37.19 -34.85
C SER F 263 -21.48 37.87 -35.92
N ASP F 264 -21.48 39.22 -35.95
CA ASP F 264 -20.59 40.04 -36.81
C ASP F 264 -19.26 40.25 -36.09
N ASP F 265 -19.34 40.77 -34.86
CA ASP F 265 -18.27 40.77 -33.82
C ASP F 265 -17.57 39.38 -33.82
N PHE F 266 -16.28 39.34 -34.19
CA PHE F 266 -15.42 38.13 -34.12
C PHE F 266 -15.16 37.69 -32.67
N GLY F 267 -15.32 38.60 -31.70
CA GLY F 267 -15.17 38.39 -30.24
C GLY F 267 -15.73 37.07 -29.72
N ASP F 268 -16.81 36.54 -30.29
CA ASP F 268 -17.50 35.29 -29.87
C ASP F 268 -16.88 34.03 -30.50
N ALA F 269 -15.90 34.15 -31.40
CA ALA F 269 -15.38 33.05 -32.25
C ALA F 269 -14.82 31.90 -31.41
N THR F 270 -15.03 30.65 -31.84
CA THR F 270 -14.24 29.45 -31.42
C THR F 270 -12.78 29.66 -31.85
N SER F 271 -11.98 30.35 -31.03
CA SER F 271 -10.65 30.90 -31.37
C SER F 271 -9.52 30.22 -30.58
N GLN F 272 -8.34 30.86 -30.53
CA GLN F 272 -7.01 30.20 -30.36
C GLN F 272 -5.90 31.27 -30.37
N TYR F 273 -4.92 31.16 -29.48
CA TYR F 273 -3.67 32.00 -29.49
C TYR F 273 -2.46 31.07 -29.64
N ASP F 274 -1.85 31.10 -30.83
CA ASP F 274 -0.62 30.35 -31.17
C ASP F 274 0.60 31.25 -31.11
N LEU F 275 1.76 30.63 -30.87
CA LEU F 275 3.11 31.23 -31.01
C LEU F 275 3.99 30.26 -31.77
N HIS F 276 4.34 30.63 -33.00
CA HIS F 276 5.46 30.06 -33.79
C HIS F 276 6.69 30.86 -33.39
N THR F 277 7.72 30.23 -32.83
CA THR F 277 9.07 30.84 -32.64
C THR F 277 10.13 29.86 -33.18
N CYS F 278 11.17 30.42 -33.80
CA CYS F 278 12.39 29.71 -34.27
C CYS F 278 13.62 30.20 -33.49
N THR F 279 14.68 29.39 -33.59
CA THR F 279 15.94 29.50 -32.82
C THR F 279 16.99 28.72 -33.61
N PRO F 280 17.86 29.36 -34.43
CA PRO F 280 18.73 28.60 -35.34
C PRO F 280 19.79 27.79 -34.58
N GLU F 281 19.96 26.52 -34.97
CA GLU F 281 21.00 25.60 -34.45
C GLU F 281 22.34 26.02 -35.07
N ASP F 282 22.35 26.15 -36.40
CA ASP F 282 23.37 26.88 -37.20
C ASP F 282 22.69 27.30 -38.51
N ALA F 283 23.43 27.86 -39.48
CA ALA F 283 22.90 28.39 -40.77
C ALA F 283 21.64 27.61 -41.21
N PHE F 284 21.80 26.32 -41.49
CA PHE F 284 20.84 25.44 -42.19
C PHE F 284 20.34 24.30 -41.29
N LYS F 285 20.17 24.58 -40.00
CA LYS F 285 19.31 23.79 -39.05
C LYS F 285 18.55 24.81 -38.19
N THR F 286 17.35 24.44 -37.73
CA THR F 286 16.45 25.36 -36.98
C THR F 286 15.63 24.59 -35.97
N HIS F 287 15.68 25.04 -34.70
CA HIS F 287 14.79 24.63 -33.58
C HIS F 287 13.49 25.42 -33.72
N TYR F 288 12.40 24.72 -34.07
CA TYR F 288 11.06 25.31 -34.33
C TYR F 288 10.13 24.89 -33.18
N PHE F 289 9.75 25.85 -32.34
CA PHE F 289 8.82 25.66 -31.21
C PHE F 289 7.47 26.27 -31.57
N PHE F 290 6.40 25.58 -31.17
CA PHE F 290 4.98 25.99 -31.32
C PHE F 290 4.28 25.87 -29.97
N ALA F 291 3.39 26.82 -29.66
CA ALA F 291 2.42 26.75 -28.55
C ALA F 291 1.05 27.22 -29.07
N THR F 292 0.01 26.38 -28.94
CA THR F 292 -1.42 26.78 -29.01
C THR F 292 -1.88 27.20 -27.61
N ARG F 293 -2.94 28.01 -27.52
CA ARG F 293 -3.85 28.06 -26.32
C ARG F 293 -5.28 28.33 -26.80
N ARG F 294 -6.08 27.27 -26.87
CA ARG F 294 -7.51 27.33 -27.31
C ARG F 294 -8.40 28.00 -26.26
N ASN F 295 -9.50 28.62 -26.69
CA ASN F 295 -10.49 29.32 -25.82
C ASN F 295 -11.71 28.43 -25.55
N HIS F 296 -11.78 27.23 -26.13
CA HIS F 296 -12.96 26.33 -26.11
C HIS F 296 -12.63 25.07 -25.30
N ILE F 297 -13.63 24.43 -24.66
CA ILE F 297 -13.55 23.24 -23.75
C ILE F 297 -12.20 23.23 -23.01
N VAL F 298 -11.93 24.34 -22.29
CA VAL F 298 -10.57 24.71 -21.75
C VAL F 298 -10.05 23.62 -20.81
N ASP F 299 -10.92 22.91 -20.10
CA ASP F 299 -10.56 21.92 -19.05
C ASP F 299 -10.04 20.60 -19.64
N ASP F 300 -10.51 20.16 -20.81
CA ASP F 300 -10.33 18.77 -21.30
C ASP F 300 -8.88 18.54 -21.77
N ALA F 301 -8.02 18.00 -20.89
CA ALA F 301 -6.61 17.65 -21.19
C ALA F 301 -6.55 16.39 -22.05
N ASP F 302 -7.55 15.51 -21.98
CA ASP F 302 -7.66 14.30 -22.84
C ASP F 302 -7.63 14.74 -24.30
N TYR F 303 -8.41 15.78 -24.64
CA TYR F 303 -8.47 16.39 -25.98
C TYR F 303 -7.22 17.25 -26.24
N ASN F 304 -6.74 18.02 -25.25
CA ASN F 304 -5.61 18.98 -25.42
C ASN F 304 -4.39 18.27 -26.03
N ARG F 305 -4.07 17.08 -25.50
CA ARG F 305 -3.00 16.19 -26.01
C ARG F 305 -3.37 15.81 -27.46
N LYS F 306 -4.60 15.36 -27.71
CA LYS F 306 -5.07 14.91 -29.04
C LYS F 306 -4.96 16.04 -30.06
N LYS F 307 -5.16 17.30 -29.67
CA LYS F 307 -4.95 18.49 -30.54
C LYS F 307 -3.45 18.67 -30.82
N ILE F 308 -2.67 19.05 -29.80
CA ILE F 308 -1.22 19.41 -29.91
C ILE F 308 -0.45 18.28 -30.63
N GLU F 309 -0.84 17.01 -30.48
CA GLU F 309 -0.28 15.86 -31.26
C GLU F 309 -0.66 16.00 -32.74
N ALA F 310 -1.95 16.23 -33.04
CA ALA F 310 -2.49 16.38 -34.41
C ALA F 310 -2.08 17.73 -35.04
N MET F 311 -1.62 18.70 -34.23
CA MET F 311 -0.98 19.95 -34.71
C MET F 311 0.44 19.65 -35.18
N HIS F 312 1.28 19.09 -34.29
CA HIS F 312 2.68 18.69 -34.57
C HIS F 312 2.70 17.88 -35.86
N ALA F 313 1.88 16.82 -35.90
CA ALA F 313 1.56 16.00 -37.10
C ALA F 313 1.51 16.89 -38.34
N ALA F 314 0.55 17.82 -38.41
CA ALA F 314 0.30 18.71 -39.57
C ALA F 314 1.59 19.43 -39.99
N PHE F 315 2.32 20.04 -39.05
CA PHE F 315 3.56 20.80 -39.34
C PHE F 315 4.66 19.85 -39.82
N GLU F 316 4.96 18.83 -39.01
CA GLU F 316 6.09 17.88 -39.22
C GLU F 316 5.87 17.07 -40.51
N THR F 317 4.65 16.60 -40.76
CA THR F 317 4.36 15.61 -41.84
C THR F 317 3.97 16.32 -43.15
N GLU F 318 3.31 17.49 -43.11
CA GLU F 318 2.78 18.17 -44.33
C GLU F 318 3.64 19.40 -44.68
N ASP F 319 3.93 20.27 -43.70
CA ASP F 319 4.78 21.49 -43.92
C ASP F 319 6.26 21.12 -44.00
N GLY F 320 6.73 20.39 -42.98
CA GLY F 320 8.11 19.86 -42.84
C GLY F 320 8.72 19.47 -44.16
N PRO F 321 8.19 18.44 -44.88
CA PRO F 321 8.82 17.92 -46.09
C PRO F 321 8.99 18.91 -47.26
N ILE F 322 8.06 19.87 -47.43
CA ILE F 322 8.15 20.88 -48.53
C ILE F 322 9.29 21.85 -48.20
N ILE F 323 9.33 22.36 -46.97
CA ILE F 323 10.31 23.39 -46.53
C ILE F 323 11.72 22.80 -46.63
N THR F 324 11.90 21.57 -46.15
CA THR F 324 13.17 20.78 -46.26
C THR F 324 13.49 20.54 -47.75
N ALA F 325 12.52 20.09 -48.54
CA ALA F 325 12.72 19.87 -50.01
C ALA F 325 13.23 21.16 -50.66
N VAL F 326 12.57 22.29 -50.36
CA VAL F 326 12.91 23.63 -50.91
C VAL F 326 14.36 23.90 -50.55
N GLN F 327 14.69 23.87 -49.25
CA GLN F 327 16.06 24.14 -48.74
C GLN F 327 17.08 23.41 -49.63
N GLU F 328 16.89 22.11 -49.86
CA GLU F 328 17.79 21.26 -50.71
C GLU F 328 17.88 21.87 -52.12
N GLU F 329 16.74 22.11 -52.76
CA GLU F 329 16.69 22.72 -54.12
C GLU F 329 17.38 24.10 -54.12
N MET F 330 17.23 24.89 -53.05
CA MET F 330 17.84 26.24 -52.93
C MET F 330 19.37 26.15 -52.77
N GLY F 331 19.89 25.04 -52.23
CA GLY F 331 21.29 24.93 -51.77
C GLY F 331 21.61 26.00 -50.73
N GLU F 332 22.85 26.49 -50.73
CA GLU F 332 23.32 27.45 -49.69
C GLU F 332 23.01 28.89 -50.11
N ALA F 333 22.46 29.13 -51.30
CA ALA F 333 22.40 30.48 -51.93
C ALA F 333 21.29 31.30 -51.27
N GLU F 334 21.59 32.58 -50.99
CA GLU F 334 20.70 33.52 -50.24
C GLU F 334 19.41 33.73 -51.03
N PHE F 335 18.27 33.67 -50.35
CA PHE F 335 16.89 33.65 -50.93
C PHE F 335 16.74 34.67 -52.07
N PHE F 336 16.81 35.96 -51.75
CA PHE F 336 16.66 37.10 -52.71
C PHE F 336 17.65 36.98 -53.86
N SER F 337 18.88 36.49 -53.60
CA SER F 337 19.96 36.29 -54.63
C SER F 337 19.42 35.43 -55.78
N LEU F 338 18.54 34.46 -55.51
CA LEU F 338 17.96 33.54 -56.53
C LEU F 338 16.84 34.20 -57.36
N ASP F 339 16.52 35.48 -57.16
CA ASP F 339 15.51 36.26 -57.95
C ASP F 339 14.15 35.57 -57.87
N PRO F 340 13.59 35.36 -56.66
CA PRO F 340 12.28 34.72 -56.53
C PRO F 340 11.19 35.59 -57.16
N VAL F 341 10.18 34.95 -57.73
CA VAL F 341 9.01 35.61 -58.39
C VAL F 341 7.97 35.90 -57.29
N LEU F 342 8.12 37.06 -56.65
CA LEU F 342 7.31 37.51 -55.48
C LEU F 342 5.97 38.08 -55.98
N MET F 343 4.92 37.96 -55.16
CA MET F 343 3.50 38.12 -55.60
C MET F 343 2.65 38.75 -54.47
N SER F 344 1.31 38.82 -54.65
CA SER F 344 0.34 39.42 -53.71
C SER F 344 0.56 38.89 -52.28
N ASN F 345 0.69 37.57 -52.13
CA ASN F 345 0.77 36.87 -50.81
C ASN F 345 2.17 36.93 -50.18
N ASP F 346 3.21 37.45 -50.86
CA ASP F 346 4.63 37.48 -50.36
C ASP F 346 5.01 38.84 -49.75
N VAL F 347 4.06 39.73 -49.45
CA VAL F 347 4.36 41.13 -49.05
C VAL F 347 4.88 41.11 -47.60
N ALA F 348 4.06 40.57 -46.69
CA ALA F 348 4.38 40.34 -45.26
C ALA F 348 5.72 39.59 -45.12
N PRO F 349 5.89 38.36 -45.67
CA PRO F 349 7.13 37.60 -45.45
C PRO F 349 8.43 38.24 -45.96
N VAL F 350 8.34 39.14 -46.94
CA VAL F 350 9.48 39.97 -47.42
C VAL F 350 9.78 41.05 -46.38
N LYS F 351 8.80 41.90 -46.06
CA LYS F 351 8.90 42.99 -45.04
C LYS F 351 9.66 42.47 -43.82
N VAL F 352 9.30 41.27 -43.35
CA VAL F 352 9.98 40.54 -42.23
C VAL F 352 11.46 40.40 -42.57
N ARG F 353 11.79 39.54 -43.53
CA ARG F 353 13.20 39.21 -43.96
C ARG F 353 14.03 40.50 -44.01
N ARG F 354 13.49 41.55 -44.62
CA ARG F 354 14.15 42.88 -44.80
C ARG F 354 14.35 43.56 -43.45
N ARG F 355 13.32 43.59 -42.59
CA ARG F 355 13.38 44.24 -41.26
C ARG F 355 14.47 43.55 -40.42
N LEU F 356 14.37 42.22 -40.30
CA LEU F 356 15.37 41.36 -39.61
C LEU F 356 16.77 41.64 -40.18
N ARG F 357 16.91 41.68 -41.53
CA ARG F 357 18.20 42.00 -42.22
C ARG F 357 18.69 43.37 -41.73
N ARG F 358 17.84 44.39 -41.86
CA ARG F 358 18.14 45.79 -41.48
C ARG F 358 18.57 45.80 -40.01
N MET F 359 17.80 45.18 -39.12
CA MET F 359 18.07 45.09 -37.65
C MET F 359 19.45 44.49 -37.39
N ILE F 360 19.81 43.40 -38.09
CA ILE F 360 21.12 42.70 -37.89
C ILE F 360 22.26 43.66 -38.23
N VAL F 361 22.15 44.37 -39.35
CA VAL F 361 23.20 45.31 -39.85
C VAL F 361 23.28 46.49 -38.85
N GLU F 362 22.14 47.11 -38.53
CA GLU F 362 22.00 48.20 -37.51
C GLU F 362 22.66 47.79 -36.20
N GLU F 363 22.54 46.51 -35.79
CA GLU F 363 23.12 45.97 -34.52
C GLU F 363 24.65 45.92 -34.68
N GLN F 364 25.13 45.29 -35.76
CA GLN F 364 26.58 45.20 -36.10
C GLN F 364 27.20 46.60 -36.21
N ALA F 365 26.45 47.59 -36.70
CA ALA F 365 26.88 49.00 -36.84
C ALA F 365 27.25 49.53 -35.46
N ALA F 366 26.28 49.63 -34.54
CA ALA F 366 26.46 50.20 -33.19
C ALA F 366 27.35 49.30 -32.30
N ALA F 367 27.70 48.08 -32.76
CA ALA F 367 28.77 47.23 -32.18
C ALA F 367 30.15 47.79 -32.58
N ALA F 368 30.36 48.04 -33.87
CA ALA F 368 31.61 48.61 -34.43
C ALA F 368 31.77 50.09 -34.09
N ALA F 369 30.69 50.81 -33.76
CA ALA F 369 30.68 52.26 -33.39
C ALA F 369 30.81 52.44 -31.86
N ALA F 370 30.35 51.46 -31.06
CA ALA F 370 30.64 51.36 -29.61
C ALA F 370 32.02 50.73 -29.37
N ASP F 371 32.60 50.05 -30.39
CA ASP F 371 34.02 49.61 -30.44
C ASP F 371 34.93 50.84 -30.59
N ALA F 372 34.51 51.86 -31.34
CA ALA F 372 35.15 53.20 -31.43
C ALA F 372 34.78 54.07 -30.21
N ALA F 373 33.48 54.11 -29.85
CA ALA F 373 32.87 54.98 -28.80
C ALA F 373 32.14 54.12 -27.77
N SER G 23 -26.64 -41.38 59.22
CA SER G 23 -25.50 -40.91 58.39
C SER G 23 -26.01 -40.07 57.21
N THR G 24 -25.52 -38.83 57.05
CA THR G 24 -25.36 -38.18 55.70
C THR G 24 -24.11 -38.83 55.09
N PHE G 25 -24.27 -39.48 53.92
CA PHE G 25 -23.22 -40.28 53.21
C PHE G 25 -21.94 -39.46 52.97
N GLU G 26 -20.84 -40.18 52.72
CA GLU G 26 -19.46 -39.59 52.60
C GLU G 26 -18.80 -40.02 51.28
N CYS G 27 -18.55 -39.06 50.39
CA CYS G 27 -17.78 -39.25 49.13
C CYS G 27 -16.41 -38.63 49.31
N LEU G 28 -15.45 -39.09 48.50
CA LEU G 28 -14.12 -38.45 48.37
C LEU G 28 -14.35 -37.04 47.79
N LYS G 29 -13.74 -36.00 48.36
CA LYS G 29 -13.94 -34.58 47.95
C LYS G 29 -12.85 -34.14 46.97
N ARG G 30 -11.57 -34.36 47.34
CA ARG G 30 -10.37 -33.87 46.58
C ARG G 30 -10.52 -34.19 45.09
N ALA G 31 -10.88 -35.39 44.68
CA ALA G 31 -10.60 -35.91 43.33
C ALA G 31 -11.53 -35.27 42.27
N TRP G 32 -11.28 -35.61 41.01
CA TRP G 32 -12.01 -35.14 39.81
C TRP G 32 -13.15 -36.12 39.48
N TYR G 33 -14.39 -35.64 39.56
CA TYR G 33 -15.65 -36.33 39.13
C TYR G 33 -16.07 -35.79 37.76
N VAL G 34 -16.60 -36.64 36.87
CA VAL G 34 -17.17 -36.15 35.57
C VAL G 34 -18.50 -35.43 35.85
N ALA G 35 -18.56 -34.13 35.55
CA ALA G 35 -19.74 -33.27 35.78
C ALA G 35 -20.69 -33.33 34.58
N ALA G 36 -20.15 -33.49 33.37
CA ALA G 36 -20.94 -33.45 32.11
C ALA G 36 -20.07 -33.89 30.92
N MET G 37 -20.70 -34.50 29.91
CA MET G 37 -20.07 -34.74 28.59
C MET G 37 -19.80 -33.36 27.98
N SER G 38 -18.65 -33.20 27.32
CA SER G 38 -18.29 -31.97 26.57
C SER G 38 -19.50 -31.52 25.74
N SER G 39 -20.17 -32.47 25.07
CA SER G 39 -21.37 -32.24 24.21
C SER G 39 -22.52 -31.53 24.95
N GLU G 40 -22.63 -31.65 26.28
CA GLU G 40 -23.83 -31.21 27.04
C GLU G 40 -23.86 -29.68 27.29
N VAL G 41 -22.80 -28.93 26.93
CA VAL G 41 -22.76 -27.45 27.15
C VAL G 41 -22.64 -26.73 25.79
N GLU G 42 -23.77 -26.20 25.29
CA GLU G 42 -23.94 -25.70 23.89
C GLU G 42 -23.73 -24.18 23.86
N GLY G 43 -22.46 -23.73 23.96
CA GLY G 43 -22.05 -22.32 23.96
C GLY G 43 -22.95 -21.45 24.84
N GLU G 44 -24.04 -20.96 24.23
CA GLU G 44 -25.05 -20.00 24.82
C GLU G 44 -25.81 -20.62 25.99
N ALA G 45 -26.21 -21.90 25.88
CA ALA G 45 -26.94 -22.70 26.90
C ALA G 45 -26.38 -22.48 28.32
N LEU G 46 -27.28 -22.40 29.30
CA LEU G 46 -26.98 -22.46 30.76
C LEU G 46 -27.32 -23.87 31.28
N PHE G 47 -26.38 -24.80 31.16
CA PHE G 47 -26.44 -26.18 31.72
C PHE G 47 -26.50 -26.13 33.26
N HIS G 48 -27.40 -26.91 33.88
CA HIS G 48 -27.49 -27.10 35.37
C HIS G 48 -27.43 -28.59 35.68
N ARG G 49 -26.81 -28.99 36.79
CA ARG G 49 -26.81 -30.41 37.25
C ARG G 49 -26.43 -30.50 38.74
N ARG G 50 -27.09 -31.41 39.45
CA ARG G 50 -26.83 -31.70 40.88
C ARG G 50 -25.64 -32.66 40.96
N ILE G 51 -24.61 -32.31 41.73
CA ILE G 51 -23.31 -33.04 41.84
C ILE G 51 -22.88 -33.07 43.31
N LEU G 52 -22.67 -34.26 43.87
CA LEU G 52 -22.36 -34.49 45.32
C LEU G 52 -23.29 -33.63 46.17
N GLY G 53 -24.59 -33.69 45.90
CA GLY G 53 -25.65 -32.96 46.63
C GLY G 53 -25.53 -31.45 46.52
N THR G 54 -24.93 -30.92 45.44
CA THR G 54 -24.71 -29.47 45.21
C THR G 54 -25.31 -29.08 43.87
N SER G 55 -26.15 -28.04 43.86
CA SER G 55 -26.66 -27.41 42.62
C SER G 55 -25.47 -26.77 41.91
N VAL G 56 -25.23 -27.11 40.65
CA VAL G 56 -24.06 -26.64 39.84
C VAL G 56 -24.57 -26.15 38.49
N MET G 57 -24.24 -24.91 38.13
CA MET G 57 -24.41 -24.34 36.77
C MET G 57 -23.10 -24.47 36.01
N ILE G 58 -23.18 -24.74 34.71
CA ILE G 58 -22.04 -24.68 33.75
C ILE G 58 -22.50 -23.88 32.53
N TYR G 59 -21.57 -23.16 31.90
CA TYR G 59 -21.74 -22.51 30.57
C TYR G 59 -20.35 -22.30 29.98
N ARG G 60 -20.27 -22.19 28.65
CA ARG G 60 -19.02 -21.80 27.93
C ARG G 60 -19.05 -20.28 27.76
N LEU G 61 -17.87 -19.71 27.51
CA LEU G 61 -17.68 -18.26 27.26
C LEU G 61 -17.60 -18.07 25.75
N ALA G 62 -17.28 -16.86 25.28
CA ALA G 62 -17.00 -16.57 23.85
C ALA G 62 -15.96 -17.58 23.36
N ASP G 63 -14.83 -17.68 24.07
CA ASP G 63 -13.61 -18.43 23.62
C ASP G 63 -13.72 -19.93 23.95
N GLY G 64 -14.93 -20.48 24.12
CA GLY G 64 -15.18 -21.91 24.37
C GLY G 64 -14.96 -22.31 25.82
N THR G 65 -14.41 -21.42 26.67
CA THR G 65 -13.83 -21.77 27.99
C THR G 65 -14.97 -22.14 28.92
N PRO G 66 -15.07 -23.41 29.41
CA PRO G 66 -16.18 -23.83 30.26
C PRO G 66 -16.01 -23.33 31.70
N VAL G 67 -17.10 -22.94 32.35
CA VAL G 67 -17.12 -22.31 33.70
C VAL G 67 -18.18 -23.03 34.55
N ALA G 68 -17.86 -23.30 35.82
CA ALA G 68 -18.75 -24.01 36.79
C ALA G 68 -18.95 -23.15 38.04
N MET G 69 -20.21 -22.96 38.45
CA MET G 69 -20.64 -22.11 39.59
C MET G 69 -21.71 -22.83 40.40
N HIS G 70 -21.83 -22.50 41.69
CA HIS G 70 -22.97 -22.91 42.57
C HIS G 70 -24.25 -22.31 41.96
N ASP G 71 -25.13 -23.13 41.38
CA ASP G 71 -26.37 -22.66 40.69
C ASP G 71 -27.33 -22.09 41.74
N ARG G 72 -27.01 -20.88 42.26
CA ARG G 72 -27.66 -20.30 43.47
C ARG G 72 -27.19 -18.87 43.71
N CYS G 73 -27.99 -17.89 43.32
CA CYS G 73 -27.73 -16.45 43.55
C CYS G 73 -27.69 -16.20 45.05
N PRO G 74 -26.62 -15.60 45.61
CA PRO G 74 -26.50 -15.44 47.06
C PRO G 74 -27.42 -14.37 47.69
N HIS G 75 -28.15 -13.59 46.88
CA HIS G 75 -29.19 -12.63 47.31
C HIS G 75 -30.33 -13.35 48.02
N ARG G 76 -31.25 -13.97 47.27
CA ARG G 76 -32.44 -14.69 47.79
C ARG G 76 -32.43 -16.18 47.39
N PHE G 77 -31.28 -16.72 46.97
CA PHE G 77 -31.03 -18.17 46.72
C PHE G 77 -31.83 -18.68 45.52
N ALA G 78 -32.20 -17.82 44.57
CA ALA G 78 -32.75 -18.22 43.26
C ALA G 78 -31.66 -18.99 42.50
N PRO G 79 -31.97 -20.12 41.82
CA PRO G 79 -31.02 -20.72 40.87
C PRO G 79 -30.68 -19.75 39.70
N LEU G 80 -29.41 -19.78 39.29
CA LEU G 80 -28.85 -18.83 38.30
C LEU G 80 -29.14 -19.32 36.88
N HIS G 81 -29.12 -20.63 36.63
CA HIS G 81 -29.46 -21.26 35.31
C HIS G 81 -30.81 -20.71 34.81
N LEU G 82 -31.76 -20.41 35.72
CA LEU G 82 -33.09 -19.85 35.39
C LEU G 82 -32.93 -18.41 34.87
N GLY G 83 -31.95 -17.67 35.41
CA GLY G 83 -31.50 -16.35 34.94
C GLY G 83 -31.23 -16.24 33.44
N GLN G 84 -31.08 -15.01 32.98
CA GLN G 84 -30.78 -14.64 31.57
C GLN G 84 -29.27 -14.36 31.45
N ARG G 85 -28.66 -14.85 30.37
CA ARG G 85 -27.21 -14.72 30.06
C ARG G 85 -26.95 -13.33 29.44
N GLU G 86 -25.81 -12.70 29.73
CA GLU G 86 -25.42 -11.33 29.31
C GLU G 86 -23.95 -11.34 28.87
N GLY G 87 -23.70 -11.91 27.69
CA GLY G 87 -22.36 -12.11 27.12
C GLY G 87 -21.64 -13.24 27.80
N ASP G 88 -20.65 -12.94 28.65
CA ASP G 88 -19.89 -13.90 29.49
C ASP G 88 -20.26 -13.69 30.97
N GLU G 89 -21.44 -13.10 31.22
CA GLU G 89 -22.01 -12.88 32.57
C GLU G 89 -23.41 -13.47 32.59
N ILE G 90 -23.90 -13.80 33.79
CA ILE G 90 -25.27 -14.32 34.06
C ILE G 90 -25.94 -13.33 35.02
N ALA G 91 -27.14 -12.85 34.66
CA ALA G 91 -28.03 -12.04 35.53
C ALA G 91 -29.12 -12.96 36.08
N CYS G 92 -29.33 -12.93 37.39
CA CYS G 92 -30.31 -13.82 38.10
C CYS G 92 -31.73 -13.36 37.76
N ARG G 93 -32.65 -14.30 37.47
CA ARG G 93 -33.98 -13.95 36.88
C ARG G 93 -34.83 -13.20 37.89
N TYR G 94 -34.51 -13.30 39.19
CA TYR G 94 -35.29 -12.67 40.29
C TYR G 94 -35.05 -11.16 40.28
N HIS G 95 -33.95 -10.66 40.81
CA HIS G 95 -33.68 -9.20 40.95
C HIS G 95 -32.40 -8.76 40.18
N ALA G 96 -31.86 -9.59 39.29
CA ALA G 96 -30.98 -9.21 38.17
C ALA G 96 -29.57 -8.78 38.61
N LEU G 97 -29.08 -9.25 39.77
CA LEU G 97 -27.60 -9.17 40.07
C LEU G 97 -26.86 -10.00 39.02
N ARG G 98 -25.88 -9.39 38.36
CA ARG G 98 -25.01 -10.07 37.36
C ARG G 98 -23.77 -10.63 38.03
N PHE G 99 -23.20 -11.70 37.49
CA PHE G 99 -21.93 -12.33 37.96
C PHE G 99 -21.08 -12.74 36.75
N ASP G 100 -19.76 -12.55 36.86
CA ASP G 100 -18.73 -12.95 35.87
C ASP G 100 -18.44 -14.44 36.03
N ALA G 101 -17.62 -15.00 35.14
CA ALA G 101 -17.11 -16.39 35.20
C ALA G 101 -16.46 -16.72 36.57
N ASP G 102 -15.74 -15.77 37.17
CA ASP G 102 -15.11 -15.93 38.51
C ASP G 102 -16.16 -15.89 39.63
N GLY G 103 -17.39 -15.45 39.34
CA GLY G 103 -18.51 -15.50 40.28
C GLY G 103 -18.48 -14.35 41.29
N ARG G 104 -17.73 -13.27 41.02
CA ARG G 104 -17.93 -11.95 41.69
C ARG G 104 -19.05 -11.21 40.97
N CYS G 105 -19.82 -10.41 41.72
CA CYS G 105 -20.96 -9.63 41.18
C CYS G 105 -20.43 -8.42 40.39
N THR G 106 -20.85 -8.27 39.13
CA THR G 106 -20.40 -7.20 38.20
C THR G 106 -21.34 -5.99 38.21
N HIS G 107 -22.56 -6.10 38.77
CA HIS G 107 -23.62 -5.07 38.65
C HIS G 107 -24.79 -5.37 39.62
N ASN G 108 -25.18 -4.38 40.43
CA ASN G 108 -26.46 -4.33 41.19
C ASN G 108 -27.28 -3.20 40.58
N PRO G 109 -28.49 -3.47 40.03
CA PRO G 109 -29.34 -2.42 39.45
C PRO G 109 -30.30 -1.74 40.44
N HIS G 110 -30.27 -2.13 41.74
CA HIS G 110 -31.12 -1.59 42.83
C HIS G 110 -30.48 -0.39 43.52
N GLY G 111 -31.29 0.35 44.30
CA GLY G 111 -30.91 1.41 45.24
C GLY G 111 -29.81 2.31 44.69
N ASN G 112 -28.84 2.63 45.54
CA ASN G 112 -27.62 3.43 45.24
C ASN G 112 -26.81 2.81 44.08
N GLY G 113 -26.69 1.48 44.03
CA GLY G 113 -26.02 0.73 42.95
C GLY G 113 -24.83 -0.06 43.47
N ARG G 114 -24.24 0.39 44.60
CA ARG G 114 -23.10 -0.26 45.31
C ARG G 114 -23.36 -1.78 45.45
N ILE G 115 -22.34 -2.59 45.15
CA ILE G 115 -22.39 -4.07 44.94
C ILE G 115 -21.76 -4.75 46.16
N PRO G 116 -22.52 -5.41 47.07
CA PRO G 116 -21.98 -5.85 48.35
C PRO G 116 -20.79 -6.79 48.17
N ASP G 117 -19.77 -6.69 49.04
CA ASP G 117 -18.58 -7.58 49.05
C ASP G 117 -19.04 -9.04 49.04
N ALA G 118 -20.08 -9.33 49.82
CA ALA G 118 -20.70 -10.65 50.02
C ALA G 118 -21.24 -11.28 48.71
N ALA G 119 -21.61 -10.50 47.69
CA ALA G 119 -22.26 -10.99 46.45
C ALA G 119 -21.24 -11.78 45.60
N ARG G 120 -21.01 -13.03 46.01
CA ARG G 120 -20.10 -13.98 45.33
C ARG G 120 -20.82 -15.32 45.16
N VAL G 121 -20.73 -15.89 43.96
CA VAL G 121 -21.03 -17.32 43.68
C VAL G 121 -19.71 -18.09 43.78
N ARG G 122 -19.72 -19.23 44.46
CA ARG G 122 -18.52 -20.10 44.56
C ARG G 122 -18.27 -20.78 43.20
N ARG G 123 -17.04 -20.70 42.71
CA ARG G 123 -16.61 -21.27 41.41
C ARG G 123 -15.98 -22.65 41.64
N PHE G 124 -16.25 -23.60 40.73
CA PHE G 124 -15.73 -24.99 40.78
C PHE G 124 -14.67 -25.15 39.69
N PRO G 125 -13.39 -25.42 40.04
CA PRO G 125 -12.37 -25.73 39.04
C PRO G 125 -12.83 -26.84 38.09
N LEU G 126 -12.79 -26.57 36.78
CA LEU G 126 -13.10 -27.55 35.71
C LEU G 126 -11.79 -27.95 35.01
N LEU G 127 -11.82 -29.12 34.35
CA LEU G 127 -10.73 -29.65 33.49
C LEU G 127 -11.38 -30.43 32.33
N GLU G 128 -11.20 -29.97 31.09
CA GLU G 128 -11.93 -30.54 29.93
C GLU G 128 -11.02 -31.51 29.19
N ARG G 129 -10.91 -32.74 29.68
CA ARG G 129 -10.18 -33.85 28.99
C ARG G 129 -11.14 -35.01 28.70
N TYR G 130 -10.78 -35.83 27.70
CA TYR G 130 -11.36 -37.16 27.37
C TYR G 130 -12.84 -37.03 26.91
N GLY G 131 -13.24 -35.82 26.49
CA GLY G 131 -14.60 -35.48 26.05
C GLY G 131 -15.58 -35.31 27.18
N PHE G 132 -15.07 -35.00 28.39
CA PHE G 132 -15.88 -34.68 29.59
C PHE G 132 -15.36 -33.40 30.24
N LEU G 133 -16.24 -32.74 30.98
CA LEU G 133 -15.89 -31.66 31.93
C LEU G 133 -15.72 -32.29 33.32
N TRP G 134 -14.48 -32.38 33.78
CA TRP G 134 -14.13 -32.90 35.13
C TRP G 134 -14.23 -31.74 36.12
N ILE G 135 -14.80 -31.96 37.32
CA ILE G 135 -15.08 -30.89 38.33
C ILE G 135 -14.40 -31.24 39.66
N TRP G 136 -13.84 -30.22 40.31
CA TRP G 136 -13.18 -30.29 41.64
C TRP G 136 -14.13 -29.65 42.64
N MET G 137 -14.77 -30.45 43.49
CA MET G 137 -15.85 -29.92 44.36
C MET G 137 -15.29 -29.37 45.68
N ASP G 138 -14.19 -29.94 46.21
CA ASP G 138 -13.57 -29.59 47.53
C ASP G 138 -13.18 -28.11 47.60
N ASP G 139 -13.17 -27.55 48.81
CA ASP G 139 -12.82 -26.14 49.12
C ASP G 139 -11.34 -25.83 48.80
N SER G 140 -10.46 -26.84 48.77
CA SER G 140 -9.01 -26.65 48.48
C SER G 140 -8.80 -26.16 47.04
N ASP G 141 -7.56 -25.78 46.74
CA ASP G 141 -7.12 -25.48 45.34
C ASP G 141 -7.12 -26.79 44.57
N PRO G 142 -7.40 -26.80 43.23
CA PRO G 142 -7.33 -28.03 42.44
C PRO G 142 -5.91 -28.62 42.37
N ASP G 143 -5.81 -29.92 42.07
CA ASP G 143 -4.55 -30.67 41.84
C ASP G 143 -4.68 -31.43 40.53
N PRO G 144 -4.56 -30.75 39.36
CA PRO G 144 -4.63 -31.39 38.05
C PRO G 144 -3.83 -32.69 37.88
N ALA G 145 -2.77 -32.87 38.68
CA ALA G 145 -2.06 -34.15 38.93
C ALA G 145 -3.06 -35.31 39.06
N LEU G 146 -4.07 -35.15 39.92
CA LEU G 146 -5.01 -36.23 40.33
C LEU G 146 -5.92 -36.64 39.17
N LEU G 147 -6.17 -35.78 38.17
CA LEU G 147 -6.95 -36.16 36.96
C LEU G 147 -6.22 -37.33 36.31
N PRO G 148 -6.76 -38.58 36.33
CA PRO G 148 -6.01 -39.72 35.83
C PRO G 148 -5.90 -39.66 34.29
N ASP G 149 -4.90 -40.37 33.75
CA ASP G 149 -4.47 -40.25 32.34
C ASP G 149 -5.22 -41.28 31.48
N PHE G 150 -6.35 -40.87 30.89
CA PHE G 150 -7.17 -41.67 29.93
C PHE G 150 -6.96 -41.12 28.51
N SER G 151 -5.72 -40.71 28.20
CA SER G 151 -5.35 -39.97 26.96
C SER G 151 -5.66 -40.74 25.67
N PRO G 152 -5.53 -42.10 25.56
CA PRO G 152 -5.80 -42.77 24.30
C PRO G 152 -7.17 -42.45 23.65
N LEU G 153 -8.16 -42.04 24.46
CA LEU G 153 -9.47 -41.50 23.99
C LEU G 153 -9.22 -40.28 23.08
N GLU G 154 -8.39 -39.34 23.55
CA GLU G 154 -8.01 -38.08 22.84
C GLU G 154 -7.14 -38.36 21.60
N GLU G 155 -6.49 -39.52 21.50
CA GLU G 155 -5.69 -39.96 20.32
C GLU G 155 -6.58 -40.63 19.28
N GLY G 156 -6.30 -40.37 17.99
CA GLY G 156 -6.90 -41.04 16.81
C GLY G 156 -8.08 -40.30 16.20
N HIS G 157 -8.52 -40.78 15.02
CA HIS G 157 -9.64 -40.26 14.19
C HIS G 157 -10.86 -40.03 15.08
N PRO G 158 -11.47 -38.81 15.11
CA PRO G 158 -12.50 -38.50 16.11
C PRO G 158 -13.83 -39.25 16.03
N ASN G 159 -14.05 -40.11 15.02
CA ASN G 159 -15.29 -40.90 14.81
C ASN G 159 -15.11 -42.35 15.28
N ALA G 160 -14.12 -42.63 16.15
CA ALA G 160 -13.95 -43.90 16.87
C ALA G 160 -14.38 -43.70 18.34
N VAL G 161 -13.90 -42.61 18.94
CA VAL G 161 -14.31 -42.07 20.27
C VAL G 161 -15.75 -41.54 20.16
N ALA G 162 -16.57 -41.79 21.18
CA ALA G 162 -17.96 -41.29 21.38
C ALA G 162 -18.33 -41.40 22.89
N GLN G 163 -19.18 -40.50 23.40
CA GLN G 163 -19.61 -40.50 24.83
C GLN G 163 -21.13 -40.64 24.92
N THR G 164 -21.61 -41.37 25.92
CA THR G 164 -23.03 -41.39 26.35
C THR G 164 -23.12 -41.15 27.87
N TYR G 165 -24.27 -40.65 28.33
CA TYR G 165 -24.65 -40.43 29.75
C TYR G 165 -25.90 -41.27 30.05
N MET G 166 -25.93 -41.88 31.25
CA MET G 166 -27.13 -42.52 31.86
C MET G 166 -27.24 -42.05 33.30
N HIS G 167 -28.42 -41.61 33.73
CA HIS G 167 -28.78 -41.38 35.16
C HIS G 167 -29.44 -42.65 35.68
N MET G 168 -29.08 -43.10 36.88
CA MET G 168 -29.73 -44.26 37.57
C MET G 168 -29.96 -43.90 39.04
N ASP G 169 -31.08 -44.40 39.59
CA ASP G 169 -31.56 -44.01 40.95
C ASP G 169 -30.95 -45.01 41.93
N VAL G 170 -29.61 -44.97 42.07
CA VAL G 170 -28.79 -45.90 42.91
C VAL G 170 -27.56 -45.16 43.45
N ASN G 171 -26.97 -45.67 44.53
CA ASN G 171 -25.62 -45.28 45.05
C ASN G 171 -24.59 -45.70 44.00
N TYR G 172 -23.60 -44.84 43.76
CA TYR G 172 -22.52 -45.03 42.75
C TYR G 172 -21.79 -46.37 42.92
N GLU G 173 -21.46 -46.76 44.15
CA GLU G 173 -20.64 -47.98 44.41
C GLU G 173 -21.33 -49.25 43.91
N LEU G 174 -22.65 -49.26 43.77
CA LEU G 174 -23.38 -50.40 43.12
C LEU G 174 -23.02 -50.51 41.63
N ILE G 175 -22.79 -49.38 40.94
CA ILE G 175 -22.47 -49.40 39.48
C ILE G 175 -21.03 -49.89 39.33
N ILE G 176 -20.06 -49.23 40.00
CA ILE G 176 -18.63 -49.67 40.06
C ILE G 176 -18.59 -51.20 40.26
N ASP G 177 -19.19 -51.70 41.36
CA ASP G 177 -19.25 -53.14 41.72
C ASP G 177 -19.69 -54.01 40.52
N ASN G 178 -20.64 -53.52 39.70
CA ASN G 178 -21.17 -54.24 38.50
C ASN G 178 -20.07 -54.38 37.47
N VAL G 179 -19.44 -53.23 37.15
CA VAL G 179 -18.37 -53.07 36.11
C VAL G 179 -17.12 -53.86 36.52
N MET G 180 -16.86 -54.05 37.82
CA MET G 180 -15.65 -54.76 38.32
C MET G 180 -15.89 -56.29 38.42
N ASP G 181 -17.08 -56.81 38.11
CA ASP G 181 -17.50 -58.23 38.35
C ASP G 181 -18.20 -58.73 37.07
N LEU G 182 -17.51 -58.62 35.95
CA LEU G 182 -18.05 -58.70 34.56
C LEU G 182 -18.61 -60.09 34.21
N SER G 183 -18.41 -61.11 35.06
CA SER G 183 -19.16 -62.40 35.07
C SER G 183 -20.63 -62.20 34.66
N HIS G 184 -21.27 -61.15 35.21
CA HIS G 184 -22.67 -60.74 34.96
C HIS G 184 -23.01 -60.77 33.46
N ILE G 185 -22.07 -60.47 32.57
CA ILE G 185 -22.30 -60.35 31.09
C ILE G 185 -22.82 -61.70 30.53
N ASP G 186 -22.36 -62.83 31.07
CA ASP G 186 -22.81 -64.19 30.66
C ASP G 186 -24.35 -64.28 30.71
N HIS G 187 -24.98 -63.82 31.78
CA HIS G 187 -26.40 -64.09 32.15
C HIS G 187 -27.30 -62.84 32.02
N VAL G 188 -26.80 -61.64 32.36
CA VAL G 188 -27.56 -60.33 32.37
C VAL G 188 -27.87 -59.90 30.93
N HIS G 189 -26.85 -59.84 30.06
CA HIS G 189 -26.86 -59.07 28.79
C HIS G 189 -27.33 -59.96 27.63
N GLY G 190 -28.02 -59.35 26.66
CA GLY G 190 -28.45 -59.97 25.39
C GLY G 190 -27.36 -59.88 24.33
N GLU G 191 -27.73 -60.15 23.08
CA GLU G 191 -26.82 -60.48 21.93
C GLU G 191 -25.65 -59.49 21.79
N ILE G 192 -25.94 -58.20 21.94
CA ILE G 192 -25.08 -57.02 21.60
C ILE G 192 -23.65 -57.24 22.13
N ILE G 193 -23.50 -57.82 23.34
CA ILE G 193 -22.17 -58.09 24.00
C ILE G 193 -22.13 -59.43 24.74
N THR G 194 -23.09 -60.34 24.59
CA THR G 194 -23.16 -61.55 25.47
C THR G 194 -21.90 -62.41 25.28
N THR G 195 -21.38 -62.97 26.37
CA THR G 195 -20.17 -63.83 26.43
C THR G 195 -20.51 -65.33 26.62
N ARG G 196 -21.80 -65.69 26.67
CA ARG G 196 -22.34 -67.07 26.46
C ARG G 196 -21.80 -68.05 27.51
N GLY G 197 -21.81 -67.67 28.79
CA GLY G 197 -21.41 -68.56 29.89
C GLY G 197 -19.90 -68.83 30.01
N GLN G 198 -19.06 -68.21 29.18
CA GLN G 198 -17.61 -68.53 29.05
C GLN G 198 -16.77 -67.66 29.99
N LEU G 199 -17.22 -66.44 30.32
CA LEU G 199 -16.47 -65.50 31.17
C LEU G 199 -16.51 -65.96 32.64
N SER G 200 -17.68 -66.46 33.10
CA SER G 200 -17.96 -66.83 34.51
C SER G 200 -16.87 -67.73 35.10
N PRO G 201 -16.58 -68.92 34.50
CA PRO G 201 -15.58 -69.85 35.05
C PRO G 201 -14.15 -69.33 35.23
N VAL G 202 -13.75 -68.29 34.48
CA VAL G 202 -12.39 -67.67 34.52
C VAL G 202 -12.15 -67.02 35.88
N VAL G 203 -11.07 -67.40 36.57
CA VAL G 203 -10.53 -66.64 37.73
C VAL G 203 -9.65 -65.53 37.16
N PRO G 204 -9.99 -64.24 37.36
CA PRO G 204 -9.18 -63.15 36.82
C PRO G 204 -7.91 -62.87 37.65
N LYS G 205 -6.84 -62.45 36.96
CA LYS G 205 -5.61 -61.90 37.56
C LYS G 205 -5.94 -60.48 38.02
N VAL G 206 -5.84 -60.23 39.32
CA VAL G 206 -6.16 -58.94 40.02
C VAL G 206 -4.86 -58.45 40.67
N ARG G 207 -4.57 -57.15 40.59
CA ARG G 207 -3.41 -56.52 41.27
C ARG G 207 -3.90 -55.20 41.90
N GLU G 208 -3.73 -55.07 43.23
CA GLU G 208 -3.80 -53.79 43.96
C GLU G 208 -2.47 -53.05 43.72
N ARG G 209 -2.50 -51.75 43.42
CA ARG G 209 -1.30 -50.89 43.22
C ARG G 209 -1.55 -49.55 43.93
N ASP G 210 -0.47 -48.77 44.12
CA ASP G 210 -0.53 -47.41 44.73
C ASP G 210 -1.38 -46.46 43.90
N THR G 211 -1.37 -46.55 42.57
CA THR G 211 -2.20 -45.71 41.66
C THR G 211 -3.59 -46.35 41.49
N HIS G 212 -3.64 -47.56 40.93
CA HIS G 212 -4.87 -48.22 40.45
C HIS G 212 -5.11 -49.57 41.14
N ILE G 213 -6.24 -50.21 40.84
CA ILE G 213 -6.54 -51.66 41.06
C ILE G 213 -6.90 -52.30 39.70
N SER G 214 -6.03 -53.14 39.14
CA SER G 214 -6.24 -53.82 37.83
C SER G 214 -6.97 -55.14 38.04
N ALA G 215 -7.62 -55.67 36.99
CA ALA G 215 -8.16 -57.04 36.90
C ALA G 215 -8.26 -57.48 35.43
N ARG G 216 -7.66 -58.61 35.06
CA ARG G 216 -7.64 -59.13 33.66
C ARG G 216 -8.36 -60.49 33.59
N TRP G 217 -9.44 -60.57 32.80
CA TRP G 217 -10.08 -61.82 32.32
C TRP G 217 -9.57 -62.04 30.88
N GLU G 218 -9.06 -63.24 30.59
CA GLU G 218 -8.92 -63.78 29.23
C GLU G 218 -9.83 -65.01 29.09
N TRP G 219 -10.35 -65.24 27.88
CA TRP G 219 -11.09 -66.47 27.52
C TRP G 219 -11.17 -66.64 25.99
N SER G 220 -12.00 -67.59 25.52
CA SER G 220 -12.44 -67.71 24.11
C SER G 220 -13.91 -68.16 24.08
N GLN G 221 -14.64 -67.76 23.03
CA GLN G 221 -16.05 -68.14 22.78
C GLN G 221 -16.27 -68.27 21.27
N THR G 222 -17.44 -68.79 20.88
CA THR G 222 -17.88 -68.98 19.48
C THR G 222 -19.39 -68.70 19.40
N PRO G 223 -19.87 -67.71 18.60
CA PRO G 223 -19.04 -66.71 17.94
C PRO G 223 -18.37 -65.77 18.94
N ALA G 224 -17.42 -64.96 18.45
CA ALA G 224 -16.92 -63.75 19.13
C ALA G 224 -18.10 -62.84 19.52
N MET G 225 -17.91 -62.01 20.55
CA MET G 225 -18.90 -61.00 21.02
C MET G 225 -19.34 -60.16 19.82
N MET G 226 -20.65 -60.00 19.61
CA MET G 226 -21.27 -59.33 18.41
C MET G 226 -20.60 -57.99 18.10
N ILE G 227 -20.33 -57.19 19.13
CA ILE G 227 -19.60 -55.88 19.09
C ILE G 227 -18.33 -55.93 18.21
N PHE G 228 -17.60 -57.07 18.16
CA PHE G 228 -16.34 -57.25 17.37
C PHE G 228 -16.46 -58.24 16.20
N ALA G 229 -17.38 -59.21 16.26
CA ALA G 229 -17.39 -60.43 15.40
C ALA G 229 -17.32 -60.07 13.92
N PRO G 230 -18.16 -59.15 13.36
CA PRO G 230 -18.17 -58.85 11.92
C PRO G 230 -16.81 -58.39 11.36
N PHE G 231 -16.03 -57.66 12.17
CA PHE G 231 -14.72 -57.08 11.80
C PHE G 231 -13.60 -58.14 11.95
N LEU G 232 -13.88 -59.34 12.48
CA LEU G 232 -12.86 -60.42 12.63
C LEU G 232 -12.63 -61.13 11.29
N PRO G 233 -11.50 -61.89 11.15
CA PRO G 233 -11.24 -62.72 9.97
C PRO G 233 -12.43 -63.61 9.56
N ARG G 234 -12.94 -64.42 10.50
CA ARG G 234 -14.14 -65.29 10.32
C ARG G 234 -15.13 -64.93 11.42
N PRO G 235 -16.20 -64.13 11.16
CA PRO G 235 -17.18 -63.77 12.18
C PRO G 235 -17.78 -64.93 13.01
N GLU G 236 -18.27 -65.96 12.31
CA GLU G 236 -18.88 -67.21 12.86
C GLU G 236 -17.90 -67.96 13.78
N ASP G 237 -16.60 -67.96 13.45
CA ASP G 237 -15.59 -68.82 14.12
C ASP G 237 -15.21 -68.24 15.49
N ALA G 238 -14.57 -69.07 16.31
CA ALA G 238 -14.09 -68.78 17.69
C ALA G 238 -13.04 -67.66 17.67
N ALA G 239 -12.89 -66.96 18.80
CA ALA G 239 -11.93 -65.85 18.99
C ALA G 239 -11.53 -65.71 20.47
N ARG G 240 -10.23 -65.59 20.76
CA ARG G 240 -9.70 -65.21 22.12
C ARG G 240 -10.08 -63.76 22.42
N HIS G 241 -10.58 -63.50 23.62
CA HIS G 241 -10.97 -62.16 24.13
C HIS G 241 -10.20 -61.84 25.42
N TYR G 242 -10.02 -60.54 25.69
CA TYR G 242 -9.32 -59.99 26.88
C TYR G 242 -10.17 -58.87 27.45
N PHE G 243 -10.37 -58.85 28.77
CA PHE G 243 -10.94 -57.71 29.55
C PHE G 243 -9.87 -57.25 30.53
N ASP G 244 -9.11 -56.18 30.21
CA ASP G 244 -8.24 -55.48 31.18
C ASP G 244 -8.98 -54.22 31.64
N ILE G 245 -9.24 -54.13 32.94
CA ILE G 245 -9.99 -53.06 33.66
C ILE G 245 -8.98 -52.48 34.68
N SER G 246 -9.07 -51.19 35.03
CA SER G 246 -8.33 -50.60 36.18
C SER G 246 -9.16 -49.51 36.85
N TRP G 247 -9.49 -49.66 38.12
CA TRP G 247 -10.20 -48.64 38.95
C TRP G 247 -9.18 -47.58 39.37
N THR G 248 -9.53 -46.32 39.22
CA THR G 248 -8.82 -45.15 39.82
C THR G 248 -9.85 -44.36 40.62
N ALA G 249 -9.43 -43.73 41.72
CA ALA G 249 -10.29 -42.88 42.57
C ALA G 249 -10.80 -41.69 41.75
N PRO G 250 -12.02 -41.15 42.00
CA PRO G 250 -12.97 -41.70 42.97
C PRO G 250 -13.88 -42.82 42.44
N ALA G 251 -14.16 -42.88 41.14
CA ALA G 251 -15.17 -43.81 40.56
C ALA G 251 -14.92 -44.14 39.08
N ASN G 252 -13.66 -44.15 38.63
CA ASN G 252 -13.26 -44.25 37.20
C ASN G 252 -12.73 -45.67 36.96
N ILE G 253 -13.16 -46.32 35.86
CA ILE G 253 -12.77 -47.71 35.47
C ILE G 253 -12.51 -47.76 33.94
N GLN G 254 -11.31 -48.15 33.46
CA GLN G 254 -10.80 -47.89 32.08
C GLN G 254 -10.77 -49.15 31.21
N LEU G 255 -11.84 -49.98 31.29
CA LEU G 255 -12.14 -51.26 30.55
C LEU G 255 -11.61 -51.26 29.11
N SER G 256 -10.56 -52.03 28.84
CA SER G 256 -9.99 -52.31 27.50
C SER G 256 -10.41 -53.73 27.10
N VAL G 257 -10.91 -53.91 25.87
CA VAL G 257 -11.57 -55.16 25.40
C VAL G 257 -11.35 -55.33 23.90
N GLY G 258 -11.40 -56.58 23.44
CA GLY G 258 -11.16 -56.91 22.01
C GLY G 258 -11.01 -58.39 21.76
N ALA G 259 -11.03 -58.77 20.48
CA ALA G 259 -11.02 -60.16 19.98
C ALA G 259 -9.93 -60.32 18.94
N VAL G 260 -9.01 -61.27 19.12
CA VAL G 260 -8.03 -61.73 18.09
C VAL G 260 -8.49 -63.09 17.56
N GLN G 261 -8.23 -63.39 16.28
CA GLN G 261 -8.32 -64.76 15.68
C GLN G 261 -6.95 -65.16 15.15
N ASP G 262 -6.65 -66.47 15.14
CA ASP G 262 -5.38 -67.06 14.60
C ASP G 262 -4.19 -66.68 15.49
N SER G 263 -3.81 -65.40 15.53
CA SER G 263 -2.62 -64.86 16.26
C SER G 263 -2.72 -65.12 17.77
N ASP G 264 -1.58 -65.33 18.43
CA ASP G 264 -1.44 -65.46 19.92
C ASP G 264 -1.32 -64.05 20.52
N ASP G 265 -0.37 -63.27 19.99
CA ASP G 265 -0.24 -61.79 20.12
C ASP G 265 -1.65 -61.15 20.00
N PHE G 266 -2.15 -60.55 21.08
CA PHE G 266 -3.44 -59.79 21.11
C PHE G 266 -3.32 -58.50 20.31
N GLY G 267 -2.11 -58.00 20.04
CA GLY G 267 -1.77 -56.82 19.21
C GLY G 267 -2.64 -56.63 17.97
N ASP G 268 -3.09 -57.71 17.31
CA ASP G 268 -3.92 -57.66 16.07
C ASP G 268 -5.43 -57.46 16.36
N ALA G 269 -5.87 -57.57 17.61
CA ALA G 269 -7.29 -57.75 18.01
C ALA G 269 -8.16 -56.59 17.54
N THR G 270 -9.38 -56.89 17.06
CA THR G 270 -10.50 -55.93 16.90
C THR G 270 -10.89 -55.43 18.30
N SER G 271 -10.21 -54.38 18.80
CA SER G 271 -10.25 -53.93 20.21
C SER G 271 -10.89 -52.53 20.36
N GLN G 272 -10.66 -51.86 21.50
CA GLN G 272 -11.57 -50.84 22.10
C GLN G 272 -11.00 -50.32 23.43
N TYR G 273 -11.03 -49.01 23.68
CA TYR G 273 -10.69 -48.37 25.00
C TYR G 273 -11.93 -47.66 25.53
N ASP G 274 -12.53 -48.23 26.58
CA ASP G 274 -13.70 -47.68 27.30
C ASP G 274 -13.25 -46.99 28.60
N LEU G 275 -14.07 -46.03 29.02
CA LEU G 275 -14.05 -45.42 30.38
C LEU G 275 -15.48 -45.41 30.93
N HIS G 276 -15.72 -46.22 31.96
CA HIS G 276 -16.85 -46.11 32.89
C HIS G 276 -16.40 -45.15 34.00
N THR G 277 -17.09 -44.01 34.18
CA THR G 277 -16.93 -43.14 35.38
C THR G 277 -18.32 -42.82 35.97
N CYS G 278 -18.40 -42.75 37.30
CA CYS G 278 -19.60 -42.31 38.07
C CYS G 278 -19.29 -41.01 38.82
N THR G 279 -20.37 -40.37 39.28
CA THR G 279 -20.41 -39.01 39.88
C THR G 279 -21.72 -38.93 40.66
N PRO G 280 -21.74 -39.12 42.00
CA PRO G 280 -23.01 -39.24 42.72
C PRO G 280 -23.78 -37.91 42.72
N GLU G 281 -25.09 -37.99 42.46
CA GLU G 281 -26.04 -36.85 42.52
C GLU G 281 -26.32 -36.56 44.00
N ASP G 282 -26.70 -37.61 44.73
CA ASP G 282 -26.69 -37.70 46.21
C ASP G 282 -26.61 -39.20 46.56
N ALA G 283 -26.72 -39.57 47.84
CA ALA G 283 -26.65 -40.95 48.38
C ALA G 283 -27.04 -41.97 47.31
N PHE G 284 -28.31 -41.97 46.91
CA PHE G 284 -28.97 -43.04 46.13
C PHE G 284 -29.46 -42.52 44.77
N LYS G 285 -28.69 -41.61 44.16
CA LYS G 285 -28.73 -41.30 42.71
C LYS G 285 -27.29 -41.19 42.21
N THR G 286 -27.04 -41.52 40.95
CA THR G 286 -25.68 -41.55 40.36
C THR G 286 -25.71 -41.18 38.88
N HIS G 287 -24.88 -40.20 38.50
CA HIS G 287 -24.55 -39.79 37.11
C HIS G 287 -23.49 -40.78 36.59
N TYR G 288 -23.87 -41.63 35.64
CA TYR G 288 -23.02 -42.69 35.05
C TYR G 288 -22.67 -42.29 33.63
N PHE G 289 -21.41 -41.96 33.39
CA PHE G 289 -20.86 -41.58 32.07
C PHE G 289 -20.02 -42.74 31.53
N PHE G 290 -20.13 -42.97 30.22
CA PHE G 290 -19.37 -43.98 29.43
C PHE G 290 -18.76 -43.31 28.21
N ALA G 291 -17.53 -43.69 27.87
CA ALA G 291 -16.87 -43.38 26.58
C ALA G 291 -16.21 -44.65 26.03
N THR G 292 -16.57 -45.08 24.81
CA THR G 292 -15.78 -46.02 23.97
C THR G 292 -14.75 -45.23 23.16
N ARG G 293 -13.66 -45.88 22.73
CA ARG G 293 -12.89 -45.49 21.52
C ARG G 293 -12.39 -46.76 20.81
N ARG G 294 -13.10 -47.15 19.75
CA ARG G 294 -12.79 -48.37 18.93
C ARG G 294 -11.54 -48.16 18.07
N ASN G 295 -10.84 -49.25 17.76
CA ASN G 295 -9.60 -49.25 16.92
C ASN G 295 -9.92 -49.65 15.47
N HIS G 296 -11.18 -49.98 15.15
CA HIS G 296 -11.59 -50.57 13.84
C HIS G 296 -12.49 -49.55 13.12
N ILE G 297 -12.55 -49.57 11.77
CA ILE G 297 -13.32 -48.63 10.89
C ILE G 297 -13.31 -47.22 11.50
N VAL G 298 -12.14 -46.65 11.88
CA VAL G 298 -12.02 -45.46 12.78
C VAL G 298 -12.75 -44.23 12.20
N ASP G 299 -12.83 -44.12 10.87
CA ASP G 299 -13.41 -42.94 10.15
C ASP G 299 -14.94 -42.90 10.21
N ASP G 300 -15.63 -44.05 10.21
CA ASP G 300 -17.09 -44.15 9.92
C ASP G 300 -17.91 -43.63 11.13
N ALA G 301 -18.31 -42.35 11.09
CA ALA G 301 -19.16 -41.71 12.13
C ALA G 301 -20.61 -42.20 12.00
N ASP G 302 -21.04 -42.60 10.80
CA ASP G 302 -22.38 -43.19 10.57
C ASP G 302 -22.56 -44.41 11.49
N TYR G 303 -21.54 -45.27 11.56
CA TYR G 303 -21.47 -46.47 12.44
C TYR G 303 -21.21 -46.05 13.91
N ASN G 304 -20.33 -45.07 14.14
CA ASN G 304 -19.91 -44.66 15.51
C ASN G 304 -21.15 -44.35 16.38
N ARG G 305 -22.08 -43.58 15.81
CA ARG G 305 -23.39 -43.27 16.43
C ARG G 305 -24.15 -44.58 16.66
N LYS G 306 -24.22 -45.45 15.65
CA LYS G 306 -24.97 -46.75 15.72
C LYS G 306 -24.40 -47.64 16.83
N LYS G 307 -23.08 -47.58 17.08
CA LYS G 307 -22.44 -48.30 18.22
C LYS G 307 -22.88 -47.67 19.56
N ILE G 308 -22.42 -46.43 19.82
CA ILE G 308 -22.60 -45.73 21.13
C ILE G 308 -24.09 -45.71 21.52
N GLU G 309 -25.03 -45.66 20.56
CA GLU G 309 -26.49 -45.81 20.80
C GLU G 309 -26.81 -47.23 21.30
N ALA G 310 -26.30 -48.25 20.60
CA ALA G 310 -26.52 -49.68 20.92
C ALA G 310 -25.70 -50.11 22.17
N MET G 311 -24.71 -49.32 22.57
CA MET G 311 -24.00 -49.47 23.87
C MET G 311 -24.87 -48.96 25.02
N HIS G 312 -25.29 -47.69 24.94
CA HIS G 312 -26.19 -47.04 25.92
C HIS G 312 -27.38 -47.97 26.18
N ALA G 313 -28.07 -48.38 25.10
CA ALA G 313 -29.12 -49.42 25.08
C ALA G 313 -28.78 -50.53 26.08
N ALA G 314 -27.69 -51.26 25.83
CA ALA G 314 -27.25 -52.45 26.62
C ALA G 314 -27.17 -52.09 28.12
N PHE G 315 -26.52 -50.97 28.47
CA PHE G 315 -26.33 -50.56 29.89
C PHE G 315 -27.66 -50.16 30.50
N GLU G 316 -28.37 -49.23 29.86
CA GLU G 316 -29.62 -48.61 30.38
C GLU G 316 -30.74 -49.67 30.48
N THR G 317 -30.87 -50.55 29.47
CA THR G 317 -32.02 -51.48 29.35
C THR G 317 -31.73 -52.83 30.03
N GLU G 318 -30.49 -53.32 30.07
CA GLU G 318 -30.15 -54.67 30.59
C GLU G 318 -29.46 -54.57 31.96
N ASP G 319 -28.44 -53.71 32.10
CA ASP G 319 -27.71 -53.49 33.38
C ASP G 319 -28.54 -52.63 34.35
N GLY G 320 -28.98 -51.47 33.87
CA GLY G 320 -29.83 -50.51 34.58
C GLY G 320 -30.84 -51.18 35.51
N PRO G 321 -31.81 -51.95 34.98
CA PRO G 321 -32.89 -52.52 35.79
C PRO G 321 -32.48 -53.47 36.93
N ILE G 322 -31.40 -54.25 36.77
CA ILE G 322 -30.89 -55.19 37.82
C ILE G 322 -30.33 -54.35 38.98
N ILE G 323 -29.46 -53.38 38.65
CA ILE G 323 -28.72 -52.56 39.65
C ILE G 323 -29.73 -51.75 40.46
N THR G 324 -30.71 -51.13 39.78
CA THR G 324 -31.85 -50.42 40.41
C THR G 324 -32.69 -51.39 41.26
N ALA G 325 -33.04 -52.57 40.73
CA ALA G 325 -33.80 -53.61 41.49
C ALA G 325 -33.06 -53.94 42.79
N VAL G 326 -31.74 -54.18 42.68
CA VAL G 326 -30.87 -54.54 43.83
C VAL G 326 -30.99 -53.42 44.85
N GLN G 327 -30.66 -52.19 44.44
CA GLN G 327 -30.71 -50.98 45.30
C GLN G 327 -32.00 -51.00 46.13
N GLU G 328 -33.17 -51.20 45.48
CA GLU G 328 -34.49 -51.23 46.17
C GLU G 328 -34.49 -52.33 47.24
N GLU G 329 -34.13 -53.57 46.85
CA GLU G 329 -34.05 -54.71 47.80
C GLU G 329 -33.07 -54.42 48.94
N MET G 330 -31.95 -53.75 48.66
CA MET G 330 -30.93 -53.38 49.69
C MET G 330 -31.44 -52.33 50.66
N GLY G 331 -32.40 -51.48 50.24
CA GLY G 331 -32.78 -50.26 50.98
C GLY G 331 -31.58 -49.34 51.18
N GLU G 332 -31.56 -48.65 52.33
CA GLU G 332 -30.53 -47.62 52.63
C GLU G 332 -29.27 -48.27 53.24
N ALA G 333 -29.29 -49.56 53.55
CA ALA G 333 -28.33 -50.21 54.47
C ALA G 333 -27.01 -50.46 53.73
N GLU G 334 -25.88 -50.22 54.40
CA GLU G 334 -24.50 -50.29 53.85
C GLU G 334 -24.22 -51.72 53.39
N PHE G 335 -23.65 -51.86 52.19
CA PHE G 335 -23.47 -53.16 51.46
C PHE G 335 -22.97 -54.28 52.39
N PHE G 336 -21.73 -54.14 52.89
CA PHE G 336 -21.06 -55.12 53.78
C PHE G 336 -21.90 -55.41 55.01
N SER G 337 -22.62 -54.41 55.56
CA SER G 337 -23.52 -54.54 56.73
C SER G 337 -24.53 -55.67 56.50
N LEU G 338 -25.00 -55.87 55.27
CA LEU G 338 -26.00 -56.92 54.91
C LEU G 338 -25.37 -58.33 54.78
N ASP G 339 -24.08 -58.51 55.07
CA ASP G 339 -23.36 -59.82 55.10
C ASP G 339 -23.49 -60.51 53.75
N PRO G 340 -23.02 -59.87 52.65
CA PRO G 340 -23.09 -60.48 51.33
C PRO G 340 -22.22 -61.73 51.26
N VAL G 341 -22.68 -62.74 50.52
CA VAL G 341 -21.96 -64.03 50.30
C VAL G 341 -21.05 -63.83 49.09
N LEU G 342 -19.84 -63.31 49.36
CA LEU G 342 -18.82 -62.89 48.35
C LEU G 342 -18.07 -64.15 47.90
N MET G 343 -17.56 -64.14 46.66
CA MET G 343 -17.15 -65.36 45.91
C MET G 343 -15.89 -65.08 45.06
N SER G 344 -15.48 -66.02 44.20
CA SER G 344 -14.27 -65.94 43.33
C SER G 344 -14.26 -64.60 42.57
N ASN G 345 -15.38 -64.24 41.94
CA ASN G 345 -15.48 -63.06 41.04
C ASN G 345 -15.66 -61.73 41.78
N ASP G 346 -15.82 -61.71 43.11
CA ASP G 346 -16.04 -60.47 43.91
C ASP G 346 -14.75 -59.90 44.56
N VAL G 347 -13.57 -60.35 44.13
CA VAL G 347 -12.28 -60.00 44.80
C VAL G 347 -11.94 -58.56 44.45
N ALA G 348 -11.83 -58.26 43.15
CA ALA G 348 -11.63 -56.90 42.60
C ALA G 348 -12.64 -55.90 43.18
N PRO G 349 -13.98 -56.09 43.00
CA PRO G 349 -14.95 -55.09 43.45
C PRO G 349 -14.98 -54.81 44.97
N VAL G 350 -14.51 -55.74 45.80
CA VAL G 350 -14.32 -55.54 47.26
C VAL G 350 -13.09 -54.65 47.48
N LYS G 351 -11.93 -55.08 46.98
CA LYS G 351 -10.64 -54.32 47.07
C LYS G 351 -10.90 -52.83 46.79
N VAL G 352 -11.68 -52.55 45.74
CA VAL G 352 -12.14 -51.18 45.35
C VAL G 352 -12.84 -50.55 46.54
N ARG G 353 -14.06 -51.03 46.87
CA ARG G 353 -14.93 -50.50 47.96
C ARG G 353 -14.09 -50.17 49.21
N ARG G 354 -13.20 -51.09 49.59
CA ARG G 354 -12.31 -50.96 50.78
C ARG G 354 -11.29 -49.84 50.56
N ARG G 355 -10.64 -49.79 49.40
CA ARG G 355 -9.61 -48.76 49.07
C ARG G 355 -10.26 -47.36 49.15
N LEU G 356 -11.36 -47.19 48.40
CA LEU G 356 -12.20 -45.97 48.39
C LEU G 356 -12.60 -45.61 49.83
N ARG G 357 -13.08 -46.59 50.61
CA ARG G 357 -13.44 -46.39 52.05
C ARG G 357 -12.22 -45.84 52.80
N ARG G 358 -11.10 -46.55 52.71
CA ARG G 358 -9.84 -46.18 53.41
C ARG G 358 -9.45 -44.75 53.01
N MET G 359 -9.45 -44.46 51.69
CA MET G 359 -9.10 -43.12 51.13
C MET G 359 -9.99 -42.03 51.73
N ILE G 360 -11.32 -42.29 51.83
CA ILE G 360 -12.31 -41.29 52.34
C ILE G 360 -11.96 -40.94 53.79
N VAL G 361 -11.67 -41.95 54.61
CA VAL G 361 -11.38 -41.77 56.05
C VAL G 361 -10.05 -41.01 56.18
N GLU G 362 -9.00 -41.49 55.49
CA GLU G 362 -7.66 -40.84 55.38
C GLU G 362 -7.80 -39.35 55.01
N GLU G 363 -8.73 -39.04 54.10
CA GLU G 363 -8.97 -37.64 53.62
C GLU G 363 -9.64 -36.84 54.75
N GLN G 364 -10.72 -37.37 55.34
CA GLN G 364 -11.42 -36.78 56.52
C GLN G 364 -10.45 -36.55 57.69
N ALA G 365 -9.45 -37.42 57.86
CA ALA G 365 -8.40 -37.28 58.89
C ALA G 365 -7.67 -35.95 58.70
N ALA G 366 -6.96 -35.77 57.57
CA ALA G 366 -6.16 -34.54 57.30
C ALA G 366 -7.07 -33.31 57.06
N ALA G 367 -8.40 -33.48 56.97
CA ALA G 367 -9.41 -32.40 57.04
C ALA G 367 -9.57 -31.92 58.48
N ALA G 368 -9.78 -32.85 59.41
CA ALA G 368 -9.94 -32.58 60.88
C ALA G 368 -8.60 -32.17 61.52
N ALA G 369 -7.45 -32.52 60.91
CA ALA G 369 -6.09 -32.17 61.39
C ALA G 369 -5.60 -30.83 60.80
N ALA G 370 -6.07 -30.47 59.59
CA ALA G 370 -5.91 -29.11 58.99
C ALA G 370 -6.97 -28.15 59.55
N ASP G 371 -8.04 -28.67 60.16
CA ASP G 371 -9.03 -27.91 60.98
C ASP G 371 -8.35 -27.46 62.28
N ALA G 372 -7.46 -28.29 62.86
CA ALA G 372 -6.58 -27.95 64.02
C ALA G 372 -5.36 -27.14 63.53
N ALA G 373 -4.70 -27.59 62.44
CA ALA G 373 -3.44 -27.05 61.88
C ALA G 373 -3.63 -26.66 60.40
N SER H 23 -17.24 -34.47 75.87
CA SER H 23 -16.46 -33.70 76.89
C SER H 23 -16.22 -34.56 78.16
N THR H 24 -16.19 -35.90 78.02
CA THR H 24 -15.38 -36.80 78.90
C THR H 24 -13.92 -36.67 78.39
N PHE H 25 -13.00 -36.22 79.25
CA PHE H 25 -11.76 -35.46 78.89
C PHE H 25 -10.83 -36.30 77.99
N GLU H 26 -9.95 -35.62 77.27
CA GLU H 26 -9.01 -36.17 76.24
C GLU H 26 -7.60 -35.64 76.54
N CYS H 27 -6.64 -36.53 76.86
CA CYS H 27 -5.19 -36.23 76.96
C CYS H 27 -4.48 -36.80 75.74
N LEU H 28 -3.26 -36.31 75.47
CA LEU H 28 -2.34 -36.90 74.47
C LEU H 28 -1.98 -38.32 74.96
N LYS H 29 -2.06 -39.33 74.10
CA LYS H 29 -1.81 -40.77 74.47
C LYS H 29 -0.34 -41.15 74.18
N ARG H 30 0.11 -40.90 72.95
CA ARG H 30 1.44 -41.31 72.40
C ARG H 30 2.53 -40.96 73.40
N ALA H 31 2.59 -39.76 73.95
CA ALA H 31 3.84 -39.20 74.51
C ALA H 31 4.18 -39.84 75.87
N TRP H 32 5.34 -39.46 76.41
CA TRP H 32 5.91 -39.96 77.68
C TRP H 32 5.48 -39.03 78.83
N TYR H 33 4.72 -39.58 79.79
CA TYR H 33 4.31 -38.94 81.07
C TYR H 33 5.20 -39.46 82.21
N VAL H 34 5.57 -38.62 83.18
CA VAL H 34 6.31 -39.09 84.39
C VAL H 34 5.34 -39.87 85.29
N ALA H 35 5.59 -41.16 85.48
CA ALA H 35 4.75 -42.06 86.29
C ALA H 35 5.15 -42.01 87.77
N ALA H 36 6.44 -41.81 88.06
CA ALA H 36 7.00 -41.86 89.42
C ALA H 36 8.45 -41.38 89.43
N MET H 37 8.87 -40.78 90.54
CA MET H 37 10.30 -40.49 90.83
C MET H 37 11.01 -41.85 90.93
N SER H 38 12.23 -41.94 90.40
CA SER H 38 13.10 -43.14 90.51
C SER H 38 13.08 -43.62 91.97
N SER H 39 13.18 -42.70 92.94
CA SER H 39 13.16 -42.97 94.40
C SER H 39 11.92 -43.76 94.86
N GLU H 40 10.78 -43.68 94.16
CA GLU H 40 9.47 -44.21 94.65
C GLU H 40 9.34 -45.73 94.51
N VAL H 41 10.28 -46.44 93.87
CA VAL H 41 10.22 -47.93 93.70
C VAL H 41 11.43 -48.58 94.39
N GLU H 42 11.24 -49.13 95.59
CA GLU H 42 12.32 -49.64 96.49
C GLU H 42 12.48 -51.15 96.30
N GLY H 43 13.14 -51.55 95.20
CA GLY H 43 13.47 -52.97 94.88
C GLY H 43 12.27 -53.89 95.07
N GLU H 44 12.11 -54.39 96.31
CA GLU H 44 11.09 -55.40 96.75
C GLU H 44 9.67 -54.84 96.67
N ALA H 45 9.47 -53.57 97.07
CA ALA H 45 8.18 -52.83 97.04
C ALA H 45 7.39 -53.08 95.75
N LEU H 46 6.07 -53.23 95.88
CA LEU H 46 5.07 -53.21 94.77
C LEU H 46 4.39 -51.82 94.78
N PHE H 47 5.01 -50.83 94.13
CA PHE H 47 4.44 -49.46 93.89
C PHE H 47 3.19 -49.56 93.02
N HIS H 48 2.11 -48.87 93.40
CA HIS H 48 0.85 -48.71 92.62
C HIS H 48 0.54 -47.21 92.46
N ARG H 49 -0.01 -46.79 91.32
CA ARG H 49 -0.46 -45.39 91.10
C ARG H 49 -1.44 -45.30 89.91
N ARG H 50 -2.45 -44.43 90.04
CA ARG H 50 -3.45 -44.13 89.00
C ARG H 50 -2.83 -43.12 88.02
N ILE H 51 -2.84 -43.44 86.73
CA ILE H 51 -2.25 -42.60 85.64
C ILE H 51 -3.20 -42.60 84.43
N LEU H 52 -3.60 -41.42 83.96
CA LEU H 52 -4.60 -41.22 82.88
C LEU H 52 -5.79 -42.16 83.12
N GLY H 53 -6.32 -42.15 84.36
CA GLY H 53 -7.46 -42.98 84.81
C GLY H 53 -7.23 -44.49 84.68
N THR H 54 -5.97 -44.95 84.79
CA THR H 54 -5.58 -46.37 84.69
C THR H 54 -4.81 -46.76 85.94
N SER H 55 -5.23 -47.85 86.58
CA SER H 55 -4.49 -48.47 87.71
C SER H 55 -3.19 -49.04 87.12
N VAL H 56 -2.04 -48.66 87.69
CA VAL H 56 -0.69 -49.05 87.21
C VAL H 56 0.13 -49.54 88.39
N MET H 57 0.66 -50.76 88.29
CA MET H 57 1.68 -51.31 89.22
C MET H 57 3.07 -51.10 88.61
N ILE H 58 4.06 -50.81 89.46
CA ILE H 58 5.51 -50.80 89.12
C ILE H 58 6.24 -51.61 90.19
N TYR H 59 7.32 -52.29 89.80
CA TYR H 59 8.32 -52.92 90.71
C TYR H 59 9.63 -53.05 89.93
N ARG H 60 10.75 -53.12 90.66
CA ARG H 60 12.08 -53.44 90.09
C ARG H 60 12.27 -54.95 90.16
N LEU H 61 13.21 -55.45 89.35
CA LEU H 61 13.60 -56.88 89.30
C LEU H 61 14.87 -57.03 90.14
N ALA H 62 15.49 -58.22 90.11
CA ALA H 62 16.81 -58.47 90.73
C ALA H 62 17.79 -57.37 90.28
N ASP H 63 17.92 -57.19 88.97
CA ASP H 63 18.96 -56.34 88.31
C ASP H 63 18.53 -54.87 88.26
N GLY H 64 17.62 -54.41 89.13
CA GLY H 64 17.16 -53.01 89.20
C GLY H 64 16.15 -52.61 88.13
N THR H 65 15.86 -53.48 87.17
CA THR H 65 15.14 -53.15 85.92
C THR H 65 13.68 -52.88 86.26
N PRO H 66 13.16 -51.64 86.08
CA PRO H 66 11.79 -51.30 86.48
C PRO H 66 10.78 -51.84 85.46
N VAL H 67 9.62 -52.29 85.94
CA VAL H 67 8.54 -52.95 85.14
C VAL H 67 7.21 -52.30 85.49
N ALA H 68 6.36 -52.04 84.49
CA ALA H 68 5.04 -51.38 84.64
C ALA H 68 3.94 -52.27 84.03
N MET H 69 2.88 -52.52 84.81
CA MET H 69 1.75 -53.42 84.46
C MET H 69 0.42 -52.77 84.85
N HIS H 70 -0.66 -53.15 84.17
CA HIS H 70 -2.06 -52.81 84.58
C HIS H 70 -2.29 -53.45 85.95
N ASP H 71 -2.38 -52.66 87.04
CA ASP H 71 -2.53 -53.19 88.42
C ASP H 71 -3.92 -53.84 88.55
N ARG H 72 -4.09 -55.02 87.94
CA ARG H 72 -5.40 -55.66 87.72
C ARG H 72 -5.25 -57.07 87.12
N CYS H 73 -5.38 -58.09 87.96
CA CYS H 73 -5.33 -59.53 87.54
C CYS H 73 -6.50 -59.78 86.59
N PRO H 74 -6.26 -60.33 85.37
CA PRO H 74 -7.34 -60.47 84.38
C PRO H 74 -8.36 -61.59 84.68
N HIS H 75 -8.13 -62.42 85.72
CA HIS H 75 -9.09 -63.45 86.22
C HIS H 75 -10.36 -62.76 86.75
N ARG H 76 -10.32 -62.20 87.96
CA ARG H 76 -11.49 -61.54 88.62
C ARG H 76 -11.21 -60.06 88.93
N PHE H 77 -10.18 -59.46 88.31
CA PHE H 77 -9.88 -58.00 88.33
C PHE H 77 -9.44 -57.53 89.72
N ALA H 78 -8.88 -58.41 90.55
CA ALA H 78 -8.18 -58.03 91.80
C ALA H 78 -6.96 -57.19 91.42
N PRO H 79 -6.65 -56.06 92.12
CA PRO H 79 -5.35 -55.41 91.97
C PRO H 79 -4.17 -56.33 92.34
N LEU H 80 -3.08 -56.22 91.59
CA LEU H 80 -1.90 -57.12 91.68
C LEU H 80 -0.96 -56.65 92.78
N HIS H 81 -0.81 -55.32 92.98
CA HIS H 81 0.00 -54.72 94.07
C HIS H 81 -0.37 -55.33 95.43
N LEU H 82 -1.64 -55.70 95.63
CA LEU H 82 -2.17 -56.36 96.86
C LEU H 82 -1.61 -57.79 96.97
N GLY H 83 -1.41 -58.47 95.83
CA GLY H 83 -0.71 -59.76 95.71
C GLY H 83 0.66 -59.83 96.41
N GLN H 84 1.18 -61.04 96.57
CA GLN H 84 2.50 -61.35 97.18
C GLN H 84 3.52 -61.53 96.04
N ARG H 85 4.74 -60.98 96.23
CA ARG H 85 5.86 -61.01 95.25
C ARG H 85 6.59 -62.35 95.39
N GLU H 86 7.07 -62.93 94.28
CA GLU H 86 7.75 -64.26 94.21
C GLU H 86 8.95 -64.15 93.27
N GLY H 87 10.02 -63.51 93.76
CA GLY H 87 11.26 -63.24 93.01
C GLY H 87 11.06 -62.10 92.03
N ASP H 88 10.97 -62.40 90.74
CA ASP H 88 10.66 -61.43 89.64
C ASP H 88 9.27 -61.73 89.08
N GLU H 89 8.42 -62.39 89.87
CA GLU H 89 7.00 -62.68 89.53
C GLU H 89 6.12 -62.17 90.66
N ILE H 90 4.85 -61.87 90.33
CA ILE H 90 3.80 -61.43 91.29
C ILE H 90 2.67 -62.45 91.21
N ALA H 91 2.25 -62.99 92.37
CA ALA H 91 1.08 -63.89 92.54
C ALA H 91 -0.05 -63.07 93.11
N CYS H 92 -1.23 -63.11 92.46
CA CYS H 92 -2.40 -62.26 92.81
C CYS H 92 -3.02 -62.80 94.10
N ARG H 93 -3.37 -61.90 95.03
CA ARG H 93 -3.69 -62.33 96.42
C ARG H 93 -5.01 -63.12 96.46
N TYR H 94 -5.85 -63.01 95.43
CA TYR H 94 -7.19 -63.67 95.36
C TYR H 94 -7.00 -65.18 95.12
N HIS H 95 -6.72 -65.63 93.89
CA HIS H 95 -6.63 -67.07 93.54
C HIS H 95 -5.23 -67.45 93.00
N ALA H 96 -4.21 -66.59 93.15
CA ALA H 96 -2.78 -66.95 93.17
C ALA H 96 -2.23 -67.32 91.78
N LEU H 97 -2.84 -66.85 90.69
CA LEU H 97 -2.18 -66.84 89.34
C LEU H 97 -0.91 -65.98 89.45
N ARG H 98 0.24 -66.52 89.05
CA ARG H 98 1.51 -65.75 88.97
C ARG H 98 1.67 -65.14 87.58
N PHE H 99 2.39 -64.02 87.50
CA PHE H 99 2.76 -63.35 86.22
C PHE H 99 4.22 -62.87 86.30
N ASP H 100 4.93 -62.98 85.16
CA ASP H 100 6.31 -62.49 84.94
C ASP H 100 6.27 -60.98 84.66
N ALA H 101 7.45 -60.36 84.55
CA ALA H 101 7.64 -58.94 84.15
C ALA H 101 6.92 -58.62 82.83
N ASP H 102 6.93 -59.55 81.86
CA ASP H 102 6.23 -59.40 80.55
C ASP H 102 4.72 -59.51 80.71
N GLY H 103 4.23 -60.00 81.86
CA GLY H 103 2.81 -60.01 82.20
C GLY H 103 2.07 -61.16 81.57
N ARG H 104 2.77 -62.21 81.11
CA ARG H 104 2.17 -63.53 80.78
C ARG H 104 2.11 -64.34 82.06
N CYS H 105 1.09 -65.19 82.19
CA CYS H 105 0.85 -66.03 83.39
C CYS H 105 1.83 -67.21 83.39
N THR H 106 2.60 -67.38 84.47
CA THR H 106 3.67 -68.40 84.61
C THR H 106 3.17 -69.65 85.33
N HIS H 107 1.98 -69.62 85.97
CA HIS H 107 1.47 -70.72 86.84
C HIS H 107 -0.01 -70.51 87.17
N ASN H 108 -0.85 -71.53 86.93
CA ASN H 108 -2.23 -71.64 87.46
C ASN H 108 -2.24 -72.79 88.44
N PRO H 109 -2.56 -72.57 89.75
CA PRO H 109 -2.59 -73.65 90.74
C PRO H 109 -3.96 -74.36 90.87
N HIS H 110 -4.96 -73.98 90.05
CA HIS H 110 -6.32 -74.56 90.03
C HIS H 110 -6.44 -75.74 89.07
N GLY H 111 -7.50 -76.53 89.27
CA GLY H 111 -7.97 -77.64 88.41
C GLY H 111 -6.83 -78.46 87.82
N ASN H 112 -6.93 -78.74 86.52
CA ASN H 112 -5.94 -79.45 85.67
C ASN H 112 -4.56 -78.79 85.74
N GLY H 113 -4.48 -77.45 85.74
CA GLY H 113 -3.23 -76.67 85.86
C GLY H 113 -2.97 -75.81 84.63
N ARG H 114 -3.51 -76.22 83.47
CA ARG H 114 -3.36 -75.57 82.14
C ARG H 114 -3.63 -74.06 82.28
N ILE H 115 -2.77 -73.24 81.68
CA ILE H 115 -2.69 -71.75 81.86
C ILE H 115 -3.24 -71.09 80.59
N PRO H 116 -4.47 -70.51 80.55
CA PRO H 116 -5.04 -70.06 79.28
C PRO H 116 -4.17 -68.99 78.59
N ASP H 117 -4.11 -69.01 77.25
CA ASP H 117 -3.39 -68.01 76.42
C ASP H 117 -3.79 -66.60 76.86
N ALA H 118 -5.09 -66.41 77.13
CA ALA H 118 -5.74 -65.14 77.54
C ALA H 118 -5.17 -64.54 78.85
N ALA H 119 -4.59 -65.34 79.75
CA ALA H 119 -4.14 -64.91 81.10
C ALA H 119 -2.91 -63.98 81.00
N ARG H 120 -3.13 -62.73 80.59
CA ARG H 120 -2.05 -61.73 80.32
C ARG H 120 -2.42 -60.41 81.01
N VAL H 121 -1.47 -59.81 81.71
CA VAL H 121 -1.52 -58.39 82.17
C VAL H 121 -0.83 -57.55 81.09
N ARG H 122 -1.46 -56.43 80.71
CA ARG H 122 -0.90 -55.50 79.72
C ARG H 122 0.28 -54.77 80.36
N ARG H 123 1.41 -54.73 79.65
CA ARG H 123 2.68 -54.10 80.10
C ARG H 123 2.76 -52.69 79.51
N PHE H 124 3.30 -51.73 80.27
CA PHE H 124 3.48 -50.32 79.87
C PHE H 124 4.97 -50.09 79.65
N PRO H 125 5.40 -49.75 78.40
CA PRO H 125 6.80 -49.36 78.16
C PRO H 125 7.25 -48.25 79.13
N LEU H 126 8.35 -48.49 79.85
CA LEU H 126 8.99 -47.51 80.76
C LEU H 126 10.28 -47.02 80.12
N LEU H 127 10.74 -45.84 80.56
CA LEU H 127 12.05 -45.23 80.19
C LEU H 127 12.57 -44.48 81.43
N GLU H 128 13.69 -44.93 82.02
CA GLU H 128 14.15 -44.38 83.33
C GLU H 128 15.26 -43.37 83.07
N ARG H 129 14.88 -42.13 82.74
CA ARG H 129 15.79 -40.98 82.55
C ARG H 129 15.43 -39.85 83.53
N TYR H 130 16.41 -39.00 83.84
CA TYR H 130 16.27 -37.69 84.54
C TYR H 130 15.81 -37.88 86.00
N GLY H 131 15.95 -39.10 86.54
CA GLY H 131 15.53 -39.47 87.91
C GLY H 131 14.04 -39.70 88.01
N PHE H 132 13.37 -40.03 86.90
CA PHE H 132 11.94 -40.39 86.84
C PHE H 132 11.77 -41.66 85.99
N LEU H 133 10.68 -42.38 86.25
CA LEU H 133 10.17 -43.46 85.38
C LEU H 133 9.14 -42.84 84.44
N TRP H 134 9.50 -42.70 83.17
CA TRP H 134 8.58 -42.20 82.10
C TRP H 134 7.77 -43.39 81.57
N ILE H 135 6.46 -43.22 81.33
CA ILE H 135 5.54 -44.33 80.94
C ILE H 135 4.84 -43.98 79.63
N TRP H 136 4.68 -44.99 78.76
CA TRP H 136 3.98 -44.92 77.45
C TRP H 136 2.65 -45.64 77.63
N MET H 137 1.54 -44.89 77.67
CA MET H 137 0.24 -45.48 78.04
C MET H 137 -0.49 -46.04 76.81
N ASP H 138 -0.32 -45.41 75.62
CA ASP H 138 -1.04 -45.76 74.36
C ASP H 138 -0.80 -47.23 73.97
N ASP H 139 -1.77 -47.81 73.26
CA ASP H 139 -1.77 -49.21 72.75
C ASP H 139 -0.64 -49.46 71.73
N SER H 140 -0.15 -48.43 71.05
CA SER H 140 0.93 -48.55 70.03
C SER H 140 2.24 -48.99 70.69
N ASP H 141 3.22 -49.30 69.86
CA ASP H 141 4.63 -49.56 70.28
C ASP H 141 5.20 -48.21 70.75
N PRO H 142 6.14 -48.18 71.73
CA PRO H 142 6.77 -46.92 72.14
C PRO H 142 7.60 -46.27 71.02
N ASP H 143 7.86 -44.97 71.16
CA ASP H 143 8.75 -44.15 70.29
C ASP H 143 9.70 -43.38 71.21
N PRO H 144 10.75 -44.06 71.76
CA PRO H 144 11.74 -43.41 72.63
C PRO H 144 12.30 -42.06 72.15
N ALA H 145 12.29 -41.84 70.83
CA ALA H 145 12.49 -40.54 70.14
C ALA H 145 11.75 -39.43 70.89
N LEU H 146 10.46 -39.63 71.18
CA LEU H 146 9.55 -38.59 71.72
C LEU H 146 9.93 -38.20 73.15
N LEU H 147 10.61 -39.06 73.93
CA LEU H 147 11.12 -38.68 75.27
C LEU H 147 12.04 -37.46 75.10
N PRO H 148 11.65 -36.24 75.54
CA PRO H 148 12.47 -35.06 75.27
C PRO H 148 13.77 -35.08 76.08
N ASP H 149 14.76 -34.32 75.62
CA ASP H 149 16.16 -34.37 76.11
C ASP H 149 16.37 -33.37 77.25
N PHE H 150 16.20 -33.81 78.50
CA PHE H 150 16.47 -33.05 79.74
C PHE H 150 17.76 -33.56 80.39
N SER H 151 18.76 -33.91 79.56
CA SER H 151 20.00 -34.62 79.97
C SER H 151 20.84 -33.85 81.00
N PRO H 152 20.94 -32.49 81.00
CA PRO H 152 21.78 -31.79 81.98
C PRO H 152 21.51 -32.17 83.45
N LEU H 153 20.29 -32.63 83.77
CA LEU H 153 19.92 -33.22 85.09
C LEU H 153 20.84 -34.40 85.40
N GLU H 154 20.99 -35.32 84.44
CA GLU H 154 21.84 -36.54 84.52
C GLU H 154 23.34 -36.22 84.56
N GLU H 155 23.76 -35.01 84.12
CA GLU H 155 25.18 -34.54 84.16
C GLU H 155 25.46 -33.89 85.52
N GLY H 156 26.68 -34.11 86.05
CA GLY H 156 27.25 -33.44 87.22
C GLY H 156 27.10 -34.21 88.53
N HIS H 157 27.76 -33.72 89.58
CA HIS H 157 27.79 -34.29 90.98
C HIS H 157 26.35 -34.58 91.43
N PRO H 158 26.01 -35.81 91.87
CA PRO H 158 24.61 -36.18 92.10
C PRO H 158 23.87 -35.46 93.25
N ASN H 159 24.53 -34.60 94.04
CA ASN H 159 23.94 -33.84 95.18
C ASN H 159 23.61 -32.39 94.78
N ALA H 160 23.49 -32.11 93.48
CA ALA H 160 22.97 -30.83 92.93
C ALA H 160 21.54 -31.06 92.41
N VAL H 161 21.37 -32.15 91.66
CA VAL H 161 20.06 -32.73 91.20
C VAL H 161 19.33 -33.32 92.42
N ALA H 162 18.01 -33.10 92.49
CA ALA H 162 17.05 -33.64 93.49
C ALA H 162 15.62 -33.59 92.90
N GLN H 163 14.74 -34.53 93.27
CA GLN H 163 13.33 -34.60 92.78
C GLN H 163 12.38 -34.51 93.97
N THR H 164 11.24 -33.83 93.79
CA THR H 164 10.07 -33.87 94.68
C THR H 164 8.81 -34.15 93.85
N TYR H 165 7.78 -34.70 94.52
CA TYR H 165 6.42 -34.95 93.98
C TYR H 165 5.39 -34.18 94.82
N MET H 166 4.40 -33.60 94.16
CA MET H 166 3.17 -33.01 94.77
C MET H 166 1.96 -33.54 93.99
N HIS H 167 0.94 -34.03 94.69
CA HIS H 167 -0.42 -34.30 94.14
C HIS H 167 -1.27 -33.05 94.36
N MET H 168 -2.04 -32.62 93.36
CA MET H 168 -3.01 -31.49 93.49
C MET H 168 -4.32 -31.89 92.82
N ASP H 169 -5.43 -31.45 93.40
CA ASP H 169 -6.81 -31.89 93.03
C ASP H 169 -7.30 -30.92 91.96
N VAL H 170 -6.63 -30.90 90.80
CA VAL H 170 -6.86 -29.94 89.67
C VAL H 170 -6.55 -30.65 88.34
N ASN H 171 -7.09 -30.13 87.24
CA ASN H 171 -6.69 -30.48 85.84
C ASN H 171 -5.26 -29.97 85.65
N TYR H 172 -4.43 -30.78 84.97
CA TYR H 172 -2.98 -30.53 84.69
C TYR H 172 -2.76 -29.17 84.02
N GLU H 173 -3.60 -28.78 83.04
CA GLU H 173 -3.38 -27.55 82.23
C GLU H 173 -3.43 -26.29 83.11
N LEU H 174 -4.08 -26.33 84.28
CA LEU H 174 -4.04 -25.22 85.26
C LEU H 174 -2.64 -25.07 85.86
N ILE H 175 -1.89 -26.16 86.07
CA ILE H 175 -0.52 -26.10 86.65
C ILE H 175 0.43 -25.54 85.58
N ILE H 176 0.48 -26.16 84.39
CA ILE H 176 1.24 -25.67 83.20
C ILE H 176 1.03 -24.14 83.09
N ASP H 177 -0.22 -23.70 82.94
CA ASP H 177 -0.63 -22.27 82.81
C ASP H 177 0.05 -21.40 83.89
N ASN H 178 0.17 -21.90 85.12
CA ASN H 178 0.80 -21.17 86.26
C ASN H 178 2.29 -20.96 85.98
N VAL H 179 2.97 -22.07 85.65
CA VAL H 179 4.43 -22.16 85.37
C VAL H 179 4.79 -21.33 84.14
N MET H 180 3.88 -21.16 83.17
CA MET H 180 4.15 -20.41 81.91
C MET H 180 3.87 -18.90 82.07
N ASP H 181 3.39 -18.41 83.22
CA ASP H 181 2.90 -17.03 83.45
C ASP H 181 3.50 -16.54 84.77
N LEU H 182 4.82 -16.59 84.86
CA LEU H 182 5.63 -16.50 86.12
C LEU H 182 5.53 -15.13 86.80
N SER H 183 4.90 -14.13 86.16
CA SER H 183 4.40 -12.87 86.78
C SER H 183 3.89 -13.12 88.21
N HIS H 184 3.13 -14.19 88.40
CA HIS H 184 2.53 -14.64 89.68
C HIS H 184 3.55 -14.59 90.83
N ILE H 185 4.84 -14.84 90.58
CA ILE H 185 5.91 -14.93 91.62
C ILE H 185 6.03 -13.60 92.39
N ASP H 186 5.81 -12.46 91.72
CA ASP H 186 5.82 -11.11 92.34
C ASP H 186 4.91 -11.06 93.57
N HIS H 187 3.68 -11.57 93.47
CA HIS H 187 2.56 -11.35 94.42
C HIS H 187 2.18 -12.63 95.20
N VAL H 188 2.25 -13.83 94.58
CA VAL H 188 1.85 -15.15 95.16
C VAL H 188 2.85 -15.56 96.25
N HIS H 189 4.16 -15.57 95.92
CA HIS H 189 5.21 -16.31 96.66
C HIS H 189 5.85 -15.43 97.74
N GLY H 190 6.26 -16.05 98.85
CA GLY H 190 7.02 -15.41 99.95
C GLY H 190 8.52 -15.41 99.66
N GLU H 191 9.31 -15.12 100.71
CA GLU H 191 10.75 -14.71 100.63
C GLU H 191 11.60 -15.65 99.76
N ILE H 192 11.37 -16.97 99.89
CA ILE H 192 12.20 -18.10 99.37
C ILE H 192 12.59 -17.85 97.89
N ILE H 193 11.68 -17.29 97.08
CA ILE H 193 11.91 -17.00 95.62
C ILE H 193 11.27 -15.67 95.16
N THR H 194 10.78 -14.79 96.04
CA THR H 194 9.96 -13.62 95.61
C THR H 194 10.81 -12.71 94.71
N THR H 195 10.19 -12.16 93.66
CA THR H 195 10.83 -11.26 92.64
C THR H 195 10.41 -9.78 92.84
N ARG H 196 9.60 -9.46 93.87
CA ARG H 196 9.42 -8.10 94.44
C ARG H 196 8.83 -7.13 93.40
N GLY H 197 7.81 -7.54 92.65
CA GLY H 197 7.10 -6.67 91.70
C GLY H 197 7.87 -6.35 90.42
N GLN H 198 9.07 -6.91 90.21
CA GLN H 198 10.00 -6.53 89.10
C GLN H 198 9.73 -7.38 87.85
N LEU H 199 9.26 -8.62 88.01
CA LEU H 199 9.07 -9.58 86.89
C LEU H 199 7.83 -9.17 86.09
N SER H 200 6.74 -8.75 86.76
CA SER H 200 5.39 -8.46 86.17
C SER H 200 5.52 -7.53 84.96
N PRO H 201 6.10 -6.31 85.09
CA PRO H 201 6.16 -5.35 83.98
C PRO H 201 6.92 -5.80 82.72
N VAL H 202 7.83 -6.78 82.81
CA VAL H 202 8.65 -7.32 81.68
C VAL H 202 7.72 -8.02 80.68
N VAL H 203 7.77 -7.61 79.40
CA VAL H 203 7.16 -8.39 78.28
C VAL H 203 8.19 -9.45 77.89
N PRO H 204 7.88 -10.77 78.04
CA PRO H 204 8.84 -11.82 77.67
C PRO H 204 8.92 -12.05 76.15
N LYS H 205 10.12 -12.41 75.67
CA LYS H 205 10.36 -12.90 74.30
C LYS H 205 9.87 -14.35 74.26
N VAL H 206 8.86 -14.64 73.42
CA VAL H 206 8.20 -15.96 73.27
C VAL H 206 8.43 -16.43 71.82
N ARG H 207 8.74 -17.71 71.62
CA ARG H 207 8.86 -18.32 70.28
C ARG H 207 8.14 -19.68 70.29
N GLU H 208 7.19 -19.86 69.37
CA GLU H 208 6.67 -21.18 68.95
C GLU H 208 7.70 -21.82 68.02
N ARG H 209 8.00 -23.10 68.21
CA ARG H 209 8.93 -23.92 67.38
C ARG H 209 8.27 -25.29 67.13
N ASP H 210 8.83 -26.05 66.19
CA ASP H 210 8.32 -27.41 65.79
C ASP H 210 8.43 -28.40 66.97
N THR H 211 9.47 -28.31 67.80
CA THR H 211 9.64 -29.16 69.01
C THR H 211 8.92 -28.50 70.20
N HIS H 212 9.36 -27.30 70.59
CA HIS H 212 9.01 -26.63 71.87
C HIS H 212 8.30 -25.28 71.64
N ILE H 213 7.85 -24.68 72.75
CA ILE H 213 7.46 -23.24 72.88
C ILE H 213 8.33 -22.60 73.98
N SER H 214 9.27 -21.74 73.61
CA SER H 214 10.18 -21.04 74.55
C SER H 214 9.52 -19.73 75.03
N ALA H 215 9.98 -19.21 76.18
CA ALA H 215 9.66 -17.86 76.69
C ALA H 215 10.78 -17.39 77.64
N ARG H 216 11.37 -16.21 77.38
CA ARG H 216 12.49 -15.65 78.17
C ARG H 216 12.07 -14.33 78.84
N TRP H 217 12.09 -14.29 80.18
CA TRP H 217 12.07 -13.05 81.00
C TRP H 217 13.52 -12.76 81.42
N GLU H 218 13.97 -11.52 81.20
CA GLU H 218 15.18 -10.95 81.85
C GLU H 218 14.75 -9.74 82.69
N TRP H 219 15.41 -9.50 83.82
CA TRP H 219 15.21 -8.28 84.66
C TRP H 219 16.40 -8.10 85.63
N SER H 220 16.26 -7.18 86.60
CA SER H 220 17.12 -7.05 87.81
C SER H 220 16.27 -6.66 89.03
N GLN H 221 16.70 -7.07 90.22
CA GLN H 221 16.06 -6.71 91.52
C GLN H 221 17.14 -6.56 92.59
N THR H 222 16.74 -6.06 93.77
CA THR H 222 17.62 -5.85 94.95
C THR H 222 16.83 -6.17 96.22
N PRO H 223 17.22 -7.17 97.06
CA PRO H 223 18.28 -8.13 96.75
C PRO H 223 17.90 -9.07 95.61
N ALA H 224 18.88 -9.83 95.12
CA ALA H 224 18.68 -11.04 94.29
C ALA H 224 17.71 -12.00 94.99
N MET H 225 17.03 -12.84 94.22
CA MET H 225 16.12 -13.92 94.70
C MET H 225 16.87 -14.74 95.75
N MET H 226 16.27 -14.94 96.94
CA MET H 226 16.90 -15.58 98.14
C MET H 226 17.59 -16.91 97.78
N ILE H 227 16.95 -17.72 96.94
CA ILE H 227 17.45 -19.02 96.36
C ILE H 227 18.91 -18.90 95.86
N PHE H 228 19.35 -17.74 95.32
CA PHE H 228 20.71 -17.52 94.77
C PHE H 228 21.54 -16.50 95.57
N ALA H 229 20.92 -15.55 96.28
CA ALA H 229 21.55 -14.32 96.82
C ALA H 229 22.80 -14.63 97.63
N PRO H 230 22.79 -15.57 98.62
CA PRO H 230 23.95 -15.84 99.47
C PRO H 230 25.22 -16.25 98.70
N PHE H 231 25.05 -16.99 97.60
CA PHE H 231 26.15 -17.50 96.73
C PHE H 231 26.65 -16.41 95.76
N LEU H 232 26.01 -15.24 95.67
CA LEU H 232 26.44 -14.12 94.79
C LEU H 232 27.64 -13.39 95.40
N PRO H 233 28.38 -12.58 94.58
CA PRO H 233 29.45 -11.72 95.09
C PRO H 233 29.03 -10.87 96.30
N ARG H 234 27.96 -10.09 96.16
CA ARG H 234 27.36 -9.26 97.25
C ARG H 234 25.89 -9.66 97.40
N PRO H 235 25.51 -10.48 98.43
CA PRO H 235 24.11 -10.90 98.62
C PRO H 235 23.07 -9.77 98.62
N GLU H 236 23.31 -8.73 99.45
CA GLU H 236 22.45 -7.53 99.61
C GLU H 236 22.26 -6.78 98.29
N ASP H 237 23.28 -6.74 97.43
CA ASP H 237 23.33 -5.85 96.24
C ASP H 237 22.47 -6.44 95.10
N ALA H 238 22.17 -5.59 94.11
CA ALA H 238 21.34 -5.89 92.92
C ALA H 238 22.01 -6.97 92.06
N ALA H 239 21.21 -7.68 91.26
CA ALA H 239 21.66 -8.77 90.36
C ALA H 239 20.68 -8.95 89.19
N ARG H 240 21.21 -9.03 87.96
CA ARG H 240 20.44 -9.41 86.74
C ARG H 240 20.02 -10.87 86.83
N HIS H 241 18.76 -11.18 86.52
CA HIS H 241 18.18 -12.54 86.52
C HIS H 241 17.61 -12.87 85.13
N TYR H 242 17.55 -14.15 84.80
CA TYR H 242 17.03 -14.70 83.52
C TYR H 242 16.10 -15.88 83.86
N PHE H 243 14.92 -15.94 83.24
CA PHE H 243 14.01 -17.10 83.23
C PHE H 243 13.87 -17.55 81.77
N ASP H 244 14.60 -18.59 81.34
CA ASP H 244 14.32 -19.30 80.06
C ASP H 244 13.55 -20.58 80.40
N ILE H 245 12.34 -20.70 79.85
CA ILE H 245 11.35 -21.81 80.02
C ILE H 245 11.13 -22.38 78.61
N SER H 246 10.85 -23.68 78.46
CA SER H 246 10.37 -24.27 77.18
C SER H 246 9.38 -25.41 77.46
N TRP H 247 8.14 -25.29 76.98
CA TRP H 247 7.11 -26.35 77.06
C TRP H 247 7.41 -27.38 75.96
N THR H 248 7.37 -28.66 76.31
CA THR H 248 7.36 -29.81 75.36
C THR H 248 6.14 -30.66 75.71
N ALA H 249 5.53 -31.30 74.71
CA ALA H 249 4.37 -32.21 74.90
C ALA H 249 4.78 -33.39 75.77
N PRO H 250 3.88 -33.99 76.60
CA PRO H 250 2.51 -33.52 76.80
C PRO H 250 2.36 -32.43 77.87
N ALA H 251 3.25 -32.35 78.87
CA ALA H 251 3.08 -31.43 80.02
C ALA H 251 4.40 -31.06 80.71
N ASN H 252 5.51 -30.99 79.94
CA ASN H 252 6.89 -30.83 80.48
C ASN H 252 7.34 -29.39 80.21
N ILE H 253 7.95 -28.73 81.21
CA ILE H 253 8.46 -27.32 81.15
C ILE H 253 9.85 -27.23 81.85
N GLN H 254 10.92 -26.79 81.15
CA GLN H 254 12.35 -27.01 81.55
C GLN H 254 13.02 -25.72 82.05
N LEU H 255 12.31 -24.94 82.90
CA LEU H 255 12.67 -23.64 83.57
C LEU H 255 14.16 -23.60 83.97
N SER H 256 14.97 -22.78 83.29
CA SER H 256 16.38 -22.45 83.61
C SER H 256 16.41 -21.05 84.20
N VAL H 257 17.10 -20.86 85.33
CA VAL H 257 17.07 -19.61 86.14
C VAL H 257 18.40 -19.40 86.85
N GLY H 258 18.72 -18.16 87.18
CA GLY H 258 20.01 -17.80 87.82
C GLY H 258 20.23 -16.30 87.88
N ALA H 259 21.25 -15.91 88.64
CA ALA H 259 21.60 -14.49 88.95
C ALA H 259 23.09 -14.29 88.68
N VAL H 260 23.43 -13.30 87.84
CA VAL H 260 24.82 -12.79 87.64
C VAL H 260 24.92 -11.43 88.37
N GLN H 261 26.11 -11.10 88.90
CA GLN H 261 26.49 -9.73 89.35
C GLN H 261 27.69 -9.28 88.51
N ASP H 262 27.83 -7.97 88.28
CA ASP H 262 29.02 -7.33 87.63
C ASP H 262 29.08 -7.68 86.14
N SER H 263 29.30 -8.95 85.78
CA SER H 263 29.39 -9.46 84.38
C SER H 263 28.09 -9.19 83.60
N ASP H 264 28.22 -8.96 82.28
CA ASP H 264 27.10 -8.80 81.31
C ASP H 264 26.67 -10.19 80.83
N ASP H 265 27.65 -10.96 80.32
CA ASP H 265 27.50 -12.40 80.02
C ASP H 265 26.96 -13.11 81.28
N PHE H 266 25.77 -13.72 81.14
CA PHE H 266 25.05 -14.52 82.17
C PHE H 266 25.84 -15.81 82.50
N GLY H 267 26.76 -16.27 81.61
CA GLY H 267 27.77 -17.31 81.94
C GLY H 267 28.47 -16.84 83.22
N ASP H 268 28.65 -17.70 84.20
CA ASP H 268 29.10 -17.36 85.58
C ASP H 268 27.94 -17.07 86.52
N ALA H 269 26.66 -16.94 86.10
CA ALA H 269 25.51 -16.74 87.05
C ALA H 269 25.36 -17.94 88.02
N THR H 270 25.04 -17.67 89.29
CA THR H 270 24.54 -18.66 90.28
C THR H 270 23.21 -19.21 89.77
N SER H 271 23.24 -20.24 88.91
CA SER H 271 22.09 -20.72 88.10
C SER H 271 21.65 -22.15 88.50
N GLN H 272 20.88 -22.83 87.63
CA GLN H 272 19.90 -23.88 88.01
C GLN H 272 19.17 -24.41 86.75
N TYR H 273 19.00 -25.74 86.63
CA TYR H 273 18.15 -26.38 85.59
C TYR H 273 17.02 -27.16 86.27
N ASP H 274 15.80 -26.62 86.15
CA ASP H 274 14.55 -27.23 86.67
C ASP H 274 13.77 -27.91 85.55
N LEU H 275 12.95 -28.90 85.95
CA LEU H 275 11.90 -29.55 85.12
C LEU H 275 10.63 -29.63 85.96
N HIS H 276 9.62 -28.86 85.56
CA HIS H 276 8.20 -29.04 85.93
C HIS H 276 7.61 -30.01 84.90
N THR H 277 7.11 -31.18 85.32
CA THR H 277 6.29 -32.08 84.47
C THR H 277 5.02 -32.47 85.24
N CYS H 278 3.90 -32.59 84.52
CA CYS H 278 2.60 -33.11 85.02
C CYS H 278 2.24 -34.41 84.30
N THR H 279 1.26 -35.11 84.89
CA THR H 279 0.81 -36.48 84.53
C THR H 279 -0.59 -36.65 85.14
N PRO H 280 -1.70 -36.45 84.38
CA PRO H 280 -3.03 -36.41 84.99
C PRO H 280 -3.44 -37.77 85.57
N GLU H 281 -3.99 -37.75 86.78
CA GLU H 281 -4.54 -38.94 87.49
C GLU H 281 -5.91 -39.23 86.84
N ASP H 282 -6.76 -38.21 86.74
CA ASP H 282 -7.95 -38.13 85.83
C ASP H 282 -8.22 -36.64 85.56
N ALA H 283 -9.35 -36.30 84.92
CA ALA H 283 -9.80 -34.91 84.59
C ALA H 283 -9.18 -33.90 85.55
N PHE H 284 -9.62 -33.94 86.82
CA PHE H 284 -9.42 -32.89 87.84
C PHE H 284 -8.60 -33.40 89.03
N LYS H 285 -7.62 -34.28 88.76
CA LYS H 285 -6.46 -34.56 89.65
C LYS H 285 -5.21 -34.62 88.77
N THR H 286 -4.06 -34.25 89.32
CA THR H 286 -2.78 -34.16 88.56
C THR H 286 -1.60 -34.52 89.46
N HIS H 287 -0.77 -35.46 88.99
CA HIS H 287 0.58 -35.81 89.54
C HIS H 287 1.57 -34.77 89.00
N TYR H 288 2.08 -33.91 89.89
CA TYR H 288 3.01 -32.79 89.56
C TYR H 288 4.38 -33.14 90.12
N PHE H 289 5.33 -33.42 89.22
CA PHE H 289 6.74 -33.74 89.55
C PHE H 289 7.61 -32.53 89.21
N PHE H 290 8.59 -32.26 90.08
CA PHE H 290 9.62 -31.20 89.95
C PHE H 290 11.00 -31.83 90.15
N ALA H 291 11.99 -31.38 89.37
CA ALA H 291 13.43 -31.63 89.57
C ALA H 291 14.20 -30.32 89.39
N THR H 292 14.96 -29.88 90.40
CA THR H 292 16.07 -28.89 90.28
C THR H 292 17.36 -29.63 89.90
N ARG H 293 18.33 -28.93 89.31
CA ARG H 293 19.78 -29.27 89.37
C ARG H 293 20.59 -27.97 89.41
N ARG H 294 21.02 -27.58 90.61
CA ARG H 294 21.81 -26.34 90.86
C ARG H 294 23.25 -26.50 90.34
N ASN H 295 23.89 -25.38 89.98
CA ASN H 295 25.29 -25.33 89.46
C ASN H 295 26.27 -24.92 90.58
N HIS H 296 25.78 -24.61 91.78
CA HIS H 296 26.58 -24.05 92.91
C HIS H 296 26.65 -25.08 94.05
N ILE H 297 27.70 -25.03 94.88
CA ILE H 297 28.01 -25.99 96.02
C ILE H 297 27.57 -27.41 95.64
N VAL H 298 27.98 -27.94 94.46
CA VAL H 298 27.36 -29.14 93.82
C VAL H 298 27.44 -30.39 94.74
N ASP H 299 28.48 -30.49 95.59
CA ASP H 299 28.73 -31.68 96.44
C ASP H 299 27.77 -31.76 97.65
N ASP H 300 27.34 -30.63 98.22
CA ASP H 300 26.70 -30.57 99.56
C ASP H 300 25.28 -31.13 99.51
N ALA H 301 25.10 -32.43 99.84
CA ALA H 301 23.78 -33.10 99.91
C ALA H 301 23.02 -32.65 101.16
N ASP H 302 23.73 -32.23 102.23
CA ASP H 302 23.11 -31.67 103.46
C ASP H 302 22.22 -30.48 103.06
N TYR H 303 22.74 -29.58 102.21
CA TYR H 303 22.02 -28.41 101.65
C TYR H 303 21.01 -28.85 100.57
N ASN H 304 21.38 -29.81 99.71
CA ASN H 304 20.52 -30.22 98.56
C ASN H 304 19.11 -30.59 99.03
N ARG H 305 19.04 -31.37 100.11
CA ARG H 305 17.78 -31.75 100.81
C ARG H 305 17.09 -30.47 101.30
N LYS H 306 17.84 -29.58 101.98
CA LYS H 306 17.30 -28.31 102.56
C LYS H 306 16.71 -27.42 101.46
N LYS H 307 17.28 -27.43 100.23
CA LYS H 307 16.72 -26.71 99.06
C LYS H 307 15.41 -27.39 98.62
N ILE H 308 15.51 -28.61 98.07
CA ILE H 308 14.38 -29.36 97.44
C ILE H 308 13.18 -29.43 98.41
N GLU H 309 13.41 -29.49 99.73
CA GLU H 309 12.34 -29.39 100.78
C GLU H 309 11.71 -27.99 100.75
N ALA H 310 12.54 -26.94 100.78
CA ALA H 310 12.10 -25.52 100.77
C ALA H 310 11.56 -25.09 99.39
N MET H 311 11.84 -25.87 98.32
CA MET H 311 11.20 -25.72 96.99
C MET H 311 9.78 -26.28 97.03
N HIS H 312 9.64 -27.56 97.39
CA HIS H 312 8.35 -28.28 97.54
C HIS H 312 7.41 -27.40 98.37
N ALA H 313 7.87 -26.99 99.56
CA ALA H 313 7.24 -25.98 100.45
C ALA H 313 6.58 -24.88 99.61
N ALA H 314 7.38 -24.10 98.87
CA ALA H 314 6.94 -22.93 98.07
C ALA H 314 5.79 -23.32 97.12
N PHE H 315 5.91 -24.43 96.38
CA PHE H 315 4.89 -24.88 95.41
C PHE H 315 3.64 -25.33 96.14
N GLU H 316 3.79 -26.26 97.08
CA GLU H 316 2.67 -26.95 97.80
C GLU H 316 1.92 -25.93 98.66
N THR H 317 2.61 -25.03 99.35
CA THR H 317 2.01 -24.14 100.38
C THR H 317 1.54 -22.81 99.78
N GLU H 318 2.22 -22.28 98.75
CA GLU H 318 1.93 -20.91 98.19
C GLU H 318 1.23 -21.03 96.83
N ASP H 319 1.74 -21.85 95.90
CA ASP H 319 1.13 -22.06 94.55
C ASP H 319 -0.10 -22.98 94.65
N GLY H 320 0.10 -24.14 95.26
CA GLY H 320 -0.93 -25.18 95.50
C GLY H 320 -2.30 -24.58 95.80
N PRO H 321 -2.48 -23.84 96.92
CA PRO H 321 -3.80 -23.36 97.33
C PRO H 321 -4.53 -22.41 96.36
N ILE H 322 -3.80 -21.59 95.59
CA ILE H 322 -4.42 -20.64 94.60
C ILE H 322 -4.96 -21.47 93.43
N ILE H 323 -4.15 -22.37 92.89
CA ILE H 323 -4.48 -23.19 91.68
C ILE H 323 -5.70 -24.06 92.00
N THR H 324 -5.70 -24.72 93.17
CA THR H 324 -6.85 -25.50 93.71
C THR H 324 -8.06 -24.58 93.92
N ALA H 325 -7.89 -23.41 94.55
CA ALA H 325 -9.00 -22.43 94.74
C ALA H 325 -9.63 -22.09 93.39
N VAL H 326 -8.78 -21.77 92.40
CA VAL H 326 -9.20 -21.40 91.01
C VAL H 326 -10.06 -22.54 90.49
N GLN H 327 -9.48 -23.75 90.43
CA GLN H 327 -10.15 -24.97 89.93
C GLN H 327 -11.58 -25.00 90.47
N GLU H 328 -11.77 -24.87 91.80
CA GLU H 328 -13.11 -24.89 92.46
C GLU H 328 -14.01 -23.81 91.83
N GLU H 329 -13.53 -22.57 91.80
CA GLU H 329 -14.29 -21.44 91.22
C GLU H 329 -14.60 -21.69 89.74
N MET H 330 -13.69 -22.30 88.99
CA MET H 330 -13.88 -22.61 87.53
C MET H 330 -14.92 -23.73 87.34
N GLY H 331 -15.13 -24.60 88.33
CA GLY H 331 -15.90 -25.84 88.17
C GLY H 331 -15.31 -26.72 87.08
N GLU H 332 -16.16 -27.45 86.36
CA GLU H 332 -15.72 -28.44 85.34
C GLU H 332 -15.49 -27.76 83.99
N ALA H 333 -15.83 -26.46 83.84
CA ALA H 333 -16.03 -25.80 82.53
C ALA H 333 -14.67 -25.49 81.92
N GLU H 334 -14.55 -25.72 80.60
CA GLU H 334 -13.29 -25.58 79.82
C GLU H 334 -12.84 -24.12 79.87
N PHE H 335 -11.53 -23.90 80.12
CA PHE H 335 -10.91 -22.58 80.41
C PHE H 335 -11.42 -21.48 79.46
N PHE H 336 -11.09 -21.60 78.16
CA PHE H 336 -11.45 -20.63 77.10
C PHE H 336 -12.97 -20.42 77.06
N SER H 337 -13.78 -21.46 77.31
CA SER H 337 -15.27 -21.40 77.35
C SER H 337 -15.73 -20.29 78.31
N LEU H 338 -15.01 -20.06 79.41
CA LEU H 338 -15.37 -19.03 80.43
C LEU H 338 -14.96 -17.60 80.00
N ASP H 339 -14.46 -17.38 78.78
CA ASP H 339 -14.15 -16.04 78.18
C ASP H 339 -13.13 -15.31 79.07
N PRO H 340 -11.95 -15.90 79.32
CA PRO H 340 -10.95 -15.24 80.18
C PRO H 340 -10.42 -13.96 79.53
N VAL H 341 -10.14 -12.95 80.35
CA VAL H 341 -9.61 -11.63 79.90
C VAL H 341 -8.08 -11.74 79.84
N LEU H 342 -7.57 -12.22 78.69
CA LEU H 342 -6.14 -12.57 78.44
C LEU H 342 -5.36 -11.28 78.12
N MET H 343 -4.06 -11.23 78.45
CA MET H 343 -3.25 -9.99 78.58
C MET H 343 -1.79 -10.23 78.15
N SER H 344 -0.88 -9.26 78.36
CA SER H 344 0.55 -9.30 77.95
C SER H 344 1.20 -10.62 78.41
N ASN H 345 1.03 -10.99 79.68
CA ASN H 345 1.73 -12.17 80.29
C ASN H 345 1.06 -13.51 79.97
N ASP H 346 -0.09 -13.55 79.28
CA ASP H 346 -0.84 -14.81 78.96
C ASP H 346 -0.55 -15.35 77.55
N VAL H 347 0.49 -14.87 76.86
CA VAL H 347 0.72 -15.19 75.42
C VAL H 347 1.27 -16.62 75.34
N ALA H 348 2.39 -16.88 76.03
CA ALA H 348 3.01 -18.22 76.19
C ALA H 348 1.97 -19.26 76.65
N PRO H 349 1.30 -19.11 77.82
CA PRO H 349 0.39 -20.14 78.33
C PRO H 349 -0.81 -20.47 77.44
N VAL H 350 -1.23 -19.54 76.58
CA VAL H 350 -2.29 -19.77 75.55
C VAL H 350 -1.71 -20.64 74.42
N LYS H 351 -0.63 -20.17 73.79
CA LYS H 351 0.08 -20.88 72.69
C LYS H 351 0.21 -22.36 73.06
N VAL H 352 0.61 -22.65 74.31
CA VAL H 352 0.73 -24.02 74.87
C VAL H 352 -0.64 -24.71 74.73
N ARG H 353 -1.63 -24.28 75.51
CA ARG H 353 -3.00 -24.89 75.57
C ARG H 353 -3.48 -25.22 74.15
N ARG H 354 -3.32 -24.28 73.22
CA ARG H 354 -3.74 -24.40 71.80
C ARG H 354 -2.92 -25.48 71.09
N ARG H 355 -1.59 -25.48 71.25
CA ARG H 355 -0.67 -26.46 70.61
C ARG H 355 -1.05 -27.87 71.07
N LEU H 356 -1.10 -28.07 72.39
CA LEU H 356 -1.55 -29.32 73.06
C LEU H 356 -2.92 -29.74 72.51
N ARG H 357 -3.88 -28.80 72.42
CA ARG H 357 -5.23 -29.04 71.85
C ARG H 357 -5.08 -29.56 70.41
N ARG H 358 -4.36 -28.81 69.57
CA ARG H 358 -4.13 -29.13 68.14
C ARG H 358 -3.51 -30.54 68.06
N MET H 359 -2.46 -30.80 68.85
CA MET H 359 -1.75 -32.11 68.89
C MET H 359 -2.73 -33.25 69.22
N ILE H 360 -3.61 -33.06 70.20
CA ILE H 360 -4.57 -34.10 70.66
C ILE H 360 -5.51 -34.44 69.49
N VAL H 361 -6.03 -33.45 68.79
CA VAL H 361 -6.98 -33.63 67.65
C VAL H 361 -6.24 -34.33 66.52
N GLU H 362 -5.06 -33.81 66.13
CA GLU H 362 -4.14 -34.41 65.11
C GLU H 362 -3.88 -35.89 65.42
N GLU H 363 -3.73 -36.23 66.72
CA GLU H 363 -3.45 -37.61 67.17
C GLU H 363 -4.70 -38.47 66.99
N GLN H 364 -5.85 -37.99 67.48
CA GLN H 364 -7.19 -38.63 67.30
C GLN H 364 -7.51 -38.85 65.82
N ALA H 365 -7.07 -37.93 64.94
CA ALA H 365 -7.22 -38.03 63.48
C ALA H 365 -6.53 -39.32 62.99
N ALA H 366 -5.20 -39.40 63.14
CA ALA H 366 -4.38 -40.55 62.67
C ALA H 366 -4.66 -41.83 63.49
N ALA H 367 -5.45 -41.75 64.58
CA ALA H 367 -6.06 -42.91 65.27
C ALA H 367 -7.24 -43.46 64.46
N ALA H 368 -8.16 -42.58 64.05
CA ALA H 368 -9.35 -42.91 63.23
C ALA H 368 -8.96 -43.22 61.77
N ALA H 369 -7.79 -42.77 61.29
CA ALA H 369 -7.25 -43.01 59.93
C ALA H 369 -6.36 -44.26 59.88
N ALA H 370 -5.72 -44.63 61.00
CA ALA H 370 -5.06 -45.95 61.20
C ALA H 370 -6.08 -47.02 61.60
N ASP H 371 -7.29 -46.62 62.04
CA ASP H 371 -8.50 -47.48 62.18
C ASP H 371 -8.99 -47.89 60.78
N ALA H 372 -8.93 -47.00 59.80
CA ALA H 372 -9.18 -47.26 58.35
C ALA H 372 -7.97 -47.95 57.70
N ALA H 373 -6.75 -47.44 57.96
CA ALA H 373 -5.46 -47.86 57.36
C ALA H 373 -4.47 -48.24 58.46
N SER I 23 -52.60 -39.95 5.97
CA SER I 23 -52.64 -41.20 5.11
C SER I 23 -52.21 -40.97 3.66
N THR I 24 -52.06 -39.71 3.24
CA THR I 24 -51.95 -39.25 1.84
C THR I 24 -50.59 -39.68 1.26
N PHE I 25 -50.59 -40.22 0.03
CA PHE I 25 -49.42 -40.74 -0.73
C PHE I 25 -48.27 -39.69 -0.81
N GLU I 26 -47.06 -40.18 -1.08
CA GLU I 26 -45.79 -39.42 -1.14
C GLU I 26 -45.07 -39.75 -2.45
N CYS I 27 -44.82 -38.75 -3.30
CA CYS I 27 -44.00 -38.84 -4.53
C CYS I 27 -42.67 -38.13 -4.28
N LEU I 28 -41.65 -38.44 -5.09
CA LEU I 28 -40.39 -37.67 -5.13
C LEU I 28 -40.73 -36.27 -5.64
N LYS I 29 -40.24 -35.21 -4.96
CA LYS I 29 -40.54 -33.80 -5.30
C LYS I 29 -39.43 -33.22 -6.21
N ARG I 30 -38.16 -33.33 -5.77
CA ARG I 30 -36.94 -32.78 -6.41
C ARG I 30 -36.50 -33.68 -7.58
N ALA I 31 -37.33 -33.77 -8.59
CA ALA I 31 -37.04 -34.49 -9.86
C ALA I 31 -37.98 -33.97 -10.96
N TRP I 32 -37.62 -34.30 -12.20
CA TRP I 32 -38.30 -33.85 -13.43
C TRP I 32 -39.34 -34.91 -13.86
N TYR I 33 -40.62 -34.54 -13.83
CA TYR I 33 -41.78 -35.33 -14.34
C TYR I 33 -42.18 -34.78 -15.72
N VAL I 34 -42.58 -35.64 -16.66
CA VAL I 34 -43.14 -35.17 -17.97
C VAL I 34 -44.53 -34.61 -17.74
N ALA I 35 -44.71 -33.32 -17.98
CA ALA I 35 -45.99 -32.58 -17.79
C ALA I 35 -46.88 -32.71 -19.02
N ALA I 36 -46.28 -32.76 -20.21
CA ALA I 36 -47.01 -32.75 -21.51
C ALA I 36 -46.07 -33.03 -22.67
N MET I 37 -46.58 -33.67 -23.72
CA MET I 37 -45.89 -33.79 -25.02
C MET I 37 -45.73 -32.36 -25.58
N SER I 38 -44.59 -32.07 -26.19
CA SER I 38 -44.33 -30.78 -26.89
C SER I 38 -45.55 -30.42 -27.75
N SER I 39 -46.11 -31.38 -28.48
CA SER I 39 -47.31 -31.22 -29.36
C SER I 39 -48.54 -30.65 -28.62
N GLU I 40 -48.67 -30.83 -27.30
CA GLU I 40 -49.94 -30.55 -26.55
C GLU I 40 -50.13 -29.05 -26.25
N VAL I 41 -49.17 -28.17 -26.54
CA VAL I 41 -49.30 -26.70 -26.26
C VAL I 41 -49.23 -25.90 -27.58
N GLU I 42 -50.39 -25.48 -28.10
CA GLU I 42 -50.57 -24.94 -29.47
C GLU I 42 -50.50 -23.41 -29.45
N GLY I 43 -49.30 -22.84 -29.27
CA GLY I 43 -49.04 -21.38 -29.27
C GLY I 43 -50.06 -20.64 -28.40
N GLU I 44 -51.18 -20.24 -29.01
CA GLU I 44 -52.29 -19.43 -28.43
C GLU I 44 -53.01 -20.16 -27.27
N ALA I 45 -53.25 -21.47 -27.43
CA ALA I 45 -53.94 -22.37 -26.46
C ALA I 45 -53.42 -22.16 -25.03
N LEU I 46 -54.35 -22.17 -24.07
CA LEU I 46 -54.06 -22.25 -22.61
C LEU I 46 -54.29 -23.70 -22.15
N PHE I 47 -53.26 -24.54 -22.29
CA PHE I 47 -53.21 -25.95 -21.81
C PHE I 47 -53.29 -25.96 -20.28
N HIS I 48 -54.14 -26.83 -19.70
CA HIS I 48 -54.25 -27.09 -18.24
C HIS I 48 -54.08 -28.59 -17.99
N ARG I 49 -53.44 -28.98 -16.89
CA ARG I 49 -53.34 -30.40 -16.48
C ARG I 49 -53.01 -30.53 -14.99
N ARG I 50 -53.62 -31.53 -14.34
CA ARG I 50 -53.38 -31.86 -12.92
C ARG I 50 -52.12 -32.72 -12.84
N ILE I 51 -51.14 -32.30 -12.02
CA ILE I 51 -49.78 -32.92 -11.91
C ILE I 51 -49.40 -32.97 -10.41
N LEU I 52 -49.09 -34.16 -9.90
CA LEU I 52 -48.79 -34.42 -8.46
C LEU I 52 -49.84 -33.69 -7.60
N GLY I 53 -51.12 -33.88 -7.93
CA GLY I 53 -52.27 -33.27 -7.23
C GLY I 53 -52.27 -31.75 -7.24
N THR I 54 -51.71 -31.11 -8.28
CA THR I 54 -51.63 -29.65 -8.43
C THR I 54 -52.20 -29.24 -9.79
N SER I 55 -53.12 -28.28 -9.78
CA SER I 55 -53.64 -27.64 -11.02
C SER I 55 -52.48 -26.86 -11.64
N VAL I 56 -52.16 -27.13 -12.91
CA VAL I 56 -51.02 -26.51 -13.65
C VAL I 56 -51.53 -26.01 -15.01
N MET I 57 -51.31 -24.72 -15.29
CA MET I 57 -51.49 -24.12 -16.64
C MET I 57 -50.13 -24.08 -17.36
N ILE I 58 -50.16 -24.31 -18.68
CA ILE I 58 -49.01 -24.10 -19.59
C ILE I 58 -49.53 -23.29 -20.79
N TYR I 59 -48.68 -22.44 -21.36
CA TYR I 59 -48.87 -21.77 -22.68
C TYR I 59 -47.50 -21.40 -23.22
N ARG I 60 -47.39 -21.24 -24.54
CA ARG I 60 -46.18 -20.70 -25.21
C ARG I 60 -46.34 -19.19 -25.33
N LEU I 61 -45.21 -18.51 -25.53
CA LEU I 61 -45.15 -17.05 -25.73
C LEU I 61 -45.05 -16.79 -27.24
N ALA I 62 -44.83 -15.54 -27.65
CA ALA I 62 -44.56 -15.17 -29.06
C ALA I 62 -43.44 -16.07 -29.60
N ASP I 63 -42.31 -16.12 -28.89
CA ASP I 63 -41.04 -16.76 -29.35
C ASP I 63 -41.04 -18.27 -29.05
N GLY I 64 -42.19 -18.92 -28.91
CA GLY I 64 -42.31 -20.38 -28.68
C GLY I 64 -42.05 -20.82 -27.25
N THR I 65 -41.59 -19.91 -26.37
CA THR I 65 -41.02 -20.23 -25.04
C THR I 65 -42.14 -20.74 -24.13
N PRO I 66 -42.11 -22.02 -23.68
CA PRO I 66 -43.21 -22.57 -22.87
C PRO I 66 -43.11 -22.09 -21.41
N VAL I 67 -44.26 -21.85 -20.78
CA VAL I 67 -44.38 -21.26 -19.42
C VAL I 67 -45.36 -22.11 -18.61
N ALA I 68 -45.04 -22.39 -17.34
CA ALA I 68 -45.87 -23.24 -16.43
C ALA I 68 -46.19 -22.47 -15.14
N MET I 69 -47.47 -22.42 -14.77
CA MET I 69 -48.02 -21.65 -13.62
C MET I 69 -49.04 -22.51 -12.86
N HIS I 70 -49.23 -22.22 -11.56
CA HIS I 70 -50.34 -22.79 -10.75
C HIS I 70 -51.66 -22.29 -11.37
N ASP I 71 -52.44 -23.16 -12.02
CA ASP I 71 -53.70 -22.78 -12.73
C ASP I 71 -54.73 -22.34 -11.67
N ARG I 72 -54.54 -21.15 -11.09
CA ARG I 72 -55.26 -20.68 -9.87
C ARG I 72 -54.92 -19.22 -9.57
N CYS I 73 -55.80 -18.28 -9.95
CA CYS I 73 -55.65 -16.83 -9.64
C CYS I 73 -55.66 -16.65 -8.12
N PRO I 74 -54.65 -15.98 -7.53
CA PRO I 74 -54.56 -15.89 -6.06
C PRO I 74 -55.59 -14.94 -5.40
N HIS I 75 -56.36 -14.18 -6.17
CA HIS I 75 -57.46 -13.30 -5.70
C HIS I 75 -58.57 -14.17 -5.07
N ARG I 76 -59.42 -14.80 -5.88
CA ARG I 76 -60.57 -15.63 -5.42
C ARG I 76 -60.44 -17.09 -5.93
N PHE I 77 -59.25 -17.53 -6.34
CA PHE I 77 -58.89 -18.94 -6.65
C PHE I 77 -59.61 -19.48 -7.90
N ALA I 78 -60.02 -18.61 -8.82
CA ALA I 78 -60.51 -19.01 -10.16
C ALA I 78 -59.33 -19.66 -10.91
N PRO I 79 -59.52 -20.79 -11.64
CA PRO I 79 -58.51 -21.26 -12.60
C PRO I 79 -58.22 -20.21 -13.69
N LEU I 80 -56.94 -20.11 -14.08
CA LEU I 80 -56.44 -19.08 -15.01
C LEU I 80 -56.65 -19.52 -16.46
N HIS I 81 -56.52 -20.81 -16.77
CA HIS I 81 -56.80 -21.40 -18.11
C HIS I 81 -58.17 -20.95 -18.64
N LEU I 82 -59.14 -20.77 -17.75
CA LEU I 82 -60.52 -20.28 -18.06
C LEU I 82 -60.48 -18.81 -18.49
N GLY I 83 -59.57 -18.02 -17.90
CA GLY I 83 -59.23 -16.63 -18.29
C GLY I 83 -58.95 -16.44 -19.78
N GLN I 84 -58.94 -15.18 -20.22
CA GLN I 84 -58.65 -14.74 -21.61
C GLN I 84 -57.19 -14.30 -21.69
N ARG I 85 -56.51 -14.70 -22.78
CA ARG I 85 -55.06 -14.44 -23.05
C ARG I 85 -54.93 -13.02 -23.65
N GLU I 86 -53.85 -12.29 -23.31
CA GLU I 86 -53.56 -10.91 -23.76
C GLU I 86 -52.08 -10.79 -24.13
N GLY I 87 -51.73 -11.33 -25.31
CA GLY I 87 -50.35 -11.36 -25.83
C GLY I 87 -49.54 -12.43 -25.14
N ASP I 88 -48.62 -12.04 -24.25
CA ASP I 88 -47.80 -12.95 -23.39
C ASP I 88 -48.24 -12.80 -21.93
N GLU I 89 -49.47 -12.33 -21.71
CA GLU I 89 -50.10 -12.20 -20.37
C GLU I 89 -51.46 -12.92 -20.40
N ILE I 90 -51.93 -13.35 -19.22
CA ILE I 90 -53.26 -14.00 -19.01
C ILE I 90 -54.04 -13.11 -18.03
N ALA I 91 -55.27 -12.73 -18.37
CA ALA I 91 -56.24 -12.05 -17.49
C ALA I 91 -57.24 -13.08 -17.00
N CYS I 92 -57.45 -13.17 -15.67
CA CYS I 92 -58.35 -14.16 -15.03
C CYS I 92 -59.81 -13.79 -15.34
N ARG I 93 -60.63 -14.79 -15.69
CA ARG I 93 -61.99 -14.57 -16.24
C ARG I 93 -62.90 -13.92 -15.18
N TYR I 94 -62.59 -14.03 -13.89
CA TYR I 94 -63.43 -13.53 -12.77
C TYR I 94 -63.34 -11.99 -12.72
N HIS I 95 -62.28 -11.42 -12.15
CA HIS I 95 -62.13 -9.94 -11.96
C HIS I 95 -60.93 -9.35 -12.71
N ALA I 96 -60.30 -10.10 -13.64
CA ALA I 96 -59.46 -9.57 -14.75
C ALA I 96 -58.12 -8.99 -14.27
N LEU I 97 -57.58 -9.46 -13.13
CA LEU I 97 -56.13 -9.29 -12.81
C LEU I 97 -55.33 -9.99 -13.90
N ARG I 98 -54.38 -9.28 -14.53
CA ARG I 98 -53.46 -9.86 -15.53
C ARG I 98 -52.18 -10.33 -14.83
N PHE I 99 -51.52 -11.35 -15.40
CA PHE I 99 -50.20 -11.87 -14.93
C PHE I 99 -49.31 -12.14 -16.16
N ASP I 100 -48.01 -11.85 -16.00
CA ASP I 100 -46.92 -12.13 -16.98
C ASP I 100 -46.51 -13.61 -16.87
N ALA I 101 -45.62 -14.05 -17.76
CA ALA I 101 -45.00 -15.40 -17.73
C ALA I 101 -44.35 -15.72 -16.38
N ASP I 102 -43.73 -14.73 -15.71
CA ASP I 102 -43.13 -14.89 -14.35
C ASP I 102 -44.20 -15.02 -13.27
N GLY I 103 -45.46 -14.67 -13.58
CA GLY I 103 -46.60 -14.85 -12.67
C GLY I 103 -46.69 -13.76 -11.62
N ARG I 104 -46.04 -12.61 -11.83
CA ARG I 104 -46.33 -11.35 -11.09
C ARG I 104 -47.49 -10.65 -11.80
N CYS I 105 -48.33 -9.96 -11.04
CA CYS I 105 -49.53 -9.24 -11.55
C CYS I 105 -49.08 -7.95 -12.28
N THR I 106 -49.49 -7.77 -13.54
CA THR I 106 -49.10 -6.63 -14.42
C THR I 106 -50.14 -5.50 -14.38
N HIS I 107 -51.35 -5.74 -13.85
CA HIS I 107 -52.49 -4.79 -13.93
C HIS I 107 -53.61 -5.21 -12.96
N ASN I 108 -54.06 -4.29 -12.10
CA ASN I 108 -55.32 -4.40 -11.32
C ASN I 108 -56.27 -3.33 -11.86
N PRO I 109 -57.46 -3.69 -12.41
CA PRO I 109 -58.41 -2.70 -12.91
C PRO I 109 -59.43 -2.20 -11.86
N HIS I 110 -59.33 -2.66 -10.60
CA HIS I 110 -60.22 -2.28 -9.47
C HIS I 110 -59.70 -1.07 -8.70
N GLY I 111 -60.58 -0.47 -7.89
CA GLY I 111 -60.30 0.57 -6.87
C GLY I 111 -59.31 1.62 -7.39
N ASN I 112 -58.37 1.99 -6.53
CA ASN I 112 -57.25 2.94 -6.79
C ASN I 112 -56.40 2.47 -7.99
N GLY I 113 -56.13 1.17 -8.13
CA GLY I 113 -55.40 0.56 -9.26
C GLY I 113 -54.13 -0.13 -8.79
N ARG I 114 -53.57 0.32 -7.65
CA ARG I 114 -52.33 -0.23 -7.00
C ARG I 114 -52.42 -1.76 -6.93
N ILE I 115 -51.33 -2.45 -7.28
CA ILE I 115 -51.25 -3.91 -7.56
C ILE I 115 -50.55 -4.59 -6.38
N PRO I 116 -51.22 -5.34 -5.47
CA PRO I 116 -50.60 -5.78 -4.22
C PRO I 116 -49.36 -6.64 -4.49
N ASP I 117 -48.32 -6.52 -3.65
CA ASP I 117 -47.09 -7.35 -3.70
C ASP I 117 -47.47 -8.84 -3.76
N ALA I 118 -48.48 -9.21 -2.95
CA ALA I 118 -49.05 -10.58 -2.79
C ALA I 118 -49.59 -11.18 -4.11
N ALA I 119 -50.02 -10.38 -5.09
CA ALA I 119 -50.71 -10.85 -6.32
C ALA I 119 -49.71 -11.58 -7.24
N ARG I 120 -49.36 -12.81 -6.89
CA ARG I 120 -48.34 -13.64 -7.60
C ARG I 120 -48.92 -15.04 -7.82
N VAL I 121 -48.79 -15.58 -9.03
CA VAL I 121 -48.96 -17.02 -9.35
C VAL I 121 -47.59 -17.67 -9.27
N ARG I 122 -47.50 -18.84 -8.60
CA ARG I 122 -46.24 -19.60 -8.48
C ARG I 122 -45.91 -20.21 -9.85
N ARG I 123 -44.67 -20.03 -10.31
CA ARG I 123 -44.15 -20.52 -11.61
C ARG I 123 -43.43 -21.85 -11.39
N PHE I 124 -43.57 -22.79 -12.34
CA PHE I 124 -42.94 -24.13 -12.31
C PHE I 124 -41.82 -24.14 -13.35
N PRO I 125 -40.54 -24.33 -12.94
CA PRO I 125 -39.45 -24.50 -13.90
C PRO I 125 -39.77 -25.62 -14.92
N LEU I 126 -39.69 -25.29 -16.21
CA LEU I 126 -39.86 -26.25 -17.34
C LEU I 126 -38.49 -26.51 -17.98
N LEU I 127 -38.40 -27.64 -18.68
CA LEU I 127 -37.23 -28.06 -19.52
C LEU I 127 -37.78 -28.81 -20.73
N GLU I 128 -37.65 -28.27 -21.94
CA GLU I 128 -38.30 -28.85 -23.16
C GLU I 128 -37.25 -29.69 -23.91
N ARG I 129 -37.05 -30.93 -23.47
CA ARG I 129 -36.16 -31.92 -24.12
C ARG I 129 -36.98 -33.17 -24.51
N TYR I 130 -36.49 -33.91 -25.51
CA TYR I 130 -36.91 -35.27 -25.91
C TYR I 130 -38.37 -35.27 -26.45
N GLY I 131 -38.88 -34.09 -26.84
CA GLY I 131 -40.25 -33.88 -27.34
C GLY I 131 -41.30 -33.86 -26.24
N PHE I 132 -40.89 -33.54 -25.01
CA PHE I 132 -41.76 -33.35 -23.83
C PHE I 132 -41.40 -32.05 -23.10
N LEU I 133 -42.37 -31.50 -22.38
CA LEU I 133 -42.17 -30.43 -21.38
C LEU I 133 -41.99 -31.11 -20.01
N TRP I 134 -40.76 -31.11 -19.50
CA TRP I 134 -40.42 -31.63 -18.15
C TRP I 134 -40.67 -30.52 -17.13
N ILE I 135 -41.25 -30.84 -15.96
CA ILE I 135 -41.67 -29.83 -14.94
C ILE I 135 -41.02 -30.18 -13.59
N TRP I 136 -40.59 -29.14 -12.86
CA TRP I 136 -39.98 -29.20 -11.51
C TRP I 136 -41.02 -28.70 -10.52
N MET I 137 -41.62 -29.59 -9.73
CA MET I 137 -42.78 -29.22 -8.89
C MET I 137 -42.34 -28.67 -7.53
N ASP I 138 -41.22 -29.16 -6.96
CA ASP I 138 -40.73 -28.80 -5.59
C ASP I 138 -40.50 -27.29 -5.44
N ASP I 139 -40.63 -26.78 -4.21
CA ASP I 139 -40.41 -25.36 -3.83
C ASP I 139 -38.97 -24.89 -4.06
N SER I 140 -37.98 -25.79 -4.07
CA SER I 140 -36.54 -25.45 -4.28
C SER I 140 -36.32 -24.90 -5.69
N ASP I 141 -35.12 -24.40 -5.93
CA ASP I 141 -34.64 -24.00 -7.28
C ASP I 141 -34.47 -25.29 -8.10
N PRO I 142 -34.67 -25.27 -9.44
CA PRO I 142 -34.43 -26.46 -10.27
C PRO I 142 -32.97 -26.93 -10.27
N ASP I 143 -32.75 -28.20 -10.61
CA ASP I 143 -31.41 -28.81 -10.81
C ASP I 143 -31.41 -29.52 -12.16
N PRO I 144 -31.31 -28.77 -13.29
CA PRO I 144 -31.27 -29.35 -14.63
C PRO I 144 -30.34 -30.56 -14.82
N ALA I 145 -29.29 -30.68 -13.99
CA ALA I 145 -28.46 -31.89 -13.75
C ALA I 145 -29.35 -33.15 -13.72
N LEU I 146 -30.40 -33.12 -12.90
CA LEU I 146 -31.25 -34.31 -12.58
C LEU I 146 -32.08 -34.74 -13.79
N LEU I 147 -32.36 -33.86 -14.77
CA LEU I 147 -33.05 -34.27 -16.03
C LEU I 147 -32.18 -35.32 -16.70
N PRO I 148 -32.59 -36.62 -16.75
CA PRO I 148 -31.70 -37.65 -17.26
C PRO I 148 -31.53 -37.51 -18.78
N ASP I 149 -30.45 -38.10 -19.30
CA ASP I 149 -29.96 -37.87 -20.70
C ASP I 149 -30.57 -38.92 -21.63
N PHE I 150 -31.71 -38.60 -22.25
CA PHE I 150 -32.39 -39.44 -23.29
C PHE I 150 -32.17 -38.80 -24.67
N SER I 151 -30.97 -38.26 -24.90
CA SER I 151 -30.63 -37.43 -26.09
C SER I 151 -30.78 -38.18 -27.41
N PRO I 152 -30.51 -39.51 -27.55
CA PRO I 152 -30.66 -40.17 -28.86
C PRO I 152 -32.01 -39.95 -29.56
N LEU I 153 -33.08 -39.67 -28.80
CA LEU I 153 -34.42 -39.25 -29.32
C LEU I 153 -34.25 -37.99 -30.17
N GLU I 154 -33.55 -36.98 -29.63
CA GLU I 154 -33.28 -35.67 -30.27
C GLU I 154 -32.32 -35.79 -31.48
N GLU I 155 -31.54 -36.89 -31.59
CA GLU I 155 -30.64 -37.17 -32.75
C GLU I 155 -31.42 -37.88 -33.85
N GLY I 156 -31.11 -37.57 -35.12
CA GLY I 156 -31.59 -38.30 -36.32
C GLY I 156 -32.80 -37.65 -36.99
N HIS I 157 -33.13 -38.12 -38.20
CA HIS I 157 -34.29 -37.68 -39.05
C HIS I 157 -35.56 -37.61 -38.20
N PRO I 158 -36.29 -36.47 -38.16
CA PRO I 158 -37.39 -36.31 -37.18
C PRO I 158 -38.63 -37.19 -37.36
N ASN I 159 -38.71 -38.03 -38.41
CA ASN I 159 -39.85 -38.94 -38.70
C ASN I 159 -39.54 -40.38 -38.27
N ALA I 160 -38.55 -40.58 -37.38
CA ALA I 160 -38.27 -41.86 -36.70
C ALA I 160 -38.78 -41.77 -35.25
N VAL I 161 -38.44 -40.65 -34.58
CA VAL I 161 -38.98 -40.22 -33.25
C VAL I 161 -40.46 -39.83 -33.42
N ALA I 162 -41.29 -40.23 -32.44
CA ALA I 162 -42.74 -39.89 -32.30
C ALA I 162 -43.17 -40.07 -30.83
N GLN I 163 -44.14 -39.29 -30.34
CA GLN I 163 -44.63 -39.37 -28.94
C GLN I 163 -46.14 -39.68 -28.93
N THR I 164 -46.58 -40.49 -27.97
CA THR I 164 -48.01 -40.67 -27.61
C THR I 164 -48.18 -40.49 -26.09
N TYR I 165 -49.40 -40.14 -25.68
CA TYR I 165 -49.87 -40.02 -24.27
C TYR I 165 -51.04 -40.97 -24.05
N MET I 166 -51.07 -41.64 -22.88
CA MET I 166 -52.21 -42.42 -22.34
C MET I 166 -52.44 -42.00 -20.90
N HIS I 167 -53.68 -41.70 -20.52
CA HIS I 167 -54.14 -41.56 -19.12
C HIS I 167 -54.68 -42.91 -18.66
N MET I 168 -54.32 -43.36 -17.46
CA MET I 168 -54.86 -44.61 -16.85
C MET I 168 -55.19 -44.33 -15.39
N ASP I 169 -56.28 -44.94 -14.90
CA ASP I 169 -56.85 -44.66 -13.56
C ASP I 169 -56.20 -45.62 -12.58
N VAL I 170 -54.88 -45.48 -12.37
CA VAL I 170 -54.02 -46.36 -11.53
C VAL I 170 -52.89 -45.52 -10.91
N ASN I 171 -52.30 -46.03 -9.83
CA ASN I 171 -51.02 -45.53 -9.25
C ASN I 171 -49.91 -45.80 -10.28
N TYR I 172 -49.00 -44.84 -10.45
CA TYR I 172 -47.86 -44.87 -11.40
C TYR I 172 -46.99 -46.13 -11.24
N GLU I 173 -46.68 -46.55 -10.01
CA GLU I 173 -45.74 -47.68 -9.75
C GLU I 173 -46.29 -49.00 -10.32
N LEU I 174 -47.60 -49.14 -10.53
CA LEU I 174 -48.18 -50.31 -11.25
C LEU I 174 -47.75 -50.32 -12.72
N ILE I 175 -47.61 -49.15 -13.36
CA ILE I 175 -47.22 -49.08 -14.80
C ILE I 175 -45.73 -49.43 -14.90
N ILE I 176 -44.87 -48.71 -14.16
CA ILE I 176 -43.41 -49.01 -14.04
C ILE I 176 -43.23 -50.53 -13.90
N ASP I 177 -43.82 -51.13 -12.85
CA ASP I 177 -43.75 -52.59 -12.53
C ASP I 177 -44.06 -53.45 -13.78
N ASN I 178 -45.01 -53.04 -14.63
CA ASN I 178 -45.41 -53.76 -15.86
C ASN I 178 -44.24 -53.75 -16.85
N VAL I 179 -43.74 -52.53 -17.11
CA VAL I 179 -42.64 -52.22 -18.08
C VAL I 179 -41.32 -52.87 -17.62
N MET I 180 -41.11 -53.08 -16.32
CA MET I 180 -39.86 -53.66 -15.77
C MET I 180 -39.91 -55.21 -15.74
N ASP I 181 -41.03 -55.86 -16.13
CA ASP I 181 -41.24 -57.32 -15.95
C ASP I 181 -41.25 -58.06 -17.29
N LEU I 182 -41.82 -57.46 -18.31
CA LEU I 182 -41.73 -57.74 -19.78
C LEU I 182 -42.07 -59.18 -20.19
N SER I 183 -41.83 -60.21 -19.38
CA SER I 183 -42.43 -61.57 -19.45
C SER I 183 -43.89 -61.50 -19.94
N HIS I 184 -44.66 -60.55 -19.40
CA HIS I 184 -46.08 -60.27 -19.74
C HIS I 184 -46.34 -60.27 -21.26
N ILE I 185 -45.37 -59.82 -22.08
CA ILE I 185 -45.53 -59.67 -23.56
C ILE I 185 -45.86 -61.03 -24.22
N ASP I 186 -45.32 -62.13 -23.68
CA ASP I 186 -45.58 -63.53 -24.17
C ASP I 186 -47.11 -63.77 -24.25
N HIS I 187 -47.85 -63.43 -23.19
CA HIS I 187 -49.27 -63.86 -23.01
C HIS I 187 -50.27 -62.70 -23.14
N VAL I 188 -49.92 -61.48 -22.68
CA VAL I 188 -50.81 -60.26 -22.66
C VAL I 188 -51.07 -59.77 -24.10
N HIS I 189 -50.00 -59.56 -24.88
CA HIS I 189 -50.01 -58.75 -26.13
C HIS I 189 -50.31 -59.62 -27.36
N GLY I 190 -51.00 -59.03 -28.35
CA GLY I 190 -51.29 -59.62 -29.66
C GLY I 190 -50.14 -59.42 -30.65
N GLU I 191 -50.40 -59.71 -31.94
CA GLU I 191 -49.39 -59.88 -33.02
C GLU I 191 -48.33 -58.78 -33.05
N ILE I 192 -48.75 -57.52 -32.89
CA ILE I 192 -48.00 -56.25 -33.11
C ILE I 192 -46.59 -56.34 -32.51
N ILE I 193 -46.44 -56.96 -31.31
CA ILE I 193 -45.14 -57.10 -30.57
C ILE I 193 -45.01 -58.46 -29.86
N THR I 194 -45.87 -59.46 -30.11
CA THR I 194 -45.87 -60.71 -29.29
C THR I 194 -44.52 -61.43 -29.43
N THR I 195 -44.02 -61.99 -28.32
CA THR I 195 -42.72 -62.72 -28.23
C THR I 195 -42.93 -64.24 -28.11
N ARG I 196 -44.18 -64.74 -28.16
CA ARG I 196 -44.54 -66.15 -28.46
C ARG I 196 -43.97 -67.12 -27.41
N GLY I 197 -44.08 -66.80 -26.12
CA GLY I 197 -43.67 -67.69 -25.01
C GLY I 197 -42.16 -67.80 -24.81
N GLN I 198 -41.33 -67.06 -25.58
CA GLN I 198 -39.85 -67.22 -25.60
C GLN I 198 -39.16 -66.32 -24.56
N LEU I 199 -39.76 -65.17 -24.24
CA LEU I 199 -39.16 -64.17 -23.31
C LEU I 199 -39.25 -64.69 -21.87
N SER I 200 -40.39 -65.31 -21.48
CA SER I 200 -40.72 -65.76 -20.10
C SER I 200 -39.58 -66.57 -19.49
N PRO I 201 -39.12 -67.70 -20.10
CA PRO I 201 -38.08 -68.55 -19.50
C PRO I 201 -36.71 -67.89 -19.24
N VAL I 202 -36.38 -66.79 -19.92
CA VAL I 202 -35.10 -66.02 -19.78
C VAL I 202 -35.03 -65.40 -18.38
N VAL I 203 -33.98 -65.69 -17.61
CA VAL I 203 -33.61 -64.93 -16.38
C VAL I 203 -32.79 -63.74 -16.86
N PRO I 204 -33.27 -62.47 -16.66
CA PRO I 204 -32.52 -61.30 -17.13
C PRO I 204 -31.33 -60.93 -16.22
N LYS I 205 -30.27 -60.41 -16.84
CA LYS I 205 -29.12 -59.77 -16.15
C LYS I 205 -29.60 -58.40 -15.67
N VAL I 206 -29.59 -58.17 -14.35
CA VAL I 206 -30.04 -56.92 -13.67
C VAL I 206 -28.84 -56.32 -12.94
N ARG I 207 -28.67 -55.00 -13.01
CA ARG I 207 -27.59 -54.27 -12.26
C ARG I 207 -28.21 -53.02 -11.62
N GLU I 208 -28.09 -52.92 -10.29
CA GLU I 208 -28.31 -51.66 -9.53
C GLU I 208 -27.07 -50.79 -9.71
N ARG I 209 -27.26 -49.49 -9.96
CA ARG I 209 -26.16 -48.48 -10.08
C ARG I 209 -26.59 -47.21 -9.33
N ASP I 210 -25.63 -46.31 -9.10
CA ASP I 210 -25.84 -45.02 -8.40
C ASP I 210 -26.79 -44.12 -9.21
N THR I 211 -26.73 -44.15 -10.55
CA THR I 211 -27.62 -43.36 -11.44
C THR I 211 -28.91 -44.16 -11.69
N HIS I 212 -28.79 -45.35 -12.30
CA HIS I 212 -29.93 -46.13 -12.87
C HIS I 212 -30.01 -47.53 -12.25
N ILE I 213 -31.06 -48.28 -12.62
CA ILE I 213 -31.20 -49.77 -12.45
C ILE I 213 -31.44 -50.38 -13.84
N SER I 214 -30.45 -51.08 -14.40
CA SER I 214 -30.54 -51.74 -15.74
C SER I 214 -31.14 -53.16 -15.59
N ALA I 215 -31.68 -53.70 -16.69
CA ALA I 215 -32.08 -55.12 -16.84
C ALA I 215 -32.07 -55.53 -18.32
N ARG I 216 -31.34 -56.60 -18.68
CA ARG I 216 -31.19 -57.06 -20.09
C ARG I 216 -31.77 -58.48 -20.23
N TRP I 217 -32.79 -58.62 -21.09
CA TRP I 217 -33.27 -59.92 -21.66
C TRP I 217 -32.66 -60.06 -23.06
N GLU I 218 -32.01 -61.19 -23.34
CA GLU I 218 -31.70 -61.65 -24.72
C GLU I 218 -32.44 -62.96 -24.97
N TRP I 219 -32.86 -63.20 -26.22
CA TRP I 219 -33.46 -64.49 -26.66
C TRP I 219 -33.42 -64.59 -28.21
N SER I 220 -34.13 -65.58 -28.77
CA SER I 220 -34.48 -65.67 -30.21
C SER I 220 -35.89 -66.25 -30.37
N GLN I 221 -36.60 -65.86 -31.43
CA GLN I 221 -37.94 -66.40 -31.80
C GLN I 221 -38.07 -66.49 -33.32
N THR I 222 -39.13 -67.12 -33.79
CA THR I 222 -39.47 -67.31 -35.23
C THR I 222 -40.98 -67.19 -35.40
N PRO I 223 -41.53 -66.23 -36.18
CA PRO I 223 -40.77 -65.11 -36.76
C PRO I 223 -40.28 -64.15 -35.69
N ALA I 224 -39.39 -63.23 -36.10
CA ALA I 224 -39.05 -62.01 -35.33
C ALA I 224 -40.34 -61.24 -34.97
N MET I 225 -40.29 -60.45 -33.89
CA MET I 225 -41.39 -59.55 -33.44
C MET I 225 -41.87 -58.71 -34.64
N MET I 226 -43.18 -58.68 -34.91
CA MET I 226 -43.80 -58.04 -36.12
C MET I 226 -43.26 -56.62 -36.36
N ILE I 227 -43.14 -55.85 -35.29
CA ILE I 227 -42.56 -54.46 -35.24
C ILE I 227 -41.24 -54.35 -36.05
N PHE I 228 -40.40 -55.40 -36.11
CA PHE I 228 -39.08 -55.41 -36.81
C PHE I 228 -39.03 -56.35 -38.02
N ALA I 229 -39.84 -57.43 -38.05
CA ALA I 229 -39.66 -58.61 -38.95
C ALA I 229 -39.55 -58.19 -40.42
N PRO I 230 -40.45 -57.35 -40.98
CA PRO I 230 -40.41 -56.99 -42.41
C PRO I 230 -39.09 -56.35 -42.87
N PHE I 231 -38.45 -55.56 -42.00
CA PHE I 231 -37.19 -54.84 -42.26
C PHE I 231 -35.96 -55.76 -42.08
N LEU I 232 -36.12 -57.01 -41.62
CA LEU I 232 -35.00 -57.98 -41.45
C LEU I 232 -34.61 -58.58 -42.80
N PRO I 233 -33.40 -59.21 -42.90
CA PRO I 233 -32.98 -59.95 -44.10
C PRO I 233 -34.04 -60.95 -44.59
N ARG I 234 -34.50 -61.86 -43.72
CA ARG I 234 -35.59 -62.85 -44.00
C ARG I 234 -36.68 -62.67 -42.95
N PRO I 235 -37.81 -61.98 -43.26
CA PRO I 235 -38.90 -61.76 -42.28
C PRO I 235 -39.41 -63.02 -41.54
N GLU I 236 -39.71 -64.08 -42.30
CA GLU I 236 -40.21 -65.41 -41.83
C GLU I 236 -39.22 -66.08 -40.88
N ASP I 237 -37.91 -65.90 -41.11
CA ASP I 237 -36.83 -66.68 -40.42
C ASP I 237 -36.61 -66.12 -39.01
N ALA I 238 -35.92 -66.91 -38.18
CA ALA I 238 -35.59 -66.62 -36.76
C ALA I 238 -34.67 -65.40 -36.68
N ALA I 239 -34.66 -64.73 -35.53
CA ALA I 239 -33.83 -63.53 -35.23
C ALA I 239 -33.56 -63.41 -33.72
N ARG I 240 -32.30 -63.18 -33.34
CA ARG I 240 -31.90 -62.83 -31.94
C ARG I 240 -32.45 -61.44 -31.60
N HIS I 241 -33.05 -61.30 -30.41
CA HIS I 241 -33.62 -60.03 -29.89
C HIS I 241 -32.95 -59.68 -28.55
N TYR I 242 -32.93 -58.38 -28.23
CA TYR I 242 -32.37 -57.81 -26.98
C TYR I 242 -33.37 -56.81 -26.43
N PHE I 243 -33.65 -56.86 -25.12
CA PHE I 243 -34.37 -55.82 -24.33
C PHE I 243 -33.41 -55.29 -23.28
N ASP I 244 -32.77 -54.14 -23.53
CA ASP I 244 -32.04 -53.38 -22.47
C ASP I 244 -32.94 -52.24 -22.02
N ILE I 245 -33.28 -52.23 -20.73
CA ILE I 245 -34.17 -51.25 -20.02
C ILE I 245 -33.29 -50.61 -18.93
N SER I 246 -33.52 -49.35 -18.57
CA SER I 246 -32.91 -48.71 -17.37
C SER I 246 -33.89 -47.73 -16.71
N TRP I 247 -34.26 -47.99 -15.45
CA TRP I 247 -35.11 -47.07 -14.64
C TRP I 247 -34.22 -45.92 -14.14
N THR I 248 -34.70 -44.69 -14.26
CA THR I 248 -34.14 -43.48 -13.60
C THR I 248 -35.28 -42.83 -12.82
N ALA I 249 -34.97 -42.20 -11.68
CA ALA I 249 -35.96 -41.48 -10.84
C ALA I 249 -36.55 -40.31 -11.64
N PRO I 250 -37.83 -39.90 -11.44
CA PRO I 250 -38.76 -40.57 -10.53
C PRO I 250 -39.53 -41.76 -11.14
N ALA I 251 -39.75 -41.79 -12.46
CA ALA I 251 -40.62 -42.80 -13.11
C ALA I 251 -40.27 -43.05 -14.60
N ASN I 252 -39.00 -42.92 -14.98
CA ASN I 252 -38.53 -42.93 -16.40
C ASN I 252 -37.84 -44.28 -16.66
N ILE I 253 -38.14 -44.93 -17.79
CA ILE I 253 -37.58 -46.25 -18.22
C ILE I 253 -37.25 -46.21 -19.74
N GLN I 254 -36.00 -46.46 -20.15
CA GLN I 254 -35.45 -46.10 -21.50
C GLN I 254 -35.25 -47.34 -22.40
N LEU I 255 -36.24 -48.25 -22.42
CA LEU I 255 -36.35 -49.55 -23.20
C LEU I 255 -35.73 -49.43 -24.60
N SER I 256 -34.59 -50.09 -24.84
CA SER I 256 -33.91 -50.25 -26.15
C SER I 256 -34.16 -51.69 -26.61
N VAL I 257 -34.57 -51.87 -27.88
CA VAL I 257 -35.05 -53.17 -28.43
C VAL I 257 -34.73 -53.25 -29.92
N GLY I 258 -34.61 -54.47 -30.43
CA GLY I 258 -34.24 -54.70 -31.84
C GLY I 258 -33.93 -56.15 -32.14
N ALA I 259 -33.84 -56.48 -33.42
CA ALA I 259 -33.64 -57.84 -33.96
C ALA I 259 -32.47 -57.82 -34.95
N VAL I 260 -31.47 -58.67 -34.74
CA VAL I 260 -30.36 -58.96 -35.70
C VAL I 260 -30.62 -60.33 -36.32
N GLN I 261 -30.20 -60.58 -37.58
CA GLN I 261 -30.20 -61.95 -38.20
C GLN I 261 -28.79 -62.62 -38.25
N ASP I 262 -27.96 -62.45 -39.28
CA ASP I 262 -26.77 -63.29 -39.56
C ASP I 262 -25.66 -62.89 -38.57
N SER I 263 -25.43 -61.59 -38.38
CA SER I 263 -24.41 -61.01 -37.47
C SER I 263 -24.59 -61.44 -36.00
N ASP I 264 -23.48 -61.58 -35.28
CA ASP I 264 -23.42 -61.86 -33.81
C ASP I 264 -23.55 -60.53 -33.05
N ASP I 265 -22.66 -59.58 -33.39
CA ASP I 265 -22.76 -58.12 -33.10
C ASP I 265 -24.21 -57.66 -33.30
N PHE I 266 -24.90 -57.26 -32.20
CA PHE I 266 -26.27 -56.69 -32.21
C PHE I 266 -26.29 -55.30 -32.91
N GLY I 267 -25.14 -54.61 -33.00
CA GLY I 267 -24.92 -53.32 -33.69
C GLY I 267 -25.69 -53.13 -34.99
N ASP I 268 -25.90 -54.20 -35.79
CA ASP I 268 -26.59 -54.20 -37.10
C ASP I 268 -28.12 -54.30 -36.99
N ALA I 269 -28.68 -54.51 -35.78
CA ALA I 269 -30.10 -54.92 -35.55
C ALA I 269 -31.06 -53.84 -36.07
N THR I 270 -32.19 -54.26 -36.66
CA THR I 270 -33.41 -53.43 -36.86
C THR I 270 -33.94 -53.03 -35.48
N SER I 271 -33.42 -51.93 -34.90
CA SER I 271 -33.58 -51.55 -33.48
C SER I 271 -34.38 -50.23 -33.33
N GLN I 272 -34.28 -49.59 -32.15
CA GLN I 272 -35.33 -48.71 -31.58
C GLN I 272 -34.89 -48.18 -30.20
N TYR I 273 -35.10 -46.88 -29.91
CA TYR I 273 -34.90 -46.27 -28.56
C TYR I 273 -36.24 -45.71 -28.08
N ASP I 274 -36.83 -46.40 -27.09
CA ASP I 274 -38.09 -46.00 -26.41
C ASP I 274 -37.79 -45.33 -25.06
N LEU I 275 -38.74 -44.48 -24.64
CA LEU I 275 -38.85 -43.91 -23.28
C LEU I 275 -40.30 -44.07 -22.80
N HIS I 276 -40.50 -44.93 -21.82
CA HIS I 276 -41.70 -44.98 -20.94
C HIS I 276 -41.40 -44.02 -19.78
N THR I 277 -42.20 -42.98 -19.59
CA THR I 277 -42.19 -42.12 -18.36
C THR I 277 -43.62 -41.97 -17.85
N CYS I 278 -43.76 -41.94 -16.52
CA CYS I 278 -45.03 -41.64 -15.80
C CYS I 278 -44.89 -40.34 -14.99
N THR I 279 -46.04 -39.82 -14.58
CA THR I 279 -46.24 -38.51 -13.92
C THR I 279 -47.58 -38.58 -13.21
N PRO I 280 -47.64 -38.86 -11.87
CA PRO I 280 -48.92 -39.12 -11.22
C PRO I 280 -49.82 -37.87 -11.19
N GLU I 281 -51.10 -38.06 -11.52
CA GLU I 281 -52.15 -37.02 -11.44
C GLU I 281 -52.52 -36.84 -9.97
N ASP I 282 -52.82 -37.95 -9.30
CA ASP I 282 -52.83 -38.12 -7.81
C ASP I 282 -52.60 -39.61 -7.54
N ALA I 283 -52.73 -40.05 -6.28
CA ALA I 283 -52.50 -41.45 -5.80
C ALA I 283 -52.77 -42.45 -6.93
N PHE I 284 -54.05 -42.55 -7.37
CA PHE I 284 -54.57 -43.65 -8.22
C PHE I 284 -55.06 -43.13 -9.58
N LYS I 285 -54.38 -42.12 -10.12
CA LYS I 285 -54.39 -41.75 -11.57
C LYS I 285 -52.96 -41.45 -11.99
N THR I 286 -52.63 -41.70 -13.26
CA THR I 286 -51.25 -41.59 -13.78
C THR I 286 -51.26 -41.13 -15.24
N HIS I 287 -50.52 -40.06 -15.55
CA HIS I 287 -50.17 -39.58 -16.91
C HIS I 287 -49.00 -40.43 -17.41
N TYR I 288 -49.24 -41.29 -18.40
CA TYR I 288 -48.26 -42.24 -18.98
C TYR I 288 -47.89 -41.76 -20.37
N PHE I 289 -46.65 -41.30 -20.54
CA PHE I 289 -46.08 -40.82 -21.82
C PHE I 289 -45.10 -41.87 -22.35
N PHE I 290 -45.13 -42.08 -23.68
CA PHE I 290 -44.24 -42.98 -24.45
C PHE I 290 -43.64 -42.20 -25.62
N ALA I 291 -42.36 -42.45 -25.92
CA ALA I 291 -41.66 -42.03 -27.15
C ALA I 291 -40.86 -43.21 -27.69
N THR I 292 -41.11 -43.63 -28.95
CA THR I 292 -40.18 -44.45 -29.77
C THR I 292 -39.19 -43.52 -30.50
N ARG I 293 -38.03 -44.03 -30.90
CA ARG I 293 -37.24 -43.51 -32.05
C ARG I 293 -36.58 -44.69 -32.78
N ARG I 294 -37.18 -45.12 -33.89
CA ARG I 294 -36.71 -46.26 -34.72
C ARG I 294 -35.44 -45.87 -35.50
N ASN I 295 -34.59 -46.87 -35.82
CA ASN I 295 -33.33 -46.68 -36.59
C ASN I 295 -33.52 -47.06 -38.07
N HIS I 296 -34.70 -47.52 -38.46
CA HIS I 296 -35.01 -48.08 -39.81
C HIS I 296 -35.98 -47.14 -40.53
N ILE I 297 -35.96 -47.11 -41.88
CA ILE I 297 -36.80 -46.26 -42.79
C ILE I 297 -37.06 -44.88 -42.14
N VAL I 298 -35.98 -44.20 -41.71
CA VAL I 298 -36.02 -43.03 -40.76
C VAL I 298 -36.86 -41.88 -41.34
N ASP I 299 -36.91 -41.71 -42.66
CA ASP I 299 -37.57 -40.56 -43.34
C ASP I 299 -39.11 -40.71 -43.34
N ASP I 300 -39.66 -41.93 -43.42
CA ASP I 300 -41.09 -42.17 -43.76
C ASP I 300 -42.01 -41.79 -42.58
N ALA I 301 -42.54 -40.56 -42.58
CA ALA I 301 -43.50 -40.06 -41.57
C ALA I 301 -44.89 -40.70 -41.78
N ASP I 302 -45.23 -41.09 -43.01
CA ASP I 302 -46.48 -41.82 -43.33
C ASP I 302 -46.56 -43.09 -42.47
N TYR I 303 -45.46 -43.83 -42.38
CA TYR I 303 -45.30 -45.06 -41.54
C TYR I 303 -45.14 -44.67 -40.07
N ASN I 304 -44.38 -43.61 -39.75
CA ASN I 304 -44.07 -43.23 -38.35
C ASN I 304 -45.35 -43.09 -37.53
N ARG I 305 -46.34 -42.40 -38.11
CA ARG I 305 -47.71 -42.24 -37.54
C ARG I 305 -48.34 -43.64 -37.39
N LYS I 306 -48.28 -44.46 -38.44
CA LYS I 306 -48.88 -45.84 -38.45
C LYS I 306 -48.26 -46.71 -37.35
N LYS I 307 -46.97 -46.52 -37.04
CA LYS I 307 -46.30 -47.22 -35.90
C LYS I 307 -46.84 -46.69 -34.58
N ILE I 308 -46.54 -45.43 -34.24
CA ILE I 308 -46.84 -44.79 -32.92
C ILE I 308 -48.35 -44.94 -32.60
N GLU I 309 -49.25 -44.96 -33.60
CA GLU I 309 -50.69 -45.29 -33.41
C GLU I 309 -50.86 -46.75 -33.01
N ALA I 310 -50.23 -47.69 -33.71
CA ALA I 310 -50.29 -49.15 -33.46
C ALA I 310 -49.50 -49.53 -32.19
N MET I 311 -48.61 -48.65 -31.70
CA MET I 311 -47.94 -48.77 -30.37
C MET I 311 -48.93 -48.40 -29.26
N HIS I 312 -49.48 -47.19 -29.32
CA HIS I 312 -50.50 -46.65 -28.37
C HIS I 312 -51.60 -47.70 -28.21
N ALA I 313 -52.18 -48.13 -29.34
CA ALA I 313 -53.12 -49.28 -29.46
C ALA I 313 -52.71 -50.39 -28.49
N ALA I 314 -51.54 -51.01 -28.68
CA ALA I 314 -51.01 -52.15 -27.90
C ALA I 314 -51.06 -51.84 -26.39
N PHE I 315 -50.56 -50.67 -25.97
CA PHE I 315 -50.49 -50.29 -24.54
C PHE I 315 -51.91 -50.06 -24.00
N GLU I 316 -52.69 -49.19 -24.66
CA GLU I 316 -54.03 -48.73 -24.21
C GLU I 316 -55.01 -49.91 -24.21
N THR I 317 -54.99 -50.77 -25.24
CA THR I 317 -56.04 -51.80 -25.46
C THR I 317 -55.66 -53.13 -24.80
N GLU I 318 -54.37 -53.49 -24.71
CA GLU I 318 -53.92 -54.84 -24.22
C GLU I 318 -53.32 -54.69 -22.80
N ASP I 319 -52.40 -53.75 -22.58
CA ASP I 319 -51.76 -53.52 -21.24
C ASP I 319 -52.73 -52.78 -20.30
N GLY I 320 -53.25 -51.64 -20.78
CA GLY I 320 -54.23 -50.77 -20.09
C GLY I 320 -55.20 -51.57 -19.23
N PRO I 321 -56.09 -52.40 -19.83
CA PRO I 321 -57.16 -53.08 -19.08
C PRO I 321 -56.71 -54.03 -17.96
N ILE I 322 -55.55 -54.70 -18.08
CA ILE I 322 -55.03 -55.64 -17.03
C ILE I 322 -54.57 -54.80 -15.83
N ILE I 323 -53.78 -53.75 -16.08
CA ILE I 323 -53.17 -52.89 -15.02
C ILE I 323 -54.29 -52.20 -14.23
N THR I 324 -55.28 -51.65 -14.93
CA THR I 324 -56.52 -51.06 -14.34
C THR I 324 -57.30 -52.15 -13.58
N ALA I 325 -57.52 -53.33 -14.17
CA ALA I 325 -58.21 -54.46 -13.48
C ALA I 325 -57.50 -54.77 -12.16
N VAL I 326 -56.17 -54.90 -12.21
CA VAL I 326 -55.31 -55.21 -11.03
C VAL I 326 -55.59 -54.14 -9.98
N GLN I 327 -55.36 -52.87 -10.33
CA GLN I 327 -55.57 -51.70 -9.43
C GLN I 327 -56.88 -51.89 -8.67
N GLU I 328 -58.00 -52.17 -9.37
CA GLU I 328 -59.35 -52.39 -8.75
C GLU I 328 -59.26 -53.52 -7.72
N GLU I 329 -58.74 -54.69 -8.13
CA GLU I 329 -58.59 -55.87 -7.23
C GLU I 329 -57.69 -55.51 -6.03
N MET I 330 -56.65 -54.71 -6.24
CA MET I 330 -55.71 -54.29 -5.16
C MET I 330 -56.39 -53.32 -4.17
N GLY I 331 -57.40 -52.57 -4.60
CA GLY I 331 -57.93 -51.41 -3.84
C GLY I 331 -56.84 -50.39 -3.55
N GLU I 332 -56.92 -49.73 -2.39
CA GLU I 332 -56.00 -48.62 -2.01
C GLU I 332 -54.73 -49.18 -1.35
N ALA I 333 -54.66 -50.48 -1.09
CA ALA I 333 -53.65 -51.08 -0.17
C ALA I 333 -52.29 -51.16 -0.88
N GLU I 334 -51.22 -50.82 -0.14
CA GLU I 334 -49.81 -50.73 -0.62
C GLU I 334 -49.37 -52.11 -1.12
N PHE I 335 -48.74 -52.16 -2.30
CA PHE I 335 -48.38 -53.38 -3.07
C PHE I 335 -47.81 -54.48 -2.16
N PHE I 336 -46.63 -54.25 -1.59
CA PHE I 336 -45.88 -55.19 -0.71
C PHE I 336 -46.76 -55.62 0.48
N SER I 337 -47.59 -54.72 1.03
CA SER I 337 -48.52 -54.98 2.15
C SER I 337 -49.39 -56.21 1.84
N LEU I 338 -49.79 -56.40 0.57
CA LEU I 338 -50.67 -57.53 0.14
C LEU I 338 -49.90 -58.85 -0.03
N ASP I 339 -48.60 -58.93 0.32
CA ASP I 339 -47.77 -60.17 0.32
C ASP I 339 -47.77 -60.80 -1.08
N PRO I 340 -47.33 -60.07 -2.12
CA PRO I 340 -47.27 -60.64 -3.48
C PRO I 340 -46.25 -61.80 -3.53
N VAL I 341 -46.56 -62.82 -4.33
CA VAL I 341 -45.67 -64.01 -4.54
C VAL I 341 -44.70 -63.67 -5.68
N LEU I 342 -43.57 -63.03 -5.31
CA LEU I 342 -42.53 -62.51 -6.23
C LEU I 342 -41.63 -63.66 -6.68
N MET I 343 -41.06 -63.56 -7.89
CA MET I 343 -40.47 -64.70 -8.66
C MET I 343 -39.23 -64.24 -9.46
N SER I 344 -38.69 -65.08 -10.35
CA SER I 344 -37.44 -64.83 -11.13
C SER I 344 -37.52 -63.46 -11.84
N ASN I 345 -38.63 -63.19 -12.53
CA ASN I 345 -38.81 -61.98 -13.39
C ASN I 345 -39.21 -60.73 -12.59
N ASP I 346 -39.43 -60.80 -11.26
CA ASP I 346 -39.85 -59.63 -10.41
C ASP I 346 -38.67 -58.97 -9.68
N VAL I 347 -37.43 -59.26 -10.05
CA VAL I 347 -36.23 -58.79 -9.29
C VAL I 347 -36.03 -57.30 -9.57
N ALA I 348 -35.89 -56.95 -10.86
CA ALA I 348 -35.80 -55.56 -11.35
C ALA I 348 -36.95 -54.70 -10.80
N PRO I 349 -38.24 -55.00 -11.05
CA PRO I 349 -39.34 -54.13 -10.62
C PRO I 349 -39.47 -53.91 -9.10
N VAL I 350 -38.94 -54.83 -8.28
CA VAL I 350 -38.84 -54.66 -6.79
C VAL I 350 -37.72 -53.65 -6.49
N LYS I 351 -36.49 -53.95 -6.95
CA LYS I 351 -35.29 -53.06 -6.76
C LYS I 351 -35.70 -51.61 -7.00
N VAL I 352 -36.44 -51.36 -8.08
CA VAL I 352 -37.01 -50.03 -8.46
C VAL I 352 -37.84 -49.51 -7.28
N ARG I 353 -39.02 -50.13 -7.03
CA ARG I 353 -39.99 -49.70 -5.98
C ARG I 353 -39.25 -49.35 -4.69
N ARG I 354 -38.29 -50.20 -4.28
CA ARG I 354 -37.49 -50.03 -3.04
C ARG I 354 -36.57 -48.81 -3.15
N ARG I 355 -35.87 -48.66 -4.28
CA ARG I 355 -34.92 -47.52 -4.51
C ARG I 355 -35.71 -46.20 -4.44
N LEU I 356 -36.77 -46.10 -5.24
CA LEU I 356 -37.73 -44.95 -5.26
C LEU I 356 -38.24 -44.69 -3.83
N ARG I 357 -38.65 -45.74 -3.10
CA ARG I 357 -39.11 -45.63 -1.67
C ARG I 357 -38.00 -45.01 -0.84
N ARG I 358 -36.80 -45.61 -0.89
CA ARG I 358 -35.59 -45.17 -0.13
C ARG I 358 -35.33 -43.69 -0.47
N MET I 359 -35.29 -43.35 -1.76
CA MET I 359 -35.04 -41.96 -2.27
C MET I 359 -36.06 -40.98 -1.67
N ILE I 360 -37.35 -41.34 -1.64
CA ILE I 360 -38.44 -40.45 -1.12
C ILE I 360 -38.18 -40.16 0.36
N VAL I 361 -37.86 -41.19 1.15
CA VAL I 361 -37.63 -41.06 2.62
C VAL I 361 -36.37 -40.22 2.83
N GLU I 362 -35.26 -40.58 2.16
CA GLU I 362 -33.96 -39.83 2.14
C GLU I 362 -34.21 -38.35 1.82
N GLU I 363 -35.13 -38.04 0.90
CA GLU I 363 -35.46 -36.64 0.49
C GLU I 363 -36.18 -35.95 1.65
N GLN I 364 -37.25 -36.58 2.19
CA GLN I 364 -38.01 -36.07 3.37
C GLN I 364 -37.06 -35.87 4.57
N ALA I 365 -36.05 -36.73 4.74
CA ALA I 365 -35.04 -36.65 5.81
C ALA I 365 -34.31 -35.31 5.70
N ALA I 366 -33.57 -35.08 4.61
CA ALA I 366 -32.75 -33.87 4.38
C ALA I 366 -33.63 -32.62 4.17
N ALA I 367 -34.97 -32.77 4.06
CA ALA I 367 -35.95 -31.66 4.18
C ALA I 367 -36.09 -31.25 5.65
N ALA I 368 -36.35 -32.22 6.53
CA ALA I 368 -36.51 -32.02 8.00
C ALA I 368 -35.16 -31.69 8.68
N ALA I 369 -34.01 -32.05 8.06
CA ALA I 369 -32.64 -31.79 8.59
C ALA I 369 -32.09 -30.46 8.04
N ALA I 370 -32.52 -30.00 6.85
CA ALA I 370 -32.30 -28.63 6.34
C ALA I 370 -33.31 -27.64 6.94
N ASP I 371 -34.41 -28.14 7.52
CA ASP I 371 -35.35 -27.38 8.40
C ASP I 371 -34.65 -27.05 9.73
N ALA I 372 -33.82 -27.96 10.26
CA ALA I 372 -32.93 -27.74 11.42
C ALA I 372 -31.66 -26.97 10.99
N ALA I 373 -31.67 -25.63 11.10
CA ALA I 373 -30.62 -24.69 10.63
C ALA I 373 -30.25 -23.76 11.79
#